data_6QVW
#
_entry.id   6QVW
#
_entity_poly.entity_id   1
_entity_poly.type   'polypeptide(L)'
_entity_poly.pdbx_seq_one_letter_code
;GPLGSAWGNLSYADLITKAIESSAEKRLTLSQIYEWMVKSVPYFKDKGDSNSSAGWKNSIRHNLSLHSKFIRVQNEGTGK
SSWWMLNPEGGKSGKSPRRRAASMDNNSKFAKSRGRAAK
;
_entity_poly.pdbx_strand_id   A
#
# COMPACT_ATOMS: atom_id res chain seq x y z
N GLY A 1 -13.67 22.37 -18.56
CA GLY A 1 -14.44 21.15 -18.28
C GLY A 1 -14.60 20.93 -16.79
N PRO A 2 -15.15 19.79 -16.34
CA PRO A 2 -15.25 19.57 -14.90
C PRO A 2 -13.90 19.24 -14.29
N LEU A 3 -13.83 19.29 -12.96
CA LEU A 3 -12.64 18.97 -12.13
C LEU A 3 -11.51 20.01 -12.25
N GLY A 4 -11.10 20.53 -11.09
CA GLY A 4 -10.01 21.50 -11.04
C GLY A 4 -9.22 21.42 -9.74
N SER A 5 -9.38 20.31 -9.02
CA SER A 5 -8.72 20.12 -7.73
C SER A 5 -8.73 18.63 -7.44
N ALA A 6 -7.90 18.21 -6.47
CA ALA A 6 -7.75 16.82 -6.06
C ALA A 6 -7.23 15.95 -7.20
N TRP A 7 -7.21 14.66 -6.96
CA TRP A 7 -6.72 13.68 -7.93
C TRP A 7 -7.87 13.01 -8.68
N GLY A 8 -9.05 13.62 -8.62
CA GLY A 8 -10.23 13.05 -9.27
C GLY A 8 -10.76 11.87 -8.49
N ASN A 9 -10.33 10.67 -8.87
CA ASN A 9 -10.75 9.44 -8.20
C ASN A 9 -9.63 8.41 -8.25
N LEU A 10 -8.86 8.31 -7.18
CA LEU A 10 -7.78 7.33 -7.11
C LEU A 10 -8.34 6.01 -6.63
N SER A 11 -8.03 4.95 -7.36
CA SER A 11 -8.51 3.61 -7.04
C SER A 11 -7.79 3.07 -5.82
N TYR A 12 -8.29 1.98 -5.26
CA TYR A 12 -7.64 1.35 -4.12
C TYR A 12 -6.20 1.03 -4.47
N ALA A 13 -5.98 0.45 -5.64
CA ALA A 13 -4.63 0.11 -6.09
C ALA A 13 -3.71 1.34 -6.10
N ASP A 14 -4.21 2.46 -6.57
CA ASP A 14 -3.41 3.69 -6.65
C ASP A 14 -3.03 4.18 -5.27
N LEU A 15 -3.98 4.10 -4.34
CA LEU A 15 -3.74 4.55 -2.97
C LEU A 15 -2.77 3.63 -2.23
N ILE A 16 -2.91 2.33 -2.44
CA ILE A 16 -2.00 1.36 -1.84
C ILE A 16 -0.60 1.63 -2.39
N THR A 17 -0.52 1.83 -3.70
CA THR A 17 0.74 2.15 -4.36
C THR A 17 1.35 3.43 -3.81
N LYS A 18 0.54 4.48 -3.67
CA LYS A 18 1.07 5.74 -3.15
C LYS A 18 1.61 5.59 -1.75
N ALA A 19 1.00 4.73 -0.94
CA ALA A 19 1.49 4.50 0.40
C ALA A 19 2.89 3.90 0.35
N ILE A 20 3.07 2.94 -0.55
CA ILE A 20 4.36 2.27 -0.68
C ILE A 20 5.40 3.26 -1.19
N GLU A 21 5.00 4.09 -2.14
CA GLU A 21 5.90 5.09 -2.71
C GLU A 21 6.29 6.14 -1.68
N SER A 22 5.36 6.41 -0.78
CA SER A 22 5.57 7.40 0.27
C SER A 22 6.58 6.90 1.30
N SER A 23 6.70 5.59 1.43
CA SER A 23 7.65 5.03 2.37
C SER A 23 9.08 5.21 1.84
N ALA A 24 10.02 5.46 2.74
CA ALA A 24 11.41 5.64 2.36
C ALA A 24 12.02 4.32 1.86
N GLU A 25 11.47 3.22 2.35
CA GLU A 25 11.96 1.88 2.02
C GLU A 25 11.31 1.31 0.76
N LYS A 26 10.34 2.03 0.21
CA LYS A 26 9.54 1.57 -0.95
C LYS A 26 8.88 0.21 -0.69
N ARG A 27 8.51 -0.04 0.57
CA ARG A 27 7.81 -1.26 0.98
C ARG A 27 7.06 -0.91 2.23
N LEU A 28 5.88 -1.47 2.43
CA LEU A 28 5.10 -1.23 3.65
C LEU A 28 4.37 -2.50 4.05
N THR A 29 4.06 -2.63 5.33
CA THR A 29 3.26 -3.76 5.82
C THR A 29 1.80 -3.31 5.74
N LEU A 30 0.85 -4.25 5.88
CA LEU A 30 -0.57 -3.90 5.78
C LEU A 30 -0.98 -2.80 6.76
N SER A 31 -0.51 -2.88 7.99
CA SER A 31 -0.87 -1.89 9.02
C SER A 31 -0.40 -0.50 8.64
N GLN A 32 0.75 -0.41 8.00
CA GLN A 32 1.30 0.87 7.58
C GLN A 32 0.50 1.48 6.43
N ILE A 33 0.04 0.62 5.52
CA ILE A 33 -0.76 1.08 4.39
C ILE A 33 -2.08 1.61 4.93
N TYR A 34 -2.62 0.96 5.95
CA TYR A 34 -3.85 1.43 6.58
C TYR A 34 -3.63 2.84 7.16
N GLU A 35 -2.57 2.99 7.94
CA GLU A 35 -2.27 4.28 8.57
C GLU A 35 -2.08 5.38 7.53
N TRP A 36 -1.44 5.05 6.41
CA TRP A 36 -1.23 6.04 5.38
C TRP A 36 -2.57 6.52 4.83
N MET A 37 -3.51 5.63 4.58
CA MET A 37 -4.79 6.05 4.01
C MET A 37 -5.58 6.92 4.98
N VAL A 38 -5.52 6.60 6.27
CA VAL A 38 -6.22 7.39 7.29
C VAL A 38 -5.66 8.81 7.33
N LYS A 39 -4.36 8.95 7.16
CA LYS A 39 -3.71 10.25 7.21
C LYS A 39 -3.73 11.01 5.86
N SER A 40 -3.84 10.28 4.77
CA SER A 40 -3.80 10.87 3.42
C SER A 40 -5.16 11.19 2.80
N VAL A 41 -6.18 10.39 3.07
CA VAL A 41 -7.49 10.58 2.44
C VAL A 41 -8.58 10.78 3.50
N PRO A 42 -9.34 11.89 3.41
CA PRO A 42 -10.35 12.10 4.46
C PRO A 42 -11.48 11.07 4.44
N TYR A 43 -11.74 10.46 3.29
CA TYR A 43 -12.75 9.41 3.20
C TYR A 43 -12.39 8.24 4.11
N PHE A 44 -11.16 7.77 3.98
CA PHE A 44 -10.72 6.62 4.76
C PHE A 44 -10.51 6.99 6.22
N LYS A 45 -10.23 8.27 6.48
CA LYS A 45 -10.12 8.77 7.84
C LYS A 45 -11.47 8.66 8.54
N ASP A 46 -12.51 9.11 7.85
CA ASP A 46 -13.87 9.06 8.38
C ASP A 46 -14.35 7.62 8.57
N LYS A 47 -13.91 6.75 7.69
CA LYS A 47 -14.31 5.34 7.72
C LYS A 47 -13.38 4.49 8.59
N GLY A 48 -12.60 5.13 9.46
CA GLY A 48 -11.66 4.42 10.31
C GLY A 48 -12.28 3.65 11.47
N ASP A 49 -13.59 3.60 11.51
CA ASP A 49 -14.35 2.89 12.55
C ASP A 49 -14.02 1.38 12.58
N SER A 50 -14.05 0.80 13.78
CA SER A 50 -13.73 -0.60 13.99
C SER A 50 -14.61 -1.56 13.20
N ASN A 51 -15.90 -1.30 13.11
CA ASN A 51 -16.78 -2.19 12.36
C ASN A 51 -16.60 -2.02 10.86
N SER A 52 -16.44 -0.77 10.43
CA SER A 52 -16.23 -0.43 9.02
C SER A 52 -14.94 -1.04 8.50
N SER A 53 -14.02 -1.29 9.42
CA SER A 53 -12.72 -1.88 9.09
C SER A 53 -12.84 -3.19 8.33
N ALA A 54 -13.94 -3.90 8.52
CA ALA A 54 -14.14 -5.18 7.83
C ALA A 54 -14.04 -5.03 6.30
N GLY A 55 -14.73 -4.05 5.72
CA GLY A 55 -14.67 -3.84 4.28
C GLY A 55 -13.44 -3.03 3.87
N TRP A 56 -13.06 -2.13 4.76
CA TRP A 56 -11.93 -1.22 4.58
C TRP A 56 -10.64 -2.02 4.27
N LYS A 57 -10.33 -2.94 5.16
CA LYS A 57 -9.12 -3.76 5.07
C LYS A 57 -9.23 -4.86 4.01
N ASN A 58 -10.43 -5.43 3.84
CA ASN A 58 -10.61 -6.49 2.86
C ASN A 58 -10.39 -6.01 1.43
N SER A 59 -10.83 -4.79 1.13
CA SER A 59 -10.67 -4.26 -0.22
C SER A 59 -9.19 -4.07 -0.59
N ILE A 60 -8.38 -3.67 0.38
CA ILE A 60 -6.94 -3.50 0.16
C ILE A 60 -6.34 -4.88 -0.11
N ARG A 61 -6.72 -5.85 0.70
CA ARG A 61 -6.19 -7.20 0.56
C ARG A 61 -6.58 -7.80 -0.79
N HIS A 62 -7.80 -7.54 -1.23
CA HIS A 62 -8.25 -8.01 -2.55
C HIS A 62 -7.38 -7.40 -3.66
N ASN A 63 -7.16 -6.09 -3.60
CA ASN A 63 -6.36 -5.40 -4.62
C ASN A 63 -4.92 -5.91 -4.64
N LEU A 64 -4.38 -6.20 -3.46
CA LEU A 64 -3.01 -6.72 -3.37
C LEU A 64 -2.92 -8.12 -3.96
N SER A 65 -3.98 -8.91 -3.78
CA SER A 65 -4.01 -10.29 -4.25
C SER A 65 -4.06 -10.41 -5.78
N LEU A 66 -4.36 -9.31 -6.46
CA LEU A 66 -4.39 -9.31 -7.92
C LEU A 66 -2.96 -9.48 -8.44
N HIS A 67 -2.00 -9.03 -7.62
CA HIS A 67 -0.55 -9.19 -7.87
C HIS A 67 0.00 -8.65 -9.21
N SER A 68 -0.81 -7.94 -9.98
CA SER A 68 -0.38 -7.42 -11.27
C SER A 68 0.85 -6.51 -11.10
N LYS A 69 0.77 -5.56 -10.17
CA LYS A 69 1.91 -4.71 -9.84
C LYS A 69 2.44 -4.85 -8.42
N PHE A 70 1.71 -5.56 -7.57
CA PHE A 70 2.10 -5.70 -6.17
C PHE A 70 2.84 -7.01 -5.93
N ILE A 71 3.98 -6.93 -5.27
CA ILE A 71 4.78 -8.11 -4.93
C ILE A 71 4.87 -8.16 -3.41
N ARG A 72 5.22 -9.31 -2.86
CA ARG A 72 5.25 -9.51 -1.41
C ARG A 72 6.62 -10.00 -0.96
N VAL A 73 7.19 -9.33 0.03
CA VAL A 73 8.51 -9.70 0.56
C VAL A 73 8.35 -10.32 1.93
N GLN A 74 9.14 -11.35 2.20
CA GLN A 74 9.18 -11.94 3.52
C GLN A 74 9.84 -10.90 4.43
N ASN A 75 9.69 -11.09 5.74
CA ASN A 75 10.31 -10.18 6.70
C ASN A 75 11.53 -10.87 7.28
N GLU A 76 12.34 -10.11 7.99
CA GLU A 76 13.63 -10.57 8.53
C GLU A 76 13.52 -11.65 9.60
N GLY A 77 12.39 -11.71 10.30
CA GLY A 77 12.21 -12.74 11.31
C GLY A 77 10.78 -12.84 11.81
N THR A 78 10.23 -11.73 12.27
CA THR A 78 8.84 -11.68 12.74
C THR A 78 7.89 -11.50 11.56
N GLY A 79 7.98 -12.47 10.66
CA GLY A 79 7.26 -12.44 9.40
C GLY A 79 5.74 -12.56 9.41
N LYS A 80 5.11 -12.31 10.55
CA LYS A 80 3.64 -12.35 10.63
C LYS A 80 3.10 -11.21 9.77
N SER A 81 3.84 -10.12 9.73
CA SER A 81 3.49 -8.96 8.91
C SER A 81 4.43 -8.93 7.71
N SER A 82 3.98 -9.50 6.60
CA SER A 82 4.78 -9.49 5.38
C SER A 82 4.80 -8.10 4.76
N TRP A 83 5.84 -7.80 4.00
CA TRP A 83 5.95 -6.54 3.30
C TRP A 83 5.20 -6.63 2.01
N TRP A 84 4.63 -5.52 1.58
CA TRP A 84 3.99 -5.42 0.29
C TRP A 84 4.67 -4.25 -0.38
N MET A 85 5.05 -4.42 -1.64
CA MET A 85 5.72 -3.36 -2.37
C MET A 85 5.37 -3.48 -3.84
N LEU A 86 5.92 -2.58 -4.64
CA LEU A 86 5.64 -2.57 -6.07
C LEU A 86 6.70 -3.38 -6.78
N ASN A 87 6.36 -3.96 -7.92
CA ASN A 87 7.35 -4.65 -8.73
C ASN A 87 8.34 -3.55 -9.19
N PRO A 88 9.65 -3.74 -8.93
CA PRO A 88 10.59 -2.66 -9.27
C PRO A 88 10.83 -2.46 -10.76
N GLU A 89 10.87 -3.55 -11.51
CA GLU A 89 11.09 -3.51 -12.96
C GLU A 89 9.80 -3.02 -13.61
N GLY A 90 8.69 -3.23 -12.90
CA GLY A 90 7.38 -2.80 -13.37
C GLY A 90 7.10 -1.36 -12.97
N GLY A 91 8.13 -0.53 -12.94
CA GLY A 91 7.98 0.85 -12.52
C GLY A 91 9.27 1.60 -12.70
N LYS A 92 9.43 2.67 -11.94
CA LYS A 92 10.65 3.48 -11.98
C LYS A 92 11.00 3.76 -10.53
N SER A 93 12.27 3.93 -10.24
CA SER A 93 12.71 4.16 -8.87
C SER A 93 12.53 5.63 -8.48
N GLY A 94 12.60 5.90 -7.19
CA GLY A 94 12.46 7.26 -6.68
C GLY A 94 12.93 7.23 -5.24
N LYS A 95 13.00 8.38 -4.58
CA LYS A 95 13.47 8.45 -3.20
C LYS A 95 12.51 9.29 -2.38
N SER A 96 12.08 8.80 -1.24
CA SER A 96 11.18 9.55 -0.36
C SER A 96 12.02 10.11 0.79
N PRO A 97 11.71 11.33 1.28
CA PRO A 97 12.52 11.88 2.36
C PRO A 97 12.29 11.21 3.73
N ARG A 98 13.17 11.50 4.67
CA ARG A 98 13.06 10.96 6.04
C ARG A 98 13.06 12.14 7.00
N ARG A 99 12.76 11.87 8.26
CA ARG A 99 12.69 12.91 9.29
C ARG A 99 13.08 12.28 10.61
N ARG A 100 13.28 13.09 11.64
CA ARG A 100 13.64 12.60 12.97
C ARG A 100 12.43 11.88 13.57
N ALA A 101 12.68 10.97 14.49
CA ALA A 101 11.63 10.19 15.15
C ALA A 101 12.19 9.79 16.51
N ALA A 102 11.33 9.17 17.32
CA ALA A 102 11.64 8.68 18.69
C ALA A 102 11.90 9.81 19.70
N SER A 103 11.97 9.41 20.97
CA SER A 103 12.20 10.31 22.09
C SER A 103 12.59 9.38 23.23
N MET A 104 12.91 9.91 24.40
CA MET A 104 13.26 9.11 25.56
C MET A 104 12.85 9.87 26.82
N ASP A 105 12.31 9.16 27.80
CA ASP A 105 11.86 9.76 29.06
C ASP A 105 11.94 8.66 30.13
N ASN A 106 11.64 8.99 31.38
CA ASN A 106 11.62 8.02 32.45
C ASN A 106 10.58 8.43 33.50
N ASN A 107 9.87 7.43 34.03
CA ASN A 107 8.80 7.68 35.02
C ASN A 107 9.03 6.83 36.27
N SER A 108 10.29 6.69 36.66
CA SER A 108 10.66 5.91 37.84
C SER A 108 11.84 6.59 38.51
N LYS A 109 11.97 6.42 39.82
CA LYS A 109 13.06 7.06 40.57
C LYS A 109 13.51 6.25 41.79
N PHE A 110 12.58 5.61 42.47
CA PHE A 110 12.90 4.83 43.67
C PHE A 110 12.26 3.45 43.59
N ALA A 111 12.80 2.51 44.36
CA ALA A 111 12.24 1.16 44.44
C ALA A 111 11.33 1.14 45.67
N LYS A 112 10.40 0.20 45.72
CA LYS A 112 9.44 0.11 46.83
C LYS A 112 9.55 -1.23 47.53
N SER A 113 10.05 -1.22 48.76
CA SER A 113 10.21 -2.44 49.55
C SER A 113 10.20 -2.05 51.03
N ARG A 114 9.79 -2.96 51.90
CA ARG A 114 9.76 -2.71 53.34
C ARG A 114 9.78 -4.06 54.06
N GLY A 115 10.56 -4.19 55.12
CA GLY A 115 10.60 -5.43 55.88
C GLY A 115 11.59 -5.32 57.01
N ARG A 116 11.70 -6.36 57.83
CA ARG A 116 12.63 -6.43 58.98
C ARG A 116 12.53 -5.25 59.96
N ALA A 117 11.35 -4.66 60.07
CA ALA A 117 11.12 -3.57 61.02
C ALA A 117 10.77 -4.17 62.41
N ALA A 118 11.69 -4.94 62.96
CA ALA A 118 11.49 -5.63 64.23
C ALA A 118 12.87 -5.91 64.83
N LYS A 119 12.89 -6.65 65.92
CA LYS A 119 14.14 -7.07 66.56
C LYS A 119 14.50 -8.41 65.96
N GLY A 1 -4.96 29.36 -7.56
CA GLY A 1 -4.44 29.35 -8.94
C GLY A 1 -4.12 27.95 -9.37
N PRO A 2 -3.06 27.72 -10.17
CA PRO A 2 -2.73 26.31 -10.44
C PRO A 2 -2.15 25.69 -9.17
N LEU A 3 -2.04 24.36 -9.14
CA LEU A 3 -1.56 23.59 -7.98
C LEU A 3 -2.62 23.60 -6.88
N GLY A 4 -2.53 22.65 -5.97
CA GLY A 4 -3.51 22.53 -4.88
C GLY A 4 -4.81 21.90 -5.35
N SER A 5 -4.88 21.62 -6.63
CA SER A 5 -6.07 21.03 -7.26
C SER A 5 -6.24 19.54 -6.99
N ALA A 6 -5.30 18.98 -6.23
CA ALA A 6 -5.27 17.58 -5.87
C ALA A 6 -5.28 16.62 -7.07
N TRP A 7 -5.76 15.43 -6.78
CA TRP A 7 -5.84 14.34 -7.72
C TRP A 7 -7.14 14.35 -8.52
N GLY A 8 -7.13 13.65 -9.65
CA GLY A 8 -8.34 13.52 -10.44
C GLY A 8 -9.24 12.45 -9.85
N ASN A 9 -8.74 11.21 -9.83
CA ASN A 9 -9.46 10.09 -9.21
C ASN A 9 -8.52 8.88 -9.05
N LEU A 10 -8.09 8.61 -7.83
CA LEU A 10 -7.25 7.45 -7.55
C LEU A 10 -8.10 6.26 -7.14
N SER A 11 -7.78 5.10 -7.70
CA SER A 11 -8.46 3.85 -7.35
C SER A 11 -7.80 3.28 -6.11
N TYR A 12 -8.34 2.20 -5.57
CA TYR A 12 -7.76 1.54 -4.40
C TYR A 12 -6.30 1.20 -4.66
N ALA A 13 -6.02 0.59 -5.80
CA ALA A 13 -4.65 0.22 -6.16
C ALA A 13 -3.72 1.42 -6.18
N ASP A 14 -4.18 2.54 -6.69
CA ASP A 14 -3.34 3.74 -6.78
C ASP A 14 -3.01 4.25 -5.38
N LEU A 15 -3.98 4.25 -4.48
CA LEU A 15 -3.77 4.67 -3.10
C LEU A 15 -2.81 3.73 -2.35
N ILE A 16 -2.96 2.43 -2.54
CA ILE A 16 -2.06 1.45 -1.91
C ILE A 16 -0.66 1.70 -2.43
N THR A 17 -0.54 1.88 -3.73
CA THR A 17 0.74 2.17 -4.36
C THR A 17 1.33 3.45 -3.80
N LYS A 18 0.50 4.48 -3.67
CA LYS A 18 0.95 5.77 -3.16
C LYS A 18 1.56 5.67 -1.77
N ALA A 19 1.00 4.81 -0.93
CA ALA A 19 1.54 4.59 0.39
C ALA A 19 2.95 3.99 0.30
N ILE A 20 3.11 3.01 -0.56
CA ILE A 20 4.40 2.34 -0.72
C ILE A 20 5.42 3.32 -1.30
N GLU A 21 4.98 4.16 -2.22
CA GLU A 21 5.85 5.18 -2.81
C GLU A 21 6.26 6.23 -1.80
N SER A 22 5.42 6.40 -0.79
CA SER A 22 5.66 7.40 0.26
C SER A 22 6.70 6.91 1.25
N SER A 23 6.82 5.60 1.37
CA SER A 23 7.81 5.01 2.26
C SER A 23 9.19 5.21 1.64
N ALA A 24 10.22 5.29 2.46
CA ALA A 24 11.58 5.47 1.95
C ALA A 24 12.09 4.09 1.51
N GLU A 25 11.63 3.08 2.22
CA GLU A 25 12.02 1.69 2.01
C GLU A 25 11.36 1.08 0.78
N LYS A 26 10.40 1.80 0.20
CA LYS A 26 9.60 1.36 -0.95
C LYS A 26 8.89 0.05 -0.69
N ARG A 27 8.53 -0.17 0.57
CA ARG A 27 7.82 -1.37 0.99
C ARG A 27 7.12 -0.98 2.27
N LEU A 28 5.93 -1.51 2.51
CA LEU A 28 5.21 -1.23 3.75
C LEU A 28 4.53 -2.50 4.20
N THR A 29 4.27 -2.61 5.49
CA THR A 29 3.52 -3.74 6.01
C THR A 29 2.06 -3.42 5.78
N LEU A 30 1.21 -4.44 5.86
CA LEU A 30 -0.23 -4.27 5.61
C LEU A 30 -0.85 -3.19 6.50
N SER A 31 -0.46 -3.16 7.77
CA SER A 31 -0.98 -2.17 8.71
C SER A 31 -0.55 -0.74 8.40
N GLN A 32 0.65 -0.58 7.86
CA GLN A 32 1.17 0.75 7.54
C GLN A 32 0.40 1.38 6.39
N ILE A 33 -0.05 0.54 5.46
CA ILE A 33 -0.82 1.01 4.31
C ILE A 33 -2.15 1.57 4.83
N TYR A 34 -2.71 0.94 5.85
CA TYR A 34 -3.96 1.43 6.44
C TYR A 34 -3.75 2.81 7.05
N GLU A 35 -2.72 2.94 7.87
CA GLU A 35 -2.43 4.21 8.55
C GLU A 35 -2.19 5.33 7.54
N TRP A 36 -1.52 5.02 6.45
CA TRP A 36 -1.24 6.01 5.43
C TRP A 36 -2.55 6.51 4.83
N MET A 37 -3.50 5.61 4.61
CA MET A 37 -4.78 6.02 4.02
C MET A 37 -5.61 6.83 5.00
N VAL A 38 -5.53 6.54 6.29
CA VAL A 38 -6.27 7.32 7.29
C VAL A 38 -5.76 8.76 7.24
N LYS A 39 -4.45 8.91 7.12
CA LYS A 39 -3.84 10.24 7.09
C LYS A 39 -4.01 10.97 5.75
N SER A 40 -3.82 10.26 4.65
CA SER A 40 -3.85 10.90 3.32
C SER A 40 -5.22 11.00 2.67
N VAL A 41 -6.21 10.27 3.17
CA VAL A 41 -7.55 10.31 2.58
C VAL A 41 -8.61 10.54 3.68
N PRO A 42 -9.23 11.74 3.70
CA PRO A 42 -10.24 11.98 4.74
C PRO A 42 -11.38 10.97 4.72
N TYR A 43 -11.72 10.46 3.55
CA TYR A 43 -12.77 9.45 3.44
C TYR A 43 -12.46 8.24 4.30
N PHE A 44 -11.23 7.76 4.23
CA PHE A 44 -10.84 6.56 4.96
C PHE A 44 -10.74 6.82 6.45
N LYS A 45 -10.39 8.04 6.84
CA LYS A 45 -10.37 8.42 8.24
C LYS A 45 -11.79 8.27 8.79
N ASP A 46 -12.75 8.71 7.99
CA ASP A 46 -14.17 8.65 8.37
C ASP A 46 -14.73 7.22 8.29
N LYS A 47 -13.89 6.26 7.90
CA LYS A 47 -14.29 4.84 7.88
C LYS A 47 -13.63 4.09 9.02
N GLY A 48 -13.11 4.82 10.01
CA GLY A 48 -12.43 4.19 11.13
C GLY A 48 -13.30 3.49 12.17
N ASP A 49 -14.56 3.27 11.84
CA ASP A 49 -15.49 2.57 12.74
C ASP A 49 -15.07 1.10 12.89
N SER A 50 -15.33 0.52 14.06
CA SER A 50 -14.95 -0.85 14.36
C SER A 50 -15.51 -1.90 13.39
N ASN A 51 -16.77 -1.76 12.98
CA ASN A 51 -17.34 -2.72 12.03
C ASN A 51 -16.77 -2.48 10.63
N SER A 52 -16.63 -1.21 10.30
CA SER A 52 -16.07 -0.78 9.01
C SER A 52 -14.65 -1.33 8.83
N SER A 53 -13.96 -1.60 9.94
CA SER A 53 -12.61 -2.17 9.90
C SER A 53 -12.59 -3.47 9.09
N ALA A 54 -13.66 -4.24 9.12
CA ALA A 54 -13.73 -5.50 8.37
C ALA A 54 -13.61 -5.24 6.86
N GLY A 55 -14.32 -4.23 6.36
CA GLY A 55 -14.26 -3.92 4.94
C GLY A 55 -12.96 -3.23 4.58
N TRP A 56 -12.44 -2.46 5.54
CA TRP A 56 -11.18 -1.73 5.39
C TRP A 56 -10.06 -2.69 5.04
N LYS A 57 -9.88 -3.71 5.87
CA LYS A 57 -8.78 -4.65 5.70
C LYS A 57 -8.98 -5.59 4.51
N ASN A 58 -10.23 -5.97 4.24
CA ASN A 58 -10.49 -6.92 3.16
C ASN A 58 -10.34 -6.32 1.77
N SER A 59 -10.82 -5.09 1.56
CA SER A 59 -10.78 -4.48 0.24
C SER A 59 -9.35 -4.24 -0.26
N ILE A 60 -8.49 -3.76 0.62
CA ILE A 60 -7.09 -3.51 0.29
C ILE A 60 -6.41 -4.85 0.02
N ARG A 61 -6.72 -5.87 0.82
CA ARG A 61 -6.12 -7.18 0.63
C ARG A 61 -6.50 -7.78 -0.72
N HIS A 62 -7.74 -7.56 -1.16
CA HIS A 62 -8.16 -8.03 -2.47
C HIS A 62 -7.35 -7.33 -3.56
N ASN A 63 -7.21 -6.02 -3.45
CA ASN A 63 -6.47 -5.26 -4.47
C ASN A 63 -5.00 -5.68 -4.54
N LEU A 64 -4.42 -6.04 -3.39
CA LEU A 64 -3.03 -6.50 -3.34
C LEU A 64 -2.86 -7.82 -4.09
N SER A 65 -3.91 -8.63 -4.13
CA SER A 65 -3.84 -9.94 -4.80
C SER A 65 -4.27 -9.86 -6.27
N LEU A 66 -5.21 -8.99 -6.59
CA LEU A 66 -5.74 -8.86 -7.94
C LEU A 66 -4.80 -8.12 -8.89
N HIS A 67 -3.85 -7.38 -8.35
CA HIS A 67 -2.95 -6.60 -9.19
C HIS A 67 -1.49 -7.00 -9.01
N SER A 68 -0.90 -7.54 -10.08
CA SER A 68 0.50 -7.96 -10.12
C SER A 68 1.50 -6.81 -9.93
N LYS A 69 0.97 -5.60 -9.81
CA LYS A 69 1.77 -4.41 -9.53
C LYS A 69 2.28 -4.53 -8.08
N PHE A 70 1.67 -5.38 -7.28
CA PHE A 70 2.09 -5.58 -5.91
C PHE A 70 2.75 -6.95 -5.75
N ILE A 71 3.83 -6.99 -4.98
CA ILE A 71 4.53 -8.23 -4.67
C ILE A 71 4.68 -8.27 -3.15
N ARG A 72 5.03 -9.43 -2.62
CA ARG A 72 5.17 -9.62 -1.17
C ARG A 72 6.60 -10.01 -0.86
N VAL A 73 7.18 -9.42 0.17
CA VAL A 73 8.55 -9.72 0.59
C VAL A 73 8.54 -10.40 1.93
N GLN A 74 9.48 -11.33 2.09
CA GLN A 74 9.72 -11.95 3.38
C GLN A 74 10.15 -10.83 4.33
N ASN A 75 9.93 -11.03 5.60
CA ASN A 75 10.32 -10.06 6.62
C ASN A 75 11.76 -10.40 7.01
N GLU A 76 12.24 -9.85 8.12
CA GLU A 76 13.59 -10.13 8.62
C GLU A 76 13.76 -11.63 8.87
N GLY A 77 12.66 -12.30 9.16
CA GLY A 77 12.66 -13.74 9.32
C GLY A 77 11.24 -14.20 9.07
N THR A 78 10.74 -14.94 10.03
CA THR A 78 9.42 -15.55 9.97
C THR A 78 8.61 -15.09 11.17
N GLY A 79 7.97 -13.94 11.02
CA GLY A 79 7.13 -13.40 12.07
C GLY A 79 5.68 -13.48 11.64
N LYS A 80 4.92 -12.45 11.99
CA LYS A 80 3.49 -12.40 11.67
C LYS A 80 3.17 -11.49 10.50
N SER A 81 3.97 -10.43 10.34
CA SER A 81 3.74 -9.45 9.29
C SER A 81 4.68 -9.73 8.13
N SER A 82 4.30 -9.27 6.95
CA SER A 82 5.11 -9.39 5.75
C SER A 82 5.09 -8.03 5.08
N TRP A 83 6.05 -7.79 4.19
CA TRP A 83 6.10 -6.54 3.46
C TRP A 83 5.31 -6.67 2.19
N TRP A 84 4.76 -5.57 1.74
CA TRP A 84 4.07 -5.49 0.47
C TRP A 84 4.75 -4.33 -0.23
N MET A 85 5.12 -4.52 -1.48
CA MET A 85 5.84 -3.49 -2.22
C MET A 85 5.47 -3.54 -3.69
N LEU A 86 5.98 -2.59 -4.44
CA LEU A 86 5.68 -2.50 -5.86
C LEU A 86 6.59 -3.42 -6.66
N ASN A 87 6.01 -4.08 -7.64
CA ASN A 87 6.76 -4.93 -8.56
C ASN A 87 7.75 -4.05 -9.32
N PRO A 88 9.07 -4.33 -9.24
CA PRO A 88 10.03 -3.46 -9.95
C PRO A 88 10.00 -3.59 -11.47
N GLU A 89 9.75 -4.79 -11.96
CA GLU A 89 9.68 -5.07 -13.40
C GLU A 89 8.43 -4.43 -13.99
N GLY A 90 7.47 -4.16 -13.11
CA GLY A 90 6.22 -3.57 -13.53
C GLY A 90 6.34 -2.08 -13.80
N GLY A 91 6.88 -1.71 -14.95
CA GLY A 91 7.05 -0.32 -15.35
C GLY A 91 5.77 0.45 -15.68
N LYS A 92 4.78 0.35 -14.81
CA LYS A 92 3.49 1.03 -14.95
C LYS A 92 3.55 2.39 -14.25
N SER A 93 4.71 2.70 -13.69
CA SER A 93 4.93 3.94 -12.97
C SER A 93 4.86 5.14 -13.93
N GLY A 94 4.52 6.31 -13.40
CA GLY A 94 4.42 7.50 -14.23
C GLY A 94 3.72 8.62 -13.50
N LYS A 95 2.40 8.73 -13.68
CA LYS A 95 1.63 9.77 -13.00
C LYS A 95 0.20 9.30 -12.77
N SER A 96 -0.37 9.65 -11.63
CA SER A 96 -1.74 9.30 -11.31
C SER A 96 -2.69 10.02 -12.29
N PRO A 97 -3.87 9.45 -12.54
CA PRO A 97 -4.74 10.12 -13.52
C PRO A 97 -5.29 11.47 -13.07
N ARG A 98 -5.48 12.36 -14.06
CA ARG A 98 -6.06 13.69 -13.84
C ARG A 98 -7.44 13.74 -14.46
N ARG A 99 -8.00 12.57 -14.71
CA ARG A 99 -9.33 12.44 -15.30
C ARG A 99 -10.35 12.51 -14.17
N ARG A 100 -11.44 13.23 -14.38
CA ARG A 100 -12.52 13.28 -13.38
C ARG A 100 -13.29 11.97 -13.53
N ALA A 101 -13.59 11.33 -12.41
CA ALA A 101 -14.34 10.08 -12.42
C ALA A 101 -14.97 9.99 -11.03
N ALA A 102 -15.85 9.02 -10.83
CA ALA A 102 -16.52 8.81 -9.57
C ALA A 102 -16.71 7.31 -9.40
N SER A 103 -17.11 6.88 -8.22
CA SER A 103 -17.36 5.47 -7.93
C SER A 103 -18.84 5.15 -8.13
N MET A 104 -19.46 5.88 -9.03
CA MET A 104 -20.89 5.75 -9.32
C MET A 104 -20.97 5.32 -10.78
N ASP A 105 -22.00 4.56 -11.11
CA ASP A 105 -22.22 4.06 -12.48
C ASP A 105 -22.73 5.17 -13.41
N ASN A 106 -21.99 6.26 -13.54
CA ASN A 106 -22.39 7.38 -14.37
C ASN A 106 -21.35 7.75 -15.44
N ASN A 107 -21.83 7.88 -16.67
CA ASN A 107 -20.96 8.29 -17.78
C ASN A 107 -20.82 9.81 -17.77
N SER A 108 -19.67 10.30 -17.34
CA SER A 108 -19.41 11.75 -17.27
C SER A 108 -19.20 12.33 -18.66
N LYS A 109 -19.84 13.46 -18.94
CA LYS A 109 -19.80 14.07 -20.29
C LYS A 109 -19.21 15.49 -20.31
N PHE A 110 -18.65 15.94 -19.19
CA PHE A 110 -18.11 17.30 -19.11
C PHE A 110 -16.86 17.35 -18.25
N ALA A 111 -15.78 17.89 -18.79
CA ALA A 111 -14.52 18.02 -18.05
C ALA A 111 -13.78 19.32 -18.39
N LYS A 112 -14.49 20.30 -18.94
CA LYS A 112 -13.87 21.56 -19.36
C LYS A 112 -13.32 22.32 -18.14
N SER A 113 -12.14 22.90 -18.29
CA SER A 113 -11.51 23.68 -17.23
C SER A 113 -11.80 25.15 -17.45
N ARG A 114 -11.63 25.96 -16.42
CA ARG A 114 -11.80 27.41 -16.53
C ARG A 114 -10.55 27.95 -17.24
N GLY A 115 -10.69 29.04 -17.97
CA GLY A 115 -9.56 29.64 -18.67
C GLY A 115 -8.72 30.50 -17.74
N ARG A 116 -7.78 31.25 -18.32
CA ARG A 116 -6.90 32.13 -17.55
C ARG A 116 -7.14 33.56 -18.04
N ALA A 117 -6.62 34.53 -17.31
CA ALA A 117 -6.74 35.94 -17.63
C ALA A 117 -5.38 36.56 -17.36
N ALA A 118 -5.25 37.85 -17.62
CA ALA A 118 -4.01 38.59 -17.40
C ALA A 118 -4.41 39.91 -16.75
N LYS A 119 -3.43 40.76 -16.47
CA LYS A 119 -3.68 42.07 -15.89
C LYS A 119 -3.97 43.05 -17.03
N GLY A 1 1.85 32.26 -10.37
CA GLY A 1 0.40 32.01 -10.47
C GLY A 1 -0.09 31.18 -9.32
N PRO A 2 -1.38 30.79 -9.28
CA PRO A 2 -1.83 29.95 -8.17
C PRO A 2 -1.30 28.52 -8.28
N LEU A 3 -1.41 27.77 -7.20
CA LEU A 3 -0.95 26.39 -7.14
C LEU A 3 -1.95 25.66 -6.25
N GLY A 4 -2.09 24.34 -6.42
CA GLY A 4 -3.05 23.59 -5.62
C GLY A 4 -3.77 22.49 -6.36
N SER A 5 -3.59 22.41 -7.67
CA SER A 5 -4.22 21.37 -8.47
C SER A 5 -3.79 19.97 -8.01
N ALA A 6 -4.71 19.02 -8.04
CA ALA A 6 -4.47 17.67 -7.57
C ALA A 6 -5.00 16.64 -8.58
N TRP A 7 -5.17 15.42 -8.12
CA TRP A 7 -5.69 14.32 -8.94
C TRP A 7 -7.21 14.42 -9.02
N GLY A 8 -7.82 13.53 -9.80
CA GLY A 8 -9.27 13.48 -9.88
C GLY A 8 -9.83 12.58 -8.78
N ASN A 9 -9.61 11.27 -8.89
CA ASN A 9 -10.07 10.31 -7.90
C ASN A 9 -9.23 9.04 -7.95
N LEU A 10 -8.31 8.89 -7.01
CA LEU A 10 -7.46 7.70 -6.94
C LEU A 10 -8.23 6.44 -6.53
N SER A 11 -7.95 5.35 -7.20
CA SER A 11 -8.58 4.05 -6.90
C SER A 11 -7.83 3.38 -5.75
N TYR A 12 -8.38 2.27 -5.24
CA TYR A 12 -7.75 1.54 -4.15
C TYR A 12 -6.29 1.18 -4.47
N ALA A 13 -6.07 0.65 -5.66
CA ALA A 13 -4.71 0.25 -6.07
C ALA A 13 -3.76 1.45 -6.07
N ASP A 14 -4.23 2.59 -6.54
CA ASP A 14 -3.39 3.78 -6.62
C ASP A 14 -3.01 4.27 -5.23
N LEU A 15 -3.96 4.23 -4.30
CA LEU A 15 -3.70 4.63 -2.93
C LEU A 15 -2.71 3.70 -2.23
N ILE A 16 -2.88 2.40 -2.45
CA ILE A 16 -1.95 1.40 -1.87
C ILE A 16 -0.56 1.69 -2.44
N THR A 17 -0.50 1.92 -3.74
CA THR A 17 0.75 2.23 -4.41
C THR A 17 1.38 3.52 -3.87
N LYS A 18 0.58 4.56 -3.69
CA LYS A 18 1.10 5.82 -3.17
C LYS A 18 1.69 5.62 -1.79
N ALA A 19 1.06 4.80 -0.97
CA ALA A 19 1.56 4.54 0.37
C ALA A 19 2.96 3.92 0.28
N ILE A 20 3.11 2.95 -0.61
CA ILE A 20 4.38 2.24 -0.76
C ILE A 20 5.47 3.20 -1.27
N GLU A 21 5.13 4.05 -2.23
CA GLU A 21 6.09 5.01 -2.77
C GLU A 21 6.45 6.07 -1.77
N SER A 22 5.50 6.38 -0.90
CA SER A 22 5.71 7.39 0.15
C SER A 22 6.74 6.89 1.14
N SER A 23 6.81 5.58 1.33
CA SER A 23 7.77 5.01 2.24
C SER A 23 9.18 5.10 1.66
N ALA A 24 10.16 5.45 2.48
CA ALA A 24 11.54 5.55 2.01
C ALA A 24 12.05 4.16 1.61
N GLU A 25 11.52 3.15 2.28
CA GLU A 25 11.92 1.76 2.03
C GLU A 25 11.31 1.17 0.76
N LYS A 26 10.35 1.89 0.16
CA LYS A 26 9.60 1.42 -1.01
C LYS A 26 8.89 0.09 -0.75
N ARG A 27 8.46 -0.10 0.49
CA ARG A 27 7.73 -1.29 0.91
C ARG A 27 7.02 -0.90 2.18
N LEU A 28 5.85 -1.46 2.43
CA LEU A 28 5.10 -1.18 3.66
C LEU A 28 4.41 -2.44 4.13
N THR A 29 4.05 -2.48 5.40
CA THR A 29 3.28 -3.59 5.96
C THR A 29 1.81 -3.21 5.83
N LEU A 30 0.91 -4.17 6.03
CA LEU A 30 -0.52 -3.87 5.89
C LEU A 30 -0.98 -2.77 6.83
N SER A 31 -0.52 -2.79 8.08
CA SER A 31 -0.91 -1.79 9.06
C SER A 31 -0.45 -0.40 8.65
N GLN A 32 0.72 -0.31 8.04
CA GLN A 32 1.25 0.97 7.59
C GLN A 32 0.43 1.52 6.43
N ILE A 33 -0.01 0.65 5.54
CA ILE A 33 -0.84 1.07 4.40
C ILE A 33 -2.17 1.58 4.94
N TYR A 34 -2.70 0.92 5.97
CA TYR A 34 -3.94 1.37 6.58
C TYR A 34 -3.76 2.77 7.18
N GLU A 35 -2.72 2.94 7.99
CA GLU A 35 -2.47 4.22 8.62
C GLU A 35 -2.27 5.34 7.60
N TRP A 36 -1.58 5.04 6.51
CA TRP A 36 -1.34 6.03 5.47
C TRP A 36 -2.67 6.50 4.89
N MET A 37 -3.62 5.61 4.66
CA MET A 37 -4.90 6.01 4.08
C MET A 37 -5.74 6.82 5.06
N VAL A 38 -5.70 6.48 6.35
CA VAL A 38 -6.46 7.24 7.36
C VAL A 38 -5.95 8.68 7.41
N LYS A 39 -4.64 8.84 7.31
CA LYS A 39 -4.04 10.17 7.39
C LYS A 39 -4.12 10.95 6.08
N SER A 40 -3.93 10.27 4.95
CA SER A 40 -3.92 10.94 3.64
C SER A 40 -5.27 11.10 2.96
N VAL A 41 -6.26 10.31 3.33
CA VAL A 41 -7.56 10.36 2.64
C VAL A 41 -8.73 10.54 3.62
N PRO A 42 -9.55 11.59 3.43
CA PRO A 42 -10.62 11.77 4.41
C PRO A 42 -11.70 10.68 4.33
N TYR A 43 -11.85 10.06 3.16
CA TYR A 43 -12.81 8.97 2.97
C TYR A 43 -12.49 7.81 3.93
N PHE A 44 -11.23 7.46 4.01
CA PHE A 44 -10.83 6.32 4.82
C PHE A 44 -10.76 6.67 6.29
N LYS A 45 -10.57 7.95 6.58
CA LYS A 45 -10.60 8.44 7.96
C LYS A 45 -12.00 8.26 8.52
N ASP A 46 -13.00 8.63 7.72
CA ASP A 46 -14.41 8.52 8.10
C ASP A 46 -14.83 7.07 8.28
N LYS A 47 -14.26 6.18 7.47
CA LYS A 47 -14.65 4.77 7.47
C LYS A 47 -13.89 3.95 8.50
N GLY A 48 -13.30 4.61 9.49
CA GLY A 48 -12.53 3.90 10.52
C GLY A 48 -13.37 3.16 11.55
N ASP A 49 -14.69 3.12 11.34
CA ASP A 49 -15.60 2.40 12.24
C ASP A 49 -15.24 0.90 12.29
N SER A 50 -15.43 0.29 13.45
CA SER A 50 -15.05 -1.10 13.67
C SER A 50 -15.75 -2.10 12.74
N ASN A 51 -17.01 -1.87 12.40
CA ASN A 51 -17.70 -2.77 11.48
C ASN A 51 -17.24 -2.51 10.04
N SER A 52 -17.08 -1.25 9.71
CA SER A 52 -16.61 -0.84 8.37
C SER A 52 -15.23 -1.37 8.10
N SER A 53 -14.46 -1.57 9.17
CA SER A 53 -13.11 -2.13 9.09
C SER A 53 -13.09 -3.46 8.34
N ALA A 54 -14.19 -4.20 8.36
CA ALA A 54 -14.27 -5.47 7.65
C ALA A 54 -14.02 -5.28 6.14
N GLY A 55 -14.71 -4.31 5.53
CA GLY A 55 -14.54 -4.06 4.10
C GLY A 55 -13.27 -3.28 3.82
N TRP A 56 -12.90 -2.45 4.77
CA TRP A 56 -11.71 -1.61 4.70
C TRP A 56 -10.46 -2.48 4.45
N LYS A 57 -10.24 -3.45 5.33
CA LYS A 57 -9.07 -4.32 5.23
C LYS A 57 -9.20 -5.31 4.08
N ASN A 58 -10.41 -5.78 3.80
CA ASN A 58 -10.61 -6.78 2.75
C ASN A 58 -10.34 -6.22 1.36
N SER A 59 -10.74 -4.99 1.11
CA SER A 59 -10.55 -4.41 -0.23
C SER A 59 -9.07 -4.24 -0.56
N ILE A 60 -8.28 -3.83 0.42
CA ILE A 60 -6.84 -3.67 0.21
C ILE A 60 -6.23 -5.05 0.01
N ARG A 61 -6.63 -6.01 0.83
CA ARG A 61 -6.09 -7.35 0.72
C ARG A 61 -6.44 -7.97 -0.62
N HIS A 62 -7.64 -7.73 -1.11
CA HIS A 62 -8.05 -8.23 -2.43
C HIS A 62 -7.15 -7.63 -3.50
N ASN A 63 -6.95 -6.32 -3.48
CA ASN A 63 -6.11 -5.65 -4.48
C ASN A 63 -4.69 -6.21 -4.45
N LEU A 64 -4.16 -6.47 -3.26
CA LEU A 64 -2.83 -7.05 -3.12
C LEU A 64 -2.78 -8.49 -3.64
N SER A 65 -3.89 -9.22 -3.47
CA SER A 65 -3.96 -10.61 -3.91
C SER A 65 -4.03 -10.75 -5.42
N LEU A 66 -4.50 -9.70 -6.09
CA LEU A 66 -4.55 -9.69 -7.56
C LEU A 66 -3.12 -9.61 -8.11
N HIS A 67 -2.21 -9.15 -7.24
CA HIS A 67 -0.76 -9.07 -7.46
C HIS A 67 -0.21 -8.60 -8.83
N SER A 68 -1.03 -7.97 -9.65
CA SER A 68 -0.60 -7.49 -10.97
C SER A 68 0.53 -6.48 -10.83
N LYS A 69 0.40 -5.55 -9.89
CA LYS A 69 1.46 -4.58 -9.62
C LYS A 69 2.07 -4.69 -8.25
N PHE A 70 1.54 -5.57 -7.41
CA PHE A 70 2.00 -5.69 -6.03
C PHE A 70 2.68 -7.02 -5.80
N ILE A 71 3.78 -7.01 -5.06
CA ILE A 71 4.51 -8.24 -4.74
C ILE A 71 4.71 -8.27 -3.23
N ARG A 72 5.04 -9.45 -2.70
CA ARG A 72 5.22 -9.62 -1.26
C ARG A 72 6.67 -9.99 -0.98
N VAL A 73 7.30 -9.27 -0.06
CA VAL A 73 8.71 -9.53 0.28
C VAL A 73 8.81 -10.36 1.54
N GLN A 74 9.80 -11.24 1.54
CA GLN A 74 10.14 -12.00 2.74
C GLN A 74 10.67 -11.00 3.76
N ASN A 75 10.70 -11.40 5.02
CA ASN A 75 11.18 -10.57 6.09
C ASN A 75 12.11 -11.43 6.95
N GLU A 76 12.56 -10.88 8.07
CA GLU A 76 13.53 -11.54 8.95
C GLU A 76 13.08 -12.88 9.53
N GLY A 77 11.78 -13.05 9.77
CA GLY A 77 11.30 -14.29 10.37
C GLY A 77 9.83 -14.29 10.74
N THR A 78 9.01 -13.70 9.87
CA THR A 78 7.53 -13.58 10.03
C THR A 78 7.00 -13.06 11.39
N GLY A 79 7.88 -12.46 12.19
CA GLY A 79 7.51 -12.01 13.53
C GLY A 79 6.37 -11.03 13.72
N LYS A 80 6.14 -10.12 12.78
CA LYS A 80 5.05 -9.13 12.94
C LYS A 80 4.13 -9.00 11.74
N SER A 81 4.69 -8.74 10.57
CA SER A 81 3.89 -8.55 9.35
C SER A 81 4.74 -8.77 8.11
N SER A 82 4.11 -9.16 7.02
CA SER A 82 4.82 -9.33 5.75
C SER A 82 4.90 -7.98 5.05
N TRP A 83 5.90 -7.82 4.20
CA TRP A 83 6.06 -6.59 3.43
C TRP A 83 5.29 -6.69 2.13
N TRP A 84 4.79 -5.56 1.67
CA TRP A 84 4.12 -5.47 0.39
C TRP A 84 4.79 -4.31 -0.32
N MET A 85 5.11 -4.49 -1.59
CA MET A 85 5.76 -3.45 -2.37
C MET A 85 5.35 -3.56 -3.82
N LEU A 86 5.81 -2.64 -4.64
CA LEU A 86 5.46 -2.63 -6.05
C LEU A 86 6.40 -3.53 -6.83
N ASN A 87 5.89 -4.14 -7.88
CA ASN A 87 6.73 -4.96 -8.76
C ASN A 87 7.77 -4.05 -9.43
N PRO A 88 9.08 -4.31 -9.22
CA PRO A 88 10.12 -3.44 -9.81
C PRO A 88 10.37 -3.60 -11.30
N GLU A 89 10.19 -4.81 -11.80
CA GLU A 89 10.36 -5.11 -13.21
C GLU A 89 9.23 -4.42 -13.96
N GLY A 90 8.12 -4.27 -13.26
CA GLY A 90 6.96 -3.58 -13.80
C GLY A 90 7.01 -2.11 -13.41
N GLY A 91 8.21 -1.55 -13.35
CA GLY A 91 8.38 -0.17 -12.93
C GLY A 91 9.83 0.26 -12.83
N LYS A 92 10.21 0.77 -11.66
CA LYS A 92 11.57 1.27 -11.46
C LYS A 92 12.49 0.11 -11.07
N SER A 93 13.41 -0.25 -11.96
CA SER A 93 14.34 -1.34 -11.71
C SER A 93 15.21 -1.11 -10.47
N GLY A 94 15.49 -2.19 -9.75
CA GLY A 94 16.33 -2.12 -8.57
C GLY A 94 17.80 -2.00 -8.92
N LYS A 95 18.58 -1.37 -8.04
CA LYS A 95 20.00 -1.19 -8.27
C LYS A 95 20.81 -2.08 -7.34
N SER A 96 21.61 -2.96 -7.93
CA SER A 96 22.49 -3.88 -7.19
C SER A 96 21.85 -4.52 -5.94
N PRO A 97 20.81 -5.36 -6.13
CA PRO A 97 20.26 -5.97 -4.91
C PRO A 97 21.24 -6.91 -4.23
N ARG A 98 21.27 -6.87 -2.90
CA ARG A 98 22.19 -7.69 -2.12
C ARG A 98 21.70 -9.13 -2.11
N ARG A 99 22.64 -10.07 -2.11
CA ARG A 99 22.33 -11.50 -2.08
C ARG A 99 22.82 -12.05 -0.74
N ARG A 100 22.32 -13.21 -0.35
CA ARG A 100 22.79 -13.83 0.90
C ARG A 100 24.13 -14.46 0.62
N ALA A 101 25.02 -14.44 1.60
CA ALA A 101 26.31 -15.09 1.47
C ALA A 101 26.08 -16.60 1.62
N ALA A 102 26.94 -17.40 1.02
CA ALA A 102 26.87 -18.85 1.09
C ALA A 102 28.31 -19.40 1.06
N SER A 103 29.11 -18.95 2.01
CA SER A 103 30.52 -19.34 2.07
C SER A 103 30.76 -20.75 2.61
N MET A 104 29.70 -21.39 3.07
CA MET A 104 29.77 -22.74 3.62
C MET A 104 28.56 -23.50 3.12
N ASP A 105 28.76 -24.75 2.72
CA ASP A 105 27.67 -25.58 2.22
C ASP A 105 27.04 -26.37 3.37
N ASN A 106 25.77 -26.72 3.21
CA ASN A 106 25.05 -27.48 4.22
C ASN A 106 24.25 -28.62 3.58
N ASN A 107 24.90 -29.37 2.70
CA ASN A 107 24.31 -30.54 2.03
C ASN A 107 22.93 -30.29 1.42
N SER A 108 22.76 -29.12 0.79
CA SER A 108 21.46 -28.76 0.24
C SER A 108 21.63 -28.02 -1.07
N LYS A 109 20.62 -28.14 -1.93
CA LYS A 109 20.56 -27.49 -3.27
C LYS A 109 21.61 -27.97 -4.28
N PHE A 110 22.27 -29.07 -4.00
CA PHE A 110 23.22 -29.67 -4.94
C PHE A 110 22.73 -31.05 -5.29
N ALA A 111 23.06 -31.52 -6.48
CA ALA A 111 22.66 -32.83 -6.96
C ALA A 111 23.67 -33.22 -8.03
N LYS A 112 23.71 -34.50 -8.38
CA LYS A 112 24.60 -34.97 -9.44
C LYS A 112 23.88 -34.75 -10.76
N SER A 113 24.59 -34.22 -11.75
CA SER A 113 23.99 -33.97 -13.07
C SER A 113 23.58 -35.26 -13.79
N ARG A 114 24.13 -36.38 -13.33
CA ARG A 114 23.79 -37.72 -13.84
C ARG A 114 23.99 -37.86 -15.36
N GLY A 115 24.96 -37.14 -15.89
CA GLY A 115 25.27 -37.21 -17.31
C GLY A 115 26.64 -36.64 -17.58
N ARG A 116 27.13 -36.82 -18.80
CA ARG A 116 28.45 -36.34 -19.20
C ARG A 116 28.32 -35.78 -20.62
N ALA A 117 27.68 -34.63 -20.73
CA ALA A 117 27.42 -34.01 -22.04
C ALA A 117 28.68 -33.41 -22.68
N ALA A 118 29.69 -33.14 -21.87
CA ALA A 118 30.94 -32.59 -22.37
C ALA A 118 31.63 -33.62 -23.27
N LYS A 119 32.13 -33.16 -24.40
CA LYS A 119 32.78 -33.99 -25.39
C LYS A 119 33.85 -33.09 -25.98
N GLY A 1 -2.92 29.51 -17.68
CA GLY A 1 -2.19 28.92 -16.55
C GLY A 1 -2.42 27.44 -16.47
N PRO A 2 -1.95 26.74 -15.42
CA PRO A 2 -2.22 25.30 -15.35
C PRO A 2 -3.70 25.05 -15.07
N LEU A 3 -4.18 23.86 -15.42
CA LEU A 3 -5.58 23.50 -15.24
C LEU A 3 -5.64 22.00 -14.97
N GLY A 4 -6.60 21.58 -14.16
CA GLY A 4 -6.75 20.16 -13.86
C GLY A 4 -5.98 19.75 -12.62
N SER A 5 -5.85 18.45 -12.42
CA SER A 5 -5.16 17.90 -11.26
C SER A 5 -4.49 16.60 -11.70
N ALA A 6 -3.53 16.14 -10.92
CA ALA A 6 -2.79 14.92 -11.27
C ALA A 6 -3.65 13.65 -11.12
N TRP A 7 -4.74 13.77 -10.38
CA TRP A 7 -5.67 12.68 -10.17
C TRP A 7 -6.99 13.25 -9.70
N GLY A 8 -8.03 12.44 -9.72
CA GLY A 8 -9.34 12.85 -9.21
C GLY A 8 -9.87 11.81 -8.25
N ASN A 9 -10.33 10.70 -8.79
CA ASN A 9 -10.91 9.61 -8.00
C ASN A 9 -9.90 8.48 -7.92
N LEU A 10 -8.93 8.64 -7.04
CA LEU A 10 -7.90 7.62 -6.82
C LEU A 10 -8.54 6.30 -6.40
N SER A 11 -8.18 5.24 -7.11
CA SER A 11 -8.70 3.90 -6.83
C SER A 11 -7.93 3.29 -5.68
N TYR A 12 -8.42 2.17 -5.16
CA TYR A 12 -7.73 1.48 -4.06
C TYR A 12 -6.29 1.15 -4.47
N ALA A 13 -6.11 0.60 -5.66
CA ALA A 13 -4.78 0.25 -6.14
C ALA A 13 -3.84 1.46 -6.15
N ASP A 14 -4.35 2.61 -6.56
CA ASP A 14 -3.54 3.83 -6.62
C ASP A 14 -3.11 4.24 -5.23
N LEU A 15 -4.03 4.19 -4.29
CA LEU A 15 -3.77 4.60 -2.90
C LEU A 15 -2.79 3.66 -2.22
N ILE A 16 -2.95 2.36 -2.44
CA ILE A 16 -2.06 1.37 -1.85
C ILE A 16 -0.65 1.61 -2.41
N THR A 17 -0.57 1.80 -3.71
CA THR A 17 0.70 2.09 -4.37
C THR A 17 1.31 3.39 -3.84
N LYS A 18 0.50 4.45 -3.71
CA LYS A 18 1.02 5.73 -3.21
C LYS A 18 1.60 5.58 -1.82
N ALA A 19 1.01 4.73 -1.00
CA ALA A 19 1.52 4.51 0.35
C ALA A 19 2.93 3.94 0.27
N ILE A 20 3.11 2.96 -0.60
CA ILE A 20 4.40 2.30 -0.74
C ILE A 20 5.42 3.28 -1.32
N GLU A 21 4.99 4.10 -2.27
CA GLU A 21 5.87 5.08 -2.88
C GLU A 21 6.32 6.13 -1.88
N SER A 22 5.41 6.45 -0.96
CA SER A 22 5.67 7.46 0.07
C SER A 22 6.65 6.92 1.11
N SER A 23 6.74 5.61 1.22
CA SER A 23 7.65 5.02 2.18
C SER A 23 9.11 5.18 1.75
N ALA A 24 9.96 5.44 2.73
CA ALA A 24 11.38 5.65 2.49
C ALA A 24 12.06 4.41 1.93
N GLU A 25 11.49 3.25 2.22
CA GLU A 25 12.09 1.97 1.82
C GLU A 25 11.44 1.38 0.58
N LYS A 26 10.43 2.07 0.06
CA LYS A 26 9.61 1.57 -1.06
C LYS A 26 8.95 0.22 -0.74
N ARG A 27 8.61 0.04 0.53
CA ARG A 27 7.89 -1.15 1.00
C ARG A 27 7.14 -0.74 2.26
N LEU A 28 5.95 -1.28 2.46
CA LEU A 28 5.15 -1.03 3.66
C LEU A 28 4.45 -2.31 4.06
N THR A 29 4.26 -2.53 5.34
CA THR A 29 3.51 -3.69 5.79
C THR A 29 2.03 -3.38 5.62
N LEU A 30 1.20 -4.41 5.72
CA LEU A 30 -0.24 -4.24 5.54
C LEU A 30 -0.82 -3.16 6.47
N SER A 31 -0.38 -3.15 7.73
CA SER A 31 -0.87 -2.18 8.71
C SER A 31 -0.40 -0.76 8.39
N GLN A 32 0.75 -0.64 7.76
CA GLN A 32 1.29 0.67 7.41
C GLN A 32 0.55 1.28 6.23
N ILE A 33 0.07 0.46 5.33
CA ILE A 33 -0.74 0.94 4.23
C ILE A 33 -2.04 1.49 4.82
N TYR A 34 -2.53 0.83 5.86
CA TYR A 34 -3.74 1.31 6.53
C TYR A 34 -3.51 2.69 7.16
N GLU A 35 -2.44 2.86 7.94
CA GLU A 35 -2.22 4.15 8.62
C GLU A 35 -2.06 5.28 7.61
N TRP A 36 -1.43 4.98 6.49
CA TRP A 36 -1.23 5.97 5.44
C TRP A 36 -2.57 6.45 4.88
N MET A 37 -3.51 5.54 4.67
CA MET A 37 -4.81 5.93 4.12
C MET A 37 -5.60 6.77 5.11
N VAL A 38 -5.54 6.41 6.39
CA VAL A 38 -6.25 7.16 7.43
C VAL A 38 -5.69 8.58 7.50
N LYS A 39 -4.38 8.71 7.36
CA LYS A 39 -3.74 10.03 7.45
C LYS A 39 -3.86 10.87 6.18
N SER A 40 -3.79 10.24 5.02
CA SER A 40 -3.78 10.95 3.75
C SER A 40 -5.13 11.18 3.08
N VAL A 41 -6.13 10.37 3.42
CA VAL A 41 -7.44 10.50 2.78
C VAL A 41 -8.55 10.67 3.82
N PRO A 42 -9.29 11.79 3.76
CA PRO A 42 -10.32 11.96 4.80
C PRO A 42 -11.46 10.95 4.70
N TYR A 43 -11.69 10.41 3.51
CA TYR A 43 -12.72 9.38 3.32
C TYR A 43 -12.39 8.15 4.15
N PHE A 44 -11.15 7.69 4.08
CA PHE A 44 -10.76 6.48 4.79
C PHE A 44 -10.64 6.75 6.27
N LYS A 45 -10.30 7.97 6.64
CA LYS A 45 -10.28 8.37 8.05
C LYS A 45 -11.69 8.24 8.63
N ASP A 46 -12.66 8.74 7.88
CA ASP A 46 -14.07 8.71 8.27
C ASP A 46 -14.61 7.29 8.35
N LYS A 47 -14.12 6.43 7.47
CA LYS A 47 -14.60 5.06 7.38
C LYS A 47 -13.84 4.12 8.32
N GLY A 48 -13.16 4.70 9.29
CA GLY A 48 -12.41 3.92 10.27
C GLY A 48 -13.31 3.32 11.34
N ASP A 49 -14.62 3.53 11.21
CA ASP A 49 -15.61 2.96 12.12
C ASP A 49 -15.48 1.43 12.15
N SER A 50 -15.79 0.82 13.28
CA SER A 50 -15.62 -0.62 13.46
C SER A 50 -16.37 -1.48 12.44
N ASN A 51 -17.60 -1.10 12.08
CA ASN A 51 -18.35 -1.88 11.11
C ASN A 51 -17.81 -1.65 9.69
N SER A 52 -17.50 -0.41 9.38
CA SER A 52 -16.96 -0.04 8.07
C SER A 52 -15.61 -0.69 7.84
N SER A 53 -14.88 -0.93 8.92
CA SER A 53 -13.57 -1.56 8.88
C SER A 53 -13.60 -2.90 8.17
N ALA A 54 -14.75 -3.58 8.22
CA ALA A 54 -14.90 -4.87 7.56
C ALA A 54 -14.59 -4.75 6.05
N GLY A 55 -15.17 -3.76 5.39
CA GLY A 55 -14.94 -3.57 3.96
C GLY A 55 -13.66 -2.82 3.68
N TRP A 56 -13.28 -1.96 4.61
CA TRP A 56 -12.07 -1.13 4.52
C TRP A 56 -10.83 -2.01 4.31
N LYS A 57 -10.63 -2.97 5.21
CA LYS A 57 -9.47 -3.86 5.14
C LYS A 57 -9.59 -4.87 3.99
N ASN A 58 -10.80 -5.33 3.70
CA ASN A 58 -10.99 -6.34 2.68
C ASN A 58 -10.70 -5.82 1.29
N SER A 59 -11.12 -4.59 1.00
CA SER A 59 -10.92 -4.04 -0.34
C SER A 59 -9.45 -3.83 -0.67
N ILE A 60 -8.65 -3.46 0.33
CA ILE A 60 -7.21 -3.31 0.13
C ILE A 60 -6.62 -4.68 -0.15
N ARG A 61 -7.01 -5.66 0.64
CA ARG A 61 -6.47 -7.01 0.48
C ARG A 61 -6.84 -7.61 -0.87
N HIS A 62 -8.04 -7.32 -1.34
CA HIS A 62 -8.48 -7.79 -2.66
C HIS A 62 -7.67 -7.10 -3.76
N ASN A 63 -7.51 -5.78 -3.66
CA ASN A 63 -6.77 -5.03 -4.68
C ASN A 63 -5.30 -5.43 -4.74
N LEU A 64 -4.76 -5.86 -3.61
CA LEU A 64 -3.37 -6.33 -3.53
C LEU A 64 -3.17 -7.60 -4.37
N SER A 65 -4.25 -8.31 -4.67
CA SER A 65 -4.19 -9.52 -5.47
C SER A 65 -4.55 -9.28 -6.94
N LEU A 66 -5.14 -8.14 -7.24
CA LEU A 66 -5.56 -7.82 -8.63
C LEU A 66 -4.48 -7.05 -9.37
N HIS A 67 -3.92 -6.05 -8.72
CA HIS A 67 -2.90 -5.22 -9.34
C HIS A 67 -1.58 -5.97 -9.24
N SER A 68 -1.19 -6.60 -10.35
CA SER A 68 -0.02 -7.47 -10.44
C SER A 68 1.32 -6.83 -10.06
N LYS A 69 1.36 -5.51 -9.95
CA LYS A 69 2.58 -4.84 -9.55
C LYS A 69 2.85 -4.99 -8.07
N PHE A 70 1.87 -5.38 -7.27
CA PHE A 70 2.11 -5.58 -5.86
C PHE A 70 2.77 -6.92 -5.65
N ILE A 71 3.86 -6.93 -4.90
CA ILE A 71 4.56 -8.16 -4.59
C ILE A 71 4.62 -8.25 -3.06
N ARG A 72 4.84 -9.45 -2.55
CA ARG A 72 4.80 -9.70 -1.10
C ARG A 72 6.16 -10.15 -0.61
N VAL A 73 6.58 -9.61 0.52
CA VAL A 73 7.89 -9.89 1.11
C VAL A 73 7.71 -10.27 2.58
N GLN A 74 8.53 -11.19 3.04
CA GLN A 74 8.47 -11.64 4.43
C GLN A 74 9.27 -10.68 5.31
N ASN A 75 8.86 -10.60 6.57
CA ASN A 75 9.56 -9.78 7.56
C ASN A 75 10.59 -10.65 8.25
N GLU A 76 11.46 -9.99 8.99
CA GLU A 76 12.54 -10.62 9.74
C GLU A 76 12.06 -11.61 10.81
N GLY A 77 10.78 -11.48 11.18
CA GLY A 77 10.18 -12.40 12.13
C GLY A 77 9.27 -11.69 13.11
N THR A 78 9.74 -10.54 13.58
CA THR A 78 9.03 -9.70 14.54
C THR A 78 7.90 -8.88 13.86
N GLY A 79 7.35 -9.40 12.78
CA GLY A 79 6.30 -8.71 12.05
C GLY A 79 5.24 -9.67 11.58
N LYS A 80 4.09 -9.68 12.27
CA LYS A 80 2.98 -10.57 11.90
C LYS A 80 2.31 -10.11 10.59
N SER A 81 2.55 -8.87 10.22
CA SER A 81 2.05 -8.32 8.97
C SER A 81 3.19 -8.36 7.96
N SER A 82 2.99 -9.04 6.84
CA SER A 82 4.01 -9.15 5.81
C SER A 82 4.23 -7.80 5.13
N TRP A 83 5.36 -7.67 4.45
CA TRP A 83 5.70 -6.45 3.73
C TRP A 83 5.01 -6.57 2.38
N TRP A 84 4.63 -5.43 1.83
CA TRP A 84 4.08 -5.37 0.50
C TRP A 84 4.83 -4.24 -0.18
N MET A 85 5.21 -4.45 -1.42
CA MET A 85 5.93 -3.42 -2.16
C MET A 85 5.60 -3.53 -3.63
N LEU A 86 6.08 -2.59 -4.43
CA LEU A 86 5.83 -2.60 -5.86
C LEU A 86 6.95 -3.41 -6.48
N ASN A 87 6.67 -4.09 -7.58
CA ASN A 87 7.69 -4.86 -8.28
C ASN A 87 8.86 -3.93 -8.67
N PRO A 88 10.10 -4.26 -8.26
CA PRO A 88 11.22 -3.36 -8.55
C PRO A 88 11.67 -3.31 -10.00
N GLU A 89 11.58 -4.45 -10.68
CA GLU A 89 11.94 -4.55 -12.10
C GLU A 89 10.93 -3.75 -12.90
N GLY A 90 9.73 -3.64 -12.34
CA GLY A 90 8.67 -2.88 -12.95
C GLY A 90 8.57 -1.49 -12.33
N GLY A 91 9.68 -1.00 -11.81
CA GLY A 91 9.70 0.28 -11.14
C GLY A 91 11.06 0.96 -11.25
N LYS A 92 11.39 1.80 -10.29
CA LYS A 92 12.67 2.50 -10.28
C LYS A 92 13.05 2.79 -8.84
N SER A 93 14.34 2.82 -8.55
CA SER A 93 14.81 3.09 -7.19
C SER A 93 14.50 4.53 -6.78
N GLY A 94 14.21 4.73 -5.50
CA GLY A 94 13.91 6.06 -5.00
C GLY A 94 13.76 6.10 -3.48
N LYS A 95 14.75 5.60 -2.78
CA LYS A 95 14.69 5.53 -1.32
C LYS A 95 15.15 6.84 -0.70
N SER A 96 14.24 7.47 0.01
CA SER A 96 14.50 8.74 0.69
C SER A 96 14.39 8.61 2.23
N PRO A 97 15.48 8.18 2.90
CA PRO A 97 15.37 8.08 4.35
C PRO A 97 15.37 9.44 5.06
N ARG A 98 14.65 9.54 6.18
CA ARG A 98 14.59 10.78 6.95
C ARG A 98 14.92 10.60 8.42
N ARG A 99 15.91 9.74 8.68
CA ARG A 99 16.49 9.51 10.02
C ARG A 99 15.54 9.16 11.16
N ARG A 100 14.46 8.50 10.83
CA ARG A 100 13.51 8.03 11.86
C ARG A 100 14.18 6.90 12.65
N ALA A 101 13.78 6.74 13.90
CA ALA A 101 14.30 5.69 14.77
C ALA A 101 13.12 5.32 15.66
N ALA A 102 13.25 4.25 16.44
CA ALA A 102 12.20 3.80 17.34
C ALA A 102 12.88 3.11 18.52
N SER A 103 12.13 2.92 19.60
CA SER A 103 12.64 2.25 20.79
C SER A 103 11.43 1.61 21.46
N MET A 104 11.68 0.74 22.43
CA MET A 104 10.62 0.05 23.15
C MET A 104 11.18 -0.24 24.54
N ASP A 105 10.33 -0.22 25.56
CA ASP A 105 10.74 -0.52 26.93
C ASP A 105 10.50 -2.00 27.21
N ASN A 106 11.06 -2.50 28.30
CA ASN A 106 10.91 -3.88 28.70
C ASN A 106 9.45 -4.14 29.07
N ASN A 107 8.99 -5.35 28.81
CA ASN A 107 7.58 -5.70 29.07
C ASN A 107 7.51 -7.06 29.76
N SER A 108 6.55 -7.18 30.67
CA SER A 108 6.32 -8.38 31.50
C SER A 108 7.45 -8.66 32.49
N LYS A 109 7.16 -9.49 33.49
CA LYS A 109 8.15 -9.81 34.53
C LYS A 109 7.90 -11.22 35.05
N PHE A 110 8.77 -12.14 34.68
CA PHE A 110 8.66 -13.52 35.14
C PHE A 110 9.27 -13.61 36.54
N ALA A 111 8.95 -14.67 37.26
CA ALA A 111 9.47 -14.88 38.61
C ALA A 111 9.54 -16.38 38.88
N LYS A 112 10.38 -16.77 39.83
CA LYS A 112 10.49 -18.19 40.21
C LYS A 112 9.46 -18.46 41.31
N SER A 113 8.81 -19.60 41.25
CA SER A 113 7.78 -19.96 42.22
C SER A 113 8.19 -21.16 43.07
N ARG A 114 7.93 -21.09 44.36
CA ARG A 114 8.20 -22.19 45.32
C ARG A 114 9.62 -22.78 45.18
N GLY A 115 10.60 -21.90 45.00
CA GLY A 115 11.98 -22.33 44.83
C GLY A 115 12.54 -23.02 46.06
N ARG A 116 13.54 -23.87 45.86
CA ARG A 116 14.17 -24.63 46.95
C ARG A 116 15.66 -24.65 46.70
N ALA A 117 16.43 -25.03 47.70
CA ALA A 117 17.88 -25.21 47.55
C ALA A 117 18.10 -26.57 46.87
N ALA A 118 18.01 -26.57 45.54
CA ALA A 118 18.17 -27.79 44.76
C ALA A 118 19.64 -28.01 44.40
N LYS A 119 19.88 -28.97 43.52
CA LYS A 119 21.21 -29.29 42.99
C LYS A 119 20.93 -29.51 41.53
N GLY A 1 -4.18 18.69 -15.51
CA GLY A 1 -4.41 17.75 -14.37
C GLY A 1 -5.86 17.71 -14.00
N PRO A 2 -6.23 17.10 -12.86
CA PRO A 2 -7.65 17.12 -12.47
C PRO A 2 -8.05 18.51 -11.97
N LEU A 3 -9.34 18.74 -11.78
CA LEU A 3 -9.82 20.00 -11.25
C LEU A 3 -10.17 19.76 -9.79
N GLY A 4 -9.57 20.55 -8.91
CA GLY A 4 -9.81 20.42 -7.48
C GLY A 4 -8.50 20.45 -6.73
N SER A 5 -8.56 20.33 -5.41
CA SER A 5 -7.37 20.36 -4.57
C SER A 5 -6.99 18.96 -4.11
N ALA A 6 -7.11 17.99 -5.01
CA ALA A 6 -6.83 16.60 -4.70
C ALA A 6 -6.42 15.88 -5.98
N TRP A 7 -5.95 14.65 -5.84
CA TRP A 7 -5.50 13.85 -6.98
C TRP A 7 -6.58 13.45 -7.99
N GLY A 8 -7.84 13.71 -7.66
CA GLY A 8 -8.92 13.38 -8.58
C GLY A 8 -9.40 11.93 -8.49
N ASN A 9 -9.79 11.51 -7.30
CA ASN A 9 -10.30 10.15 -7.03
C ASN A 9 -9.38 8.98 -7.42
N LEU A 10 -8.34 8.77 -6.62
CA LEU A 10 -7.44 7.63 -6.85
C LEU A 10 -8.14 6.35 -6.42
N SER A 11 -7.92 5.28 -7.17
CA SER A 11 -8.54 3.98 -6.87
C SER A 11 -7.80 3.30 -5.74
N TYR A 12 -8.36 2.21 -5.22
CA TYR A 12 -7.71 1.47 -4.13
C TYR A 12 -6.28 1.10 -4.48
N ALA A 13 -6.06 0.54 -5.67
CA ALA A 13 -4.72 0.14 -6.09
C ALA A 13 -3.77 1.35 -6.11
N ASP A 14 -4.24 2.48 -6.59
CA ASP A 14 -3.41 3.68 -6.66
C ASP A 14 -3.04 4.17 -5.27
N LEU A 15 -3.97 4.10 -4.34
CA LEU A 15 -3.73 4.56 -2.97
C LEU A 15 -2.77 3.63 -2.25
N ILE A 16 -2.91 2.33 -2.46
CA ILE A 16 -2.00 1.36 -1.86
C ILE A 16 -0.60 1.64 -2.40
N THR A 17 -0.53 1.83 -3.71
CA THR A 17 0.74 2.15 -4.36
C THR A 17 1.33 3.43 -3.80
N LYS A 18 0.52 4.47 -3.67
CA LYS A 18 0.99 5.76 -3.16
C LYS A 18 1.57 5.63 -1.76
N ALA A 19 1.02 4.76 -0.94
CA ALA A 19 1.54 4.53 0.39
C ALA A 19 2.96 3.96 0.30
N ILE A 20 3.12 2.98 -0.58
CA ILE A 20 4.41 2.31 -0.74
C ILE A 20 5.42 3.31 -1.31
N GLU A 21 4.98 4.14 -2.24
CA GLU A 21 5.85 5.16 -2.85
C GLU A 21 6.27 6.21 -1.82
N SER A 22 5.45 6.40 -0.79
CA SER A 22 5.73 7.40 0.25
C SER A 22 6.78 6.88 1.22
N SER A 23 6.86 5.57 1.37
CA SER A 23 7.86 4.99 2.26
C SER A 23 9.23 5.15 1.61
N ALA A 24 10.26 5.39 2.41
CA ALA A 24 11.61 5.54 1.86
C ALA A 24 12.09 4.18 1.33
N GLU A 25 11.73 3.14 2.06
CA GLU A 25 12.13 1.77 1.75
C GLU A 25 11.38 1.15 0.57
N LYS A 26 10.37 1.86 0.08
CA LYS A 26 9.50 1.38 -0.99
C LYS A 26 8.83 0.04 -0.66
N ARG A 27 8.54 -0.17 0.62
CA ARG A 27 7.87 -1.39 1.10
C ARG A 27 7.12 -1.05 2.38
N LEU A 28 5.91 -1.55 2.53
CA LEU A 28 5.11 -1.29 3.73
C LEU A 28 4.34 -2.55 4.13
N THR A 29 3.98 -2.66 5.40
CA THR A 29 3.14 -3.76 5.87
C THR A 29 1.70 -3.31 5.72
N LEU A 30 0.75 -4.23 5.84
CA LEU A 30 -0.66 -3.88 5.72
C LEU A 30 -1.06 -2.79 6.71
N SER A 31 -0.56 -2.88 7.94
CA SER A 31 -0.88 -1.91 8.97
C SER A 31 -0.43 -0.49 8.61
N GLN A 32 0.73 -0.39 7.99
CA GLN A 32 1.28 0.90 7.59
C GLN A 32 0.44 1.53 6.47
N ILE A 33 -0.01 0.69 5.55
CA ILE A 33 -0.83 1.15 4.43
C ILE A 33 -2.15 1.68 4.99
N TYR A 34 -2.69 1.03 6.01
CA TYR A 34 -3.94 1.50 6.62
C TYR A 34 -3.76 2.91 7.17
N GLU A 35 -2.73 3.11 7.99
CA GLU A 35 -2.50 4.42 8.62
C GLU A 35 -2.24 5.50 7.58
N TRP A 36 -1.55 5.14 6.51
CA TRP A 36 -1.27 6.10 5.45
C TRP A 36 -2.59 6.57 4.83
N MET A 37 -3.53 5.66 4.62
CA MET A 37 -4.82 6.03 4.04
C MET A 37 -5.67 6.84 5.01
N VAL A 38 -5.61 6.52 6.30
CA VAL A 38 -6.36 7.27 7.32
C VAL A 38 -5.90 8.73 7.31
N LYS A 39 -4.59 8.94 7.17
CA LYS A 39 -4.04 10.30 7.17
C LYS A 39 -4.19 11.05 5.85
N SER A 40 -4.06 10.36 4.73
CA SER A 40 -4.07 11.02 3.42
C SER A 40 -5.41 11.10 2.69
N VAL A 41 -6.41 10.34 3.15
CA VAL A 41 -7.71 10.34 2.48
C VAL A 41 -8.84 10.64 3.48
N PRO A 42 -9.58 11.75 3.29
CA PRO A 42 -10.66 12.05 4.23
C PRO A 42 -11.72 10.93 4.32
N TYR A 43 -11.93 10.23 3.22
CA TYR A 43 -12.88 9.12 3.18
C TYR A 43 -12.52 8.07 4.22
N PHE A 44 -11.25 7.70 4.27
CA PHE A 44 -10.81 6.65 5.18
C PHE A 44 -10.71 7.13 6.61
N LYS A 45 -10.50 8.43 6.79
CA LYS A 45 -10.52 9.00 8.14
C LYS A 45 -11.93 8.87 8.71
N ASP A 46 -12.91 9.16 7.86
CA ASP A 46 -14.33 9.08 8.23
C ASP A 46 -14.76 7.63 8.45
N LYS A 47 -14.16 6.72 7.69
CA LYS A 47 -14.53 5.30 7.73
C LYS A 47 -13.63 4.52 8.69
N GLY A 48 -13.10 5.19 9.69
CA GLY A 48 -12.24 4.54 10.68
C GLY A 48 -13.01 3.77 11.75
N ASP A 49 -14.32 3.61 11.56
CA ASP A 49 -15.17 2.91 12.54
C ASP A 49 -14.79 1.44 12.70
N SER A 50 -15.05 0.91 13.89
CA SER A 50 -14.71 -0.46 14.25
C SER A 50 -15.34 -1.50 13.31
N ASN A 51 -16.59 -1.29 12.90
CA ASN A 51 -17.24 -2.24 12.01
C ASN A 51 -16.69 -2.12 10.59
N SER A 52 -16.26 -0.91 10.23
CA SER A 52 -15.74 -0.63 8.90
C SER A 52 -14.39 -1.29 8.71
N SER A 53 -13.74 -1.62 9.82
CA SER A 53 -12.46 -2.32 9.81
C SER A 53 -12.56 -3.62 9.01
N ALA A 54 -13.73 -4.25 9.01
CA ALA A 54 -13.94 -5.48 8.26
C ALA A 54 -13.70 -5.28 6.75
N GLY A 55 -14.32 -4.25 6.19
CA GLY A 55 -14.19 -3.99 4.75
C GLY A 55 -12.88 -3.32 4.40
N TRP A 56 -12.33 -2.59 5.36
CA TRP A 56 -11.07 -1.87 5.20
C TRP A 56 -9.95 -2.79 4.74
N LYS A 57 -9.70 -3.82 5.54
CA LYS A 57 -8.61 -4.73 5.25
C LYS A 57 -8.92 -5.62 4.06
N ASN A 58 -10.18 -6.01 3.91
CA ASN A 58 -10.53 -6.90 2.81
C ASN A 58 -10.33 -6.25 1.45
N SER A 59 -10.72 -4.99 1.31
CA SER A 59 -10.61 -4.31 0.02
C SER A 59 -9.16 -4.09 -0.40
N ILE A 60 -8.32 -3.71 0.56
CA ILE A 60 -6.90 -3.50 0.27
C ILE A 60 -6.27 -4.85 -0.08
N ARG A 61 -6.57 -5.87 0.70
CA ARG A 61 -6.02 -7.20 0.48
C ARG A 61 -6.43 -7.75 -0.88
N HIS A 62 -7.68 -7.51 -1.29
CA HIS A 62 -8.15 -7.97 -2.59
C HIS A 62 -7.31 -7.36 -3.71
N ASN A 63 -7.08 -6.05 -3.64
CA ASN A 63 -6.30 -5.36 -4.66
C ASN A 63 -4.85 -5.82 -4.67
N LEU A 64 -4.29 -6.10 -3.49
CA LEU A 64 -2.92 -6.59 -3.39
C LEU A 64 -2.79 -7.97 -4.00
N SER A 65 -3.80 -8.81 -3.81
CA SER A 65 -3.79 -10.20 -4.29
C SER A 65 -3.81 -10.31 -5.81
N LEU A 66 -4.15 -9.23 -6.50
CA LEU A 66 -4.15 -9.23 -7.97
C LEU A 66 -2.72 -9.37 -8.46
N HIS A 67 -1.78 -8.89 -7.65
CA HIS A 67 -0.32 -8.99 -7.89
C HIS A 67 0.21 -8.47 -9.23
N SER A 68 -0.61 -7.81 -10.02
CA SER A 68 -0.16 -7.29 -11.32
C SER A 68 0.95 -6.26 -11.16
N LYS A 69 0.80 -5.38 -10.18
CA LYS A 69 1.86 -4.40 -9.86
C LYS A 69 2.47 -4.59 -8.48
N PHE A 70 1.81 -5.35 -7.62
CA PHE A 70 2.26 -5.56 -6.24
C PHE A 70 2.96 -6.89 -6.08
N ILE A 71 4.03 -6.92 -5.29
CA ILE A 71 4.73 -8.16 -5.00
C ILE A 71 4.77 -8.30 -3.48
N ARG A 72 5.04 -9.50 -2.99
CA ARG A 72 5.03 -9.79 -1.56
C ARG A 72 6.42 -10.24 -1.17
N VAL A 73 6.93 -9.67 -0.09
CA VAL A 73 8.28 -9.93 0.40
C VAL A 73 8.16 -10.39 1.85
N GLN A 74 9.02 -11.31 2.24
CA GLN A 74 9.00 -11.85 3.61
C GLN A 74 9.43 -10.73 4.58
N ASN A 75 8.94 -10.78 5.81
CA ASN A 75 9.28 -9.77 6.80
C ASN A 75 10.49 -10.23 7.59
N GLU A 76 11.04 -9.39 8.44
CA GLU A 76 12.24 -9.73 9.22
C GLU A 76 11.99 -10.94 10.12
N GLY A 77 10.79 -11.00 10.68
CA GLY A 77 10.41 -12.12 11.53
C GLY A 77 9.67 -13.19 10.77
N THR A 78 9.61 -13.02 9.45
CA THR A 78 8.91 -13.90 8.48
C THR A 78 7.60 -14.57 8.98
N GLY A 79 6.83 -13.83 9.77
CA GLY A 79 5.61 -14.38 10.36
C GLY A 79 4.34 -14.04 9.63
N LYS A 80 3.33 -13.74 10.44
CA LYS A 80 1.97 -13.47 9.95
C LYS A 80 1.88 -12.18 9.13
N SER A 81 2.80 -11.26 9.36
CA SER A 81 2.85 -10.01 8.62
C SER A 81 3.92 -10.13 7.54
N SER A 82 3.67 -9.56 6.38
CA SER A 82 4.61 -9.59 5.27
C SER A 82 4.78 -8.18 4.75
N TRP A 83 5.82 -7.96 3.98
CA TRP A 83 6.08 -6.69 3.35
C TRP A 83 5.33 -6.72 2.03
N TRP A 84 4.83 -5.58 1.61
CA TRP A 84 4.17 -5.44 0.33
C TRP A 84 4.86 -4.29 -0.35
N MET A 85 5.24 -4.48 -1.60
CA MET A 85 5.94 -3.44 -2.34
C MET A 85 5.55 -3.53 -3.80
N LEU A 86 6.05 -2.60 -4.59
CA LEU A 86 5.73 -2.56 -6.02
C LEU A 86 6.75 -3.41 -6.76
N ASN A 87 6.34 -4.03 -7.85
CA ASN A 87 7.28 -4.75 -8.70
C ASN A 87 8.22 -3.68 -9.27
N PRO A 88 9.55 -3.83 -9.08
CA PRO A 88 10.46 -2.77 -9.55
C PRO A 88 10.63 -2.68 -11.07
N GLU A 89 10.62 -3.82 -11.73
CA GLU A 89 10.79 -3.88 -13.18
C GLU A 89 9.48 -3.49 -13.86
N GLY A 90 8.41 -3.59 -13.10
CA GLY A 90 7.08 -3.32 -13.63
C GLY A 90 6.71 -1.85 -13.78
N GLY A 91 6.70 -1.36 -15.01
CA GLY A 91 6.28 0.01 -15.24
C GLY A 91 4.78 0.16 -14.98
N LYS A 92 4.28 1.40 -15.00
CA LYS A 92 2.86 1.66 -14.74
C LYS A 92 1.99 0.93 -15.77
N SER A 93 2.47 0.90 -17.02
CA SER A 93 1.84 0.18 -18.13
C SER A 93 0.41 0.66 -18.48
N GLY A 94 -0.20 -0.03 -19.44
CA GLY A 94 -1.57 0.26 -19.86
C GLY A 94 -2.44 -0.97 -19.76
N LYS A 95 -2.02 -2.04 -20.43
CA LYS A 95 -2.70 -3.35 -20.37
C LYS A 95 -4.22 -3.28 -20.59
N SER A 96 -4.61 -2.66 -21.69
CA SER A 96 -6.04 -2.49 -22.07
C SER A 96 -6.89 -1.81 -20.98
N PRO A 97 -6.64 -0.51 -20.74
CA PRO A 97 -7.42 0.15 -19.69
C PRO A 97 -8.88 0.39 -20.07
N ARG A 98 -9.72 0.56 -19.06
CA ARG A 98 -11.15 0.81 -19.28
C ARG A 98 -11.38 2.18 -19.87
N ARG A 99 -12.39 2.31 -20.71
CA ARG A 99 -12.77 3.61 -21.28
C ARG A 99 -13.53 4.36 -20.19
N ARG A 100 -13.75 5.64 -20.38
CA ARG A 100 -14.47 6.45 -19.39
C ARG A 100 -15.96 6.07 -19.41
N ALA A 101 -16.42 5.50 -18.31
CA ALA A 101 -17.81 5.12 -18.14
C ALA A 101 -18.01 5.05 -16.63
N ALA A 102 -19.26 4.99 -16.17
CA ALA A 102 -19.54 4.87 -14.74
C ALA A 102 -19.11 3.46 -14.30
N SER A 103 -18.56 3.35 -13.09
CA SER A 103 -18.14 2.06 -12.55
C SER A 103 -18.60 1.92 -11.11
N MET A 104 -19.56 2.73 -10.74
CA MET A 104 -20.11 2.78 -9.37
C MET A 104 -21.48 3.44 -9.47
N ASP A 105 -22.26 2.96 -10.44
CA ASP A 105 -23.59 3.51 -10.68
C ASP A 105 -24.55 3.10 -9.57
N ASN A 106 -25.66 3.80 -9.45
CA ASN A 106 -26.63 3.55 -8.39
C ASN A 106 -27.34 2.21 -8.57
N ASN A 107 -27.41 1.45 -7.50
CA ASN A 107 -28.15 0.20 -7.50
C ASN A 107 -28.79 0.05 -6.13
N SER A 108 -29.79 -0.81 -6.02
CA SER A 108 -30.45 -1.05 -4.74
C SER A 108 -30.66 -2.55 -4.59
N LYS A 109 -30.47 -3.05 -3.37
CA LYS A 109 -30.65 -4.48 -3.08
C LYS A 109 -31.11 -4.64 -1.64
N PHE A 110 -32.41 -4.54 -1.43
CA PHE A 110 -33.00 -4.65 -0.11
C PHE A 110 -34.34 -5.36 -0.24
N ALA A 111 -34.74 -6.08 0.80
CA ALA A 111 -36.01 -6.78 0.82
C ALA A 111 -36.45 -6.80 2.28
N LYS A 112 -37.72 -7.06 2.53
CA LYS A 112 -38.27 -7.10 3.88
C LYS A 112 -39.41 -8.09 3.90
N SER A 113 -39.69 -8.65 5.07
CA SER A 113 -40.79 -9.59 5.24
C SER A 113 -41.20 -9.52 6.70
N ARG A 114 -42.49 -9.76 6.98
CA ARG A 114 -43.01 -9.74 8.35
C ARG A 114 -44.36 -10.44 8.29
N GLY A 115 -44.75 -11.08 9.38
CA GLY A 115 -46.04 -11.74 9.44
C GLY A 115 -46.25 -12.13 10.89
N ARG A 116 -47.33 -12.85 11.19
CA ARG A 116 -47.61 -13.32 12.54
C ARG A 116 -48.38 -14.62 12.39
N ALA A 117 -48.49 -15.37 13.47
CA ALA A 117 -49.18 -16.65 13.49
C ALA A 117 -49.77 -16.75 14.88
N ALA A 118 -50.57 -17.79 15.10
CA ALA A 118 -51.27 -18.02 16.39
C ALA A 118 -52.21 -16.85 16.73
N LYS A 119 -52.82 -16.29 15.68
CA LYS A 119 -53.80 -15.18 15.75
C LYS A 119 -53.18 -13.88 16.28
N GLY A 1 -8.94 26.12 -10.90
CA GLY A 1 -9.95 26.86 -10.11
C GLY A 1 -9.95 26.39 -8.68
N PRO A 2 -10.73 27.03 -7.79
CA PRO A 2 -10.79 26.63 -6.38
C PRO A 2 -11.63 25.37 -6.17
N LEU A 3 -11.67 24.92 -4.91
CA LEU A 3 -12.44 23.76 -4.44
C LEU A 3 -11.94 22.40 -4.95
N GLY A 4 -11.54 21.57 -4.00
CA GLY A 4 -11.01 20.25 -4.33
C GLY A 4 -9.58 20.34 -4.81
N SER A 5 -9.42 20.70 -6.07
CA SER A 5 -8.11 20.88 -6.72
C SER A 5 -7.15 19.70 -6.50
N ALA A 6 -7.70 18.50 -6.43
CA ALA A 6 -6.91 17.31 -6.12
C ALA A 6 -7.26 16.14 -7.04
N TRP A 7 -7.04 14.93 -6.55
CA TRP A 7 -7.28 13.72 -7.32
C TRP A 7 -8.75 13.48 -7.60
N GLY A 8 -9.02 12.93 -8.78
CA GLY A 8 -10.37 12.59 -9.18
C GLY A 8 -10.76 11.22 -8.66
N ASN A 9 -10.89 11.10 -7.34
CA ASN A 9 -11.27 9.84 -6.65
C ASN A 9 -10.43 8.63 -7.07
N LEU A 10 -9.19 8.59 -6.58
CA LEU A 10 -8.28 7.48 -6.88
C LEU A 10 -8.82 6.15 -6.36
N SER A 11 -8.64 5.12 -7.16
CA SER A 11 -9.06 3.77 -6.81
C SER A 11 -8.07 3.17 -5.82
N TYR A 12 -8.47 2.09 -5.16
CA TYR A 12 -7.64 1.42 -4.16
C TYR A 12 -6.21 1.17 -4.60
N ALA A 13 -6.03 0.62 -5.79
CA ALA A 13 -4.69 0.29 -6.28
C ALA A 13 -3.74 1.49 -6.29
N ASP A 14 -4.24 2.67 -6.67
CA ASP A 14 -3.38 3.86 -6.72
C ASP A 14 -3.00 4.31 -5.31
N LEU A 15 -3.95 4.21 -4.39
CA LEU A 15 -3.72 4.63 -3.01
C LEU A 15 -2.77 3.68 -2.29
N ILE A 16 -2.92 2.37 -2.51
CA ILE A 16 -2.04 1.38 -1.92
C ILE A 16 -0.64 1.64 -2.45
N THR A 17 -0.56 1.85 -3.75
CA THR A 17 0.72 2.15 -4.40
C THR A 17 1.35 3.40 -3.79
N LYS A 18 0.58 4.48 -3.67
CA LYS A 18 1.12 5.72 -3.12
C LYS A 18 1.65 5.59 -1.73
N ALA A 19 1.05 4.74 -0.91
CA ALA A 19 1.56 4.51 0.43
C ALA A 19 2.98 3.93 0.34
N ILE A 20 3.16 2.99 -0.57
CA ILE A 20 4.45 2.33 -0.75
C ILE A 20 5.46 3.32 -1.32
N GLU A 21 5.05 4.13 -2.28
CA GLU A 21 5.95 5.13 -2.89
C GLU A 21 6.36 6.18 -1.87
N SER A 22 5.49 6.40 -0.91
CA SER A 22 5.70 7.42 0.13
C SER A 22 6.68 6.92 1.18
N SER A 23 6.78 5.61 1.34
CA SER A 23 7.72 5.05 2.29
C SER A 23 9.14 5.23 1.77
N ALA A 24 10.10 5.41 2.66
CA ALA A 24 11.49 5.56 2.24
C ALA A 24 12.01 4.22 1.71
N GLU A 25 11.60 3.15 2.36
CA GLU A 25 12.04 1.79 2.02
C GLU A 25 11.36 1.19 0.80
N LYS A 26 10.39 1.92 0.24
CA LYS A 26 9.59 1.47 -0.92
C LYS A 26 8.90 0.15 -0.67
N ARG A 27 8.51 -0.09 0.59
CA ARG A 27 7.80 -1.30 1.00
C ARG A 27 7.06 -0.92 2.27
N LEU A 28 5.88 -1.49 2.48
CA LEU A 28 5.10 -1.24 3.71
C LEU A 28 4.36 -2.50 4.13
N THR A 29 4.08 -2.63 5.41
CA THR A 29 3.26 -3.74 5.91
C THR A 29 1.81 -3.32 5.79
N LEU A 30 0.88 -4.27 5.96
CA LEU A 30 -0.54 -3.96 5.84
C LEU A 30 -1.01 -2.85 6.77
N SER A 31 -0.55 -2.86 8.01
CA SER A 31 -0.98 -1.86 8.99
C SER A 31 -0.57 -0.47 8.53
N GLN A 32 0.67 -0.36 8.05
CA GLN A 32 1.20 0.92 7.61
C GLN A 32 0.42 1.49 6.44
N ILE A 33 -0.02 0.64 5.52
CA ILE A 33 -0.81 1.09 4.38
C ILE A 33 -2.15 1.61 4.89
N TYR A 34 -2.74 0.95 5.89
CA TYR A 34 -4.00 1.43 6.45
C TYR A 34 -3.80 2.79 7.10
N GLU A 35 -2.75 2.90 7.91
CA GLU A 35 -2.45 4.14 8.63
C GLU A 35 -2.18 5.29 7.65
N TRP A 36 -1.51 4.99 6.55
CA TRP A 36 -1.23 6.00 5.53
C TRP A 36 -2.54 6.51 4.95
N MET A 37 -3.47 5.62 4.66
CA MET A 37 -4.74 6.05 4.07
C MET A 37 -5.59 6.87 5.05
N VAL A 38 -5.48 6.59 6.34
CA VAL A 38 -6.22 7.39 7.35
C VAL A 38 -5.69 8.83 7.35
N LYS A 39 -4.38 8.98 7.18
CA LYS A 39 -3.78 10.31 7.15
C LYS A 39 -3.98 11.02 5.80
N SER A 40 -3.79 10.28 4.73
CA SER A 40 -3.82 10.83 3.37
C SER A 40 -5.21 11.05 2.78
N VAL A 41 -6.17 10.19 3.12
CA VAL A 41 -7.51 10.28 2.52
C VAL A 41 -8.58 10.49 3.58
N PRO A 42 -9.33 11.62 3.51
CA PRO A 42 -10.34 11.83 4.56
C PRO A 42 -11.49 10.84 4.48
N TYR A 43 -11.71 10.25 3.31
CA TYR A 43 -12.74 9.22 3.15
C TYR A 43 -12.41 8.03 4.05
N PHE A 44 -11.17 7.57 4.01
CA PHE A 44 -10.77 6.42 4.80
C PHE A 44 -10.71 6.74 6.28
N LYS A 45 -10.46 8.00 6.60
CA LYS A 45 -10.50 8.45 7.98
C LYS A 45 -11.91 8.29 8.53
N ASP A 46 -12.92 8.66 7.73
CA ASP A 46 -14.33 8.48 8.12
C ASP A 46 -14.68 7.01 8.27
N LYS A 47 -14.07 6.16 7.45
CA LYS A 47 -14.38 4.72 7.50
C LYS A 47 -13.70 4.03 8.67
N GLY A 48 -13.06 4.77 9.57
CA GLY A 48 -12.35 4.18 10.70
C GLY A 48 -13.21 3.65 11.83
N ASP A 49 -14.47 3.34 11.55
CA ASP A 49 -15.38 2.80 12.56
C ASP A 49 -15.10 1.30 12.80
N SER A 50 -15.47 0.83 13.98
CA SER A 50 -15.24 -0.55 14.42
C SER A 50 -15.72 -1.61 13.42
N ASN A 51 -16.99 -1.57 13.03
CA ASN A 51 -17.52 -2.56 12.10
C ASN A 51 -17.01 -2.33 10.68
N SER A 52 -16.76 -1.07 10.36
CA SER A 52 -16.28 -0.71 9.01
C SER A 52 -14.89 -1.26 8.74
N SER A 53 -14.14 -1.58 9.80
CA SER A 53 -12.80 -2.16 9.68
C SER A 53 -12.80 -3.43 8.83
N ALA A 54 -13.91 -4.15 8.82
CA ALA A 54 -14.04 -5.38 8.05
C ALA A 54 -13.82 -5.13 6.54
N GLY A 55 -14.50 -4.12 6.00
CA GLY A 55 -14.39 -3.84 4.57
C GLY A 55 -13.09 -3.12 4.25
N TRP A 56 -12.62 -2.37 5.24
CA TRP A 56 -11.38 -1.60 5.14
C TRP A 56 -10.21 -2.52 4.78
N LYS A 57 -9.99 -3.54 5.60
CA LYS A 57 -8.89 -4.47 5.39
C LYS A 57 -9.13 -5.42 4.22
N ASN A 58 -10.38 -5.80 3.99
CA ASN A 58 -10.70 -6.74 2.92
C ASN A 58 -10.39 -6.18 1.55
N SER A 59 -10.86 -4.97 1.27
CA SER A 59 -10.69 -4.38 -0.07
C SER A 59 -9.24 -4.19 -0.47
N ILE A 60 -8.40 -3.80 0.48
CA ILE A 60 -6.97 -3.63 0.20
C ILE A 60 -6.35 -5.00 -0.02
N ARG A 61 -6.71 -5.97 0.80
CA ARG A 61 -6.17 -7.32 0.66
C ARG A 61 -6.56 -7.93 -0.68
N HIS A 62 -7.78 -7.66 -1.13
CA HIS A 62 -8.24 -8.10 -2.45
C HIS A 62 -7.37 -7.51 -3.56
N ASN A 63 -7.11 -6.21 -3.48
CA ASN A 63 -6.30 -5.53 -4.51
C ASN A 63 -4.88 -6.08 -4.54
N LEU A 64 -4.33 -6.41 -3.38
CA LEU A 64 -2.99 -6.98 -3.31
C LEU A 64 -2.96 -8.40 -3.88
N SER A 65 -4.07 -9.12 -3.74
CA SER A 65 -4.17 -10.50 -4.22
C SER A 65 -4.14 -10.60 -5.75
N LEU A 66 -4.38 -9.48 -6.41
CA LEU A 66 -4.33 -9.43 -7.88
C LEU A 66 -2.90 -9.62 -8.36
N HIS A 67 -1.94 -9.37 -7.47
CA HIS A 67 -0.48 -9.54 -7.63
C HIS A 67 0.24 -9.13 -8.94
N SER A 68 -0.46 -8.55 -9.90
CA SER A 68 0.15 -8.15 -11.17
C SER A 68 1.20 -7.06 -10.98
N LYS A 69 0.90 -6.10 -10.10
CA LYS A 69 1.87 -5.04 -9.78
C LYS A 69 2.35 -5.02 -8.34
N PHE A 70 1.67 -5.72 -7.46
CA PHE A 70 2.04 -5.74 -6.06
C PHE A 70 2.74 -7.05 -5.78
N ILE A 71 3.90 -6.99 -5.13
CA ILE A 71 4.66 -8.19 -4.79
C ILE A 71 4.79 -8.21 -3.28
N ARG A 72 5.15 -9.38 -2.73
CA ARG A 72 5.23 -9.57 -1.29
C ARG A 72 6.62 -10.01 -0.89
N VAL A 73 7.23 -9.32 0.06
CA VAL A 73 8.56 -9.67 0.54
C VAL A 73 8.41 -10.28 1.93
N GLN A 74 9.24 -11.26 2.22
CA GLN A 74 9.26 -11.84 3.54
C GLN A 74 9.87 -10.78 4.47
N ASN A 75 9.63 -10.91 5.76
CA ASN A 75 10.14 -9.97 6.75
C ASN A 75 11.26 -10.67 7.53
N GLU A 76 11.75 -10.04 8.57
CA GLU A 76 12.83 -10.60 9.42
C GLU A 76 12.50 -12.01 9.91
N GLY A 77 11.21 -12.28 10.14
CA GLY A 77 10.80 -13.60 10.52
C GLY A 77 9.30 -13.63 10.65
N THR A 78 8.85 -13.90 11.87
CA THR A 78 7.45 -14.09 12.20
C THR A 78 6.93 -12.95 13.09
N GLY A 79 7.58 -11.79 12.97
CA GLY A 79 7.25 -10.65 13.82
C GLY A 79 5.81 -10.18 13.82
N LYS A 80 5.33 -9.59 12.72
CA LYS A 80 3.94 -9.08 12.67
C LYS A 80 3.23 -9.22 11.32
N SER A 81 3.88 -8.84 10.24
CA SER A 81 3.25 -8.90 8.91
C SER A 81 4.31 -8.94 7.83
N SER A 82 3.94 -9.37 6.63
CA SER A 82 4.86 -9.40 5.50
C SER A 82 4.89 -8.01 4.86
N TRP A 83 5.93 -7.75 4.08
CA TRP A 83 6.03 -6.50 3.35
C TRP A 83 5.26 -6.61 2.07
N TRP A 84 4.70 -5.49 1.63
CA TRP A 84 4.04 -5.42 0.35
C TRP A 84 4.70 -4.24 -0.35
N MET A 85 5.06 -4.42 -1.60
CA MET A 85 5.73 -3.38 -2.36
C MET A 85 5.36 -3.50 -3.82
N LEU A 86 5.87 -2.59 -4.64
CA LEU A 86 5.56 -2.59 -6.05
C LEU A 86 6.58 -3.45 -6.77
N ASN A 87 6.17 -4.08 -7.85
CA ASN A 87 7.12 -4.80 -8.68
C ASN A 87 8.05 -3.74 -9.28
N PRO A 88 9.38 -3.87 -9.11
CA PRO A 88 10.33 -2.88 -9.65
C PRO A 88 10.19 -2.63 -11.14
N GLU A 89 9.84 -3.68 -11.88
CA GLU A 89 9.69 -3.62 -13.35
C GLU A 89 8.50 -2.76 -13.78
N GLY A 90 7.77 -2.20 -12.83
CA GLY A 90 6.58 -1.44 -13.13
C GLY A 90 6.76 -0.13 -13.87
N GLY A 91 7.94 0.50 -13.78
CA GLY A 91 8.24 1.75 -14.48
C GLY A 91 7.13 2.77 -14.70
N LYS A 92 6.33 3.08 -13.67
CA LYS A 92 5.20 4.01 -13.87
C LYS A 92 5.63 5.47 -13.75
N SER A 93 5.48 6.20 -14.84
CA SER A 93 5.80 7.64 -14.88
C SER A 93 4.71 8.51 -14.21
N GLY A 94 3.73 7.87 -13.60
CA GLY A 94 2.66 8.57 -12.87
C GLY A 94 1.70 9.44 -13.66
N LYS A 95 1.79 9.44 -14.99
CA LYS A 95 0.96 10.30 -15.83
C LYS A 95 -0.46 9.76 -16.08
N SER A 96 -1.13 9.35 -15.02
CA SER A 96 -2.49 8.81 -15.13
C SER A 96 -3.50 9.94 -15.46
N PRO A 97 -4.51 9.66 -16.30
CA PRO A 97 -5.49 10.70 -16.61
C PRO A 97 -6.43 10.98 -15.43
N ARG A 98 -7.16 12.09 -15.51
CA ARG A 98 -8.07 12.51 -14.43
C ARG A 98 -9.47 12.64 -14.98
N ARG A 99 -10.47 12.45 -14.12
CA ARG A 99 -11.88 12.55 -14.51
C ARG A 99 -12.60 13.39 -13.47
N ARG A 100 -13.63 14.10 -13.87
CA ARG A 100 -14.42 14.93 -12.95
C ARG A 100 -15.54 14.05 -12.40
N ALA A 101 -15.89 14.25 -11.13
CA ALA A 101 -16.98 13.53 -10.49
C ALA A 101 -17.58 14.52 -9.48
N ALA A 102 -18.85 14.35 -9.17
CA ALA A 102 -19.55 15.21 -8.21
C ALA A 102 -20.75 14.40 -7.71
N SER A 103 -21.31 14.78 -6.57
CA SER A 103 -22.49 14.11 -6.00
C SER A 103 -23.27 15.14 -5.21
N MET A 104 -24.56 14.90 -5.05
CA MET A 104 -25.47 15.80 -4.34
C MET A 104 -26.67 14.94 -3.97
N ASP A 105 -27.74 15.57 -3.49
CA ASP A 105 -29.00 14.88 -3.13
C ASP A 105 -28.76 13.78 -2.08
N ASN A 106 -27.95 14.13 -1.09
CA ASN A 106 -27.63 13.20 0.00
C ASN A 106 -28.84 13.04 0.91
N ASN A 107 -29.45 11.86 0.87
CA ASN A 107 -30.60 11.55 1.69
C ASN A 107 -30.22 11.55 3.17
N SER A 108 -31.18 11.85 4.04
CA SER A 108 -30.96 11.93 5.48
C SER A 108 -30.38 10.63 6.05
N LYS A 109 -29.47 10.79 7.00
CA LYS A 109 -28.81 9.65 7.65
C LYS A 109 -29.72 9.03 8.71
N PHE A 110 -30.73 8.30 8.25
CA PHE A 110 -31.67 7.63 9.15
C PHE A 110 -31.02 6.39 9.77
N ALA A 111 -31.57 5.95 10.90
CA ALA A 111 -31.04 4.79 11.60
C ALA A 111 -31.56 3.49 10.99
N LYS A 112 -30.67 2.48 10.95
CA LYS A 112 -30.94 1.13 10.42
C LYS A 112 -31.68 1.12 9.07
N SER A 113 -32.51 0.11 8.84
CA SER A 113 -33.26 -0.02 7.60
C SER A 113 -34.70 -0.39 7.95
N ARG A 114 -35.59 -0.29 6.98
CA ARG A 114 -37.02 -0.60 7.19
C ARG A 114 -37.28 -2.03 6.77
N GLY A 115 -38.19 -2.69 7.46
CA GLY A 115 -38.55 -4.06 7.16
C GLY A 115 -39.61 -4.47 8.16
N ARG A 116 -40.04 -5.72 8.15
CA ARG A 116 -41.04 -6.20 9.11
C ARG A 116 -40.63 -7.60 9.53
N ALA A 117 -41.17 -8.08 10.64
CA ALA A 117 -40.85 -9.41 11.13
C ALA A 117 -41.52 -10.46 10.24
N ALA A 118 -41.06 -11.70 10.38
CA ALA A 118 -41.59 -12.83 9.64
C ALA A 118 -41.84 -13.93 10.68
N LYS A 119 -42.54 -14.97 10.29
CA LYS A 119 -42.88 -16.08 11.17
C LYS A 119 -42.97 -17.27 10.24
N GLY A 1 3.27 20.77 6.94
CA GLY A 1 3.89 20.09 5.79
C GLY A 1 3.51 20.75 4.49
N PRO A 2 3.96 20.25 3.33
CA PRO A 2 3.57 20.88 2.07
C PRO A 2 2.11 20.60 1.70
N LEU A 3 1.57 21.39 0.79
CA LEU A 3 0.21 21.21 0.30
C LEU A 3 0.24 21.49 -1.19
N GLY A 4 -0.71 20.92 -1.91
CA GLY A 4 -0.79 21.09 -3.35
C GLY A 4 -2.18 20.65 -3.79
N SER A 5 -2.39 20.52 -5.09
CA SER A 5 -3.70 20.11 -5.61
C SER A 5 -4.02 18.68 -5.25
N ALA A 6 -5.31 18.40 -5.05
CA ALA A 6 -5.77 17.05 -4.75
C ALA A 6 -5.98 16.29 -6.06
N TRP A 7 -6.23 15.01 -5.92
CA TRP A 7 -6.56 14.14 -7.02
C TRP A 7 -8.08 14.17 -7.16
N GLY A 8 -8.62 13.62 -8.23
CA GLY A 8 -10.06 13.59 -8.40
C GLY A 8 -10.72 12.49 -7.58
N ASN A 9 -10.38 11.25 -7.89
CA ASN A 9 -10.90 10.09 -7.16
C ASN A 9 -9.96 8.92 -7.46
N LEU A 10 -9.17 8.53 -6.48
CA LEU A 10 -8.21 7.44 -6.66
C LEU A 10 -8.76 6.12 -6.17
N SER A 11 -8.43 5.06 -6.90
CA SER A 11 -8.88 3.71 -6.57
C SER A 11 -8.01 3.14 -5.45
N TYR A 12 -8.44 2.03 -4.87
CA TYR A 12 -7.67 1.38 -3.82
C TYR A 12 -6.25 1.12 -4.29
N ALA A 13 -6.09 0.55 -5.48
CA ALA A 13 -4.77 0.24 -6.01
C ALA A 13 -3.84 1.46 -6.08
N ASP A 14 -4.38 2.60 -6.49
CA ASP A 14 -3.58 3.82 -6.59
C ASP A 14 -3.10 4.26 -5.23
N LEU A 15 -4.00 4.18 -4.26
CA LEU A 15 -3.71 4.61 -2.89
C LEU A 15 -2.73 3.68 -2.20
N ILE A 16 -2.89 2.37 -2.42
CA ILE A 16 -1.97 1.38 -1.83
C ILE A 16 -0.59 1.65 -2.40
N THR A 17 -0.52 1.86 -3.71
CA THR A 17 0.76 2.14 -4.37
C THR A 17 1.36 3.42 -3.83
N LYS A 18 0.56 4.48 -3.71
CA LYS A 18 1.08 5.75 -3.20
C LYS A 18 1.64 5.60 -1.80
N ALA A 19 1.03 4.75 -0.99
CA ALA A 19 1.51 4.52 0.35
C ALA A 19 2.91 3.91 0.31
N ILE A 20 3.09 2.92 -0.57
CA ILE A 20 4.36 2.23 -0.69
C ILE A 20 5.42 3.19 -1.21
N GLU A 21 5.04 4.04 -2.16
CA GLU A 21 5.97 5.04 -2.71
C GLU A 21 6.36 6.07 -1.68
N SER A 22 5.43 6.36 -0.79
CA SER A 22 5.64 7.35 0.26
C SER A 22 6.67 6.84 1.27
N SER A 23 6.76 5.53 1.40
CA SER A 23 7.75 4.95 2.30
C SER A 23 9.14 5.08 1.66
N ALA A 24 10.14 5.42 2.46
CA ALA A 24 11.50 5.56 1.95
C ALA A 24 12.03 4.20 1.47
N GLU A 25 11.58 3.15 2.14
CA GLU A 25 12.02 1.79 1.83
C GLU A 25 11.32 1.18 0.62
N LYS A 26 10.32 1.89 0.07
CA LYS A 26 9.49 1.41 -1.04
C LYS A 26 8.81 0.08 -0.73
N ARG A 27 8.47 -0.12 0.55
CA ARG A 27 7.78 -1.32 1.01
C ARG A 27 7.05 -0.94 2.27
N LEU A 28 5.87 -1.48 2.49
CA LEU A 28 5.09 -1.20 3.71
C LEU A 28 4.38 -2.47 4.16
N THR A 29 4.09 -2.55 5.45
CA THR A 29 3.31 -3.67 5.98
C THR A 29 1.85 -3.29 5.83
N LEU A 30 0.94 -4.25 5.97
CA LEU A 30 -0.50 -3.97 5.83
C LEU A 30 -0.96 -2.87 6.79
N SER A 31 -0.47 -2.89 8.02
CA SER A 31 -0.85 -1.89 9.03
C SER A 31 -0.44 -0.48 8.61
N GLN A 32 0.72 -0.36 8.01
CA GLN A 32 1.23 0.94 7.59
C GLN A 32 0.41 1.51 6.44
N ILE A 33 -0.04 0.66 5.54
CA ILE A 33 -0.85 1.09 4.41
C ILE A 33 -2.19 1.61 4.95
N TYR A 34 -2.72 0.97 5.98
CA TYR A 34 -3.96 1.44 6.59
C TYR A 34 -3.77 2.86 7.12
N GLU A 35 -2.73 3.07 7.90
CA GLU A 35 -2.46 4.38 8.51
C GLU A 35 -2.22 5.45 7.45
N TRP A 36 -1.55 5.11 6.37
CA TRP A 36 -1.28 6.08 5.32
C TRP A 36 -2.60 6.56 4.72
N MET A 37 -3.54 5.66 4.50
CA MET A 37 -4.82 6.04 3.92
C MET A 37 -5.64 6.87 4.90
N VAL A 38 -5.59 6.54 6.18
CA VAL A 38 -6.30 7.32 7.20
C VAL A 38 -5.73 8.73 7.22
N LYS A 39 -4.40 8.86 7.15
CA LYS A 39 -3.76 10.18 7.16
C LYS A 39 -4.05 10.99 5.90
N SER A 40 -3.88 10.37 4.75
CA SER A 40 -3.91 11.07 3.46
C SER A 40 -5.26 11.19 2.76
N VAL A 41 -6.25 10.41 3.15
CA VAL A 41 -7.55 10.44 2.48
C VAL A 41 -8.66 10.73 3.48
N PRO A 42 -9.46 11.79 3.25
CA PRO A 42 -10.51 12.05 4.25
C PRO A 42 -11.59 10.96 4.26
N TYR A 43 -11.83 10.35 3.12
CA TYR A 43 -12.81 9.27 3.03
C TYR A 43 -12.47 8.16 4.02
N PHE A 44 -11.24 7.66 3.94
CA PHE A 44 -10.82 6.55 4.79
C PHE A 44 -10.68 6.96 6.24
N LYS A 45 -10.40 8.23 6.48
CA LYS A 45 -10.34 8.76 7.83
C LYS A 45 -11.73 8.64 8.46
N ASP A 46 -12.75 8.92 7.67
CA ASP A 46 -14.13 8.83 8.11
C ASP A 46 -14.65 7.37 8.11
N LYS A 47 -13.79 6.44 7.68
CA LYS A 47 -14.14 5.01 7.71
C LYS A 47 -13.35 4.32 8.81
N GLY A 48 -12.87 5.09 9.77
CA GLY A 48 -12.09 4.53 10.87
C GLY A 48 -12.91 3.71 11.87
N ASP A 49 -14.19 3.55 11.60
CA ASP A 49 -15.08 2.74 12.45
C ASP A 49 -14.60 1.28 12.45
N SER A 50 -14.64 0.66 13.62
CA SER A 50 -14.16 -0.70 13.80
C SER A 50 -14.90 -1.74 12.94
N ASN A 51 -16.18 -1.54 12.68
CA ASN A 51 -16.92 -2.47 11.84
C ASN A 51 -16.52 -2.29 10.37
N SER A 52 -16.31 -1.03 9.97
CA SER A 52 -15.88 -0.70 8.62
C SER A 52 -14.50 -1.30 8.36
N SER A 53 -13.74 -1.53 9.42
CA SER A 53 -12.41 -2.13 9.29
C SER A 53 -12.47 -3.46 8.53
N ALA A 54 -13.56 -4.21 8.69
CA ALA A 54 -13.71 -5.49 8.02
C ALA A 54 -13.57 -5.36 6.50
N GLY A 55 -14.26 -4.39 5.91
CA GLY A 55 -14.19 -4.19 4.48
C GLY A 55 -12.92 -3.47 4.07
N TRP A 56 -12.42 -2.65 4.97
CA TRP A 56 -11.20 -1.87 4.78
C TRP A 56 -10.00 -2.76 4.45
N LYS A 57 -9.74 -3.73 5.33
CA LYS A 57 -8.58 -4.61 5.16
C LYS A 57 -8.79 -5.59 4.02
N ASN A 58 -10.03 -6.04 3.83
CA ASN A 58 -10.31 -7.01 2.78
C ASN A 58 -10.14 -6.39 1.40
N SER A 59 -10.58 -5.16 1.22
CA SER A 59 -10.49 -4.52 -0.09
C SER A 59 -9.03 -4.25 -0.47
N ILE A 60 -8.20 -3.90 0.50
CA ILE A 60 -6.78 -3.68 0.22
C ILE A 60 -6.16 -5.02 -0.17
N ARG A 61 -6.48 -6.07 0.57
CA ARG A 61 -5.94 -7.40 0.23
C ARG A 61 -6.40 -7.87 -1.14
N HIS A 62 -7.64 -7.59 -1.49
CA HIS A 62 -8.17 -7.97 -2.79
C HIS A 62 -7.42 -7.23 -3.89
N ASN A 63 -7.21 -5.93 -3.70
CA ASN A 63 -6.49 -5.12 -4.71
C ASN A 63 -5.04 -5.55 -4.81
N LEU A 64 -4.43 -5.93 -3.69
CA LEU A 64 -3.04 -6.41 -3.67
C LEU A 64 -2.92 -7.69 -4.50
N SER A 65 -3.97 -8.50 -4.49
CA SER A 65 -3.96 -9.77 -5.22
C SER A 65 -4.29 -9.61 -6.71
N LEU A 66 -5.22 -8.71 -7.03
CA LEU A 66 -5.64 -8.50 -8.42
C LEU A 66 -4.62 -7.71 -9.23
N HIS A 67 -4.04 -6.69 -8.60
CA HIS A 67 -3.11 -5.82 -9.31
C HIS A 67 -1.70 -6.37 -9.16
N SER A 68 -1.27 -7.12 -10.18
CA SER A 68 0.05 -7.77 -10.21
C SER A 68 1.26 -6.82 -10.10
N LYS A 69 1.00 -5.52 -10.04
CA LYS A 69 2.03 -4.54 -9.80
C LYS A 69 2.57 -4.73 -8.39
N PHE A 70 1.74 -5.24 -7.51
CA PHE A 70 2.14 -5.47 -6.13
C PHE A 70 2.81 -6.82 -5.99
N ILE A 71 3.86 -6.87 -5.20
CA ILE A 71 4.56 -8.11 -4.91
C ILE A 71 4.67 -8.19 -3.39
N ARG A 72 4.91 -9.39 -2.87
CA ARG A 72 5.05 -9.60 -1.43
C ARG A 72 6.48 -10.03 -1.17
N VAL A 73 7.16 -9.32 -0.29
CA VAL A 73 8.57 -9.58 -0.02
C VAL A 73 8.74 -10.07 1.42
N GLN A 74 9.69 -10.98 1.60
CA GLN A 74 9.97 -11.57 2.90
C GLN A 74 10.32 -10.49 3.92
N ASN A 75 9.96 -10.76 5.16
CA ASN A 75 10.22 -9.86 6.28
C ASN A 75 11.38 -10.47 7.07
N GLU A 76 11.76 -9.87 8.18
CA GLU A 76 12.87 -10.31 9.01
C GLU A 76 12.67 -11.72 9.58
N GLY A 77 11.42 -12.16 9.64
CA GLY A 77 11.10 -13.49 10.12
C GLY A 77 9.85 -13.54 10.97
N THR A 78 9.84 -12.81 12.07
CA THR A 78 8.69 -12.80 12.96
C THR A 78 7.57 -11.93 12.45
N GLY A 79 7.94 -11.22 11.42
CA GLY A 79 7.05 -10.30 10.73
C GLY A 79 6.18 -11.01 9.72
N LYS A 80 5.34 -11.92 10.19
CA LYS A 80 4.45 -12.70 9.32
C LYS A 80 3.46 -11.83 8.54
N SER A 81 3.33 -10.58 8.96
CA SER A 81 2.51 -9.59 8.27
C SER A 81 3.01 -9.34 6.85
N SER A 82 4.29 -9.67 6.62
CA SER A 82 4.99 -9.52 5.34
C SER A 82 5.14 -8.06 4.89
N TRP A 83 5.98 -7.86 3.89
CA TRP A 83 6.18 -6.54 3.33
C TRP A 83 5.42 -6.59 2.02
N TRP A 84 4.77 -5.51 1.66
CA TRP A 84 4.06 -5.42 0.41
C TRP A 84 4.72 -4.26 -0.30
N MET A 85 5.11 -4.48 -1.55
CA MET A 85 5.85 -3.47 -2.29
C MET A 85 5.52 -3.54 -3.77
N LEU A 86 6.10 -2.63 -4.53
CA LEU A 86 5.83 -2.55 -5.95
C LEU A 86 6.88 -3.34 -6.72
N ASN A 87 6.46 -4.02 -7.79
CA ASN A 87 7.39 -4.77 -8.62
C ASN A 87 8.46 -3.82 -9.17
N PRO A 88 9.75 -4.09 -8.89
CA PRO A 88 10.76 -3.13 -9.31
C PRO A 88 11.12 -3.11 -10.79
N GLU A 89 11.22 -4.29 -11.40
CA GLU A 89 11.63 -4.39 -12.80
C GLU A 89 10.43 -4.17 -13.67
N GLY A 90 9.26 -4.32 -13.06
CA GLY A 90 8.00 -4.01 -13.72
C GLY A 90 7.70 -2.56 -13.43
N GLY A 91 8.76 -1.77 -13.37
CA GLY A 91 8.67 -0.37 -13.00
C GLY A 91 9.97 0.35 -13.26
N LYS A 92 10.36 1.23 -12.35
CA LYS A 92 11.55 2.07 -12.52
C LYS A 92 12.50 1.92 -11.32
N SER A 93 12.53 0.74 -10.71
CA SER A 93 13.31 0.55 -9.50
C SER A 93 14.33 -0.57 -9.66
N GLY A 94 15.39 -0.52 -8.85
CA GLY A 94 16.43 -1.54 -8.90
C GLY A 94 17.41 -1.33 -10.05
N LYS A 95 17.16 -0.29 -10.84
CA LYS A 95 17.98 0.03 -12.00
C LYS A 95 18.08 1.55 -12.05
N SER A 96 19.20 2.07 -12.50
CA SER A 96 19.39 3.52 -12.58
C SER A 96 18.49 4.11 -13.68
N PRO A 97 18.07 5.38 -13.55
CA PRO A 97 17.22 5.95 -14.61
C PRO A 97 17.96 6.17 -15.94
N ARG A 98 17.78 5.24 -16.86
CA ARG A 98 18.44 5.28 -18.17
C ARG A 98 17.72 6.27 -19.11
N ARG A 99 17.88 7.57 -18.86
CA ARG A 99 17.26 8.60 -19.69
C ARG A 99 18.13 9.84 -19.72
N ARG A 100 17.82 10.75 -20.63
CA ARG A 100 18.52 12.04 -20.73
C ARG A 100 17.56 13.10 -21.31
N ALA A 101 16.30 13.01 -20.90
CA ALA A 101 15.25 13.89 -21.37
C ALA A 101 14.26 14.09 -20.24
N ALA A 102 13.32 15.03 -20.42
CA ALA A 102 12.28 15.38 -19.43
C ALA A 102 12.89 15.80 -18.08
N SER A 103 13.80 16.76 -18.17
CA SER A 103 14.43 17.35 -16.99
C SER A 103 13.53 18.48 -16.48
N MET A 104 13.84 19.03 -15.31
CA MET A 104 13.08 20.13 -14.68
C MET A 104 11.62 19.76 -14.40
N ASP A 105 11.40 19.12 -13.26
CA ASP A 105 10.06 18.72 -12.86
C ASP A 105 9.28 19.91 -12.32
N ASN A 106 7.97 19.89 -12.55
CA ASN A 106 7.07 20.91 -12.02
C ASN A 106 6.50 20.36 -10.72
N ASN A 107 6.65 21.10 -9.63
CA ASN A 107 6.15 20.66 -8.33
C ASN A 107 5.54 21.81 -7.54
N SER A 108 4.55 21.47 -6.72
CA SER A 108 3.85 22.44 -5.90
C SER A 108 4.11 22.15 -4.43
N LYS A 109 5.22 22.65 -3.93
CA LYS A 109 5.62 22.42 -2.53
C LYS A 109 4.85 23.28 -1.51
N PHE A 110 3.99 24.16 -1.99
CA PHE A 110 3.21 25.02 -1.10
C PHE A 110 1.90 25.42 -1.76
N ALA A 111 0.86 25.59 -0.95
CA ALA A 111 -0.45 26.05 -1.40
C ALA A 111 -1.07 26.71 -0.17
N LYS A 112 -2.10 27.52 -0.38
CA LYS A 112 -2.76 28.23 0.73
C LYS A 112 -4.17 27.67 0.88
N SER A 113 -4.61 27.51 2.12
CA SER A 113 -5.94 26.92 2.40
C SER A 113 -6.51 27.55 3.67
N ARG A 114 -7.66 27.07 4.11
CA ARG A 114 -8.32 27.53 5.34
C ARG A 114 -9.01 26.31 5.92
N GLY A 115 -9.36 26.37 7.21
CA GLY A 115 -9.99 25.24 7.88
C GLY A 115 -11.30 25.60 8.57
N ARG A 116 -11.26 25.59 9.90
CA ARG A 116 -12.43 25.85 10.76
C ARG A 116 -13.58 24.86 10.51
N ALA A 117 -13.28 23.59 10.76
CA ALA A 117 -14.29 22.53 10.70
C ALA A 117 -15.16 22.67 11.95
N ALA A 118 -16.29 21.96 11.98
CA ALA A 118 -17.21 22.01 13.11
C ALA A 118 -17.65 20.59 13.46
N LYS A 119 -18.41 20.47 14.53
CA LYS A 119 -18.97 19.21 15.01
C LYS A 119 -20.30 19.62 15.58
N GLY A 1 -14.55 11.34 -21.63
CA GLY A 1 -14.55 12.42 -20.61
C GLY A 1 -14.09 13.72 -21.20
N PRO A 2 -14.14 14.86 -20.47
CA PRO A 2 -13.74 16.13 -21.08
C PRO A 2 -12.26 16.35 -21.25
N LEU A 3 -11.56 15.50 -20.54
CA LEU A 3 -10.11 15.45 -20.44
C LEU A 3 -9.59 16.67 -19.68
N GLY A 4 -8.32 16.60 -19.31
CA GLY A 4 -7.66 17.69 -18.59
C GLY A 4 -7.94 17.68 -17.09
N SER A 5 -9.07 17.13 -16.71
CA SER A 5 -9.45 17.03 -15.30
C SER A 5 -8.50 16.15 -14.50
N ALA A 6 -8.33 16.48 -13.23
CA ALA A 6 -7.51 15.68 -12.33
C ALA A 6 -8.30 14.42 -11.94
N TRP A 7 -7.74 13.62 -11.06
CA TRP A 7 -8.41 12.41 -10.60
C TRP A 7 -9.65 12.80 -9.82
N GLY A 8 -10.71 12.05 -10.04
CA GLY A 8 -11.96 12.27 -9.32
C GLY A 8 -12.02 11.43 -8.05
N ASN A 9 -11.57 10.20 -8.17
CA ASN A 9 -11.57 9.25 -7.06
C ASN A 9 -10.48 8.24 -7.33
N LEU A 10 -9.40 8.34 -6.58
CA LEU A 10 -8.27 7.41 -6.72
C LEU A 10 -8.72 6.01 -6.35
N SER A 11 -8.29 5.03 -7.13
CA SER A 11 -8.64 3.64 -6.90
C SER A 11 -7.87 3.11 -5.70
N TYR A 12 -8.32 1.99 -5.14
CA TYR A 12 -7.60 1.39 -4.02
C TYR A 12 -6.17 1.10 -4.43
N ALA A 13 -5.97 0.53 -5.61
CA ALA A 13 -4.62 0.23 -6.11
C ALA A 13 -3.75 1.49 -6.15
N ASP A 14 -4.31 2.61 -6.59
CA ASP A 14 -3.56 3.86 -6.69
C ASP A 14 -3.09 4.27 -5.31
N LEU A 15 -4.00 4.19 -4.35
CA LEU A 15 -3.72 4.60 -2.98
C LEU A 15 -2.73 3.68 -2.28
N ILE A 16 -2.86 2.37 -2.50
CA ILE A 16 -1.94 1.40 -1.92
C ILE A 16 -0.54 1.69 -2.46
N THR A 17 -0.46 1.89 -3.77
CA THR A 17 0.81 2.21 -4.39
C THR A 17 1.38 3.52 -3.85
N LYS A 18 0.54 4.54 -3.72
CA LYS A 18 1.00 5.83 -3.19
C LYS A 18 1.56 5.69 -1.78
N ALA A 19 1.03 4.75 -1.02
CA ALA A 19 1.54 4.54 0.33
C ALA A 19 2.95 3.95 0.27
N ILE A 20 3.13 2.95 -0.58
CA ILE A 20 4.42 2.26 -0.72
C ILE A 20 5.44 3.26 -1.26
N GLU A 21 5.01 4.07 -2.20
CA GLU A 21 5.85 5.11 -2.79
C GLU A 21 6.26 6.13 -1.75
N SER A 22 5.35 6.40 -0.82
CA SER A 22 5.59 7.41 0.21
C SER A 22 6.52 6.91 1.30
N SER A 23 6.73 5.61 1.36
CA SER A 23 7.69 5.05 2.31
C SER A 23 9.10 5.28 1.78
N ALA A 24 10.09 5.26 2.65
CA ALA A 24 11.48 5.41 2.24
C ALA A 24 12.00 4.04 1.82
N GLU A 25 11.45 3.03 2.48
CA GLU A 25 11.85 1.63 2.31
C GLU A 25 11.30 1.03 1.01
N LYS A 26 10.36 1.73 0.40
CA LYS A 26 9.64 1.30 -0.81
C LYS A 26 8.92 -0.01 -0.59
N ARG A 27 8.49 -0.22 0.64
CA ARG A 27 7.74 -1.40 1.04
C ARG A 27 7.00 -0.99 2.30
N LEU A 28 5.79 -1.49 2.48
CA LEU A 28 5.01 -1.21 3.68
C LEU A 28 4.26 -2.46 4.09
N THR A 29 4.04 -2.64 5.38
CA THR A 29 3.24 -3.77 5.86
C THR A 29 1.78 -3.34 5.72
N LEU A 30 0.85 -4.29 5.85
CA LEU A 30 -0.57 -3.96 5.70
C LEU A 30 -1.01 -2.87 6.67
N SER A 31 -0.51 -2.90 7.90
CA SER A 31 -0.88 -1.91 8.91
C SER A 31 -0.48 -0.51 8.47
N GLN A 32 0.72 -0.39 7.96
CA GLN A 32 1.26 0.89 7.52
C GLN A 32 0.47 1.47 6.35
N ILE A 33 -0.01 0.63 5.47
CA ILE A 33 -0.82 1.07 4.34
C ILE A 33 -2.14 1.62 4.89
N TYR A 34 -2.69 0.97 5.90
CA TYR A 34 -3.93 1.47 6.51
C TYR A 34 -3.66 2.86 7.09
N GLU A 35 -2.58 2.98 7.85
CA GLU A 35 -2.22 4.25 8.49
C GLU A 35 -2.06 5.35 7.46
N TRP A 36 -1.46 5.03 6.33
CA TRP A 36 -1.27 6.01 5.28
C TRP A 36 -2.62 6.48 4.75
N MET A 37 -3.56 5.56 4.54
CA MET A 37 -4.88 5.93 4.02
C MET A 37 -5.67 6.75 5.03
N VAL A 38 -5.62 6.38 6.30
CA VAL A 38 -6.33 7.11 7.35
C VAL A 38 -5.78 8.54 7.41
N LYS A 39 -4.48 8.70 7.20
CA LYS A 39 -3.85 10.01 7.26
C LYS A 39 -3.99 10.86 5.99
N SER A 40 -4.10 10.22 4.83
CA SER A 40 -4.15 10.93 3.55
C SER A 40 -5.55 11.13 2.94
N VAL A 41 -6.48 10.22 3.22
CA VAL A 41 -7.81 10.28 2.60
C VAL A 41 -8.89 10.51 3.66
N PRO A 42 -9.67 11.60 3.55
CA PRO A 42 -10.72 11.82 4.56
C PRO A 42 -11.71 10.66 4.69
N TYR A 43 -11.99 9.97 3.59
CA TYR A 43 -12.89 8.83 3.61
C TYR A 43 -12.41 7.73 4.55
N PHE A 44 -11.13 7.39 4.50
CA PHE A 44 -10.61 6.32 5.33
C PHE A 44 -10.28 6.83 6.73
N LYS A 45 -10.20 8.14 6.88
CA LYS A 45 -10.07 8.74 8.21
C LYS A 45 -11.39 8.54 8.94
N ASP A 46 -12.48 8.82 8.23
CA ASP A 46 -13.84 8.68 8.77
C ASP A 46 -14.15 7.21 9.06
N LYS A 47 -13.63 6.33 8.22
CA LYS A 47 -13.85 4.89 8.37
C LYS A 47 -12.67 4.28 9.14
N GLY A 48 -12.02 5.11 9.94
CA GLY A 48 -10.86 4.68 10.72
C GLY A 48 -11.25 3.89 11.95
N ASP A 49 -12.53 3.88 12.28
CA ASP A 49 -13.02 3.09 13.41
C ASP A 49 -12.72 1.61 13.11
N SER A 50 -12.40 0.84 14.14
CA SER A 50 -12.01 -0.56 13.97
C SER A 50 -13.03 -1.41 13.20
N ASN A 51 -14.32 -1.15 13.37
CA ASN A 51 -15.34 -1.92 12.68
C ASN A 51 -15.37 -1.55 11.19
N SER A 52 -15.50 -0.26 10.91
CA SER A 52 -15.54 0.24 9.53
C SER A 52 -14.25 -0.12 8.78
N SER A 53 -13.16 -0.16 9.52
CA SER A 53 -11.87 -0.52 8.96
C SER A 53 -11.88 -1.93 8.38
N ALA A 54 -12.67 -2.82 8.96
CA ALA A 54 -12.72 -4.21 8.51
C ALA A 54 -13.08 -4.28 7.03
N GLY A 55 -14.02 -3.45 6.61
CA GLY A 55 -14.44 -3.45 5.22
C GLY A 55 -13.35 -3.03 4.26
N TRP A 56 -12.76 -1.86 4.46
CA TRP A 56 -11.75 -1.38 3.52
C TRP A 56 -10.39 -2.08 3.62
N LYS A 57 -10.00 -2.56 4.80
CA LYS A 57 -8.74 -3.33 4.88
C LYS A 57 -8.89 -4.62 4.07
N ASN A 58 -10.11 -5.13 3.96
CA ASN A 58 -10.36 -6.32 3.14
C ASN A 58 -10.24 -5.93 1.66
N SER A 59 -10.69 -4.76 1.30
CA SER A 59 -10.60 -4.29 -0.09
C SER A 59 -9.13 -4.14 -0.52
N ILE A 60 -8.27 -3.73 0.41
CA ILE A 60 -6.84 -3.59 0.11
C ILE A 60 -6.28 -4.97 -0.17
N ARG A 61 -6.65 -5.96 0.64
CA ARG A 61 -6.17 -7.32 0.46
C ARG A 61 -6.58 -7.87 -0.90
N HIS A 62 -7.79 -7.57 -1.32
CA HIS A 62 -8.25 -8.00 -2.63
C HIS A 62 -7.47 -7.29 -3.73
N ASN A 63 -7.25 -5.98 -3.58
CA ASN A 63 -6.53 -5.21 -4.59
C ASN A 63 -5.07 -5.65 -4.71
N LEU A 64 -4.48 -6.09 -3.61
CA LEU A 64 -3.10 -6.57 -3.62
C LEU A 64 -2.97 -7.82 -4.49
N SER A 65 -4.00 -8.66 -4.48
CA SER A 65 -4.00 -9.87 -5.29
C SER A 65 -4.39 -9.63 -6.75
N LEU A 66 -5.31 -8.69 -6.96
CA LEU A 66 -5.80 -8.41 -8.31
C LEU A 66 -4.84 -7.54 -9.13
N HIS A 67 -4.19 -6.59 -8.49
CA HIS A 67 -3.28 -5.69 -9.18
C HIS A 67 -1.86 -6.25 -9.08
N SER A 68 -1.45 -6.95 -10.14
CA SER A 68 -0.17 -7.67 -10.20
C SER A 68 1.11 -6.83 -10.03
N LYS A 69 1.01 -5.52 -9.92
CA LYS A 69 2.19 -4.70 -9.68
C LYS A 69 2.67 -4.92 -8.26
N PHE A 70 1.78 -5.34 -7.38
CA PHE A 70 2.14 -5.56 -5.99
C PHE A 70 2.76 -6.94 -5.80
N ILE A 71 3.83 -6.98 -5.00
CA ILE A 71 4.49 -8.22 -4.66
C ILE A 71 4.58 -8.29 -3.14
N ARG A 72 4.86 -9.47 -2.62
CA ARG A 72 4.99 -9.68 -1.18
C ARG A 72 6.44 -10.07 -0.92
N VAL A 73 7.08 -9.40 0.02
CA VAL A 73 8.48 -9.62 0.31
C VAL A 73 8.66 -10.02 1.78
N GLN A 74 9.61 -10.91 2.03
CA GLN A 74 9.88 -11.39 3.38
C GLN A 74 10.44 -10.24 4.22
N ASN A 75 10.40 -10.39 5.53
CA ASN A 75 10.87 -9.37 6.45
C ASN A 75 12.25 -9.75 7.00
N GLU A 76 12.80 -8.86 7.80
CA GLU A 76 14.14 -9.00 8.39
C GLU A 76 14.31 -10.16 9.38
N GLY A 77 13.20 -10.76 9.77
CA GLY A 77 13.24 -11.90 10.68
C GLY A 77 12.08 -11.94 11.64
N THR A 78 12.15 -11.13 12.68
CA THR A 78 11.08 -11.09 13.70
C THR A 78 9.89 -10.25 13.23
N GLY A 79 10.00 -9.83 11.99
CA GLY A 79 8.95 -9.05 11.34
C GLY A 79 7.87 -9.99 10.82
N LYS A 80 7.01 -10.41 11.73
CA LYS A 80 5.93 -11.37 11.41
C LYS A 80 4.95 -10.82 10.38
N SER A 81 4.89 -9.51 10.23
CA SER A 81 4.06 -8.88 9.21
C SER A 81 4.81 -8.87 7.89
N SER A 82 4.25 -9.47 6.85
CA SER A 82 4.90 -9.46 5.54
C SER A 82 4.91 -8.06 4.95
N TRP A 83 5.89 -7.79 4.09
CA TRP A 83 6.01 -6.50 3.45
C TRP A 83 5.27 -6.60 2.14
N TRP A 84 4.67 -5.51 1.70
CA TRP A 84 4.03 -5.45 0.40
C TRP A 84 4.69 -4.29 -0.31
N MET A 85 5.06 -4.48 -1.57
CA MET A 85 5.76 -3.46 -2.31
C MET A 85 5.49 -3.54 -3.80
N LEU A 86 5.97 -2.55 -4.54
CA LEU A 86 5.78 -2.49 -5.99
C LEU A 86 6.89 -3.34 -6.60
N ASN A 87 6.57 -4.12 -7.62
CA ASN A 87 7.59 -4.97 -8.27
C ASN A 87 8.73 -4.10 -8.84
N PRO A 88 9.98 -4.31 -8.39
CA PRO A 88 11.14 -3.57 -8.92
C PRO A 88 11.32 -3.71 -10.42
N GLU A 89 10.91 -4.84 -10.96
CA GLU A 89 11.05 -5.10 -12.40
C GLU A 89 10.16 -4.15 -13.20
N GLY A 90 9.10 -3.68 -12.55
CA GLY A 90 8.15 -2.78 -13.19
C GLY A 90 8.32 -1.34 -12.74
N GLY A 91 9.45 -1.02 -12.12
CA GLY A 91 9.70 0.33 -11.66
C GLY A 91 10.51 0.35 -10.37
N LYS A 92 11.45 1.27 -10.28
CA LYS A 92 12.34 1.39 -9.12
C LYS A 92 12.36 2.84 -8.68
N SER A 93 13.02 3.12 -7.57
CA SER A 93 13.11 4.46 -6.99
C SER A 93 11.70 4.90 -6.59
N GLY A 94 11.39 6.18 -6.70
CA GLY A 94 10.08 6.69 -6.35
C GLY A 94 10.25 8.10 -5.82
N LYS A 95 9.21 8.64 -5.21
CA LYS A 95 9.28 9.96 -4.65
C LYS A 95 10.20 9.99 -3.44
N SER A 96 10.47 11.20 -3.05
CA SER A 96 11.35 11.52 -1.94
C SER A 96 10.83 11.00 -0.58
N PRO A 97 11.75 10.66 0.35
CA PRO A 97 11.33 10.12 1.65
C PRO A 97 10.77 11.17 2.62
N ARG A 98 10.25 10.69 3.75
CA ARG A 98 9.67 11.55 4.79
C ARG A 98 10.76 12.12 5.70
N ARG A 99 10.38 13.14 6.48
CA ARG A 99 11.29 13.75 7.45
C ARG A 99 11.49 12.77 8.61
N ARG A 100 12.65 12.83 9.24
CA ARG A 100 12.98 11.94 10.37
C ARG A 100 13.09 12.77 11.65
N ALA A 101 13.33 12.07 12.77
CA ALA A 101 13.53 12.68 14.09
C ALA A 101 12.33 13.49 14.60
N ALA A 102 11.13 12.99 14.33
CA ALA A 102 9.90 13.62 14.82
C ALA A 102 9.56 13.05 16.19
N SER A 103 10.33 13.42 17.20
CA SER A 103 10.11 12.92 18.56
C SER A 103 8.80 13.46 19.13
N MET A 104 7.89 12.57 19.47
CA MET A 104 6.57 12.94 20.00
C MET A 104 6.18 11.95 21.10
N ASP A 105 7.15 11.66 21.95
CA ASP A 105 6.96 10.70 23.05
C ASP A 105 5.84 11.20 23.97
N ASN A 106 4.94 10.31 24.36
CA ASN A 106 3.78 10.68 25.18
C ASN A 106 3.66 9.81 26.44
N ASN A 107 4.75 9.20 26.85
CA ASN A 107 4.76 8.30 28.01
C ASN A 107 5.95 8.62 28.90
N SER A 108 5.92 8.14 30.14
CA SER A 108 7.00 8.39 31.09
C SER A 108 7.29 7.15 31.91
N LYS A 109 8.52 7.06 32.42
CA LYS A 109 8.92 5.90 33.22
C LYS A 109 8.35 6.00 34.63
N PHE A 110 8.42 7.21 35.20
CA PHE A 110 7.90 7.55 36.54
C PHE A 110 8.54 6.77 37.70
N ALA A 111 8.42 7.32 38.91
CA ALA A 111 8.95 6.69 40.12
C ALA A 111 7.97 5.60 40.59
N LYS A 112 8.09 4.41 40.03
CA LYS A 112 7.24 3.28 40.42
C LYS A 112 7.98 2.44 41.45
N SER A 113 7.24 1.86 42.39
CA SER A 113 7.85 1.02 43.45
C SER A 113 6.96 -0.13 43.88
N ARG A 114 5.68 0.16 44.14
CA ARG A 114 4.67 -0.82 44.60
C ARG A 114 5.01 -1.43 45.96
N GLY A 115 5.68 -2.58 45.96
CA GLY A 115 5.97 -3.29 47.19
C GLY A 115 4.75 -3.98 47.77
N ARG A 116 4.94 -4.76 48.83
CA ARG A 116 3.86 -5.46 49.53
C ARG A 116 4.35 -5.68 50.95
N ALA A 117 3.44 -5.92 51.87
CA ALA A 117 3.77 -6.24 53.25
C ALA A 117 4.21 -7.71 53.29
N ALA A 118 4.83 -8.10 54.39
CA ALA A 118 5.31 -9.47 54.59
C ALA A 118 5.06 -9.80 56.07
N LYS A 119 5.50 -10.98 56.50
CA LYS A 119 5.36 -11.43 57.87
C LYS A 119 6.54 -12.35 58.08
N GLY A 1 1.27 29.51 -5.48
CA GLY A 1 0.10 29.49 -4.54
C GLY A 1 -0.13 28.11 -3.99
N PRO A 2 -1.23 27.84 -3.27
CA PRO A 2 -1.41 26.47 -2.78
C PRO A 2 -1.80 25.50 -3.90
N LEU A 3 -1.46 24.24 -3.72
CA LEU A 3 -1.72 23.19 -4.68
C LEU A 3 -3.19 23.15 -5.01
N GLY A 4 -3.41 23.13 -6.31
CA GLY A 4 -4.76 23.06 -6.84
C GLY A 4 -5.30 21.64 -6.84
N SER A 5 -6.56 21.50 -6.45
CA SER A 5 -7.27 20.22 -6.40
C SER A 5 -6.66 19.20 -5.43
N ALA A 6 -7.19 17.98 -5.46
CA ALA A 6 -6.73 16.89 -4.61
C ALA A 6 -7.05 15.61 -5.38
N TRP A 7 -6.72 14.47 -4.82
CA TRP A 7 -6.98 13.20 -5.48
C TRP A 7 -8.46 12.85 -5.39
N GLY A 8 -8.93 12.18 -6.42
CA GLY A 8 -10.34 11.76 -6.47
C GLY A 8 -10.59 10.55 -7.33
N ASN A 9 -9.98 10.50 -8.51
CA ASN A 9 -10.17 9.36 -9.43
C ASN A 9 -9.24 8.18 -9.11
N LEU A 10 -8.54 8.25 -7.98
CA LEU A 10 -7.62 7.21 -7.59
C LEU A 10 -8.35 5.98 -7.09
N SER A 11 -8.00 4.84 -7.67
CA SER A 11 -8.57 3.56 -7.26
C SER A 11 -7.82 3.08 -6.03
N TYR A 12 -8.28 1.99 -5.44
CA TYR A 12 -7.59 1.41 -4.27
C TYR A 12 -6.13 1.16 -4.63
N ALA A 13 -5.89 0.57 -5.79
CA ALA A 13 -4.54 0.24 -6.22
C ALA A 13 -3.62 1.47 -6.24
N ASP A 14 -4.11 2.60 -6.71
CA ASP A 14 -3.31 3.82 -6.79
C ASP A 14 -2.94 4.32 -5.39
N LEU A 15 -3.93 4.36 -4.51
CA LEU A 15 -3.71 4.76 -3.12
C LEU A 15 -2.76 3.81 -2.37
N ILE A 16 -2.90 2.50 -2.58
CA ILE A 16 -2.01 1.52 -1.96
C ILE A 16 -0.59 1.77 -2.48
N THR A 17 -0.47 1.94 -3.79
CA THR A 17 0.80 2.23 -4.41
C THR A 17 1.40 3.52 -3.85
N LYS A 18 0.59 4.56 -3.69
CA LYS A 18 1.07 5.82 -3.14
C LYS A 18 1.67 5.64 -1.78
N ALA A 19 1.05 4.82 -0.95
CA ALA A 19 1.56 4.56 0.39
C ALA A 19 2.96 3.92 0.30
N ILE A 20 3.10 2.95 -0.58
CA ILE A 20 4.37 2.23 -0.73
C ILE A 20 5.43 3.18 -1.27
N GLU A 21 5.06 4.02 -2.23
CA GLU A 21 5.98 4.99 -2.82
C GLU A 21 6.41 6.03 -1.81
N SER A 22 5.50 6.33 -0.89
CA SER A 22 5.74 7.33 0.14
C SER A 22 6.77 6.80 1.15
N SER A 23 6.84 5.49 1.29
CA SER A 23 7.80 4.90 2.20
C SER A 23 9.21 5.03 1.61
N ALA A 24 10.17 5.34 2.47
CA ALA A 24 11.55 5.54 2.02
C ALA A 24 12.20 4.24 1.53
N GLU A 25 11.65 3.12 1.96
CA GLU A 25 12.19 1.80 1.62
C GLU A 25 11.42 1.15 0.49
N LYS A 26 10.38 1.84 0.00
CA LYS A 26 9.50 1.33 -1.06
C LYS A 26 8.82 0.01 -0.71
N ARG A 27 8.51 -0.18 0.57
CA ARG A 27 7.79 -1.36 1.04
C ARG A 27 7.07 -0.98 2.32
N LEU A 28 5.85 -1.48 2.49
CA LEU A 28 5.06 -1.20 3.70
C LEU A 28 4.30 -2.46 4.12
N THR A 29 4.02 -2.59 5.40
CA THR A 29 3.22 -3.71 5.89
C THR A 29 1.75 -3.29 5.72
N LEU A 30 0.82 -4.23 5.86
CA LEU A 30 -0.60 -3.90 5.69
C LEU A 30 -1.04 -2.80 6.64
N SER A 31 -0.60 -2.86 7.89
CA SER A 31 -0.97 -1.87 8.89
C SER A 31 -0.49 -0.48 8.49
N GLN A 32 0.71 -0.40 7.93
CA GLN A 32 1.25 0.88 7.52
C GLN A 32 0.44 1.49 6.37
N ILE A 33 0.01 0.66 5.44
CA ILE A 33 -0.80 1.13 4.31
C ILE A 33 -2.14 1.61 4.85
N TYR A 34 -2.68 0.93 5.85
CA TYR A 34 -3.95 1.33 6.43
C TYR A 34 -3.85 2.73 7.04
N GLU A 35 -2.88 2.93 7.91
CA GLU A 35 -2.75 4.20 8.60
C GLU A 35 -2.41 5.33 7.62
N TRP A 36 -1.68 5.02 6.57
CA TRP A 36 -1.38 6.01 5.55
C TRP A 36 -2.70 6.51 4.96
N MET A 37 -3.66 5.62 4.75
CA MET A 37 -4.97 6.02 4.21
C MET A 37 -5.81 6.77 5.23
N VAL A 38 -5.76 6.40 6.49
CA VAL A 38 -6.51 7.12 7.53
C VAL A 38 -5.96 8.54 7.64
N LYS A 39 -4.64 8.67 7.48
CA LYS A 39 -3.98 9.98 7.53
C LYS A 39 -4.18 10.84 6.27
N SER A 40 -4.06 10.23 5.10
CA SER A 40 -4.09 10.97 3.83
C SER A 40 -5.41 11.00 3.08
N VAL A 41 -6.36 10.15 3.44
CA VAL A 41 -7.64 10.08 2.72
C VAL A 41 -8.82 10.25 3.68
N PRO A 42 -9.54 11.38 3.61
CA PRO A 42 -10.67 11.55 4.53
C PRO A 42 -11.73 10.45 4.43
N TYR A 43 -11.88 9.87 3.24
CA TYR A 43 -12.84 8.80 3.03
C TYR A 43 -12.60 7.60 3.94
N PHE A 44 -11.34 7.25 4.18
CA PHE A 44 -11.03 6.10 5.04
C PHE A 44 -10.86 6.52 6.48
N LYS A 45 -10.65 7.82 6.72
CA LYS A 45 -10.62 8.34 8.09
C LYS A 45 -12.03 8.28 8.66
N ASP A 46 -13.01 8.53 7.81
CA ASP A 46 -14.43 8.46 8.16
C ASP A 46 -14.79 7.03 8.60
N LYS A 47 -14.09 6.06 8.04
CA LYS A 47 -14.30 4.64 8.35
C LYS A 47 -13.14 4.16 9.24
N GLY A 48 -12.55 5.08 9.98
CA GLY A 48 -11.40 4.77 10.81
C GLY A 48 -11.68 3.93 12.04
N ASP A 49 -12.95 3.81 12.44
CA ASP A 49 -13.34 2.99 13.58
C ASP A 49 -12.86 1.56 13.37
N SER A 50 -12.39 0.92 14.42
CA SER A 50 -11.82 -0.43 14.31
C SER A 50 -12.72 -1.43 13.60
N ASN A 51 -14.01 -1.43 13.89
CA ASN A 51 -14.92 -2.37 13.24
C ASN A 51 -15.21 -2.00 11.78
N SER A 52 -15.62 -0.76 11.56
CA SER A 52 -15.94 -0.27 10.21
C SER A 52 -14.73 -0.38 9.28
N SER A 53 -13.56 -0.12 9.83
CA SER A 53 -12.33 -0.17 9.05
C SER A 53 -12.06 -1.51 8.43
N ALA A 54 -12.49 -2.59 9.08
CA ALA A 54 -12.22 -3.93 8.61
C ALA A 54 -12.69 -4.12 7.17
N GLY A 55 -13.77 -3.44 6.78
CA GLY A 55 -14.25 -3.53 5.41
C GLY A 55 -13.24 -3.03 4.38
N TRP A 56 -12.76 -1.80 4.52
CA TRP A 56 -11.83 -1.25 3.54
C TRP A 56 -10.43 -1.86 3.69
N LYS A 57 -10.05 -2.21 4.91
CA LYS A 57 -8.79 -2.90 5.16
C LYS A 57 -8.78 -4.23 4.40
N ASN A 58 -9.92 -4.91 4.36
CA ASN A 58 -10.01 -6.14 3.58
C ASN A 58 -9.94 -5.86 2.07
N SER A 59 -10.52 -4.75 1.62
CA SER A 59 -10.45 -4.39 0.20
C SER A 59 -9.01 -4.16 -0.26
N ILE A 60 -8.19 -3.59 0.61
CA ILE A 60 -6.77 -3.39 0.30
C ILE A 60 -6.11 -4.75 0.16
N ARG A 61 -6.41 -5.64 1.09
CA ARG A 61 -5.84 -6.97 1.09
C ARG A 61 -6.24 -7.72 -0.18
N HIS A 62 -7.48 -7.55 -0.61
CA HIS A 62 -7.95 -8.16 -1.86
C HIS A 62 -7.18 -7.60 -3.05
N ASN A 63 -6.99 -6.28 -3.10
CA ASN A 63 -6.25 -5.65 -4.21
C ASN A 63 -4.82 -6.17 -4.26
N LEU A 64 -4.22 -6.38 -3.09
CA LEU A 64 -2.85 -6.89 -3.01
C LEU A 64 -2.80 -8.36 -3.43
N SER A 65 -3.89 -9.09 -3.19
CA SER A 65 -3.96 -10.51 -3.54
C SER A 65 -4.02 -10.73 -5.04
N LEU A 66 -4.35 -9.69 -5.80
CA LEU A 66 -4.37 -9.78 -7.26
C LEU A 66 -2.94 -9.89 -7.79
N HIS A 67 -2.00 -9.48 -6.94
CA HIS A 67 -0.54 -9.53 -7.17
C HIS A 67 0.03 -9.20 -8.56
N SER A 68 -0.72 -8.47 -9.39
CA SER A 68 -0.23 -8.11 -10.72
C SER A 68 0.99 -7.20 -10.65
N LYS A 69 0.84 -6.02 -10.04
CA LYS A 69 1.98 -5.11 -9.87
C LYS A 69 2.38 -4.95 -8.41
N PHE A 70 1.72 -5.70 -7.54
CA PHE A 70 2.04 -5.69 -6.12
C PHE A 70 2.73 -7.01 -5.86
N ILE A 71 3.83 -6.99 -5.14
CA ILE A 71 4.58 -8.19 -4.84
C ILE A 71 4.69 -8.27 -3.31
N ARG A 72 5.03 -9.44 -2.79
CA ARG A 72 5.14 -9.65 -1.34
C ARG A 72 6.57 -10.03 -1.04
N VAL A 73 7.15 -9.38 -0.05
CA VAL A 73 8.55 -9.58 0.30
C VAL A 73 8.67 -9.92 1.79
N GLN A 74 9.59 -10.79 2.14
CA GLN A 74 9.80 -11.16 3.54
C GLN A 74 10.97 -10.35 4.08
N ASN A 75 11.31 -10.55 5.34
CA ASN A 75 12.42 -9.87 5.97
C ASN A 75 13.21 -10.95 6.72
N GLU A 76 14.35 -10.56 7.26
CA GLU A 76 15.28 -11.46 7.94
C GLU A 76 14.74 -12.17 9.19
N GLY A 77 13.67 -11.65 9.75
CA GLY A 77 13.08 -12.21 10.96
C GLY A 77 12.89 -11.20 12.06
N THR A 78 12.68 -9.95 11.66
CA THR A 78 12.52 -8.84 12.60
C THR A 78 11.09 -8.31 12.52
N GLY A 79 10.26 -9.08 11.84
CA GLY A 79 8.86 -8.73 11.65
C GLY A 79 8.06 -9.88 11.13
N LYS A 80 7.07 -10.32 11.90
CA LYS A 80 6.21 -11.43 11.50
C LYS A 80 5.23 -11.02 10.40
N SER A 81 5.07 -9.73 10.19
CA SER A 81 4.20 -9.21 9.14
C SER A 81 4.96 -9.11 7.83
N SER A 82 4.39 -9.63 6.77
CA SER A 82 5.02 -9.56 5.45
C SER A 82 5.00 -8.13 4.92
N TRP A 83 5.96 -7.81 4.06
CA TRP A 83 6.05 -6.51 3.44
C TRP A 83 5.31 -6.61 2.14
N TRP A 84 4.65 -5.54 1.74
CA TRP A 84 3.99 -5.46 0.46
C TRP A 84 4.68 -4.31 -0.25
N MET A 85 5.01 -4.51 -1.51
CA MET A 85 5.71 -3.51 -2.26
C MET A 85 5.33 -3.61 -3.72
N LEU A 86 5.84 -2.70 -4.53
CA LEU A 86 5.54 -2.70 -5.95
C LEU A 86 6.56 -3.58 -6.64
N ASN A 87 6.22 -4.10 -7.80
CA ASN A 87 7.19 -4.85 -8.58
C ASN A 87 8.31 -3.83 -8.91
N PRO A 88 9.58 -4.21 -8.72
CA PRO A 88 10.64 -3.20 -8.90
C PRO A 88 10.90 -2.72 -10.31
N GLU A 89 10.76 -3.59 -11.29
CA GLU A 89 10.99 -3.20 -12.68
C GLU A 89 9.88 -2.24 -13.11
N GLY A 90 8.74 -2.37 -12.44
CA GLY A 90 7.57 -1.56 -12.75
C GLY A 90 7.32 -0.48 -11.72
N GLY A 91 8.36 -0.04 -11.04
CA GLY A 91 8.21 0.98 -10.02
C GLY A 91 9.40 1.91 -9.98
N LYS A 92 9.32 2.94 -9.14
CA LYS A 92 10.43 3.88 -9.03
C LYS A 92 11.53 3.17 -8.26
N SER A 93 12.70 3.11 -8.87
CA SER A 93 13.84 2.42 -8.29
C SER A 93 14.31 3.08 -6.99
N GLY A 94 15.06 2.31 -6.21
CA GLY A 94 15.60 2.82 -4.96
C GLY A 94 16.83 3.71 -5.17
N LYS A 95 17.60 3.90 -4.11
CA LYS A 95 18.80 4.76 -4.13
C LYS A 95 20.01 4.08 -4.79
N SER A 96 19.80 3.48 -5.96
CA SER A 96 20.85 2.77 -6.69
C SER A 96 21.14 3.51 -7.99
N PRO A 97 22.32 3.30 -8.61
CA PRO A 97 22.57 4.02 -9.86
C PRO A 97 21.67 3.54 -11.01
N ARG A 98 20.81 4.45 -11.47
CA ARG A 98 19.85 4.16 -12.54
C ARG A 98 19.79 5.38 -13.43
N ARG A 99 19.03 5.28 -14.51
CA ARG A 99 18.86 6.39 -15.43
C ARG A 99 18.13 7.50 -14.66
N ARG A 100 18.59 8.74 -14.82
CA ARG A 100 17.98 9.86 -14.12
C ARG A 100 16.70 10.27 -14.84
N ALA A 101 15.63 10.49 -14.08
CA ALA A 101 14.33 10.87 -14.63
C ALA A 101 13.57 11.73 -13.62
N ALA A 102 14.28 12.64 -12.99
CA ALA A 102 13.68 13.50 -11.96
C ALA A 102 12.89 14.63 -12.62
N SER A 103 11.74 14.95 -12.03
CA SER A 103 10.90 16.06 -12.48
C SER A 103 10.09 16.47 -11.26
N MET A 104 9.73 17.74 -11.16
CA MET A 104 8.99 18.24 -10.00
C MET A 104 8.19 19.50 -10.38
N ASP A 105 6.98 19.30 -10.87
CA ASP A 105 6.11 20.41 -11.25
C ASP A 105 4.75 20.21 -10.58
N ASN A 106 4.04 21.30 -10.33
CA ASN A 106 2.72 21.25 -9.71
C ASN A 106 2.04 22.55 -10.08
N ASN A 107 0.70 22.56 -10.11
CA ASN A 107 -0.02 23.76 -10.48
C ASN A 107 -0.88 24.24 -9.31
N SER A 108 -0.86 25.54 -9.07
CA SER A 108 -1.60 26.12 -7.95
C SER A 108 -2.91 26.73 -8.43
N LYS A 109 -3.97 26.61 -7.64
CA LYS A 109 -5.28 27.12 -8.08
C LYS A 109 -6.10 27.79 -6.97
N PHE A 110 -5.88 29.10 -6.85
CA PHE A 110 -6.58 30.00 -5.91
C PHE A 110 -6.31 29.71 -4.41
N ALA A 111 -6.47 30.74 -3.58
CA ALA A 111 -6.26 30.61 -2.14
C ALA A 111 -7.54 31.10 -1.46
N LYS A 112 -8.13 30.25 -0.62
CA LYS A 112 -9.40 30.57 0.05
C LYS A 112 -9.35 30.32 1.56
N SER A 113 -8.16 30.26 2.12
CA SER A 113 -8.01 29.99 3.55
C SER A 113 -8.16 31.29 4.34
N ARG A 114 -9.24 31.40 5.10
CA ARG A 114 -9.50 32.56 5.95
C ARG A 114 -10.50 32.11 7.00
N GLY A 115 -10.44 32.69 8.20
CA GLY A 115 -11.38 32.34 9.25
C GLY A 115 -11.28 33.39 10.32
N ARG A 116 -12.13 33.31 11.35
CA ARG A 116 -12.12 34.25 12.47
C ARG A 116 -12.85 33.59 13.62
N ALA A 117 -12.65 34.07 14.82
CA ALA A 117 -13.33 33.56 16.01
C ALA A 117 -13.68 34.80 16.83
N ALA A 118 -14.61 34.67 17.77
CA ALA A 118 -14.99 35.80 18.63
C ALA A 118 -14.06 35.82 19.84
N LYS A 119 -13.70 34.62 20.28
CA LYS A 119 -12.79 34.35 21.37
C LYS A 119 -12.30 32.97 20.99
N GLY A 1 -1.08 26.19 -17.01
CA GLY A 1 -0.65 26.85 -15.76
C GLY A 1 -0.72 25.91 -14.59
N PRO A 2 -0.42 26.36 -13.37
CA PRO A 2 -0.51 25.44 -12.22
C PRO A 2 -1.97 25.14 -11.85
N LEU A 3 -2.18 24.05 -11.12
CA LEU A 3 -3.52 23.68 -10.67
C LEU A 3 -3.39 23.03 -9.30
N GLY A 4 -4.31 23.36 -8.40
CA GLY A 4 -4.28 22.81 -7.04
C GLY A 4 -5.42 21.83 -6.79
N SER A 5 -5.85 21.15 -7.84
CA SER A 5 -6.99 20.23 -7.75
C SER A 5 -6.67 18.93 -7.02
N ALA A 6 -5.39 18.70 -6.75
CA ALA A 6 -4.91 17.50 -6.06
C ALA A 6 -5.49 16.20 -6.69
N TRP A 7 -6.28 15.46 -5.92
CA TRP A 7 -6.88 14.21 -6.36
C TRP A 7 -8.07 13.94 -5.48
N GLY A 8 -8.89 12.97 -5.87
CA GLY A 8 -10.04 12.60 -5.06
C GLY A 8 -10.49 11.17 -5.30
N ASN A 9 -10.80 10.85 -6.54
CA ASN A 9 -11.30 9.52 -6.91
C ASN A 9 -10.18 8.52 -7.24
N LEU A 10 -9.15 8.45 -6.41
CA LEU A 10 -8.06 7.51 -6.64
C LEU A 10 -8.56 6.12 -6.30
N SER A 11 -8.20 5.14 -7.12
CA SER A 11 -8.62 3.77 -6.89
C SER A 11 -7.86 3.17 -5.72
N TYR A 12 -8.33 2.06 -5.19
CA TYR A 12 -7.63 1.39 -4.09
C TYR A 12 -6.20 1.08 -4.51
N ALA A 13 -6.02 0.56 -5.72
CA ALA A 13 -4.68 0.23 -6.20
C ALA A 13 -3.75 1.46 -6.19
N ASP A 14 -4.28 2.62 -6.58
CA ASP A 14 -3.47 3.84 -6.63
C ASP A 14 -3.07 4.26 -5.22
N LEU A 15 -3.99 4.13 -4.27
CA LEU A 15 -3.73 4.52 -2.89
C LEU A 15 -2.75 3.57 -2.21
N ILE A 16 -2.90 2.28 -2.47
CA ILE A 16 -1.99 1.28 -1.91
C ILE A 16 -0.59 1.57 -2.45
N THR A 17 -0.52 1.79 -3.76
CA THR A 17 0.75 2.11 -4.40
C THR A 17 1.33 3.40 -3.83
N LYS A 18 0.52 4.45 -3.70
CA LYS A 18 1.02 5.73 -3.18
C LYS A 18 1.62 5.58 -1.80
N ALA A 19 1.02 4.75 -0.96
CA ALA A 19 1.53 4.52 0.37
C ALA A 19 2.95 3.97 0.29
N ILE A 20 3.14 3.00 -0.60
CA ILE A 20 4.44 2.35 -0.76
C ILE A 20 5.45 3.34 -1.33
N GLU A 21 5.04 4.15 -2.29
CA GLU A 21 5.95 5.14 -2.90
C GLU A 21 6.33 6.22 -1.90
N SER A 22 5.46 6.47 -0.94
CA SER A 22 5.69 7.50 0.09
C SER A 22 6.69 7.00 1.13
N SER A 23 6.76 5.70 1.33
CA SER A 23 7.67 5.13 2.31
C SER A 23 9.11 5.32 1.86
N ALA A 24 10.03 5.44 2.81
CA ALA A 24 11.44 5.61 2.47
C ALA A 24 11.98 4.31 1.84
N GLU A 25 11.60 3.19 2.43
CA GLU A 25 12.09 1.88 1.99
C GLU A 25 11.41 1.32 0.73
N LYS A 26 10.40 2.03 0.24
CA LYS A 26 9.60 1.61 -0.92
C LYS A 26 8.94 0.26 -0.70
N ARG A 27 8.55 0.02 0.56
CA ARG A 27 7.83 -1.17 0.98
C ARG A 27 7.10 -0.76 2.24
N LEU A 28 5.95 -1.34 2.49
CA LEU A 28 5.19 -1.07 3.71
C LEU A 28 4.51 -2.34 4.14
N THR A 29 4.20 -2.46 5.41
CA THR A 29 3.43 -3.61 5.87
C THR A 29 1.96 -3.27 5.69
N LEU A 30 1.12 -4.29 5.71
CA LEU A 30 -0.32 -4.08 5.53
C LEU A 30 -0.91 -3.07 6.52
N SER A 31 -0.45 -3.12 7.76
CA SER A 31 -0.92 -2.19 8.79
C SER A 31 -0.50 -0.75 8.47
N GLN A 32 0.71 -0.56 7.98
CA GLN A 32 1.22 0.76 7.65
C GLN A 32 0.45 1.39 6.50
N ILE A 33 0.06 0.57 5.53
CA ILE A 33 -0.71 1.04 4.39
C ILE A 33 -2.07 1.52 4.89
N TYR A 34 -2.63 0.83 5.88
CA TYR A 34 -3.90 1.26 6.45
C TYR A 34 -3.72 2.63 7.12
N GLU A 35 -2.70 2.77 7.95
CA GLU A 35 -2.46 4.04 8.64
C GLU A 35 -2.22 5.18 7.63
N TRP A 36 -1.53 4.88 6.54
CA TRP A 36 -1.28 5.87 5.51
C TRP A 36 -2.59 6.37 4.91
N MET A 37 -3.56 5.49 4.66
CA MET A 37 -4.83 5.93 4.07
C MET A 37 -5.63 6.79 5.04
N VAL A 38 -5.56 6.47 6.33
CA VAL A 38 -6.25 7.25 7.35
C VAL A 38 -5.60 8.64 7.42
N LYS A 39 -4.29 8.68 7.27
CA LYS A 39 -3.55 9.95 7.31
C LYS A 39 -3.75 10.80 6.05
N SER A 40 -3.73 10.16 4.89
CA SER A 40 -3.76 10.86 3.60
C SER A 40 -5.14 11.12 2.98
N VAL A 41 -6.14 10.30 3.27
CA VAL A 41 -7.44 10.44 2.62
C VAL A 41 -8.56 10.70 3.63
N PRO A 42 -9.20 11.90 3.61
CA PRO A 42 -10.27 12.14 4.57
C PRO A 42 -11.42 11.13 4.51
N TYR A 43 -11.69 10.58 3.33
CA TYR A 43 -12.74 9.57 3.18
C TYR A 43 -12.46 8.35 4.05
N PHE A 44 -11.26 7.82 3.94
CA PHE A 44 -10.92 6.61 4.68
C PHE A 44 -10.71 6.92 6.15
N LYS A 45 -10.34 8.15 6.46
CA LYS A 45 -10.21 8.61 7.85
C LYS A 45 -11.57 8.60 8.52
N ASP A 46 -12.57 9.12 7.82
CA ASP A 46 -13.95 9.17 8.32
C ASP A 46 -14.53 7.77 8.47
N LYS A 47 -14.12 6.88 7.58
CA LYS A 47 -14.61 5.50 7.58
C LYS A 47 -13.72 4.60 8.45
N GLY A 48 -12.96 5.20 9.34
CA GLY A 48 -12.04 4.45 10.20
C GLY A 48 -12.71 3.80 11.41
N ASP A 49 -14.03 3.86 11.48
CA ASP A 49 -14.78 3.22 12.57
C ASP A 49 -14.49 1.71 12.60
N SER A 50 -14.49 1.12 13.80
CA SER A 50 -14.16 -0.28 13.98
C SER A 50 -15.03 -1.25 13.18
N ASN A 51 -16.31 -0.96 13.00
CA ASN A 51 -17.18 -1.86 12.22
C ASN A 51 -16.94 -1.64 10.73
N SER A 52 -16.88 -0.37 10.33
CA SER A 52 -16.63 0.04 8.94
C SER A 52 -15.31 -0.56 8.46
N SER A 53 -14.37 -0.71 9.37
CA SER A 53 -13.06 -1.28 9.08
C SER A 53 -13.15 -2.65 8.41
N ALA A 54 -14.22 -3.40 8.65
CA ALA A 54 -14.38 -4.72 8.03
C ALA A 54 -14.30 -4.65 6.49
N GLY A 55 -15.02 -3.72 5.89
CA GLY A 55 -15.01 -3.59 4.43
C GLY A 55 -13.79 -2.83 3.95
N TRP A 56 -13.39 -1.88 4.78
CA TRP A 56 -12.23 -1.02 4.55
C TRP A 56 -10.97 -1.86 4.33
N LYS A 57 -10.66 -2.73 5.28
CA LYS A 57 -9.45 -3.57 5.22
C LYS A 57 -9.54 -4.68 4.18
N ASN A 58 -10.74 -5.21 3.98
CA ASN A 58 -10.91 -6.31 3.03
C ASN A 58 -10.71 -5.86 1.59
N SER A 59 -11.14 -4.66 1.27
CA SER A 59 -11.00 -4.16 -0.10
C SER A 59 -9.53 -4.02 -0.50
N ILE A 60 -8.69 -3.58 0.43
CA ILE A 60 -7.26 -3.45 0.16
C ILE A 60 -6.66 -4.84 -0.04
N ARG A 61 -7.03 -5.78 0.82
CA ARG A 61 -6.54 -7.15 0.72
C ARG A 61 -6.88 -7.75 -0.63
N HIS A 62 -8.10 -7.53 -1.08
CA HIS A 62 -8.55 -8.07 -2.36
C HIS A 62 -7.78 -7.42 -3.52
N ASN A 63 -7.59 -6.11 -3.44
CA ASN A 63 -6.89 -5.38 -4.50
C ASN A 63 -5.44 -5.83 -4.63
N LEU A 64 -4.81 -6.18 -3.52
CA LEU A 64 -3.41 -6.66 -3.54
C LEU A 64 -3.30 -7.95 -4.35
N SER A 65 -4.30 -8.82 -4.23
CA SER A 65 -4.29 -10.09 -4.95
C SER A 65 -4.59 -9.92 -6.44
N LEU A 66 -5.47 -8.98 -6.77
CA LEU A 66 -5.84 -8.76 -8.18
C LEU A 66 -4.72 -8.09 -8.97
N HIS A 67 -4.04 -7.14 -8.35
CA HIS A 67 -3.02 -6.38 -9.03
C HIS A 67 -1.63 -6.97 -8.80
N SER A 68 -1.19 -7.79 -9.75
CA SER A 68 0.14 -8.40 -9.74
C SER A 68 1.29 -7.38 -9.82
N LYS A 69 0.94 -6.09 -9.84
CA LYS A 69 1.93 -5.01 -9.79
C LYS A 69 2.53 -4.99 -8.38
N PHE A 70 1.82 -5.56 -7.42
CA PHE A 70 2.30 -5.62 -6.05
C PHE A 70 2.99 -6.96 -5.84
N ILE A 71 4.05 -6.96 -5.05
CA ILE A 71 4.76 -8.18 -4.69
C ILE A 71 4.80 -8.22 -3.17
N ARG A 72 5.04 -9.40 -2.61
CA ARG A 72 5.05 -9.58 -1.14
C ARG A 72 6.40 -10.09 -0.68
N VAL A 73 7.08 -9.31 0.15
CA VAL A 73 8.38 -9.71 0.67
C VAL A 73 8.17 -10.44 1.99
N GLN A 74 8.99 -11.46 2.22
CA GLN A 74 8.98 -12.15 3.50
C GLN A 74 9.53 -11.18 4.56
N ASN A 75 9.26 -11.49 5.80
CA ASN A 75 9.69 -10.68 6.93
C ASN A 75 10.47 -11.60 7.88
N GLU A 76 10.90 -11.06 9.01
CA GLU A 76 11.63 -11.83 10.05
C GLU A 76 10.86 -13.07 10.49
N GLY A 77 9.54 -13.02 10.36
CA GLY A 77 8.70 -14.18 10.68
C GLY A 77 7.34 -13.82 11.23
N THR A 78 7.29 -13.51 12.52
CA THR A 78 6.04 -13.23 13.23
C THR A 78 5.46 -11.84 12.97
N GLY A 79 5.93 -11.24 11.89
CA GLY A 79 5.47 -9.93 11.47
C GLY A 79 4.00 -9.88 11.09
N LYS A 80 3.44 -11.03 10.69
CA LYS A 80 2.02 -11.22 10.31
C LYS A 80 1.43 -10.38 9.16
N SER A 81 1.57 -9.07 9.23
CA SER A 81 1.04 -8.16 8.20
C SER A 81 1.74 -8.37 6.86
N SER A 82 2.98 -8.86 6.92
CA SER A 82 3.85 -9.08 5.75
C SER A 82 4.21 -7.77 5.04
N TRP A 83 5.26 -7.78 4.23
CA TRP A 83 5.66 -6.59 3.47
C TRP A 83 4.94 -6.63 2.15
N TRP A 84 4.53 -5.47 1.67
CA TRP A 84 3.92 -5.34 0.36
C TRP A 84 4.65 -4.19 -0.30
N MET A 85 5.04 -4.38 -1.56
CA MET A 85 5.75 -3.35 -2.28
C MET A 85 5.47 -3.48 -3.76
N LEU A 86 6.03 -2.59 -4.56
CA LEU A 86 5.78 -2.61 -6.00
C LEU A 86 6.84 -3.46 -6.69
N ASN A 87 6.48 -4.18 -7.74
CA ASN A 87 7.45 -4.98 -8.49
C ASN A 87 8.48 -4.02 -9.09
N PRO A 88 9.78 -4.13 -8.72
CA PRO A 88 10.73 -3.11 -9.18
C PRO A 88 11.02 -3.11 -10.68
N GLU A 89 11.06 -4.30 -11.26
CA GLU A 89 11.27 -4.45 -12.71
C GLU A 89 10.09 -3.89 -13.50
N GLY A 90 8.96 -3.75 -12.83
CA GLY A 90 7.76 -3.22 -13.47
C GLY A 90 7.76 -1.71 -13.41
N GLY A 91 8.81 -1.15 -12.83
CA GLY A 91 8.97 0.29 -12.74
C GLY A 91 10.04 0.74 -13.69
N LYS A 92 10.36 2.03 -13.68
CA LYS A 92 11.36 2.61 -14.60
C LYS A 92 12.76 2.02 -14.43
N SER A 93 13.02 1.40 -13.28
CA SER A 93 14.33 0.81 -13.02
C SER A 93 14.55 -0.46 -13.82
N GLY A 94 13.47 -1.12 -14.23
CA GLY A 94 13.59 -2.34 -15.00
C GLY A 94 13.46 -2.07 -16.49
N LYS A 95 12.40 -1.39 -16.89
CA LYS A 95 12.15 -1.09 -18.30
C LYS A 95 11.52 0.28 -18.41
N SER A 96 11.69 0.90 -19.57
CA SER A 96 11.16 2.23 -19.83
C SER A 96 9.62 2.20 -19.80
N PRO A 97 8.98 3.33 -19.43
CA PRO A 97 7.52 3.28 -19.35
C PRO A 97 6.81 3.16 -20.71
N ARG A 98 5.98 2.14 -20.84
CA ARG A 98 5.24 1.87 -22.08
C ARG A 98 3.96 2.70 -22.25
N ARG A 99 4.01 3.96 -21.80
CA ARG A 99 2.88 4.90 -21.88
C ARG A 99 1.63 4.35 -21.16
N ARG A 100 0.48 4.95 -21.44
CA ARG A 100 -0.81 4.49 -20.91
C ARG A 100 -1.68 4.18 -22.11
N ALA A 101 -1.74 2.92 -22.50
CA ALA A 101 -2.52 2.49 -23.66
C ALA A 101 -3.03 1.06 -23.42
N ALA A 102 -3.69 0.85 -22.29
CA ALA A 102 -4.21 -0.47 -21.94
C ALA A 102 -5.53 -0.69 -22.68
N SER A 103 -5.83 -1.95 -22.95
CA SER A 103 -7.08 -2.34 -23.61
C SER A 103 -7.66 -3.53 -22.85
N MET A 104 -7.73 -3.38 -21.54
CA MET A 104 -8.22 -4.43 -20.65
C MET A 104 -8.75 -3.71 -19.43
N ASP A 105 -9.72 -4.30 -18.75
CA ASP A 105 -10.34 -3.65 -17.59
C ASP A 105 -10.82 -4.69 -16.59
N ASN A 106 -11.32 -4.23 -15.44
CA ASN A 106 -11.76 -5.13 -14.38
C ASN A 106 -13.22 -5.57 -14.58
N ASN A 107 -13.46 -6.87 -14.48
CA ASN A 107 -14.81 -7.41 -14.60
C ASN A 107 -15.64 -7.07 -13.37
N SER A 108 -16.93 -6.87 -13.56
CA SER A 108 -17.84 -6.56 -12.46
C SER A 108 -18.44 -7.87 -11.94
N LYS A 109 -19.30 -7.76 -10.93
CA LYS A 109 -19.94 -8.92 -10.29
C LYS A 109 -21.12 -9.46 -11.10
N PHE A 110 -20.82 -9.93 -12.30
CA PHE A 110 -21.81 -10.49 -13.20
C PHE A 110 -22.15 -11.93 -12.81
N ALA A 111 -22.99 -12.57 -13.61
CA ALA A 111 -23.37 -13.99 -13.49
C ALA A 111 -24.09 -14.44 -12.20
N LYS A 112 -24.52 -13.49 -11.36
CA LYS A 112 -25.25 -13.87 -10.15
C LYS A 112 -26.65 -14.35 -10.55
N SER A 113 -26.91 -15.63 -10.36
CA SER A 113 -28.16 -16.26 -10.75
C SER A 113 -28.97 -16.71 -9.54
N ARG A 114 -30.10 -17.38 -9.81
CA ARG A 114 -30.97 -17.97 -8.80
C ARG A 114 -31.72 -19.07 -9.52
N GLY A 115 -32.34 -19.97 -8.79
CA GLY A 115 -33.10 -21.05 -9.41
C GLY A 115 -34.30 -21.40 -8.55
N ARG A 116 -35.07 -22.39 -8.96
CA ARG A 116 -36.26 -22.85 -8.23
C ARG A 116 -36.53 -24.24 -8.77
N ALA A 117 -37.39 -24.99 -8.08
CA ALA A 117 -37.73 -26.39 -8.37
C ALA A 117 -36.51 -27.31 -8.17
N ALA A 118 -36.75 -28.61 -8.21
CA ALA A 118 -35.70 -29.61 -7.99
C ALA A 118 -35.96 -30.86 -8.86
N LYS A 119 -36.92 -30.75 -9.75
CA LYS A 119 -37.35 -31.81 -10.64
C LYS A 119 -38.14 -31.06 -11.68
N GLY A 1 5.85 17.86 -18.72
CA GLY A 1 4.47 17.46 -19.04
C GLY A 1 3.51 18.58 -18.78
N PRO A 2 2.19 18.39 -18.97
CA PRO A 2 1.26 19.49 -18.68
C PRO A 2 1.08 19.70 -17.18
N LEU A 3 0.42 20.79 -16.82
CA LEU A 3 0.11 21.10 -15.43
C LEU A 3 -1.39 21.35 -15.47
N GLY A 4 -2.08 21.08 -14.38
CA GLY A 4 -3.52 21.23 -14.35
C GLY A 4 -4.10 20.68 -13.07
N SER A 5 -5.39 20.35 -13.09
CA SER A 5 -6.07 19.82 -11.93
C SER A 5 -5.50 18.48 -11.47
N ALA A 6 -5.59 18.22 -10.17
CA ALA A 6 -5.11 16.98 -9.58
C ALA A 6 -6.17 15.88 -9.78
N TRP A 7 -5.88 14.70 -9.25
CA TRP A 7 -6.78 13.57 -9.33
C TRP A 7 -8.01 13.83 -8.47
N GLY A 8 -9.13 13.25 -8.89
CA GLY A 8 -10.37 13.39 -8.14
C GLY A 8 -10.76 12.15 -7.36
N ASN A 9 -10.51 10.98 -7.94
CA ASN A 9 -10.87 9.71 -7.32
C ASN A 9 -9.86 8.66 -7.75
N LEU A 10 -8.95 8.34 -6.85
CA LEU A 10 -7.93 7.32 -7.10
C LEU A 10 -8.43 5.97 -6.63
N SER A 11 -8.10 4.92 -7.36
CA SER A 11 -8.54 3.57 -7.02
C SER A 11 -7.78 3.07 -5.80
N TYR A 12 -8.24 1.95 -5.24
CA TYR A 12 -7.54 1.34 -4.11
C TYR A 12 -6.11 1.05 -4.52
N ALA A 13 -5.91 0.49 -5.70
CA ALA A 13 -4.57 0.14 -6.17
C ALA A 13 -3.65 1.35 -6.21
N ASP A 14 -4.17 2.48 -6.66
CA ASP A 14 -3.37 3.71 -6.75
C ASP A 14 -2.97 4.19 -5.36
N LEU A 15 -3.91 4.16 -4.43
CA LEU A 15 -3.66 4.63 -3.08
C LEU A 15 -2.71 3.69 -2.32
N ILE A 16 -2.85 2.40 -2.52
CA ILE A 16 -1.95 1.42 -1.91
C ILE A 16 -0.55 1.71 -2.45
N THR A 17 -0.46 1.93 -3.75
CA THR A 17 0.80 2.24 -4.39
C THR A 17 1.40 3.53 -3.83
N LYS A 18 0.58 4.57 -3.69
CA LYS A 18 1.08 5.84 -3.15
C LYS A 18 1.63 5.67 -1.75
N ALA A 19 1.00 4.83 -0.94
CA ALA A 19 1.50 4.57 0.40
C ALA A 19 2.89 3.93 0.34
N ILE A 20 3.06 2.95 -0.54
CA ILE A 20 4.32 2.24 -0.66
C ILE A 20 5.40 3.20 -1.15
N GLU A 21 5.06 4.05 -2.10
CA GLU A 21 6.01 5.04 -2.62
C GLU A 21 6.36 6.08 -1.60
N SER A 22 5.40 6.36 -0.72
CA SER A 22 5.58 7.34 0.35
C SER A 22 6.64 6.86 1.33
N SER A 23 6.78 5.56 1.45
CA SER A 23 7.82 5.00 2.31
C SER A 23 9.15 5.13 1.56
N ALA A 24 10.20 5.52 2.26
CA ALA A 24 11.52 5.67 1.62
C ALA A 24 12.01 4.31 1.10
N GLU A 25 11.70 3.27 1.86
CA GLU A 25 12.13 1.91 1.55
C GLU A 25 11.35 1.27 0.40
N LYS A 26 10.31 1.94 -0.06
CA LYS A 26 9.41 1.42 -1.10
C LYS A 26 8.77 0.08 -0.74
N ARG A 27 8.48 -0.13 0.54
CA ARG A 27 7.83 -1.35 1.02
C ARG A 27 7.11 -1.03 2.32
N LEU A 28 5.88 -1.50 2.47
CA LEU A 28 5.09 -1.28 3.68
C LEU A 28 4.31 -2.52 4.07
N THR A 29 4.00 -2.66 5.35
CA THR A 29 3.16 -3.75 5.83
C THR A 29 1.71 -3.28 5.73
N LEU A 30 0.75 -4.20 5.89
CA LEU A 30 -0.67 -3.83 5.80
C LEU A 30 -1.07 -2.71 6.75
N SER A 31 -0.61 -2.78 8.00
CA SER A 31 -0.98 -1.78 9.00
C SER A 31 -0.50 -0.40 8.57
N GLN A 32 0.69 -0.34 8.01
CA GLN A 32 1.26 0.92 7.56
C GLN A 32 0.47 1.52 6.40
N ILE A 33 0.01 0.67 5.49
CA ILE A 33 -0.79 1.12 4.36
C ILE A 33 -2.12 1.64 4.88
N TYR A 34 -2.69 0.98 5.88
CA TYR A 34 -3.95 1.43 6.46
C TYR A 34 -3.77 2.81 7.07
N GLU A 35 -2.74 2.96 7.91
CA GLU A 35 -2.48 4.24 8.56
C GLU A 35 -2.25 5.36 7.55
N TRP A 36 -1.56 5.04 6.46
CA TRP A 36 -1.30 6.04 5.44
C TRP A 36 -2.62 6.52 4.84
N MET A 37 -3.57 5.62 4.65
CA MET A 37 -4.87 6.01 4.08
C MET A 37 -5.70 6.81 5.08
N VAL A 38 -5.65 6.46 6.35
CA VAL A 38 -6.38 7.19 7.38
C VAL A 38 -5.83 8.62 7.46
N LYS A 39 -4.51 8.75 7.36
CA LYS A 39 -3.88 10.07 7.38
C LYS A 39 -4.08 10.90 6.12
N SER A 40 -3.94 10.27 4.96
CA SER A 40 -3.97 10.98 3.68
C SER A 40 -5.33 11.12 3.01
N VAL A 41 -6.26 10.23 3.30
CA VAL A 41 -7.56 10.24 2.63
C VAL A 41 -8.70 10.43 3.64
N PRO A 42 -9.41 11.58 3.59
CA PRO A 42 -10.50 11.76 4.56
C PRO A 42 -11.55 10.66 4.53
N TYR A 43 -11.76 10.04 3.37
CA TYR A 43 -12.74 8.95 3.26
C TYR A 43 -12.41 7.78 4.18
N PHE A 44 -11.16 7.37 4.25
CA PHE A 44 -10.81 6.22 5.08
C PHE A 44 -10.63 6.63 6.52
N LYS A 45 -10.45 7.92 6.74
CA LYS A 45 -10.40 8.46 8.10
C LYS A 45 -11.81 8.41 8.70
N ASP A 46 -12.79 8.76 7.88
CA ASP A 46 -14.20 8.73 8.28
C ASP A 46 -14.62 7.29 8.54
N LYS A 47 -14.06 6.37 7.78
CA LYS A 47 -14.35 4.94 7.92
C LYS A 47 -13.35 4.29 8.86
N GLY A 48 -12.79 5.08 9.76
CA GLY A 48 -11.84 4.59 10.74
C GLY A 48 -12.52 3.81 11.86
N ASP A 49 -13.84 3.90 11.91
CA ASP A 49 -14.63 3.12 12.87
C ASP A 49 -14.32 1.64 12.64
N SER A 50 -14.26 0.86 13.72
CA SER A 50 -13.85 -0.54 13.62
C SER A 50 -14.72 -1.38 12.69
N ASN A 51 -16.01 -1.10 12.63
CA ASN A 51 -16.90 -1.85 11.75
C ASN A 51 -16.63 -1.47 10.29
N SER A 52 -16.62 -0.18 10.00
CA SER A 52 -16.36 0.32 8.65
C SER A 52 -14.97 -0.08 8.16
N SER A 53 -14.03 -0.14 9.08
CA SER A 53 -12.66 -0.54 8.77
C SER A 53 -12.61 -1.95 8.25
N ALA A 54 -13.49 -2.81 8.73
CA ALA A 54 -13.50 -4.21 8.32
C ALA A 54 -13.60 -4.33 6.79
N GLY A 55 -14.42 -3.49 6.18
CA GLY A 55 -14.60 -3.55 4.75
C GLY A 55 -13.40 -3.05 3.96
N TRP A 56 -12.96 -1.83 4.20
CA TRP A 56 -11.87 -1.27 3.38
C TRP A 56 -10.50 -1.90 3.63
N LYS A 57 -10.22 -2.32 4.86
CA LYS A 57 -8.96 -3.00 5.14
C LYS A 57 -8.90 -4.31 4.36
N ASN A 58 -10.06 -4.93 4.14
CA ASN A 58 -10.12 -6.14 3.33
C ASN A 58 -10.05 -5.84 1.83
N SER A 59 -10.57 -4.69 1.40
CA SER A 59 -10.48 -4.31 -0.01
C SER A 59 -9.02 -4.16 -0.44
N ILE A 60 -8.20 -3.63 0.47
CA ILE A 60 -6.77 -3.50 0.20
C ILE A 60 -6.17 -4.89 0.09
N ARG A 61 -6.55 -5.78 1.00
CA ARG A 61 -6.04 -7.15 0.98
C ARG A 61 -6.39 -7.83 -0.33
N HIS A 62 -7.60 -7.62 -0.82
CA HIS A 62 -8.02 -8.20 -2.10
C HIS A 62 -7.12 -7.70 -3.23
N ASN A 63 -6.91 -6.39 -3.29
CA ASN A 63 -6.08 -5.80 -4.35
C ASN A 63 -4.66 -6.36 -4.31
N LEU A 64 -4.14 -6.56 -3.10
CA LEU A 64 -2.79 -7.11 -2.94
C LEU A 64 -2.74 -8.58 -3.32
N SER A 65 -3.82 -9.31 -3.04
CA SER A 65 -3.89 -10.74 -3.33
C SER A 65 -3.89 -11.02 -4.82
N LEU A 66 -4.28 -10.04 -5.63
CA LEU A 66 -4.25 -10.19 -7.08
C LEU A 66 -2.81 -10.24 -7.56
N HIS A 67 -1.93 -9.60 -6.79
CA HIS A 67 -0.50 -9.47 -7.11
C HIS A 67 -0.29 -8.90 -8.52
N SER A 68 -1.23 -8.06 -8.94
CA SER A 68 -1.18 -7.49 -10.29
C SER A 68 0.08 -6.67 -10.50
N LYS A 69 0.23 -5.61 -9.72
CA LYS A 69 1.46 -4.82 -9.73
C LYS A 69 2.16 -4.87 -8.39
N PHE A 70 1.59 -5.63 -7.46
CA PHE A 70 2.07 -5.70 -6.10
C PHE A 70 2.77 -7.02 -5.87
N ILE A 71 3.88 -6.98 -5.15
CA ILE A 71 4.66 -8.17 -4.88
C ILE A 71 4.86 -8.24 -3.36
N ARG A 72 5.26 -9.39 -2.85
CA ARG A 72 5.39 -9.59 -1.40
C ARG A 72 6.82 -9.96 -1.05
N VAL A 73 7.32 -9.43 0.07
CA VAL A 73 8.70 -9.67 0.49
C VAL A 73 8.74 -10.37 1.84
N GLN A 74 9.71 -11.26 2.00
CA GLN A 74 9.97 -11.93 3.25
C GLN A 74 10.42 -10.88 4.29
N ASN A 75 10.38 -11.26 5.55
CA ASN A 75 10.75 -10.39 6.66
C ASN A 75 11.98 -10.95 7.34
N GLU A 76 12.58 -10.15 8.22
CA GLU A 76 13.73 -10.56 9.03
C GLU A 76 13.34 -11.61 10.07
N GLY A 77 12.04 -11.77 10.24
CA GLY A 77 11.49 -12.73 11.20
C GLY A 77 10.92 -11.98 12.40
N THR A 78 11.45 -10.78 12.61
CA THR A 78 11.05 -9.89 13.70
C THR A 78 9.79 -9.11 13.34
N GLY A 79 9.11 -9.60 12.32
CA GLY A 79 7.88 -8.99 11.86
C GLY A 79 7.04 -10.06 11.20
N LYS A 80 5.87 -10.32 11.78
CA LYS A 80 4.94 -11.33 11.24
C LYS A 80 4.11 -10.77 10.08
N SER A 81 4.06 -9.45 9.98
CA SER A 81 3.31 -8.79 8.91
C SER A 81 4.20 -8.70 7.68
N SER A 82 3.86 -9.46 6.65
CA SER A 82 4.63 -9.46 5.41
C SER A 82 4.69 -8.08 4.77
N TRP A 83 5.77 -7.83 4.04
CA TRP A 83 5.93 -6.56 3.34
C TRP A 83 5.21 -6.66 2.02
N TRP A 84 4.63 -5.55 1.59
CA TRP A 84 4.01 -5.45 0.30
C TRP A 84 4.71 -4.29 -0.38
N MET A 85 5.10 -4.49 -1.63
CA MET A 85 5.79 -3.46 -2.38
C MET A 85 5.40 -3.56 -3.84
N LEU A 86 5.93 -2.66 -4.65
CA LEU A 86 5.58 -2.63 -6.06
C LEU A 86 6.54 -3.47 -6.87
N ASN A 87 6.06 -4.06 -7.95
CA ASN A 87 6.92 -4.80 -8.86
C ASN A 87 7.92 -3.79 -9.44
N PRO A 88 9.23 -4.12 -9.45
CA PRO A 88 10.19 -3.12 -9.96
C PRO A 88 10.02 -2.77 -11.44
N GLU A 89 9.68 -3.76 -12.26
CA GLU A 89 9.45 -3.52 -13.68
C GLU A 89 8.11 -2.81 -13.87
N GLY A 90 7.28 -2.87 -12.85
CA GLY A 90 6.00 -2.18 -12.85
C GLY A 90 6.14 -0.69 -12.68
N GLY A 91 7.38 -0.21 -12.60
CA GLY A 91 7.66 1.22 -12.48
C GLY A 91 8.21 1.82 -13.77
N LYS A 92 8.28 1.04 -14.83
CA LYS A 92 8.84 1.52 -16.11
C LYS A 92 8.10 2.73 -16.70
N SER A 93 6.87 2.94 -16.27
CA SER A 93 6.05 4.06 -16.72
C SER A 93 6.44 5.41 -16.09
N GLY A 94 7.70 5.79 -16.25
CA GLY A 94 8.19 7.08 -15.75
C GLY A 94 9.03 7.02 -14.48
N LYS A 95 9.04 5.90 -13.78
CA LYS A 95 9.83 5.75 -12.55
C LYS A 95 10.89 4.67 -12.75
N SER A 96 11.53 4.72 -13.89
CA SER A 96 12.60 3.78 -14.23
C SER A 96 13.74 3.87 -13.22
N PRO A 97 14.48 2.76 -13.00
CA PRO A 97 15.57 2.82 -12.01
C PRO A 97 16.71 3.74 -12.43
N ARG A 98 17.44 4.24 -11.45
CA ARG A 98 18.55 5.16 -11.69
C ARG A 98 19.80 4.58 -11.06
N ARG A 99 20.81 4.38 -11.90
CA ARG A 99 22.11 3.76 -11.52
C ARG A 99 21.89 2.29 -11.10
N ARG A 100 22.97 1.53 -10.96
CA ARG A 100 22.89 0.14 -10.49
C ARG A 100 23.47 0.16 -9.09
N ALA A 101 22.60 0.37 -8.11
CA ALA A 101 23.02 0.46 -6.70
C ALA A 101 22.09 -0.36 -5.81
N ALA A 102 21.54 -1.43 -6.36
CA ALA A 102 20.63 -2.31 -5.65
C ALA A 102 20.77 -3.68 -6.31
N SER A 103 20.41 -4.72 -5.57
CA SER A 103 20.47 -6.08 -6.11
C SER A 103 19.39 -6.23 -7.17
N MET A 104 19.77 -6.76 -8.33
CA MET A 104 18.85 -6.95 -9.44
C MET A 104 19.29 -8.22 -10.16
N ASP A 105 18.34 -8.91 -10.77
CA ASP A 105 18.61 -10.13 -11.51
C ASP A 105 17.72 -10.11 -12.74
N ASN A 106 18.16 -10.74 -13.82
CA ASN A 106 17.39 -10.83 -15.05
C ASN A 106 17.91 -12.03 -15.82
N ASN A 107 17.02 -12.67 -16.58
CA ASN A 107 17.40 -13.85 -17.35
C ASN A 107 16.86 -13.67 -18.78
N SER A 108 17.59 -14.21 -19.75
CA SER A 108 17.20 -14.06 -21.16
C SER A 108 16.61 -15.35 -21.69
N LYS A 109 15.46 -15.25 -22.34
CA LYS A 109 14.78 -16.42 -22.93
C LYS A 109 14.05 -16.00 -24.21
N PHE A 110 14.75 -15.34 -25.11
CA PHE A 110 14.15 -14.87 -26.36
C PHE A 110 14.23 -15.99 -27.40
N ALA A 111 13.41 -15.87 -28.43
CA ALA A 111 13.41 -16.84 -29.52
C ALA A 111 13.10 -16.05 -30.79
N LYS A 112 13.55 -16.55 -31.94
CA LYS A 112 13.34 -15.88 -33.22
C LYS A 112 12.85 -16.93 -34.21
N SER A 113 11.60 -16.82 -34.63
CA SER A 113 11.02 -17.81 -35.53
C SER A 113 11.40 -17.55 -36.98
N ARG A 114 12.07 -18.52 -37.60
CA ARG A 114 12.44 -18.45 -39.01
C ARG A 114 12.83 -19.86 -39.44
N GLY A 115 12.68 -20.14 -40.73
CA GLY A 115 13.08 -21.42 -41.28
C GLY A 115 13.40 -21.18 -42.74
N ARG A 116 14.02 -22.15 -43.41
CA ARG A 116 14.36 -22.04 -44.83
C ARG A 116 14.71 -23.44 -45.30
N ALA A 117 14.57 -23.68 -46.61
CA ALA A 117 14.94 -24.95 -47.24
C ALA A 117 14.33 -26.19 -46.55
N ALA A 118 13.09 -26.07 -46.09
CA ALA A 118 12.38 -27.15 -45.43
C ALA A 118 10.91 -26.82 -45.59
N LYS A 119 10.10 -27.85 -45.77
CA LYS A 119 8.65 -27.72 -46.00
C LYS A 119 8.39 -26.79 -47.20
N GLY A 1 -5.07 26.97 -12.60
CA GLY A 1 -5.22 26.82 -14.06
C GLY A 1 -6.65 27.08 -14.48
N PRO A 2 -7.07 26.71 -15.70
CA PRO A 2 -8.48 26.93 -16.07
C PRO A 2 -9.42 25.98 -15.35
N LEU A 3 -8.79 24.98 -14.80
CA LEU A 3 -9.40 23.94 -14.00
C LEU A 3 -8.51 23.80 -12.77
N GLY A 4 -9.02 23.16 -11.74
CA GLY A 4 -8.30 22.98 -10.50
C GLY A 4 -8.65 21.65 -9.83
N SER A 5 -9.09 21.74 -8.58
CA SER A 5 -9.46 20.57 -7.77
C SER A 5 -8.27 19.62 -7.54
N ALA A 6 -8.56 18.38 -7.17
CA ALA A 6 -7.52 17.40 -6.87
C ALA A 6 -8.03 16.00 -7.22
N TRP A 7 -7.50 14.99 -6.56
CA TRP A 7 -7.88 13.59 -6.81
C TRP A 7 -9.35 13.31 -6.46
N GLY A 8 -10.21 13.26 -7.47
CA GLY A 8 -11.61 12.96 -7.25
C GLY A 8 -11.90 11.48 -7.12
N ASN A 9 -11.11 10.66 -7.79
CA ASN A 9 -11.31 9.21 -7.78
C ASN A 9 -10.00 8.48 -8.00
N LEU A 10 -9.43 7.97 -6.91
CA LEU A 10 -8.23 7.14 -6.97
C LEU A 10 -8.67 5.76 -6.56
N SER A 11 -8.24 4.75 -7.31
CA SER A 11 -8.62 3.37 -7.03
C SER A 11 -7.86 2.89 -5.80
N TYR A 12 -8.31 1.78 -5.23
CA TYR A 12 -7.61 1.20 -4.08
C TYR A 12 -6.16 0.96 -4.45
N ALA A 13 -5.93 0.40 -5.63
CA ALA A 13 -4.58 0.12 -6.10
C ALA A 13 -3.70 1.39 -6.10
N ASP A 14 -4.25 2.51 -6.51
CA ASP A 14 -3.50 3.76 -6.57
C ASP A 14 -3.11 4.22 -5.17
N LEU A 15 -4.04 4.10 -4.24
CA LEU A 15 -3.79 4.53 -2.87
C LEU A 15 -2.77 3.64 -2.18
N ILE A 16 -2.87 2.33 -2.40
CA ILE A 16 -1.93 1.38 -1.84
C ILE A 16 -0.55 1.69 -2.41
N THR A 17 -0.50 1.93 -3.71
CA THR A 17 0.74 2.26 -4.37
C THR A 17 1.34 3.56 -3.83
N LYS A 18 0.53 4.60 -3.68
CA LYS A 18 1.04 5.87 -3.17
C LYS A 18 1.62 5.70 -1.78
N ALA A 19 1.03 4.84 -0.97
CA ALA A 19 1.55 4.57 0.36
C ALA A 19 2.94 3.95 0.28
N ILE A 20 3.11 2.99 -0.61
CA ILE A 20 4.39 2.30 -0.76
C ILE A 20 5.44 3.26 -1.29
N GLU A 21 5.06 4.11 -2.24
CA GLU A 21 5.97 5.10 -2.81
C GLU A 21 6.40 6.11 -1.76
N SER A 22 5.50 6.36 -0.84
CA SER A 22 5.76 7.33 0.24
C SER A 22 6.73 6.78 1.26
N SER A 23 6.83 5.46 1.36
CA SER A 23 7.73 4.84 2.33
C SER A 23 9.19 4.95 1.90
N ALA A 24 10.08 5.17 2.86
CA ALA A 24 11.50 5.33 2.57
C ALA A 24 12.13 4.07 1.94
N GLU A 25 11.62 2.91 2.32
CA GLU A 25 12.17 1.65 1.83
C GLU A 25 11.42 1.10 0.61
N LYS A 26 10.40 1.84 0.17
CA LYS A 26 9.52 1.44 -0.95
C LYS A 26 8.88 0.08 -0.69
N ARG A 27 8.50 -0.16 0.56
CA ARG A 27 7.79 -1.38 0.97
C ARG A 27 7.08 -1.01 2.26
N LEU A 28 5.89 -1.54 2.46
CA LEU A 28 5.13 -1.27 3.68
C LEU A 28 4.44 -2.53 4.18
N THR A 29 4.10 -2.57 5.45
CA THR A 29 3.33 -3.68 6.01
C THR A 29 1.87 -3.26 5.92
N LEU A 30 0.94 -4.20 6.06
CA LEU A 30 -0.48 -3.88 5.92
C LEU A 30 -0.95 -2.78 6.86
N SER A 31 -0.49 -2.82 8.10
CA SER A 31 -0.89 -1.80 9.08
C SER A 31 -0.46 -0.41 8.65
N GLN A 32 0.73 -0.31 8.09
CA GLN A 32 1.26 0.98 7.65
C GLN A 32 0.47 1.55 6.47
N ILE A 33 0.03 0.67 5.58
CA ILE A 33 -0.78 1.10 4.44
C ILE A 33 -2.11 1.64 4.96
N TYR A 34 -2.65 1.02 6.00
CA TYR A 34 -3.89 1.50 6.60
C TYR A 34 -3.68 2.91 7.16
N GLU A 35 -2.65 3.09 7.98
CA GLU A 35 -2.36 4.40 8.58
C GLU A 35 -2.18 5.46 7.52
N TRP A 36 -1.52 5.11 6.42
CA TRP A 36 -1.28 6.06 5.35
C TRP A 36 -2.60 6.52 4.74
N MET A 37 -3.56 5.62 4.54
CA MET A 37 -4.84 6.02 3.94
C MET A 37 -5.66 6.86 4.90
N VAL A 38 -5.57 6.58 6.20
CA VAL A 38 -6.27 7.38 7.20
C VAL A 38 -5.69 8.80 7.17
N LYS A 39 -4.37 8.90 7.07
CA LYS A 39 -3.69 10.19 7.04
C LYS A 39 -3.90 10.96 5.74
N SER A 40 -3.90 10.26 4.62
CA SER A 40 -4.00 10.90 3.31
C SER A 40 -5.40 11.12 2.76
N VAL A 41 -6.38 10.31 3.15
CA VAL A 41 -7.73 10.41 2.59
C VAL A 41 -8.80 10.56 3.68
N PRO A 42 -9.59 11.64 3.63
CA PRO A 42 -10.58 11.79 4.71
C PRO A 42 -11.67 10.73 4.68
N TYR A 43 -11.92 10.14 3.51
CA TYR A 43 -12.90 9.06 3.40
C TYR A 43 -12.51 7.89 4.28
N PHE A 44 -11.26 7.45 4.16
CA PHE A 44 -10.80 6.29 4.90
C PHE A 44 -10.68 6.59 6.39
N LYS A 45 -10.35 7.84 6.71
CA LYS A 45 -10.34 8.29 8.12
C LYS A 45 -11.74 8.09 8.69
N ASP A 46 -12.74 8.53 7.96
CA ASP A 46 -14.12 8.47 8.41
C ASP A 46 -14.66 7.04 8.50
N LYS A 47 -14.09 6.16 7.70
CA LYS A 47 -14.54 4.77 7.65
C LYS A 47 -13.76 3.87 8.62
N GLY A 48 -13.10 4.47 9.59
CA GLY A 48 -12.34 3.72 10.58
C GLY A 48 -13.17 2.98 11.61
N ASP A 49 -14.49 3.02 11.47
CA ASP A 49 -15.41 2.32 12.38
C ASP A 49 -15.12 0.80 12.36
N SER A 50 -15.29 0.17 13.50
CA SER A 50 -15.00 -1.26 13.67
C SER A 50 -15.72 -2.17 12.68
N ASN A 51 -16.96 -1.88 12.33
CA ASN A 51 -17.67 -2.71 11.35
C ASN A 51 -17.16 -2.44 9.94
N SER A 52 -16.96 -1.16 9.63
CA SER A 52 -16.47 -0.75 8.31
C SER A 52 -15.08 -1.31 8.06
N SER A 53 -14.33 -1.51 9.14
CA SER A 53 -12.98 -2.08 9.09
C SER A 53 -12.95 -3.42 8.36
N ALA A 54 -14.06 -4.15 8.38
CA ALA A 54 -14.15 -5.43 7.68
C ALA A 54 -13.85 -5.27 6.18
N GLY A 55 -14.50 -4.30 5.54
CA GLY A 55 -14.31 -4.09 4.11
C GLY A 55 -13.06 -3.28 3.82
N TRP A 56 -12.72 -2.43 4.77
CA TRP A 56 -11.54 -1.55 4.69
C TRP A 56 -10.28 -2.37 4.39
N LYS A 57 -10.01 -3.38 5.22
CA LYS A 57 -8.85 -4.23 5.04
C LYS A 57 -9.02 -5.23 3.90
N ASN A 58 -10.25 -5.64 3.64
CA ASN A 58 -10.52 -6.64 2.60
C ASN A 58 -10.21 -6.10 1.21
N SER A 59 -10.74 -4.94 0.86
CA SER A 59 -10.53 -4.39 -0.47
C SER A 59 -9.05 -4.13 -0.76
N ILE A 60 -8.29 -3.71 0.24
CA ILE A 60 -6.85 -3.52 0.07
C ILE A 60 -6.21 -4.86 -0.22
N ARG A 61 -6.59 -5.87 0.57
CA ARG A 61 -6.00 -7.20 0.39
C ARG A 61 -6.38 -7.79 -0.95
N HIS A 62 -7.59 -7.54 -1.41
CA HIS A 62 -8.05 -8.00 -2.72
C HIS A 62 -7.17 -7.38 -3.81
N ASN A 63 -6.97 -6.07 -3.74
CA ASN A 63 -6.16 -5.38 -4.75
C ASN A 63 -4.71 -5.85 -4.73
N LEU A 64 -4.19 -6.15 -3.55
CA LEU A 64 -2.83 -6.69 -3.42
C LEU A 64 -2.74 -8.08 -4.05
N SER A 65 -3.80 -8.86 -3.91
CA SER A 65 -3.85 -10.23 -4.41
C SER A 65 -3.89 -10.31 -5.93
N LEU A 66 -4.21 -9.20 -6.59
CA LEU A 66 -4.23 -9.16 -8.06
C LEU A 66 -2.81 -9.35 -8.60
N HIS A 67 -1.83 -9.09 -7.73
CA HIS A 67 -0.38 -9.25 -7.97
C HIS A 67 0.26 -8.74 -9.27
N SER A 68 -0.50 -8.05 -10.10
CA SER A 68 0.01 -7.51 -11.36
C SER A 68 0.99 -6.38 -11.10
N LYS A 69 0.70 -5.57 -10.08
CA LYS A 69 1.55 -4.44 -9.71
C LYS A 69 2.22 -4.65 -8.37
N PHE A 70 1.59 -5.42 -7.49
CA PHE A 70 2.08 -5.62 -6.13
C PHE A 70 2.76 -6.96 -5.96
N ILE A 71 3.82 -6.97 -5.17
CA ILE A 71 4.55 -8.20 -4.86
C ILE A 71 4.67 -8.25 -3.34
N ARG A 72 4.97 -9.43 -2.79
CA ARG A 72 5.05 -9.61 -1.34
C ARG A 72 6.46 -10.06 -0.97
N VAL A 73 7.03 -9.46 0.06
CA VAL A 73 8.37 -9.81 0.54
C VAL A 73 8.28 -10.41 1.92
N GLN A 74 9.07 -11.44 2.15
CA GLN A 74 9.17 -12.03 3.48
C GLN A 74 9.94 -11.06 4.38
N ASN A 75 9.88 -11.32 5.67
CA ASN A 75 10.55 -10.52 6.67
C ASN A 75 11.83 -11.27 7.06
N GLU A 76 12.71 -10.63 7.82
CA GLU A 76 13.93 -11.28 8.32
C GLU A 76 13.54 -12.45 9.23
N GLY A 77 12.37 -12.34 9.83
CA GLY A 77 11.83 -13.42 10.65
C GLY A 77 10.77 -12.99 11.63
N THR A 78 11.19 -12.55 12.81
CA THR A 78 10.28 -12.23 13.91
C THR A 78 9.44 -10.96 13.75
N GLY A 79 9.48 -10.38 12.57
CA GLY A 79 8.72 -9.18 12.27
C GLY A 79 7.25 -9.47 12.05
N LYS A 80 6.92 -10.76 11.89
CA LYS A 80 5.56 -11.30 11.74
C LYS A 80 4.74 -10.86 10.51
N SER A 81 4.65 -9.57 10.25
CA SER A 81 3.91 -9.08 9.09
C SER A 81 4.78 -9.09 7.85
N SER A 82 4.22 -9.56 6.75
CA SER A 82 4.93 -9.56 5.48
C SER A 82 4.92 -8.16 4.88
N TRP A 83 5.89 -7.87 4.03
CA TRP A 83 5.97 -6.60 3.34
C TRP A 83 5.19 -6.71 2.06
N TRP A 84 4.62 -5.59 1.64
CA TRP A 84 3.95 -5.50 0.36
C TRP A 84 4.62 -4.33 -0.32
N MET A 85 4.96 -4.50 -1.59
CA MET A 85 5.65 -3.45 -2.33
C MET A 85 5.31 -3.55 -3.81
N LEU A 86 5.83 -2.62 -4.58
CA LEU A 86 5.55 -2.57 -6.01
C LEU A 86 6.56 -3.44 -6.75
N ASN A 87 6.14 -4.02 -7.86
CA ASN A 87 7.06 -4.79 -8.70
C ASN A 87 8.08 -3.82 -9.28
N PRO A 88 9.39 -4.04 -9.04
CA PRO A 88 10.39 -3.07 -9.52
C PRO A 88 10.61 -3.04 -11.03
N GLU A 89 10.49 -4.19 -11.66
CA GLU A 89 10.68 -4.31 -13.11
C GLU A 89 9.40 -3.83 -13.79
N GLY A 90 8.31 -3.88 -13.03
CA GLY A 90 7.00 -3.49 -13.54
C GLY A 90 6.75 -1.99 -13.48
N GLY A 91 7.77 -1.19 -13.71
CA GLY A 91 7.62 0.26 -13.68
C GLY A 91 8.90 0.96 -13.27
N LYS A 92 8.76 2.11 -12.64
CA LYS A 92 9.92 2.84 -12.13
C LYS A 92 10.31 2.18 -10.82
N SER A 93 11.59 2.24 -10.48
CA SER A 93 12.09 1.65 -9.24
C SER A 93 13.12 2.60 -8.65
N GLY A 94 13.30 2.56 -7.34
CA GLY A 94 14.24 3.46 -6.68
C GLY A 94 15.61 2.84 -6.56
N LYS A 95 16.65 3.66 -6.63
CA LYS A 95 18.04 3.17 -6.55
C LYS A 95 18.78 3.88 -5.42
N SER A 96 18.52 3.45 -4.20
CA SER A 96 19.18 4.02 -3.03
C SER A 96 20.66 3.62 -3.06
N PRO A 97 21.58 4.56 -2.74
CA PRO A 97 22.97 4.11 -2.72
C PRO A 97 23.21 3.17 -1.54
N ARG A 98 24.18 2.26 -1.72
CA ARG A 98 24.56 1.25 -0.71
C ARG A 98 23.35 0.68 0.07
N ARG A 99 22.45 0.03 -0.66
CA ARG A 99 21.26 -0.58 -0.08
C ARG A 99 21.64 -1.44 1.12
N ARG A 100 20.85 -1.33 2.19
CA ARG A 100 21.06 -2.14 3.39
C ARG A 100 20.72 -3.58 3.06
N ALA A 101 21.76 -4.38 2.83
CA ALA A 101 21.63 -5.79 2.50
C ALA A 101 23.05 -6.31 2.75
N ALA A 102 23.23 -7.63 2.67
CA ALA A 102 24.54 -8.24 2.86
C ALA A 102 24.67 -9.33 1.80
N SER A 103 25.91 -9.67 1.45
CA SER A 103 26.18 -10.71 0.47
C SER A 103 27.59 -11.24 0.63
N MET A 104 28.52 -10.30 0.80
CA MET A 104 29.96 -10.58 0.95
C MET A 104 30.46 -11.35 -0.28
N ASP A 105 29.87 -11.02 -1.42
CA ASP A 105 30.15 -11.69 -2.68
C ASP A 105 30.18 -10.63 -3.78
N ASN A 106 30.84 -10.94 -4.89
CA ASN A 106 30.99 -10.01 -6.01
C ASN A 106 30.87 -10.80 -7.31
N ASN A 107 29.86 -10.48 -8.13
CA ASN A 107 29.57 -11.25 -9.33
C ASN A 107 29.60 -10.41 -10.60
N SER A 108 29.70 -11.08 -11.74
CA SER A 108 29.77 -10.42 -13.03
C SER A 108 28.49 -9.62 -13.29
N LYS A 109 28.68 -8.43 -13.84
CA LYS A 109 27.59 -7.51 -14.14
C LYS A 109 27.74 -7.04 -15.58
N PHE A 110 28.01 -7.99 -16.47
CA PHE A 110 28.23 -7.70 -17.87
C PHE A 110 27.02 -6.99 -18.49
N ALA A 111 27.27 -5.96 -19.27
CA ALA A 111 26.22 -5.19 -19.92
C ALA A 111 26.77 -4.57 -21.21
N LYS A 112 26.52 -5.21 -22.34
CA LYS A 112 26.97 -4.68 -23.63
C LYS A 112 25.93 -3.71 -24.21
N SER A 113 24.77 -3.66 -23.56
CA SER A 113 23.66 -2.80 -23.98
C SER A 113 23.25 -3.12 -25.42
N ARG A 114 22.67 -2.15 -26.12
CA ARG A 114 22.25 -2.32 -27.50
C ARG A 114 22.39 -0.98 -28.21
N GLY A 115 22.82 -1.01 -29.46
CA GLY A 115 22.97 0.20 -30.25
C GLY A 115 22.84 -0.20 -31.70
N ARG A 116 22.99 0.74 -32.62
CA ARG A 116 22.90 0.46 -34.06
C ARG A 116 23.89 1.37 -34.76
N ALA A 117 24.52 0.89 -35.81
CA ALA A 117 25.42 1.69 -36.63
C ALA A 117 24.60 2.35 -37.74
N ALA A 118 23.55 3.07 -37.35
CA ALA A 118 22.63 3.69 -38.28
C ALA A 118 21.96 4.85 -37.56
N LYS A 119 21.28 5.69 -38.32
CA LYS A 119 20.53 6.83 -37.77
C LYS A 119 19.26 6.29 -37.12
N GLY A 1 -8.05 34.12 -11.15
CA GLY A 1 -8.45 32.93 -11.93
C GLY A 1 -8.87 31.80 -11.04
N PRO A 2 -9.15 30.60 -11.56
CA PRO A 2 -9.53 29.51 -10.65
C PRO A 2 -8.34 29.06 -9.82
N LEU A 3 -8.59 28.49 -8.66
CA LEU A 3 -7.53 28.03 -7.77
C LEU A 3 -8.06 26.84 -6.97
N GLY A 4 -7.21 25.85 -6.75
CA GLY A 4 -7.58 24.67 -5.99
C GLY A 4 -7.90 23.50 -6.90
N SER A 5 -7.36 22.34 -6.55
CA SER A 5 -7.56 21.10 -7.31
C SER A 5 -7.29 19.96 -6.35
N ALA A 6 -7.73 18.76 -6.71
CA ALA A 6 -7.51 17.57 -5.88
C ALA A 6 -7.47 16.38 -6.82
N TRP A 7 -7.06 15.23 -6.31
CA TRP A 7 -6.98 14.01 -7.11
C TRP A 7 -8.37 13.43 -7.42
N GLY A 8 -9.39 13.98 -6.79
CA GLY A 8 -10.74 13.50 -6.96
C GLY A 8 -10.95 12.22 -6.18
N ASN A 9 -10.81 11.09 -6.85
CA ASN A 9 -10.99 9.78 -6.22
C ASN A 9 -10.03 8.75 -6.81
N LEU A 10 -8.90 8.57 -6.15
CA LEU A 10 -7.91 7.59 -6.57
C LEU A 10 -8.45 6.21 -6.25
N SER A 11 -8.15 5.24 -7.10
CA SER A 11 -8.61 3.87 -6.90
C SER A 11 -7.85 3.25 -5.75
N TYR A 12 -8.37 2.15 -5.21
CA TYR A 12 -7.67 1.46 -4.12
C TYR A 12 -6.25 1.11 -4.52
N ALA A 13 -6.06 0.56 -5.70
CA ALA A 13 -4.72 0.19 -6.16
C ALA A 13 -3.79 1.41 -6.18
N ASP A 14 -4.30 2.53 -6.62
CA ASP A 14 -3.52 3.76 -6.73
C ASP A 14 -3.09 4.22 -5.34
N LEU A 15 -4.01 4.15 -4.38
CA LEU A 15 -3.73 4.58 -3.01
C LEU A 15 -2.77 3.64 -2.30
N ILE A 16 -2.92 2.34 -2.53
CA ILE A 16 -2.01 1.35 -1.94
C ILE A 16 -0.61 1.62 -2.48
N THR A 17 -0.54 1.88 -3.77
CA THR A 17 0.73 2.18 -4.42
C THR A 17 1.31 3.48 -3.86
N LYS A 18 0.48 4.52 -3.73
CA LYS A 18 0.95 5.80 -3.19
C LYS A 18 1.53 5.62 -1.80
N ALA A 19 0.94 4.76 -0.99
CA ALA A 19 1.45 4.49 0.33
C ALA A 19 2.86 3.92 0.27
N ILE A 20 3.06 2.95 -0.60
CA ILE A 20 4.36 2.29 -0.73
C ILE A 20 5.39 3.30 -1.25
N GLU A 21 4.98 4.12 -2.20
CA GLU A 21 5.87 5.14 -2.76
C GLU A 21 6.26 6.19 -1.75
N SER A 22 5.34 6.47 -0.84
CA SER A 22 5.56 7.48 0.19
C SER A 22 6.56 6.98 1.23
N SER A 23 6.66 5.67 1.36
CA SER A 23 7.61 5.09 2.31
C SER A 23 9.01 5.26 1.74
N ALA A 24 9.96 5.63 2.57
CA ALA A 24 11.34 5.82 2.13
C ALA A 24 11.94 4.50 1.67
N GLU A 25 11.49 3.42 2.27
CA GLU A 25 11.99 2.08 1.98
C GLU A 25 11.33 1.43 0.76
N LYS A 26 10.33 2.12 0.18
CA LYS A 26 9.54 1.61 -0.95
C LYS A 26 8.88 0.27 -0.66
N ARG A 27 8.50 0.07 0.60
CA ARG A 27 7.82 -1.15 1.04
C ARG A 27 7.07 -0.76 2.29
N LEU A 28 5.89 -1.35 2.50
CA LEU A 28 5.10 -1.10 3.70
C LEU A 28 4.44 -2.40 4.13
N THR A 29 4.21 -2.56 5.41
CA THR A 29 3.49 -3.73 5.90
C THR A 29 2.01 -3.46 5.71
N LEU A 30 1.19 -4.50 5.83
CA LEU A 30 -0.26 -4.36 5.60
C LEU A 30 -0.90 -3.31 6.51
N SER A 31 -0.48 -3.26 7.77
CA SER A 31 -1.02 -2.30 8.72
C SER A 31 -0.65 -0.87 8.34
N GLN A 32 0.58 -0.69 7.90
CA GLN A 32 1.09 0.63 7.53
C GLN A 32 0.34 1.24 6.35
N ILE A 33 -0.10 0.40 5.43
CA ILE A 33 -0.87 0.88 4.28
C ILE A 33 -2.20 1.45 4.78
N TYR A 34 -2.78 0.83 5.80
CA TYR A 34 -4.02 1.32 6.36
C TYR A 34 -3.77 2.68 7.02
N GLU A 35 -2.73 2.75 7.84
CA GLU A 35 -2.37 3.98 8.56
C GLU A 35 -2.11 5.12 7.58
N TRP A 36 -1.46 4.82 6.46
CA TRP A 36 -1.16 5.83 5.46
C TRP A 36 -2.44 6.41 4.87
N MET A 37 -3.44 5.57 4.62
CA MET A 37 -4.69 6.08 4.04
C MET A 37 -5.45 6.93 5.04
N VAL A 38 -5.39 6.58 6.32
CA VAL A 38 -6.05 7.38 7.36
C VAL A 38 -5.35 8.75 7.43
N LYS A 39 -4.03 8.75 7.31
CA LYS A 39 -3.25 9.99 7.36
C LYS A 39 -3.38 10.86 6.12
N SER A 40 -3.42 10.25 4.96
CA SER A 40 -3.40 10.99 3.69
C SER A 40 -4.73 11.24 3.00
N VAL A 41 -5.78 10.52 3.39
CA VAL A 41 -7.07 10.67 2.73
C VAL A 41 -8.17 10.92 3.77
N PRO A 42 -8.85 12.09 3.70
CA PRO A 42 -9.86 12.32 4.74
C PRO A 42 -11.05 11.38 4.63
N TYR A 43 -11.31 10.87 3.43
CA TYR A 43 -12.38 9.89 3.22
C TYR A 43 -12.15 8.68 4.12
N PHE A 44 -10.93 8.17 4.15
CA PHE A 44 -10.64 6.97 4.92
C PHE A 44 -10.44 7.27 6.38
N LYS A 45 -10.06 8.50 6.71
CA LYS A 45 -9.95 8.91 8.11
C LYS A 45 -11.33 8.83 8.74
N ASP A 46 -12.33 9.29 7.98
CA ASP A 46 -13.74 9.23 8.40
C ASP A 46 -14.22 7.78 8.54
N LYS A 47 -13.65 6.89 7.75
CA LYS A 47 -14.10 5.49 7.72
C LYS A 47 -13.38 4.65 8.77
N GLY A 48 -12.81 5.32 9.75
CA GLY A 48 -12.08 4.64 10.83
C GLY A 48 -12.92 3.87 11.82
N ASP A 49 -14.22 3.80 11.58
CA ASP A 49 -15.15 3.07 12.46
C ASP A 49 -14.83 1.56 12.52
N SER A 50 -15.11 0.96 13.68
CA SER A 50 -14.85 -0.45 13.92
C SER A 50 -15.57 -1.39 12.94
N ASN A 51 -16.82 -1.13 12.61
CA ASN A 51 -17.53 -2.01 11.67
C ASN A 51 -17.02 -1.80 10.25
N SER A 52 -16.73 -0.55 9.92
CA SER A 52 -16.18 -0.16 8.62
C SER A 52 -14.87 -0.88 8.34
N SER A 53 -14.16 -1.24 9.40
CA SER A 53 -12.89 -1.96 9.28
C SER A 53 -13.03 -3.23 8.43
N ALA A 54 -14.19 -3.87 8.47
CA ALA A 54 -14.42 -5.08 7.68
C ALA A 54 -14.27 -4.82 6.16
N GLY A 55 -14.79 -3.70 5.68
CA GLY A 55 -14.71 -3.38 4.26
C GLY A 55 -13.36 -2.80 3.90
N TRP A 56 -12.78 -2.11 4.87
CA TRP A 56 -11.48 -1.46 4.75
C TRP A 56 -10.40 -2.48 4.34
N LYS A 57 -10.25 -3.50 5.18
CA LYS A 57 -9.22 -4.51 4.96
C LYS A 57 -9.51 -5.35 3.74
N ASN A 58 -10.78 -5.65 3.49
CA ASN A 58 -11.12 -6.54 2.39
C ASN A 58 -10.81 -5.92 1.03
N SER A 59 -11.08 -4.63 0.88
CA SER A 59 -10.87 -3.98 -0.41
C SER A 59 -9.38 -3.86 -0.75
N ILE A 60 -8.56 -3.52 0.24
CA ILE A 60 -7.13 -3.39 0.01
C ILE A 60 -6.55 -4.79 -0.23
N ARG A 61 -6.95 -5.76 0.57
CA ARG A 61 -6.46 -7.12 0.43
C ARG A 61 -6.81 -7.70 -0.93
N HIS A 62 -7.99 -7.40 -1.44
CA HIS A 62 -8.40 -7.88 -2.76
C HIS A 62 -7.47 -7.33 -3.84
N ASN A 63 -7.14 -6.05 -3.78
CA ASN A 63 -6.26 -5.45 -4.79
C ASN A 63 -4.84 -5.99 -4.67
N LEU A 64 -4.39 -6.27 -3.45
CA LEU A 64 -3.06 -6.85 -3.24
C LEU A 64 -3.00 -8.29 -3.74
N SER A 65 -4.15 -8.96 -3.74
CA SER A 65 -4.22 -10.35 -4.20
C SER A 65 -4.10 -10.46 -5.71
N LEU A 66 -4.24 -9.36 -6.42
CA LEU A 66 -4.07 -9.36 -7.88
C LEU A 66 -2.61 -9.63 -8.22
N HIS A 67 -1.74 -9.14 -7.33
CA HIS A 67 -0.27 -9.32 -7.38
C HIS A 67 0.48 -8.90 -8.67
N SER A 68 -0.22 -8.37 -9.66
CA SER A 68 0.43 -7.93 -10.89
C SER A 68 1.40 -6.77 -10.68
N LYS A 69 1.04 -5.85 -9.80
CA LYS A 69 1.88 -4.70 -9.49
C LYS A 69 2.43 -4.77 -8.07
N PHE A 70 1.76 -5.51 -7.21
CA PHE A 70 2.16 -5.61 -5.81
C PHE A 70 2.81 -6.96 -5.56
N ILE A 71 3.94 -6.98 -4.88
CA ILE A 71 4.61 -8.23 -4.55
C ILE A 71 4.68 -8.30 -3.04
N ARG A 72 4.90 -9.49 -2.50
CA ARG A 72 4.98 -9.69 -1.06
C ARG A 72 6.37 -10.17 -0.72
N VAL A 73 6.96 -9.55 0.29
CA VAL A 73 8.34 -9.80 0.69
C VAL A 73 8.38 -10.28 2.15
N GLN A 74 9.26 -11.22 2.43
CA GLN A 74 9.45 -11.71 3.78
C GLN A 74 10.39 -10.76 4.50
N ASN A 75 10.19 -10.56 5.79
CA ASN A 75 11.07 -9.67 6.56
C ASN A 75 12.17 -10.54 7.17
N GLU A 76 13.18 -9.88 7.74
CA GLU A 76 14.36 -10.54 8.33
C GLU A 76 14.07 -11.58 9.41
N GLY A 77 12.92 -11.45 10.04
CA GLY A 77 12.51 -12.36 11.11
C GLY A 77 11.81 -11.62 12.22
N THR A 78 12.54 -10.73 12.89
CA THR A 78 11.99 -10.00 14.04
C THR A 78 11.05 -8.86 13.66
N GLY A 79 10.86 -8.71 12.38
CA GLY A 79 9.97 -7.70 11.83
C GLY A 79 8.54 -8.22 11.87
N LYS A 80 8.42 -9.55 11.91
CA LYS A 80 7.17 -10.31 12.01
C LYS A 80 6.12 -10.17 10.88
N SER A 81 5.79 -8.95 10.49
CA SER A 81 4.77 -8.72 9.48
C SER A 81 5.33 -8.84 8.06
N SER A 82 4.50 -9.32 7.15
CA SER A 82 4.91 -9.44 5.75
C SER A 82 4.96 -8.04 5.12
N TRP A 83 5.96 -7.83 4.28
CA TRP A 83 6.15 -6.58 3.58
C TRP A 83 5.36 -6.66 2.28
N TRP A 84 4.88 -5.53 1.82
CA TRP A 84 4.22 -5.44 0.52
C TRP A 84 4.92 -4.29 -0.17
N MET A 85 5.25 -4.47 -1.44
CA MET A 85 5.92 -3.42 -2.18
C MET A 85 5.54 -3.52 -3.64
N LEU A 86 6.02 -2.58 -4.44
CA LEU A 86 5.71 -2.56 -5.86
C LEU A 86 6.72 -3.44 -6.57
N ASN A 87 6.29 -4.12 -7.63
CA ASN A 87 7.21 -4.93 -8.42
C ASN A 87 8.26 -3.97 -9.04
N PRO A 88 9.56 -4.22 -8.78
CA PRO A 88 10.60 -3.31 -9.29
C PRO A 88 10.82 -3.32 -10.81
N GLU A 89 10.57 -4.46 -11.41
CA GLU A 89 10.76 -4.68 -12.86
C GLU A 89 9.82 -3.81 -13.72
N GLY A 90 8.85 -3.18 -13.08
CA GLY A 90 7.93 -2.29 -13.79
C GLY A 90 6.62 -2.95 -14.16
N GLY A 91 6.40 -3.18 -15.45
CA GLY A 91 5.15 -3.77 -15.90
C GLY A 91 3.98 -2.79 -15.93
N LYS A 92 3.96 -1.89 -16.90
CA LYS A 92 2.85 -0.94 -17.03
C LYS A 92 1.63 -1.66 -17.59
N SER A 93 0.48 -1.44 -16.99
CA SER A 93 -0.77 -2.05 -17.42
C SER A 93 -1.90 -1.15 -16.95
N GLY A 94 -3.09 -1.33 -17.50
CA GLY A 94 -4.24 -0.53 -17.10
C GLY A 94 -5.50 -1.24 -17.55
N LYS A 95 -6.62 -0.96 -16.90
CA LYS A 95 -7.90 -1.61 -17.21
C LYS A 95 -9.04 -0.79 -16.62
N SER A 96 -10.22 -0.92 -17.19
CA SER A 96 -11.39 -0.23 -16.67
C SER A 96 -11.84 -0.89 -15.37
N PRO A 97 -12.44 -0.12 -14.44
CA PRO A 97 -12.87 -0.77 -13.20
C PRO A 97 -14.13 -1.63 -13.39
N ARG A 98 -14.22 -2.69 -12.60
CA ARG A 98 -15.38 -3.59 -12.61
C ARG A 98 -15.36 -4.19 -11.21
N ARG A 99 -16.51 -4.62 -10.70
CA ARG A 99 -16.57 -5.21 -9.35
C ARG A 99 -17.67 -6.25 -9.33
N ARG A 100 -17.69 -7.09 -8.30
CA ARG A 100 -18.73 -8.09 -8.12
C ARG A 100 -19.78 -7.45 -7.22
N ALA A 101 -21.05 -7.73 -7.47
CA ALA A 101 -22.15 -7.18 -6.68
C ALA A 101 -23.28 -8.19 -6.79
N ALA A 102 -24.34 -7.99 -6.01
CA ALA A 102 -25.52 -8.84 -6.05
C ALA A 102 -26.68 -7.95 -5.61
N SER A 103 -27.89 -8.32 -6.00
CA SER A 103 -29.09 -7.54 -5.66
C SER A 103 -30.01 -8.35 -4.76
N MET A 104 -29.41 -9.21 -3.94
CA MET A 104 -30.18 -10.10 -3.07
C MET A 104 -29.98 -9.70 -1.61
N ASP A 105 -31.07 -9.72 -0.87
CA ASP A 105 -31.08 -9.40 0.56
C ASP A 105 -32.06 -10.35 1.25
N ASN A 106 -33.33 -10.28 0.80
CA ASN A 106 -34.45 -11.14 1.24
C ASN A 106 -34.96 -10.87 2.66
N ASN A 107 -34.04 -10.74 3.62
CA ASN A 107 -34.37 -10.53 5.03
C ASN A 107 -35.34 -11.64 5.51
N SER A 108 -36.61 -11.30 5.70
CA SER A 108 -37.61 -12.27 6.15
C SER A 108 -38.89 -12.10 5.33
N LYS A 109 -38.73 -11.93 4.02
CA LYS A 109 -39.88 -11.75 3.12
C LYS A 109 -40.88 -12.91 3.20
N PHE A 110 -40.38 -14.10 3.52
CA PHE A 110 -41.23 -15.27 3.66
C PHE A 110 -40.98 -15.92 5.02
N ALA A 111 -42.04 -16.02 5.83
CA ALA A 111 -41.93 -16.59 7.17
C ALA A 111 -41.81 -18.13 7.14
N LYS A 112 -40.59 -18.64 6.99
CA LYS A 112 -40.34 -20.08 7.01
C LYS A 112 -38.97 -20.31 7.64
N SER A 113 -38.82 -21.40 8.38
CA SER A 113 -37.55 -21.72 9.02
C SER A 113 -37.41 -23.23 9.31
N ARG A 114 -38.18 -23.71 10.29
CA ARG A 114 -38.18 -25.11 10.78
C ARG A 114 -36.87 -25.52 11.44
N GLY A 115 -35.78 -25.60 10.68
CA GLY A 115 -34.46 -25.95 11.23
C GLY A 115 -34.39 -27.28 11.97
N ARG A 116 -35.25 -28.23 11.64
CA ARG A 116 -35.29 -29.50 12.36
C ARG A 116 -35.76 -30.63 11.45
N ALA A 117 -35.16 -31.80 11.60
CA ALA A 117 -35.52 -32.98 10.84
C ALA A 117 -36.14 -34.00 11.82
N ALA A 118 -36.39 -35.21 11.35
CA ALA A 118 -36.96 -36.27 12.17
C ALA A 118 -36.41 -37.56 11.57
N LYS A 119 -36.60 -38.67 12.29
CA LYS A 119 -36.21 -39.99 11.81
C LYS A 119 -37.43 -40.58 11.16
N GLY A 1 -1.15 31.72 -12.90
CA GLY A 1 -2.05 31.50 -11.75
C GLY A 1 -1.92 30.11 -11.20
N PRO A 2 -2.71 29.71 -10.19
CA PRO A 2 -2.59 28.33 -9.70
C PRO A 2 -3.14 27.33 -10.70
N LEU A 3 -2.67 26.09 -10.62
CA LEU A 3 -3.12 25.03 -11.53
C LEU A 3 -3.35 23.76 -10.71
N GLY A 4 -4.34 22.98 -11.10
CA GLY A 4 -4.63 21.73 -10.41
C GLY A 4 -5.56 21.90 -9.22
N SER A 5 -6.27 20.82 -8.89
CA SER A 5 -7.22 20.82 -7.77
C SER A 5 -7.14 19.47 -7.07
N ALA A 6 -5.91 19.01 -6.86
CA ALA A 6 -5.60 17.72 -6.27
C ALA A 6 -6.16 16.58 -7.13
N TRP A 7 -6.34 15.45 -6.49
CA TRP A 7 -6.79 14.23 -7.16
C TRP A 7 -8.31 14.14 -7.25
N GLY A 8 -8.83 13.92 -8.44
CA GLY A 8 -10.26 13.76 -8.62
C GLY A 8 -10.74 12.38 -8.20
N ASN A 9 -9.98 11.35 -8.57
CA ASN A 9 -10.33 9.96 -8.24
C ASN A 9 -9.14 9.04 -8.38
N LEU A 10 -8.56 8.63 -7.26
CA LEU A 10 -7.47 7.64 -7.26
C LEU A 10 -8.11 6.31 -6.85
N SER A 11 -7.81 5.25 -7.58
CA SER A 11 -8.41 3.95 -7.29
C SER A 11 -7.73 3.32 -6.09
N TYR A 12 -8.27 2.21 -5.61
CA TYR A 12 -7.69 1.50 -4.48
C TYR A 12 -6.24 1.12 -4.77
N ALA A 13 -5.97 0.61 -5.96
CA ALA A 13 -4.62 0.21 -6.33
C ALA A 13 -3.68 1.41 -6.29
N ASP A 14 -4.17 2.55 -6.74
CA ASP A 14 -3.33 3.76 -6.78
C ASP A 14 -3.02 4.25 -5.37
N LEU A 15 -3.99 4.16 -4.47
CA LEU A 15 -3.79 4.59 -3.08
C LEU A 15 -2.82 3.67 -2.35
N ILE A 16 -2.95 2.36 -2.56
CA ILE A 16 -2.04 1.39 -1.96
C ILE A 16 -0.64 1.68 -2.48
N THR A 17 -0.53 1.90 -3.78
CA THR A 17 0.75 2.22 -4.40
C THR A 17 1.33 3.52 -3.82
N LYS A 18 0.51 4.56 -3.70
CA LYS A 18 0.97 5.84 -3.17
C LYS A 18 1.57 5.68 -1.78
N ALA A 19 0.98 4.82 -0.96
CA ALA A 19 1.50 4.59 0.38
C ALA A 19 2.89 3.98 0.32
N ILE A 20 3.07 3.02 -0.57
CA ILE A 20 4.34 2.31 -0.69
C ILE A 20 5.41 3.28 -1.20
N GLU A 21 5.04 4.12 -2.14
CA GLU A 21 5.97 5.10 -2.70
C GLU A 21 6.36 6.15 -1.67
N SER A 22 5.43 6.39 -0.76
CA SER A 22 5.65 7.35 0.33
C SER A 22 6.67 6.84 1.32
N SER A 23 6.82 5.53 1.43
CA SER A 23 7.79 4.95 2.35
C SER A 23 9.19 5.08 1.75
N ALA A 24 10.18 5.39 2.58
CA ALA A 24 11.56 5.52 2.09
C ALA A 24 12.08 4.17 1.58
N GLU A 25 11.61 3.11 2.20
CA GLU A 25 12.04 1.74 1.86
C GLU A 25 11.34 1.18 0.62
N LYS A 26 10.35 1.92 0.12
CA LYS A 26 9.48 1.48 -0.99
C LYS A 26 8.84 0.13 -0.71
N ARG A 27 8.50 -0.11 0.55
CA ARG A 27 7.81 -1.34 0.98
C ARG A 27 7.09 -0.96 2.25
N LEU A 28 5.89 -1.49 2.45
CA LEU A 28 5.13 -1.22 3.67
C LEU A 28 4.42 -2.48 4.11
N THR A 29 4.12 -2.57 5.40
CA THR A 29 3.34 -3.69 5.92
C THR A 29 1.88 -3.30 5.74
N LEU A 30 0.97 -4.26 5.86
CA LEU A 30 -0.46 -3.97 5.68
C LEU A 30 -0.94 -2.89 6.66
N SER A 31 -0.45 -2.95 7.90
CA SER A 31 -0.84 -1.97 8.91
C SER A 31 -0.44 -0.55 8.53
N GLN A 32 0.75 -0.42 7.95
CA GLN A 32 1.27 0.89 7.56
C GLN A 32 0.48 1.47 6.39
N ILE A 33 0.05 0.62 5.48
CA ILE A 33 -0.75 1.06 4.34
C ILE A 33 -2.07 1.61 4.88
N TYR A 34 -2.62 0.97 5.90
CA TYR A 34 -3.86 1.46 6.51
C TYR A 34 -3.64 2.85 7.10
N GLU A 35 -2.60 3.01 7.91
CA GLU A 35 -2.35 4.29 8.56
C GLU A 35 -2.10 5.40 7.55
N TRP A 36 -1.41 5.09 6.47
CA TRP A 36 -1.15 6.09 5.43
C TRP A 36 -2.48 6.56 4.85
N MET A 37 -3.41 5.66 4.63
CA MET A 37 -4.71 6.05 4.06
C MET A 37 -5.52 6.87 5.06
N VAL A 38 -5.45 6.54 6.34
CA VAL A 38 -6.16 7.32 7.37
C VAL A 38 -5.58 8.75 7.41
N LYS A 39 -4.26 8.86 7.30
CA LYS A 39 -3.59 10.15 7.33
C LYS A 39 -3.76 10.98 6.07
N SER A 40 -3.82 10.33 4.92
CA SER A 40 -3.86 11.02 3.64
C SER A 40 -5.25 11.18 3.01
N VAL A 41 -6.19 10.31 3.35
CA VAL A 41 -7.51 10.35 2.74
C VAL A 41 -8.60 10.52 3.81
N PRO A 42 -9.33 11.66 3.79
CA PRO A 42 -10.38 11.83 4.81
C PRO A 42 -11.45 10.73 4.79
N TYR A 43 -11.70 10.17 3.62
CA TYR A 43 -12.66 9.08 3.46
C TYR A 43 -12.29 7.90 4.35
N PHE A 44 -11.05 7.46 4.29
CA PHE A 44 -10.63 6.29 5.04
C PHE A 44 -10.56 6.56 6.53
N LYS A 45 -10.35 7.81 6.91
CA LYS A 45 -10.36 8.20 8.31
C LYS A 45 -11.78 8.02 8.85
N ASP A 46 -12.76 8.44 8.07
CA ASP A 46 -14.17 8.31 8.44
C ASP A 46 -14.58 6.84 8.51
N LYS A 47 -13.99 5.99 7.68
CA LYS A 47 -14.35 4.57 7.67
C LYS A 47 -13.66 3.78 8.77
N GLY A 48 -13.13 4.46 9.78
CA GLY A 48 -12.44 3.79 10.88
C GLY A 48 -13.34 3.06 11.87
N ASP A 49 -14.62 2.96 11.58
CA ASP A 49 -15.58 2.24 12.43
C ASP A 49 -15.16 0.77 12.61
N SER A 50 -15.45 0.22 13.78
CA SER A 50 -15.08 -1.15 14.14
C SER A 50 -15.60 -2.21 13.17
N ASN A 51 -16.83 -2.08 12.70
CA ASN A 51 -17.37 -3.07 11.76
C ASN A 51 -16.81 -2.83 10.36
N SER A 52 -16.68 -1.56 10.01
CA SER A 52 -16.13 -1.12 8.73
C SER A 52 -14.71 -1.67 8.54
N SER A 53 -14.03 -1.95 9.64
CA SER A 53 -12.69 -2.52 9.61
C SER A 53 -12.64 -3.78 8.73
N ALA A 54 -13.73 -4.56 8.74
CA ALA A 54 -13.79 -5.77 7.92
C ALA A 54 -13.62 -5.45 6.43
N GLY A 55 -14.33 -4.45 5.95
CA GLY A 55 -14.24 -4.08 4.54
C GLY A 55 -12.96 -3.33 4.23
N TRP A 56 -12.47 -2.61 5.23
CA TRP A 56 -11.24 -1.84 5.15
C TRP A 56 -10.08 -2.75 4.76
N LYS A 57 -9.89 -3.82 5.52
CA LYS A 57 -8.79 -4.75 5.25
C LYS A 57 -9.08 -5.63 4.04
N ASN A 58 -10.33 -5.99 3.83
CA ASN A 58 -10.69 -6.86 2.71
C ASN A 58 -10.38 -6.23 1.36
N SER A 59 -10.86 -5.01 1.13
CA SER A 59 -10.70 -4.35 -0.16
C SER A 59 -9.23 -4.18 -0.56
N ILE A 60 -8.39 -3.79 0.40
CA ILE A 60 -6.96 -3.64 0.12
C ILE A 60 -6.35 -5.02 -0.15
N ARG A 61 -6.72 -6.01 0.65
CA ARG A 61 -6.18 -7.36 0.48
C ARG A 61 -6.59 -7.95 -0.86
N HIS A 62 -7.79 -7.66 -1.31
CA HIS A 62 -8.25 -8.10 -2.62
C HIS A 62 -7.34 -7.55 -3.72
N ASN A 63 -7.05 -6.26 -3.66
CA ASN A 63 -6.20 -5.62 -4.66
C ASN A 63 -4.78 -6.20 -4.62
N LEU A 64 -4.28 -6.50 -3.43
CA LEU A 64 -2.96 -7.10 -3.29
C LEU A 64 -2.94 -8.52 -3.85
N SER A 65 -4.06 -9.22 -3.73
CA SER A 65 -4.16 -10.61 -4.20
C SER A 65 -4.14 -10.70 -5.72
N LEU A 66 -4.34 -9.57 -6.40
CA LEU A 66 -4.28 -9.54 -7.87
C LEU A 66 -2.83 -9.71 -8.33
N HIS A 67 -1.91 -9.52 -7.38
CA HIS A 67 -0.44 -9.72 -7.53
C HIS A 67 0.29 -9.24 -8.80
N SER A 68 -0.36 -8.43 -9.61
CA SER A 68 0.25 -7.92 -10.83
C SER A 68 1.22 -6.79 -10.53
N LYS A 69 0.73 -5.76 -9.87
CA LYS A 69 1.56 -4.60 -9.53
C LYS A 69 2.19 -4.73 -8.15
N PHE A 70 1.59 -5.54 -7.30
CA PHE A 70 2.06 -5.69 -5.93
C PHE A 70 2.71 -7.04 -5.71
N ILE A 71 3.81 -7.03 -4.99
CA ILE A 71 4.55 -8.26 -4.67
C ILE A 71 4.69 -8.29 -3.15
N ARG A 72 5.11 -9.42 -2.60
CA ARG A 72 5.20 -9.60 -1.15
C ARG A 72 6.61 -10.05 -0.78
N VAL A 73 7.14 -9.50 0.31
CA VAL A 73 8.48 -9.85 0.80
C VAL A 73 8.36 -10.36 2.22
N GLN A 74 9.19 -11.33 2.56
CA GLN A 74 9.26 -11.83 3.91
C GLN A 74 9.84 -10.72 4.78
N ASN A 75 9.51 -10.73 6.06
CA ASN A 75 10.07 -9.78 7.01
C ASN A 75 11.16 -10.47 7.79
N GLU A 76 12.04 -9.69 8.37
CA GLU A 76 13.20 -10.19 9.10
C GLU A 76 12.76 -10.77 10.44
N GLY A 77 11.64 -10.28 10.94
CA GLY A 77 11.11 -10.74 12.22
C GLY A 77 10.42 -12.09 12.20
N THR A 78 10.86 -12.99 11.32
CA THR A 78 10.34 -14.38 11.18
C THR A 78 8.87 -14.61 11.61
N GLY A 79 7.97 -13.85 11.00
CA GLY A 79 6.55 -13.97 11.30
C GLY A 79 5.93 -12.64 11.71
N LYS A 80 6.75 -11.69 12.12
CA LYS A 80 6.25 -10.36 12.45
C LYS A 80 5.98 -9.60 11.17
N SER A 81 4.75 -9.75 10.79
CA SER A 81 4.14 -9.17 9.60
C SER A 81 4.86 -9.59 8.31
N SER A 82 4.51 -8.96 7.20
CA SER A 82 5.12 -9.21 5.91
C SER A 82 5.08 -7.91 5.15
N TRP A 83 6.01 -7.72 4.23
CA TRP A 83 6.07 -6.51 3.44
C TRP A 83 5.26 -6.67 2.18
N TRP A 84 4.69 -5.58 1.72
CA TRP A 84 4.01 -5.51 0.45
C TRP A 84 4.67 -4.35 -0.25
N MET A 85 5.02 -4.54 -1.51
CA MET A 85 5.73 -3.50 -2.25
C MET A 85 5.38 -3.59 -3.71
N LEU A 86 5.92 -2.67 -4.48
CA LEU A 86 5.64 -2.60 -5.90
C LEU A 86 6.59 -3.49 -6.67
N ASN A 87 6.09 -4.13 -7.71
CA ASN A 87 6.95 -4.95 -8.57
C ASN A 87 7.96 -4.01 -9.24
N PRO A 88 9.28 -4.26 -9.08
CA PRO A 88 10.27 -3.36 -9.68
C PRO A 88 10.32 -3.38 -11.20
N GLU A 89 10.07 -4.53 -11.81
CA GLU A 89 10.07 -4.68 -13.26
C GLU A 89 8.78 -4.10 -13.85
N GLY A 90 7.81 -3.87 -12.98
CA GLY A 90 6.53 -3.31 -13.37
C GLY A 90 5.42 -4.32 -13.23
N GLY A 91 4.18 -3.89 -13.42
CA GLY A 91 3.04 -4.78 -13.26
C GLY A 91 1.90 -4.40 -14.19
N LYS A 92 2.24 -4.10 -15.42
CA LYS A 92 1.25 -3.66 -16.42
C LYS A 92 0.55 -4.86 -17.07
N SER A 93 -0.20 -5.59 -16.28
CA SER A 93 -0.90 -6.80 -16.75
C SER A 93 -2.27 -6.55 -17.41
N GLY A 94 -2.52 -5.32 -17.81
CA GLY A 94 -3.79 -4.99 -18.44
C GLY A 94 -4.90 -4.85 -17.41
N LYS A 95 -6.14 -4.98 -17.85
CA LYS A 95 -7.30 -4.86 -16.95
C LYS A 95 -8.30 -6.02 -17.11
N SER A 96 -7.94 -7.06 -17.85
CA SER A 96 -8.88 -8.16 -18.11
C SER A 96 -8.95 -9.17 -16.96
N PRO A 97 -10.13 -9.34 -16.32
CA PRO A 97 -10.19 -10.34 -15.26
C PRO A 97 -10.26 -11.77 -15.80
N ARG A 98 -9.72 -12.71 -15.05
CA ARG A 98 -9.76 -14.12 -15.46
C ARG A 98 -11.05 -14.68 -14.89
N ARG A 99 -11.85 -15.30 -15.74
CA ARG A 99 -13.15 -15.85 -15.35
C ARG A 99 -13.54 -16.91 -16.36
N ARG A 100 -14.57 -17.68 -16.06
CA ARG A 100 -15.09 -18.71 -16.96
C ARG A 100 -16.56 -18.40 -17.15
N ALA A 101 -17.15 -18.94 -18.21
CA ALA A 101 -18.57 -18.69 -18.51
C ALA A 101 -19.21 -19.98 -19.05
N ALA A 102 -19.69 -20.82 -18.14
CA ALA A 102 -20.36 -22.06 -18.51
C ALA A 102 -21.28 -22.41 -17.35
N SER A 103 -22.44 -22.98 -17.64
CA SER A 103 -23.41 -23.36 -16.63
C SER A 103 -24.32 -24.43 -17.22
N MET A 104 -24.99 -25.17 -16.37
CA MET A 104 -25.93 -26.21 -16.77
C MET A 104 -26.83 -26.36 -15.57
N ASP A 105 -27.97 -27.02 -15.69
CA ASP A 105 -28.89 -27.19 -14.57
C ASP A 105 -29.58 -28.55 -14.66
N ASN A 106 -30.20 -28.96 -13.58
CA ASN A 106 -30.81 -30.29 -13.47
C ASN A 106 -32.31 -30.25 -13.77
N ASN A 107 -32.84 -31.39 -14.22
CA ASN A 107 -34.26 -31.52 -14.51
C ASN A 107 -34.64 -33.00 -14.41
N SER A 108 -35.92 -33.29 -14.48
CA SER A 108 -36.40 -34.67 -14.47
C SER A 108 -37.60 -34.76 -15.41
N LYS A 109 -37.47 -35.55 -16.47
CA LYS A 109 -38.54 -35.67 -17.46
C LYS A 109 -38.70 -37.08 -18.05
N PHE A 110 -38.26 -38.09 -17.31
CA PHE A 110 -38.32 -39.47 -17.80
C PHE A 110 -39.76 -39.99 -17.80
N ALA A 111 -40.12 -40.73 -18.83
CA ALA A 111 -41.45 -41.34 -18.94
C ALA A 111 -41.30 -42.60 -19.80
N LYS A 112 -42.18 -43.58 -19.60
CA LYS A 112 -42.14 -44.82 -20.40
C LYS A 112 -42.85 -44.59 -21.73
N SER A 113 -42.34 -45.19 -22.78
CA SER A 113 -42.89 -45.03 -24.13
C SER A 113 -43.35 -46.38 -24.68
N ARG A 114 -43.85 -46.39 -25.90
CA ARG A 114 -44.29 -47.62 -26.58
C ARG A 114 -44.07 -47.43 -28.07
N GLY A 115 -44.03 -48.52 -28.81
CA GLY A 115 -43.89 -48.43 -30.26
C GLY A 115 -45.21 -48.02 -30.87
N ARG A 116 -45.16 -47.34 -32.01
CA ARG A 116 -46.38 -46.90 -32.71
C ARG A 116 -46.93 -48.03 -33.57
N ALA A 117 -46.04 -48.86 -34.08
CA ALA A 117 -46.39 -49.98 -34.93
C ALA A 117 -45.21 -50.95 -34.79
N ALA A 118 -45.41 -52.19 -35.21
CA ALA A 118 -44.35 -53.20 -35.17
C ALA A 118 -43.56 -53.17 -36.47
N LYS A 119 -42.40 -53.79 -36.46
CA LYS A 119 -41.53 -53.92 -37.63
C LYS A 119 -40.67 -55.11 -37.27
N GLY A 1 -12.03 26.70 -9.94
CA GLY A 1 -12.96 26.80 -11.09
C GLY A 1 -14.04 25.76 -11.00
N PRO A 2 -14.75 25.43 -12.10
CA PRO A 2 -15.78 24.38 -12.01
C PRO A 2 -15.18 22.99 -11.89
N LEU A 3 -13.90 23.01 -12.15
CA LEU A 3 -13.01 21.86 -12.07
C LEU A 3 -11.70 22.44 -11.54
N GLY A 4 -10.77 21.58 -11.13
CA GLY A 4 -9.48 22.03 -10.64
C GLY A 4 -8.45 21.02 -11.07
N SER A 5 -7.18 21.37 -11.03
CA SER A 5 -6.12 20.45 -11.45
C SER A 5 -5.81 19.48 -10.31
N ALA A 6 -6.40 18.30 -10.38
CA ALA A 6 -6.23 17.25 -9.39
C ALA A 6 -6.64 15.95 -10.07
N TRP A 7 -6.58 14.85 -9.33
CA TRP A 7 -7.04 13.57 -9.84
C TRP A 7 -8.55 13.57 -9.71
N GLY A 8 -9.21 12.71 -10.48
CA GLY A 8 -10.65 12.58 -10.37
C GLY A 8 -11.00 11.80 -9.11
N ASN A 9 -10.53 10.57 -9.05
CA ASN A 9 -10.75 9.70 -7.90
C ASN A 9 -9.72 8.58 -7.94
N LEU A 10 -8.75 8.63 -7.05
CA LEU A 10 -7.72 7.59 -6.99
C LEU A 10 -8.37 6.27 -6.54
N SER A 11 -8.06 5.21 -7.24
CA SER A 11 -8.62 3.89 -6.95
C SER A 11 -7.85 3.28 -5.78
N TYR A 12 -8.36 2.17 -5.25
CA TYR A 12 -7.67 1.49 -4.15
C TYR A 12 -6.23 1.16 -4.54
N ALA A 13 -6.04 0.62 -5.72
CA ALA A 13 -4.70 0.26 -6.19
C ALA A 13 -3.76 1.47 -6.18
N ASP A 14 -4.27 2.62 -6.61
CA ASP A 14 -3.46 3.85 -6.67
C ASP A 14 -3.06 4.29 -5.27
N LEU A 15 -4.00 4.21 -4.35
CA LEU A 15 -3.74 4.64 -2.97
C LEU A 15 -2.78 3.70 -2.24
N ILE A 16 -2.94 2.40 -2.46
CA ILE A 16 -2.04 1.41 -1.87
C ILE A 16 -0.64 1.66 -2.42
N THR A 17 -0.55 1.90 -3.72
CA THR A 17 0.72 2.19 -4.36
C THR A 17 1.32 3.49 -3.83
N LYS A 18 0.50 4.52 -3.68
CA LYS A 18 0.96 5.81 -3.16
C LYS A 18 1.59 5.62 -1.80
N ALA A 19 0.97 4.78 -0.97
CA ALA A 19 1.49 4.52 0.37
C ALA A 19 2.89 3.90 0.30
N ILE A 20 3.05 2.94 -0.59
CA ILE A 20 4.34 2.25 -0.72
C ILE A 20 5.42 3.20 -1.21
N GLU A 21 5.11 4.01 -2.21
CA GLU A 21 6.08 4.97 -2.75
C GLU A 21 6.37 6.07 -1.75
N SER A 22 5.38 6.34 -0.92
CA SER A 22 5.51 7.36 0.12
C SER A 22 6.50 6.93 1.19
N SER A 23 6.64 5.61 1.36
CA SER A 23 7.59 5.09 2.34
C SER A 23 9.01 5.30 1.82
N ALA A 24 9.96 5.50 2.71
CA ALA A 24 11.35 5.68 2.30
C ALA A 24 11.90 4.37 1.72
N GLU A 25 11.49 3.27 2.32
CA GLU A 25 11.97 1.94 1.96
C GLU A 25 11.32 1.34 0.71
N LYS A 26 10.29 2.01 0.20
CA LYS A 26 9.49 1.54 -0.96
C LYS A 26 8.85 0.19 -0.69
N ARG A 27 8.50 -0.04 0.57
CA ARG A 27 7.83 -1.27 1.00
C ARG A 27 7.10 -0.90 2.27
N LEU A 28 5.92 -1.44 2.47
CA LEU A 28 5.15 -1.18 3.69
C LEU A 28 4.48 -2.47 4.15
N THR A 29 4.18 -2.57 5.43
CA THR A 29 3.47 -3.72 5.95
C THR A 29 1.99 -3.41 5.79
N LEU A 30 1.12 -4.40 5.95
CA LEU A 30 -0.33 -4.19 5.74
C LEU A 30 -0.89 -3.07 6.63
N SER A 31 -0.49 -3.05 7.89
CA SER A 31 -0.97 -2.04 8.84
C SER A 31 -0.50 -0.64 8.47
N GLN A 32 0.69 -0.55 7.90
CA GLN A 32 1.25 0.75 7.51
C GLN A 32 0.46 1.36 6.36
N ILE A 33 0.01 0.52 5.44
CA ILE A 33 -0.78 0.98 4.30
C ILE A 33 -2.11 1.50 4.83
N TYR A 34 -2.65 0.84 5.85
CA TYR A 34 -3.90 1.30 6.46
C TYR A 34 -3.68 2.68 7.10
N GLU A 35 -2.64 2.81 7.91
CA GLU A 35 -2.36 4.08 8.57
C GLU A 35 -2.16 5.21 7.56
N TRP A 36 -1.50 4.90 6.45
CA TRP A 36 -1.25 5.91 5.43
C TRP A 36 -2.58 6.43 4.87
N MET A 37 -3.55 5.56 4.64
CA MET A 37 -4.83 6.02 4.09
C MET A 37 -5.63 6.83 5.08
N VAL A 38 -5.60 6.45 6.35
CA VAL A 38 -6.32 7.20 7.39
C VAL A 38 -5.72 8.61 7.48
N LYS A 39 -4.40 8.68 7.40
CA LYS A 39 -3.69 9.95 7.52
C LYS A 39 -3.73 10.82 6.26
N SER A 40 -3.64 10.22 5.09
CA SER A 40 -3.53 10.96 3.84
C SER A 40 -4.83 11.16 3.05
N VAL A 41 -5.89 10.44 3.37
CA VAL A 41 -7.15 10.58 2.63
C VAL A 41 -8.32 10.87 3.57
N PRO A 42 -8.91 12.07 3.49
CA PRO A 42 -10.04 12.35 4.39
C PRO A 42 -11.19 11.34 4.27
N TYR A 43 -11.40 10.80 3.07
CA TYR A 43 -12.45 9.81 2.84
C TYR A 43 -12.25 8.57 3.72
N PHE A 44 -11.04 8.07 3.77
CA PHE A 44 -10.78 6.85 4.51
C PHE A 44 -10.69 7.11 5.99
N LYS A 45 -10.34 8.33 6.37
CA LYS A 45 -10.36 8.74 7.77
C LYS A 45 -11.82 8.75 8.25
N ASP A 46 -12.69 9.29 7.42
CA ASP A 46 -14.13 9.38 7.71
C ASP A 46 -14.74 7.98 7.79
N LYS A 47 -14.19 7.06 7.01
CA LYS A 47 -14.69 5.69 6.96
C LYS A 47 -13.91 4.76 7.88
N GLY A 48 -13.23 5.35 8.86
CA GLY A 48 -12.44 4.56 9.81
C GLY A 48 -13.29 3.93 10.89
N ASP A 49 -14.61 4.07 10.77
CA ASP A 49 -15.56 3.50 11.72
C ASP A 49 -15.41 1.99 11.83
N SER A 50 -15.70 1.43 12.99
CA SER A 50 -15.49 0.00 13.23
C SER A 50 -16.26 -0.89 12.25
N ASN A 51 -17.50 -0.51 11.95
CA ASN A 51 -18.30 -1.28 11.00
C ASN A 51 -17.82 -1.07 9.57
N SER A 52 -17.45 0.17 9.25
CA SER A 52 -16.98 0.51 7.91
C SER A 52 -15.66 -0.19 7.61
N SER A 53 -14.89 -0.43 8.67
CA SER A 53 -13.60 -1.10 8.59
C SER A 53 -13.70 -2.46 7.91
N ALA A 54 -14.86 -3.11 7.98
CA ALA A 54 -15.03 -4.42 7.35
C ALA A 54 -14.67 -4.40 5.86
N GLY A 55 -15.21 -3.44 5.12
CA GLY A 55 -14.93 -3.35 3.69
C GLY A 55 -13.61 -2.65 3.41
N TRP A 56 -13.28 -1.72 4.31
CA TRP A 56 -12.06 -0.92 4.24
C TRP A 56 -10.80 -1.80 4.17
N LYS A 57 -10.66 -2.70 5.14
CA LYS A 57 -9.49 -3.59 5.18
C LYS A 57 -9.54 -4.70 4.11
N ASN A 58 -10.74 -5.15 3.79
CA ASN A 58 -10.91 -6.23 2.82
C ASN A 58 -10.47 -5.83 1.41
N SER A 59 -10.92 -4.68 0.95
CA SER A 59 -10.63 -4.23 -0.40
C SER A 59 -9.14 -4.06 -0.67
N ILE A 60 -8.40 -3.56 0.30
CA ILE A 60 -6.94 -3.41 0.16
C ILE A 60 -6.31 -4.78 0.05
N ARG A 61 -6.75 -5.69 0.91
CA ARG A 61 -6.19 -7.04 0.92
C ARG A 61 -6.48 -7.75 -0.40
N HIS A 62 -7.67 -7.54 -0.94
CA HIS A 62 -8.03 -8.11 -2.24
C HIS A 62 -7.10 -7.56 -3.32
N ASN A 63 -6.94 -6.24 -3.36
CA ASN A 63 -6.10 -5.61 -4.38
C ASN A 63 -4.67 -6.14 -4.31
N LEU A 64 -4.15 -6.31 -3.09
CA LEU A 64 -2.80 -6.84 -2.91
C LEU A 64 -2.69 -8.28 -3.41
N SER A 65 -3.72 -9.08 -3.18
CA SER A 65 -3.70 -10.49 -3.57
C SER A 65 -3.79 -10.71 -5.08
N LEU A 66 -4.18 -9.69 -5.83
CA LEU A 66 -4.23 -9.81 -7.29
C LEU A 66 -2.82 -9.91 -7.83
N HIS A 67 -1.88 -9.35 -7.07
CA HIS A 67 -0.44 -9.40 -7.35
C HIS A 67 0.04 -8.90 -8.72
N SER A 68 -0.83 -8.24 -9.49
CA SER A 68 -0.44 -7.73 -10.80
C SER A 68 0.67 -6.68 -10.70
N LYS A 69 0.52 -5.75 -9.78
CA LYS A 69 1.55 -4.74 -9.53
C LYS A 69 2.20 -4.92 -8.17
N PHE A 70 1.45 -5.46 -7.23
CA PHE A 70 1.94 -5.62 -5.86
C PHE A 70 2.64 -6.95 -5.68
N ILE A 71 3.76 -6.94 -4.97
CA ILE A 71 4.51 -8.16 -4.70
C ILE A 71 4.69 -8.24 -3.18
N ARG A 72 5.04 -9.41 -2.69
CA ARG A 72 5.27 -9.62 -1.27
C ARG A 72 6.74 -9.94 -1.11
N VAL A 73 7.42 -9.21 -0.23
CA VAL A 73 8.85 -9.36 -0.05
C VAL A 73 9.16 -9.79 1.38
N GLN A 74 10.17 -10.63 1.54
CA GLN A 74 10.55 -11.16 2.84
C GLN A 74 11.23 -10.11 3.71
N ASN A 75 11.03 -10.21 5.02
CA ASN A 75 11.78 -9.40 5.96
C ASN A 75 13.21 -9.89 5.97
N GLU A 76 14.11 -8.93 6.04
CA GLU A 76 15.56 -9.15 5.96
C GLU A 76 16.15 -10.13 6.99
N GLY A 77 15.51 -10.26 8.15
CA GLY A 77 16.02 -11.18 9.16
C GLY A 77 15.68 -12.63 8.86
N THR A 78 14.39 -12.95 8.82
CA THR A 78 13.93 -14.32 8.56
C THR A 78 12.44 -14.34 8.17
N GLY A 79 12.02 -13.35 7.39
CA GLY A 79 10.65 -13.30 6.90
C GLY A 79 9.51 -13.14 7.90
N LYS A 80 9.80 -12.74 9.14
CA LYS A 80 8.75 -12.61 10.17
C LYS A 80 7.65 -11.63 9.77
N SER A 81 8.03 -10.46 9.31
CA SER A 81 7.08 -9.45 8.87
C SER A 81 6.97 -9.46 7.36
N SER A 82 5.78 -9.70 6.84
CA SER A 82 5.58 -9.68 5.39
C SER A 82 5.54 -8.23 4.92
N TRP A 83 6.35 -7.91 3.93
CA TRP A 83 6.37 -6.58 3.36
C TRP A 83 5.56 -6.65 2.09
N TRP A 84 4.91 -5.56 1.74
CA TRP A 84 4.18 -5.46 0.49
C TRP A 84 4.83 -4.29 -0.24
N MET A 85 5.14 -4.47 -1.50
CA MET A 85 5.80 -3.43 -2.27
C MET A 85 5.41 -3.55 -3.73
N LEU A 86 5.90 -2.65 -4.55
CA LEU A 86 5.57 -2.65 -5.97
C LEU A 86 6.58 -3.52 -6.69
N ASN A 87 6.16 -4.12 -7.80
CA ASN A 87 7.06 -4.93 -8.61
C ASN A 87 8.19 -4.04 -9.16
N PRO A 88 9.48 -4.38 -8.87
CA PRO A 88 10.57 -3.53 -9.36
C PRO A 88 10.78 -3.55 -10.86
N GLU A 89 10.54 -4.68 -11.49
CA GLU A 89 10.66 -4.83 -12.94
C GLU A 89 9.54 -4.01 -13.57
N GLY A 90 8.47 -3.85 -12.82
CA GLY A 90 7.34 -3.06 -13.26
C GLY A 90 7.48 -1.59 -12.94
N GLY A 91 8.71 -1.08 -12.93
CA GLY A 91 8.94 0.32 -12.64
C GLY A 91 10.40 0.73 -12.49
N LYS A 92 11.00 0.40 -11.34
CA LYS A 92 12.38 0.75 -11.04
C LYS A 92 12.90 -0.21 -9.98
N SER A 93 14.16 -0.61 -10.08
CA SER A 93 14.74 -1.57 -9.15
C SER A 93 15.37 -0.87 -7.94
N GLY A 94 15.51 -1.62 -6.85
CA GLY A 94 16.12 -1.11 -5.63
C GLY A 94 17.52 -1.67 -5.49
N LYS A 95 18.16 -1.41 -4.35
CA LYS A 95 19.53 -1.90 -4.11
C LYS A 95 19.60 -2.51 -2.71
N SER A 96 20.27 -3.64 -2.60
CA SER A 96 20.43 -4.34 -1.32
C SER A 96 21.56 -3.67 -0.53
N PRO A 97 21.50 -3.70 0.82
CA PRO A 97 22.63 -3.09 1.54
C PRO A 97 23.95 -3.83 1.30
N ARG A 98 25.05 -3.08 1.37
CA ARG A 98 26.38 -3.65 1.09
C ARG A 98 26.93 -4.47 2.27
N ARG A 99 26.32 -5.62 2.50
CA ARG A 99 26.72 -6.57 3.56
C ARG A 99 26.82 -5.94 4.94
N ARG A 100 25.77 -5.25 5.32
CA ARG A 100 25.66 -4.64 6.65
C ARG A 100 24.33 -5.04 7.24
N ALA A 101 24.25 -5.03 8.56
CA ALA A 101 23.02 -5.32 9.28
C ALA A 101 22.59 -4.01 9.94
N ALA A 102 21.37 -3.99 10.47
CA ALA A 102 20.81 -2.81 11.12
C ALA A 102 19.85 -3.33 12.18
N SER A 103 19.18 -2.41 12.88
CA SER A 103 18.20 -2.74 13.93
C SER A 103 18.83 -3.56 15.07
N MET A 104 20.06 -3.22 15.43
CA MET A 104 20.75 -3.86 16.53
C MET A 104 21.43 -2.74 17.30
N ASP A 105 21.36 -2.80 18.62
CA ASP A 105 21.93 -1.77 19.50
C ASP A 105 22.21 -2.39 20.86
N ASN A 106 21.14 -2.82 21.52
CA ASN A 106 21.22 -3.44 22.84
C ASN A 106 20.64 -4.85 22.71
N ASN A 107 20.71 -5.62 23.80
CA ASN A 107 20.22 -6.99 23.79
C ASN A 107 19.31 -7.21 24.99
N SER A 108 18.26 -7.99 24.80
CA SER A 108 17.29 -8.28 25.84
C SER A 108 17.94 -8.95 27.06
N LYS A 109 17.42 -8.65 28.24
CA LYS A 109 17.95 -9.19 29.49
C LYS A 109 16.81 -9.76 30.31
N PHE A 110 16.63 -11.07 30.22
CA PHE A 110 15.58 -11.77 30.95
C PHE A 110 16.15 -13.10 31.42
N ALA A 111 15.42 -13.80 32.28
CA ALA A 111 15.86 -15.08 32.83
C ALA A 111 14.66 -16.02 32.86
N LYS A 112 14.90 -17.29 33.18
CA LYS A 112 13.85 -18.29 33.28
C LYS A 112 14.08 -19.07 34.57
N SER A 113 13.01 -19.60 35.13
CA SER A 113 13.10 -20.38 36.37
C SER A 113 13.77 -21.74 36.10
N ARG A 114 14.40 -22.28 37.13
CA ARG A 114 15.06 -23.59 37.05
C ARG A 114 14.62 -24.38 38.27
N GLY A 115 14.46 -25.69 38.13
CA GLY A 115 14.06 -26.52 39.25
C GLY A 115 15.25 -26.88 40.12
N ARG A 116 15.00 -27.65 41.17
CA ARG A 116 16.06 -28.08 42.09
C ARG A 116 16.83 -29.25 41.45
N ALA A 117 17.75 -28.93 40.55
CA ALA A 117 18.54 -29.94 39.86
C ALA A 117 20.00 -29.49 39.84
N ALA A 118 20.91 -30.44 39.81
CA ALA A 118 22.35 -30.16 39.80
C ALA A 118 22.84 -29.79 38.39
N LYS A 119 22.08 -30.19 37.39
CA LYS A 119 22.41 -29.95 35.98
C LYS A 119 21.18 -29.32 35.36
N GLY A 1 -6.12 27.29 -18.68
CA GLY A 1 -5.59 27.21 -17.31
C GLY A 1 -4.67 26.03 -17.15
N PRO A 2 -4.29 25.64 -15.91
CA PRO A 2 -3.43 24.45 -15.79
C PRO A 2 -4.23 23.19 -16.10
N LEU A 3 -3.54 22.12 -16.45
CA LEU A 3 -4.20 20.85 -16.77
C LEU A 3 -4.13 19.98 -15.53
N GLY A 4 -5.08 20.19 -14.64
CA GLY A 4 -5.13 19.44 -13.39
C GLY A 4 -4.42 20.17 -12.27
N SER A 5 -4.53 19.64 -11.06
CA SER A 5 -3.92 20.25 -9.87
C SER A 5 -3.84 19.28 -8.70
N ALA A 6 -4.85 18.44 -8.60
CA ALA A 6 -4.94 17.48 -7.51
C ALA A 6 -5.65 16.23 -8.04
N TRP A 7 -5.99 15.31 -7.14
CA TRP A 7 -6.64 14.05 -7.50
C TRP A 7 -8.00 13.96 -6.82
N GLY A 8 -8.76 12.92 -7.14
CA GLY A 8 -10.04 12.70 -6.50
C GLY A 8 -10.44 11.25 -6.52
N ASN A 9 -10.89 10.77 -7.66
CA ASN A 9 -11.36 9.39 -7.84
C ASN A 9 -10.23 8.35 -7.93
N LEU A 10 -9.34 8.32 -6.95
CA LEU A 10 -8.25 7.35 -6.96
C LEU A 10 -8.78 5.98 -6.56
N SER A 11 -8.30 4.96 -7.25
CA SER A 11 -8.70 3.58 -6.97
C SER A 11 -7.93 3.07 -5.78
N TYR A 12 -8.35 1.93 -5.23
CA TYR A 12 -7.65 1.32 -4.11
C TYR A 12 -6.20 1.08 -4.49
N ALA A 13 -5.97 0.53 -5.68
CA ALA A 13 -4.62 0.25 -6.14
C ALA A 13 -3.74 1.51 -6.14
N ASP A 14 -4.29 2.63 -6.56
CA ASP A 14 -3.53 3.89 -6.61
C ASP A 14 -3.12 4.30 -5.21
N LEU A 15 -4.03 4.22 -4.28
CA LEU A 15 -3.77 4.64 -2.90
C LEU A 15 -2.77 3.72 -2.22
N ILE A 16 -2.90 2.42 -2.44
CA ILE A 16 -1.98 1.44 -1.87
C ILE A 16 -0.58 1.71 -2.44
N THR A 17 -0.51 1.95 -3.74
CA THR A 17 0.75 2.23 -4.39
C THR A 17 1.36 3.52 -3.87
N LYS A 18 0.56 4.58 -3.73
CA LYS A 18 1.05 5.85 -3.22
C LYS A 18 1.62 5.67 -1.82
N ALA A 19 1.02 4.81 -1.03
CA ALA A 19 1.52 4.55 0.32
C ALA A 19 2.92 3.93 0.25
N ILE A 20 3.07 2.94 -0.61
CA ILE A 20 4.34 2.23 -0.73
C ILE A 20 5.41 3.19 -1.26
N GLU A 21 5.04 4.04 -2.20
CA GLU A 21 5.97 5.01 -2.77
C GLU A 21 6.38 6.05 -1.75
N SER A 22 5.46 6.36 -0.84
CA SER A 22 5.72 7.34 0.21
C SER A 22 6.76 6.82 1.19
N SER A 23 6.83 5.51 1.34
CA SER A 23 7.84 4.91 2.20
C SER A 23 9.20 5.02 1.54
N ALA A 24 10.21 5.40 2.30
CA ALA A 24 11.56 5.55 1.75
C ALA A 24 12.12 4.21 1.26
N GLU A 25 11.70 3.14 1.92
CA GLU A 25 12.18 1.80 1.62
C GLU A 25 11.40 1.13 0.49
N LYS A 26 10.37 1.81 -0.01
CA LYS A 26 9.47 1.29 -1.05
C LYS A 26 8.80 -0.03 -0.68
N ARG A 27 8.49 -0.20 0.59
CA ARG A 27 7.78 -1.39 1.09
C ARG A 27 7.06 -1.00 2.36
N LEU A 28 5.83 -1.47 2.52
CA LEU A 28 5.04 -1.18 3.72
C LEU A 28 4.31 -2.45 4.16
N THR A 29 4.02 -2.55 5.45
CA THR A 29 3.23 -3.66 5.97
C THR A 29 1.77 -3.25 5.82
N LEU A 30 0.84 -4.20 5.99
CA LEU A 30 -0.58 -3.89 5.85
C LEU A 30 -1.01 -2.78 6.80
N SER A 31 -0.53 -2.82 8.04
CA SER A 31 -0.89 -1.83 9.04
C SER A 31 -0.43 -0.43 8.64
N GLN A 32 0.73 -0.35 8.02
CA GLN A 32 1.28 0.93 7.58
C GLN A 32 0.48 1.50 6.42
N ILE A 33 0.04 0.64 5.51
CA ILE A 33 -0.77 1.07 4.37
C ILE A 33 -2.10 1.61 4.92
N TYR A 34 -2.63 0.95 5.93
CA TYR A 34 -3.88 1.43 6.54
C TYR A 34 -3.66 2.83 7.13
N GLU A 35 -2.62 2.99 7.92
CA GLU A 35 -2.34 4.28 8.55
C GLU A 35 -2.15 5.38 7.52
N TRP A 36 -1.47 5.06 6.43
CA TRP A 36 -1.24 6.05 5.39
C TRP A 36 -2.56 6.53 4.81
N MET A 37 -3.51 5.62 4.58
CA MET A 37 -4.81 6.04 4.02
C MET A 37 -5.63 6.85 5.01
N VAL A 38 -5.57 6.49 6.28
CA VAL A 38 -6.30 7.23 7.32
C VAL A 38 -5.78 8.67 7.38
N LYS A 39 -4.47 8.84 7.24
CA LYS A 39 -3.85 10.15 7.33
C LYS A 39 -3.96 10.97 6.04
N SER A 40 -3.88 10.32 4.89
CA SER A 40 -3.91 11.04 3.61
C SER A 40 -5.28 11.20 2.96
N VAL A 41 -6.26 10.41 3.38
CA VAL A 41 -7.60 10.49 2.78
C VAL A 41 -8.68 10.59 3.86
N PRO A 42 -9.44 11.69 3.90
CA PRO A 42 -10.44 11.79 4.97
C PRO A 42 -11.58 10.79 4.84
N TYR A 43 -11.82 10.31 3.61
CA TYR A 43 -12.84 9.30 3.38
C TYR A 43 -12.51 8.04 4.18
N PHE A 44 -11.28 7.58 4.07
CA PHE A 44 -10.88 6.35 4.76
C PHE A 44 -10.81 6.55 6.27
N LYS A 45 -10.50 7.77 6.69
CA LYS A 45 -10.51 8.09 8.12
C LYS A 45 -11.93 7.95 8.65
N ASP A 46 -12.89 8.44 7.89
CA ASP A 46 -14.31 8.37 8.27
C ASP A 46 -14.79 6.91 8.29
N LYS A 47 -14.25 6.09 7.40
CA LYS A 47 -14.66 4.68 7.33
C LYS A 47 -13.91 3.82 8.34
N GLY A 48 -13.20 4.45 9.27
CA GLY A 48 -12.41 3.72 10.26
C GLY A 48 -13.19 3.03 11.37
N ASP A 49 -14.50 2.93 11.24
CA ASP A 49 -15.34 2.25 12.22
C ASP A 49 -14.98 0.76 12.35
N SER A 50 -15.19 0.21 13.53
CA SER A 50 -14.86 -1.19 13.83
C SER A 50 -15.52 -2.21 12.90
N ASN A 51 -16.80 -2.03 12.56
CA ASN A 51 -17.48 -2.97 11.67
C ASN A 51 -16.98 -2.75 10.24
N SER A 52 -16.91 -1.48 9.86
CA SER A 52 -16.46 -1.05 8.53
C SER A 52 -15.05 -1.58 8.23
N SER A 53 -14.27 -1.80 9.27
CA SER A 53 -12.92 -2.34 9.17
C SER A 53 -12.92 -3.64 8.37
N ALA A 54 -14.00 -4.42 8.44
CA ALA A 54 -14.10 -5.67 7.72
C ALA A 54 -13.86 -5.47 6.21
N GLY A 55 -14.54 -4.49 5.61
CA GLY A 55 -14.38 -4.25 4.19
C GLY A 55 -13.15 -3.42 3.88
N TRP A 56 -12.80 -2.57 4.83
CA TRP A 56 -11.63 -1.68 4.73
C TRP A 56 -10.36 -2.50 4.46
N LYS A 57 -10.10 -3.49 5.31
CA LYS A 57 -8.92 -4.34 5.16
C LYS A 57 -9.05 -5.33 4.01
N ASN A 58 -10.27 -5.79 3.73
CA ASN A 58 -10.50 -6.77 2.68
C ASN A 58 -10.13 -6.19 1.33
N SER A 59 -10.64 -5.02 1.02
CA SER A 59 -10.41 -4.40 -0.28
C SER A 59 -8.92 -4.19 -0.59
N ILE A 60 -8.15 -3.78 0.41
CA ILE A 60 -6.71 -3.58 0.22
C ILE A 60 -6.06 -4.93 -0.02
N ARG A 61 -6.42 -5.92 0.79
CA ARG A 61 -5.85 -7.27 0.64
C ARG A 61 -6.18 -7.85 -0.72
N HIS A 62 -7.40 -7.63 -1.20
CA HIS A 62 -7.80 -8.12 -2.52
C HIS A 62 -6.93 -7.50 -3.60
N ASN A 63 -6.80 -6.18 -3.58
CA ASN A 63 -6.01 -5.47 -4.59
C ASN A 63 -4.56 -5.94 -4.57
N LEU A 64 -4.02 -6.17 -3.37
CA LEU A 64 -2.65 -6.66 -3.23
C LEU A 64 -2.50 -8.07 -3.79
N SER A 65 -3.50 -8.90 -3.57
CA SER A 65 -3.47 -10.31 -3.99
C SER A 65 -3.56 -10.50 -5.50
N LEU A 66 -4.01 -9.47 -6.21
CA LEU A 66 -4.07 -9.54 -7.68
C LEU A 66 -2.64 -9.60 -8.22
N HIS A 67 -1.71 -9.08 -7.42
CA HIS A 67 -0.27 -9.12 -7.66
C HIS A 67 0.26 -8.58 -9.00
N SER A 68 -0.59 -7.94 -9.79
CA SER A 68 -0.17 -7.40 -11.08
C SER A 68 0.90 -6.32 -10.93
N LYS A 69 0.71 -5.44 -9.94
CA LYS A 69 1.71 -4.40 -9.64
C LYS A 69 2.38 -4.62 -8.29
N PHE A 70 1.69 -5.28 -7.39
CA PHE A 70 2.18 -5.49 -6.03
C PHE A 70 2.83 -6.85 -5.88
N ILE A 71 3.87 -6.93 -5.08
CA ILE A 71 4.51 -8.20 -4.78
C ILE A 71 4.58 -8.30 -3.26
N ARG A 72 4.82 -9.50 -2.76
CA ARG A 72 4.89 -9.74 -1.33
C ARG A 72 6.30 -10.20 -1.04
N VAL A 73 6.97 -9.54 -0.11
CA VAL A 73 8.35 -9.84 0.23
C VAL A 73 8.41 -10.25 1.69
N GLN A 74 9.28 -11.19 2.00
CA GLN A 74 9.41 -11.67 3.38
C GLN A 74 9.94 -10.54 4.26
N ASN A 75 9.75 -10.66 5.55
CA ASN A 75 10.25 -9.68 6.50
C ASN A 75 11.57 -10.21 7.04
N GLU A 76 12.23 -9.43 7.88
CA GLU A 76 13.52 -9.78 8.48
C GLU A 76 13.40 -11.01 9.38
N GLY A 77 12.17 -11.28 9.81
CA GLY A 77 11.89 -12.43 10.65
C GLY A 77 10.87 -12.09 11.72
N THR A 78 11.34 -11.47 12.80
CA THR A 78 10.48 -11.12 13.93
C THR A 78 9.51 -9.96 13.65
N GLY A 79 9.48 -9.56 12.40
CA GLY A 79 8.56 -8.51 11.96
C GLY A 79 7.16 -9.08 11.79
N LYS A 80 7.09 -10.41 11.65
CA LYS A 80 5.87 -11.22 11.50
C LYS A 80 4.93 -10.92 10.31
N SER A 81 4.63 -9.67 10.04
CA SER A 81 3.78 -9.31 8.92
C SER A 81 4.62 -9.31 7.65
N SER A 82 4.03 -9.72 6.54
CA SER A 82 4.75 -9.68 5.26
C SER A 82 4.84 -8.24 4.79
N TRP A 83 5.84 -7.96 3.99
CA TRP A 83 6.03 -6.64 3.40
C TRP A 83 5.28 -6.67 2.09
N TRP A 84 4.67 -5.56 1.72
CA TRP A 84 4.01 -5.44 0.44
C TRP A 84 4.71 -4.29 -0.25
N MET A 85 5.05 -4.49 -1.50
CA MET A 85 5.79 -3.49 -2.24
C MET A 85 5.45 -3.58 -3.71
N LEU A 86 5.94 -2.63 -4.49
CA LEU A 86 5.67 -2.63 -5.92
C LEU A 86 6.73 -3.48 -6.58
N ASN A 87 6.39 -4.17 -7.67
CA ASN A 87 7.39 -4.97 -8.40
C ASN A 87 8.51 -4.02 -8.89
N PRO A 88 9.78 -4.29 -8.50
CA PRO A 88 10.92 -3.43 -8.89
C PRO A 88 11.18 -3.32 -10.38
N GLU A 89 10.80 -4.36 -11.12
CA GLU A 89 11.07 -4.46 -12.56
C GLU A 89 10.24 -3.49 -13.41
N GLY A 90 9.25 -2.85 -12.81
CA GLY A 90 8.42 -1.91 -13.56
C GLY A 90 8.08 -0.67 -12.76
N GLY A 91 8.41 0.50 -13.29
CA GLY A 91 8.11 1.73 -12.60
C GLY A 91 9.10 2.79 -13.02
N LYS A 92 9.19 3.87 -12.25
CA LYS A 92 10.17 4.93 -12.56
C LYS A 92 11.52 4.47 -12.06
N SER A 93 12.48 4.37 -12.97
CA SER A 93 13.83 3.97 -12.61
C SER A 93 14.49 5.13 -11.87
N GLY A 94 15.42 4.83 -10.98
CA GLY A 94 16.10 5.86 -10.22
C GLY A 94 17.15 5.24 -9.33
N LYS A 95 17.82 6.07 -8.54
CA LYS A 95 18.91 5.67 -7.60
C LYS A 95 20.13 5.12 -8.34
N SER A 96 21.17 5.95 -8.44
CA SER A 96 22.41 5.58 -9.11
C SER A 96 23.52 5.16 -8.13
N PRO A 97 23.68 3.86 -7.85
CA PRO A 97 24.80 3.47 -6.99
C PRO A 97 26.10 3.43 -7.78
N ARG A 98 27.20 3.06 -7.11
CA ARG A 98 28.49 2.88 -7.80
C ARG A 98 28.34 1.75 -8.82
N ARG A 99 28.20 2.12 -10.09
CA ARG A 99 27.96 1.16 -11.16
C ARG A 99 28.48 1.81 -12.44
N ARG A 100 28.85 1.03 -13.44
CA ARG A 100 29.21 1.58 -14.74
C ARG A 100 27.90 1.94 -15.42
N ALA A 101 27.50 3.20 -15.32
CA ALA A 101 26.25 3.68 -15.89
C ALA A 101 26.41 5.19 -16.04
N ALA A 102 25.47 5.83 -16.72
CA ALA A 102 25.49 7.27 -16.93
C ALA A 102 24.04 7.73 -17.02
N SER A 103 23.81 9.03 -16.95
CA SER A 103 22.47 9.61 -17.04
C SER A 103 22.69 11.01 -17.59
N MET A 104 21.65 11.60 -18.17
CA MET A 104 21.74 12.95 -18.74
C MET A 104 20.50 13.73 -18.33
N ASP A 105 20.54 15.04 -18.51
CA ASP A 105 19.43 15.95 -18.21
C ASP A 105 19.43 16.95 -19.35
N ASN A 106 18.26 17.46 -19.72
CA ASN A 106 18.16 18.44 -20.80
C ASN A 106 18.16 19.86 -20.22
N ASN A 107 17.85 19.99 -18.93
CA ASN A 107 17.87 21.27 -18.18
C ASN A 107 17.21 22.44 -18.94
N SER A 108 16.19 22.14 -19.72
CA SER A 108 15.55 23.16 -20.56
C SER A 108 14.38 23.82 -19.85
N LYS A 109 14.58 25.08 -19.47
CA LYS A 109 13.56 25.84 -18.75
C LYS A 109 13.10 27.01 -19.60
N PHE A 110 12.19 26.74 -20.52
CA PHE A 110 11.65 27.75 -21.42
C PHE A 110 10.72 28.69 -20.65
N ALA A 111 10.54 29.89 -21.16
CA ALA A 111 9.70 30.90 -20.54
C ALA A 111 9.08 31.72 -21.66
N LYS A 112 8.13 32.60 -21.33
CA LYS A 112 7.47 33.44 -22.32
C LYS A 112 7.61 34.89 -21.91
N SER A 113 7.75 35.76 -22.91
CA SER A 113 7.86 37.19 -22.67
C SER A 113 6.46 37.79 -22.60
N ARG A 114 6.38 39.10 -22.42
CA ARG A 114 5.10 39.81 -22.37
C ARG A 114 5.19 40.95 -23.37
N GLY A 115 4.07 41.32 -23.97
CA GLY A 115 4.05 42.40 -24.92
C GLY A 115 3.80 43.74 -24.25
N ARG A 116 3.76 44.81 -25.04
CA ARG A 116 3.49 46.14 -24.52
C ARG A 116 2.01 46.19 -24.15
N ALA A 117 1.71 46.55 -22.91
CA ALA A 117 0.31 46.61 -22.46
C ALA A 117 -0.37 47.90 -22.94
N ALA A 118 0.30 49.03 -22.79
CA ALA A 118 -0.24 50.34 -23.15
C ALA A 118 0.95 51.29 -23.30
N LYS A 119 0.67 52.58 -23.38
CA LYS A 119 1.70 53.61 -23.45
C LYS A 119 1.26 54.61 -22.40
N GLY A 1 -9.17 27.24 -17.01
CA GLY A 1 -8.58 25.89 -16.91
C GLY A 1 -8.99 25.21 -15.64
N PRO A 2 -8.24 24.21 -15.13
CA PRO A 2 -8.66 23.62 -13.87
C PRO A 2 -8.49 24.61 -12.71
N LEU A 3 -9.27 24.43 -11.66
CA LEU A 3 -9.22 25.33 -10.49
C LEU A 3 -8.66 24.58 -9.28
N GLY A 4 -7.58 23.85 -9.51
CA GLY A 4 -6.97 23.05 -8.45
C GLY A 4 -6.10 21.94 -8.99
N SER A 5 -6.54 21.33 -10.09
CA SER A 5 -5.79 20.27 -10.80
C SER A 5 -5.43 19.08 -9.92
N ALA A 6 -6.36 18.68 -9.07
CA ALA A 6 -6.17 17.55 -8.17
C ALA A 6 -6.47 16.25 -8.93
N TRP A 7 -6.28 15.13 -8.23
CA TRP A 7 -6.53 13.81 -8.80
C TRP A 7 -8.02 13.54 -8.95
N GLY A 8 -8.35 12.71 -9.91
CA GLY A 8 -9.72 12.33 -10.16
C GLY A 8 -10.08 11.00 -9.53
N ASN A 9 -10.48 11.04 -8.26
CA ASN A 9 -10.90 9.84 -7.49
C ASN A 9 -9.95 8.64 -7.56
N LEU A 10 -8.85 8.72 -6.82
CA LEU A 10 -7.87 7.64 -6.79
C LEU A 10 -8.51 6.34 -6.29
N SER A 11 -8.25 5.25 -6.99
CA SER A 11 -8.81 3.94 -6.65
C SER A 11 -7.98 3.30 -5.54
N TYR A 12 -8.47 2.19 -5.01
CA TYR A 12 -7.74 1.47 -3.94
C TYR A 12 -6.32 1.15 -4.38
N ALA A 13 -6.14 0.64 -5.59
CA ALA A 13 -4.81 0.28 -6.08
C ALA A 13 -3.87 1.48 -6.08
N ASP A 14 -4.38 2.63 -6.50
CA ASP A 14 -3.56 3.83 -6.56
C ASP A 14 -3.12 4.23 -5.17
N LEU A 15 -4.03 4.19 -4.22
CA LEU A 15 -3.75 4.60 -2.85
C LEU A 15 -2.76 3.64 -2.18
N ILE A 16 -2.91 2.35 -2.42
CA ILE A 16 -1.98 1.36 -1.87
C ILE A 16 -0.59 1.66 -2.42
N THR A 17 -0.53 1.90 -3.73
CA THR A 17 0.73 2.22 -4.38
C THR A 17 1.32 3.51 -3.84
N LYS A 18 0.51 4.55 -3.68
CA LYS A 18 1.00 5.83 -3.17
C LYS A 18 1.60 5.68 -1.78
N ALA A 19 1.02 4.81 -0.97
CA ALA A 19 1.55 4.55 0.35
C ALA A 19 2.96 3.96 0.26
N ILE A 20 3.12 2.98 -0.61
CA ILE A 20 4.41 2.31 -0.78
C ILE A 20 5.43 3.30 -1.35
N GLU A 21 5.00 4.13 -2.29
CA GLU A 21 5.87 5.13 -2.90
C GLU A 21 6.30 6.17 -1.87
N SER A 22 5.44 6.42 -0.89
CA SER A 22 5.72 7.43 0.12
C SER A 22 6.75 6.93 1.11
N SER A 23 6.81 5.62 1.28
CA SER A 23 7.78 5.02 2.19
C SER A 23 9.18 5.17 1.61
N ALA A 24 10.16 5.41 2.47
CA ALA A 24 11.54 5.59 2.01
C ALA A 24 12.09 4.27 1.44
N GLU A 25 11.68 3.17 2.06
CA GLU A 25 12.16 1.84 1.68
C GLU A 25 11.39 1.21 0.52
N LYS A 26 10.37 1.90 0.02
CA LYS A 26 9.48 1.39 -1.04
C LYS A 26 8.86 0.05 -0.70
N ARG A 27 8.51 -0.13 0.56
CA ARG A 27 7.83 -1.34 1.04
C ARG A 27 7.07 -0.90 2.29
N LEU A 28 5.90 -1.47 2.53
CA LEU A 28 5.14 -1.18 3.73
C LEU A 28 4.46 -2.46 4.20
N THR A 29 4.11 -2.52 5.48
CA THR A 29 3.36 -3.65 6.01
C THR A 29 1.88 -3.30 5.85
N LEU A 30 1.00 -4.27 5.98
CA LEU A 30 -0.44 -4.00 5.80
C LEU A 30 -0.98 -2.92 6.73
N SER A 31 -0.52 -2.92 7.98
CA SER A 31 -0.98 -1.93 8.96
C SER A 31 -0.55 -0.53 8.54
N GLN A 32 0.66 -0.40 8.01
CA GLN A 32 1.17 0.89 7.60
C GLN A 32 0.38 1.46 6.43
N ILE A 33 -0.04 0.58 5.53
CA ILE A 33 -0.85 1.01 4.38
C ILE A 33 -2.19 1.53 4.91
N TYR A 34 -2.75 0.88 5.92
CA TYR A 34 -4.00 1.36 6.50
C TYR A 34 -3.79 2.74 7.10
N GLU A 35 -2.76 2.90 7.91
CA GLU A 35 -2.49 4.19 8.54
C GLU A 35 -2.25 5.28 7.51
N TRP A 36 -1.56 4.95 6.43
CA TRP A 36 -1.29 5.92 5.40
C TRP A 36 -2.59 6.43 4.81
N MET A 37 -3.54 5.54 4.53
CA MET A 37 -4.81 5.99 3.93
C MET A 37 -5.61 6.85 4.91
N VAL A 38 -5.55 6.54 6.20
CA VAL A 38 -6.25 7.34 7.21
C VAL A 38 -5.65 8.76 7.25
N LYS A 39 -4.33 8.86 7.16
CA LYS A 39 -3.66 10.15 7.23
C LYS A 39 -3.72 10.93 5.90
N SER A 40 -3.75 10.21 4.79
CA SER A 40 -3.74 10.82 3.45
C SER A 40 -5.12 11.17 2.89
N VAL A 41 -6.12 10.36 3.20
CA VAL A 41 -7.45 10.56 2.63
C VAL A 41 -8.51 10.75 3.73
N PRO A 42 -9.14 11.94 3.80
CA PRO A 42 -10.17 12.13 4.84
C PRO A 42 -11.29 11.10 4.77
N TYR A 43 -11.60 10.64 3.57
CA TYR A 43 -12.65 9.62 3.38
C TYR A 43 -12.35 8.37 4.19
N PHE A 44 -11.12 7.89 4.13
CA PHE A 44 -10.77 6.65 4.81
C PHE A 44 -10.65 6.85 6.31
N LYS A 45 -10.31 8.06 6.74
CA LYS A 45 -10.30 8.38 8.17
C LYS A 45 -11.72 8.31 8.69
N ASP A 46 -12.64 8.91 7.94
CA ASP A 46 -14.05 8.96 8.29
C ASP A 46 -14.67 7.57 8.31
N LYS A 47 -14.14 6.68 7.46
CA LYS A 47 -14.66 5.32 7.33
C LYS A 47 -13.90 4.33 8.19
N GLY A 48 -13.15 4.84 9.16
CA GLY A 48 -12.35 3.98 10.04
C GLY A 48 -13.15 3.33 11.17
N ASP A 49 -14.47 3.32 11.05
CA ASP A 49 -15.34 2.73 12.06
C ASP A 49 -15.12 1.21 12.19
N SER A 50 -15.43 0.68 13.36
CA SER A 50 -15.20 -0.73 13.68
C SER A 50 -15.84 -1.70 12.68
N ASN A 51 -17.11 -1.51 12.35
CA ASN A 51 -17.75 -2.42 11.40
C ASN A 51 -17.27 -2.16 9.98
N SER A 52 -17.03 -0.90 9.67
CA SER A 52 -16.57 -0.50 8.34
C SER A 52 -15.20 -1.11 8.00
N SER A 53 -14.46 -1.46 9.04
CA SER A 53 -13.15 -2.10 8.88
C SER A 53 -13.25 -3.35 8.01
N ALA A 54 -14.42 -4.00 8.00
CA ALA A 54 -14.62 -5.21 7.22
C ALA A 54 -14.30 -5.01 5.73
N GLY A 55 -14.84 -3.96 5.13
CA GLY A 55 -14.59 -3.71 3.71
C GLY A 55 -13.27 -3.01 3.49
N TRP A 56 -12.87 -2.24 4.49
CA TRP A 56 -11.62 -1.48 4.49
C TRP A 56 -10.43 -2.41 4.22
N LYS A 57 -10.27 -3.42 5.07
CA LYS A 57 -9.15 -4.36 4.93
C LYS A 57 -9.31 -5.29 3.75
N ASN A 58 -10.54 -5.69 3.44
CA ASN A 58 -10.75 -6.67 2.39
C ASN A 58 -10.42 -6.13 1.01
N SER A 59 -10.79 -4.88 0.75
CA SER A 59 -10.54 -4.30 -0.57
C SER A 59 -9.05 -4.14 -0.85
N ILE A 60 -8.29 -3.76 0.18
CA ILE A 60 -6.85 -3.62 0.02
C ILE A 60 -6.25 -5.00 -0.23
N ARG A 61 -6.67 -5.97 0.57
CA ARG A 61 -6.14 -7.33 0.46
C ARG A 61 -6.50 -7.96 -0.88
N HIS A 62 -7.66 -7.64 -1.43
CA HIS A 62 -8.05 -8.15 -2.75
C HIS A 62 -7.06 -7.66 -3.80
N ASN A 63 -6.76 -6.38 -3.79
CA ASN A 63 -5.84 -5.79 -4.77
C ASN A 63 -4.43 -6.38 -4.63
N LEU A 64 -4.01 -6.62 -3.40
CA LEU A 64 -2.69 -7.19 -3.15
C LEU A 64 -2.61 -8.66 -3.59
N SER A 65 -3.75 -9.36 -3.55
CA SER A 65 -3.81 -10.77 -3.92
C SER A 65 -3.63 -11.00 -5.42
N LEU A 66 -3.78 -9.94 -6.21
CA LEU A 66 -3.60 -10.04 -7.66
C LEU A 66 -2.13 -10.30 -7.99
N HIS A 67 -1.25 -9.88 -7.09
CA HIS A 67 0.20 -10.09 -7.19
C HIS A 67 0.91 -9.51 -8.44
N SER A 68 0.18 -8.78 -9.27
CA SER A 68 0.75 -8.23 -10.51
C SER A 68 1.57 -6.96 -10.29
N LYS A 69 0.92 -5.90 -9.80
CA LYS A 69 1.63 -4.64 -9.55
C LYS A 69 2.26 -4.64 -8.18
N PHE A 70 1.65 -5.39 -7.27
CA PHE A 70 2.09 -5.47 -5.89
C PHE A 70 2.72 -6.82 -5.72
N ILE A 71 3.82 -6.90 -5.00
CA ILE A 71 4.48 -8.16 -4.76
C ILE A 71 4.62 -8.30 -3.25
N ARG A 72 4.80 -9.53 -2.79
CA ARG A 72 4.91 -9.82 -1.37
C ARG A 72 6.30 -10.30 -1.01
N VAL A 73 7.00 -9.50 -0.24
CA VAL A 73 8.35 -9.84 0.22
C VAL A 73 8.16 -10.45 1.60
N GLN A 74 8.91 -11.49 1.87
CA GLN A 74 8.83 -12.18 3.16
C GLN A 74 9.78 -11.50 4.13
N ASN A 75 9.46 -11.54 5.40
CA ASN A 75 10.33 -10.98 6.42
C ASN A 75 11.46 -11.95 6.71
N GLU A 76 12.40 -11.49 7.52
CA GLU A 76 13.56 -12.25 7.97
C GLU A 76 13.19 -13.59 8.63
N GLY A 77 11.96 -13.68 9.11
CA GLY A 77 11.45 -14.91 9.70
C GLY A 77 10.23 -14.70 10.56
N THR A 78 10.38 -13.96 11.64
CA THR A 78 9.30 -13.72 12.61
C THR A 78 8.36 -12.59 12.22
N GLY A 79 8.04 -12.56 10.94
CA GLY A 79 7.18 -11.52 10.38
C GLY A 79 6.05 -12.03 9.51
N LYS A 80 5.00 -12.54 10.14
CA LYS A 80 3.85 -13.08 9.41
C LYS A 80 3.06 -12.01 8.65
N SER A 81 3.21 -10.76 9.06
CA SER A 81 2.50 -9.64 8.43
C SER A 81 2.96 -9.40 7.00
N SER A 82 4.20 -9.80 6.74
CA SER A 82 4.86 -9.64 5.44
C SER A 82 5.05 -8.19 5.00
N TRP A 83 5.90 -8.02 3.99
CA TRP A 83 6.17 -6.73 3.41
C TRP A 83 5.42 -6.71 2.09
N TRP A 84 4.88 -5.57 1.73
CA TRP A 84 4.17 -5.41 0.49
C TRP A 84 4.81 -4.24 -0.23
N MET A 85 5.19 -4.46 -1.47
CA MET A 85 5.87 -3.43 -2.26
C MET A 85 5.45 -3.53 -3.71
N LEU A 86 5.95 -2.64 -4.53
CA LEU A 86 5.64 -2.64 -5.95
C LEU A 86 6.67 -3.53 -6.63
N ASN A 87 6.33 -4.12 -7.76
CA ASN A 87 7.30 -4.93 -8.51
C ASN A 87 8.47 -4.00 -8.90
N PRO A 88 9.73 -4.37 -8.57
CA PRO A 88 10.90 -3.51 -8.84
C PRO A 88 11.15 -3.15 -10.29
N GLU A 89 10.74 -4.02 -11.20
CA GLU A 89 10.95 -3.80 -12.63
C GLU A 89 9.98 -2.76 -13.18
N GLY A 90 8.96 -2.43 -12.40
CA GLY A 90 7.97 -1.45 -12.81
C GLY A 90 8.04 -0.20 -11.97
N GLY A 91 7.83 0.95 -12.58
CA GLY A 91 7.89 2.21 -11.86
C GLY A 91 9.24 2.85 -12.08
N LYS A 92 9.86 3.36 -11.01
CA LYS A 92 11.16 4.03 -11.12
C LYS A 92 12.07 3.57 -9.99
N SER A 93 13.35 3.43 -10.28
CA SER A 93 14.32 3.01 -9.27
C SER A 93 14.46 4.09 -8.20
N GLY A 94 14.80 3.68 -6.97
CA GLY A 94 14.89 4.61 -5.85
C GLY A 94 15.75 5.84 -6.03
N LYS A 95 16.88 5.70 -6.75
CA LYS A 95 17.78 6.80 -7.10
C LYS A 95 17.92 7.94 -6.07
N SER A 96 18.68 7.66 -5.01
CA SER A 96 19.00 8.65 -3.96
C SER A 96 17.81 9.33 -3.26
N PRO A 97 17.01 8.56 -2.49
CA PRO A 97 15.90 9.20 -1.76
C PRO A 97 16.38 10.04 -0.58
N ARG A 98 15.46 10.78 0.04
CA ARG A 98 15.80 11.65 1.18
C ARG A 98 16.30 10.82 2.37
N ARG A 99 17.29 11.37 3.07
CA ARG A 99 17.89 10.72 4.24
C ARG A 99 16.98 10.84 5.46
N ARG A 100 17.09 9.89 6.38
CA ARG A 100 16.30 9.93 7.63
C ARG A 100 16.72 11.10 8.51
N ALA A 101 15.81 11.54 9.37
CA ALA A 101 16.05 12.63 10.31
C ALA A 101 15.08 12.39 11.46
N ALA A 102 15.31 13.08 12.59
CA ALA A 102 14.45 12.99 13.79
C ALA A 102 14.23 11.55 14.29
N SER A 103 15.17 10.67 13.99
CA SER A 103 15.04 9.25 14.33
C SER A 103 15.53 8.95 15.75
N MET A 104 14.79 9.44 16.73
CA MET A 104 15.09 9.18 18.14
C MET A 104 14.12 8.10 18.60
N ASP A 105 14.34 7.53 19.77
CA ASP A 105 13.50 6.45 20.29
C ASP A 105 13.23 6.67 21.77
N ASN A 106 12.30 5.90 22.31
CA ASN A 106 11.96 5.95 23.72
C ASN A 106 13.12 5.40 24.53
N ASN A 107 13.21 5.78 25.80
CA ASN A 107 14.31 5.33 26.65
C ASN A 107 13.77 4.90 28.01
N SER A 108 14.39 3.88 28.58
CA SER A 108 14.03 3.38 29.90
C SER A 108 15.31 2.85 30.52
N LYS A 109 15.41 2.92 31.83
CA LYS A 109 16.61 2.45 32.54
C LYS A 109 16.22 1.83 33.88
N PHE A 110 15.03 1.22 33.91
CA PHE A 110 14.51 0.61 35.12
C PHE A 110 14.18 -0.86 34.92
N ALA A 111 14.78 -1.71 35.74
CA ALA A 111 14.48 -3.14 35.76
C ALA A 111 14.82 -3.63 37.16
N LYS A 112 13.90 -4.33 37.81
CA LYS A 112 14.10 -4.86 39.16
C LYS A 112 13.31 -6.15 39.27
N SER A 113 13.62 -6.94 40.29
CA SER A 113 12.91 -8.20 40.59
C SER A 113 12.81 -9.19 39.42
N ARG A 114 13.80 -9.20 38.56
CA ARG A 114 13.82 -10.12 37.42
C ARG A 114 14.60 -11.37 37.80
N GLY A 115 13.89 -12.48 37.92
CA GLY A 115 14.52 -13.77 38.23
C GLY A 115 13.98 -14.40 39.49
N ARG A 116 14.18 -15.71 39.61
CA ARG A 116 13.73 -16.50 40.76
C ARG A 116 14.35 -17.87 40.55
N ALA A 117 14.15 -18.76 41.51
CA ALA A 117 14.56 -20.17 41.40
C ALA A 117 16.05 -20.39 41.09
N ALA A 118 16.89 -20.20 42.10
CA ALA A 118 18.31 -20.52 41.97
C ALA A 118 18.38 -22.05 42.10
N LYS A 119 19.51 -22.63 41.71
CA LYS A 119 19.70 -24.07 41.84
C LYS A 119 20.24 -24.35 43.23
N GLY A 1 -11.02 27.46 -16.89
CA GLY A 1 -10.53 26.08 -17.10
C GLY A 1 -11.00 25.16 -16.01
N PRO A 2 -10.54 23.90 -15.96
CA PRO A 2 -10.98 23.04 -14.86
C PRO A 2 -10.34 23.47 -13.54
N LEU A 3 -10.90 23.02 -12.43
CA LEU A 3 -10.39 23.36 -11.11
C LEU A 3 -10.06 22.08 -10.36
N GLY A 4 -8.90 22.06 -9.73
CA GLY A 4 -8.47 20.89 -8.97
C GLY A 4 -7.00 20.99 -8.65
N SER A 5 -6.67 21.18 -7.39
CA SER A 5 -5.27 21.33 -6.97
C SER A 5 -4.53 20.00 -6.85
N ALA A 6 -5.27 18.90 -6.79
CA ALA A 6 -4.68 17.58 -6.63
C ALA A 6 -5.65 16.50 -7.10
N TRP A 7 -5.36 15.28 -6.67
CA TRP A 7 -6.16 14.11 -7.01
C TRP A 7 -7.56 14.15 -6.43
N GLY A 8 -8.55 13.94 -7.29
CA GLY A 8 -9.94 13.87 -6.87
C GLY A 8 -10.55 12.48 -7.05
N ASN A 9 -9.85 11.61 -7.76
CA ASN A 9 -10.34 10.27 -8.06
C ASN A 9 -9.17 9.31 -8.26
N LEU A 10 -8.92 8.50 -7.25
CA LEU A 10 -7.88 7.47 -7.31
C LEU A 10 -8.47 6.17 -6.80
N SER A 11 -8.09 5.06 -7.41
CA SER A 11 -8.60 3.74 -7.04
C SER A 11 -7.84 3.19 -5.84
N TYR A 12 -8.31 2.08 -5.29
CA TYR A 12 -7.61 1.45 -4.16
C TYR A 12 -6.17 1.15 -4.55
N ALA A 13 -5.97 0.58 -5.73
CA ALA A 13 -4.62 0.24 -6.19
C ALA A 13 -3.69 1.46 -6.20
N ASP A 14 -4.20 2.60 -6.64
CA ASP A 14 -3.39 3.82 -6.71
C ASP A 14 -2.98 4.29 -5.32
N LEU A 15 -3.90 4.18 -4.37
CA LEU A 15 -3.66 4.63 -3.01
C LEU A 15 -2.74 3.67 -2.27
N ILE A 16 -2.90 2.38 -2.50
CA ILE A 16 -2.01 1.36 -1.92
C ILE A 16 -0.62 1.66 -2.44
N THR A 17 -0.53 1.88 -3.74
CA THR A 17 0.75 2.21 -4.36
C THR A 17 1.32 3.46 -3.77
N LYS A 18 0.53 4.52 -3.65
CA LYS A 18 1.02 5.79 -3.11
C LYS A 18 1.63 5.64 -1.73
N ALA A 19 1.03 4.80 -0.90
CA ALA A 19 1.57 4.59 0.44
C ALA A 19 2.98 3.98 0.34
N ILE A 20 3.13 3.01 -0.55
CA ILE A 20 4.40 2.33 -0.73
C ILE A 20 5.44 3.32 -1.28
N GLU A 21 5.05 4.14 -2.23
CA GLU A 21 5.96 5.13 -2.83
C GLU A 21 6.36 6.18 -1.81
N SER A 22 5.48 6.40 -0.85
CA SER A 22 5.68 7.42 0.19
C SER A 22 6.72 6.96 1.18
N SER A 23 6.83 5.66 1.38
CA SER A 23 7.84 5.12 2.29
C SER A 23 9.20 5.29 1.65
N ALA A 24 10.23 5.56 2.44
CA ALA A 24 11.58 5.74 1.89
C ALA A 24 12.06 4.42 1.27
N GLU A 25 11.78 3.33 1.96
CA GLU A 25 12.22 1.99 1.57
C GLU A 25 11.40 1.35 0.44
N LYS A 26 10.36 2.03 0.01
CA LYS A 26 9.44 1.54 -1.04
C LYS A 26 8.82 0.19 -0.71
N ARG A 27 8.55 -0.04 0.57
CA ARG A 27 7.93 -1.29 1.04
C ARG A 27 7.25 -1.05 2.38
N LEU A 28 6.00 -1.47 2.51
CA LEU A 28 5.22 -1.23 3.73
C LEU A 28 4.45 -2.49 4.14
N THR A 29 4.12 -2.61 5.42
CA THR A 29 3.28 -3.71 5.89
C THR A 29 1.83 -3.29 5.67
N LEU A 30 0.90 -4.22 5.78
CA LEU A 30 -0.51 -3.89 5.60
C LEU A 30 -0.96 -2.81 6.57
N SER A 31 -0.50 -2.90 7.81
CA SER A 31 -0.87 -1.93 8.84
C SER A 31 -0.42 -0.53 8.46
N GLN A 32 0.76 -0.41 7.90
CA GLN A 32 1.30 0.88 7.50
C GLN A 32 0.48 1.48 6.36
N ILE A 33 0.05 0.64 5.43
CA ILE A 33 -0.77 1.09 4.30
C ILE A 33 -2.11 1.58 4.84
N TYR A 34 -2.67 0.89 5.82
CA TYR A 34 -3.93 1.32 6.42
C TYR A 34 -3.75 2.70 7.05
N GLU A 35 -2.73 2.84 7.87
CA GLU A 35 -2.47 4.11 8.56
C GLU A 35 -2.26 5.24 7.57
N TRP A 36 -1.57 4.95 6.48
CA TRP A 36 -1.32 5.97 5.46
C TRP A 36 -2.66 6.45 4.89
N MET A 37 -3.59 5.53 4.63
CA MET A 37 -4.88 5.94 4.06
C MET A 37 -5.70 6.75 5.04
N VAL A 38 -5.65 6.41 6.32
CA VAL A 38 -6.39 7.16 7.34
C VAL A 38 -5.83 8.59 7.45
N LYS A 39 -4.52 8.73 7.26
CA LYS A 39 -3.89 10.06 7.33
C LYS A 39 -4.04 10.87 6.04
N SER A 40 -3.92 10.20 4.90
CA SER A 40 -3.92 10.86 3.59
C SER A 40 -5.29 11.08 2.96
N VAL A 41 -6.23 10.18 3.22
CA VAL A 41 -7.55 10.24 2.57
C VAL A 41 -8.65 10.42 3.61
N PRO A 42 -9.43 11.51 3.52
CA PRO A 42 -10.45 11.69 4.57
C PRO A 42 -11.56 10.66 4.51
N TYR A 43 -11.76 10.04 3.35
CA TYR A 43 -12.76 8.98 3.20
C TYR A 43 -12.44 7.80 4.11
N PHE A 44 -11.18 7.40 4.19
CA PHE A 44 -10.82 6.24 5.01
C PHE A 44 -10.62 6.66 6.45
N LYS A 45 -10.47 7.95 6.68
CA LYS A 45 -10.40 8.48 8.04
C LYS A 45 -11.79 8.42 8.66
N ASP A 46 -12.79 8.76 7.87
CA ASP A 46 -14.20 8.69 8.29
C ASP A 46 -14.61 7.25 8.53
N LYS A 47 -14.05 6.36 7.71
CA LYS A 47 -14.34 4.92 7.82
C LYS A 47 -13.33 4.25 8.77
N GLY A 48 -12.81 5.04 9.70
CA GLY A 48 -11.86 4.53 10.68
C GLY A 48 -12.53 3.69 11.75
N ASP A 49 -13.86 3.70 11.80
CA ASP A 49 -14.61 2.87 12.73
C ASP A 49 -14.26 1.41 12.46
N SER A 50 -14.17 0.59 13.50
CA SER A 50 -13.74 -0.80 13.35
C SER A 50 -14.54 -1.61 12.33
N ASN A 51 -15.84 -1.39 12.24
CA ASN A 51 -16.67 -2.14 11.30
C ASN A 51 -16.34 -1.72 9.86
N SER A 52 -16.36 -0.42 9.60
CA SER A 52 -16.06 0.11 8.28
C SER A 52 -14.62 -0.24 7.88
N SER A 53 -13.74 -0.25 8.87
CA SER A 53 -12.34 -0.59 8.64
C SER A 53 -12.22 -2.01 8.14
N ALA A 54 -13.03 -2.91 8.67
CA ALA A 54 -13.00 -4.31 8.23
C ALA A 54 -13.30 -4.37 6.74
N GLY A 55 -14.26 -3.56 6.30
CA GLY A 55 -14.62 -3.52 4.89
C GLY A 55 -13.50 -3.02 3.99
N TRP A 56 -12.94 -1.85 4.24
CA TRP A 56 -11.91 -1.33 3.32
C TRP A 56 -10.55 -2.03 3.46
N LYS A 57 -10.20 -2.54 4.63
CA LYS A 57 -8.96 -3.31 4.77
C LYS A 57 -9.07 -4.60 3.96
N ASN A 58 -10.28 -5.12 3.80
CA ASN A 58 -10.50 -6.31 2.98
C ASN A 58 -10.31 -5.93 1.50
N SER A 59 -10.80 -4.77 1.10
CA SER A 59 -10.64 -4.32 -0.29
C SER A 59 -9.17 -4.15 -0.67
N ILE A 60 -8.35 -3.69 0.27
CA ILE A 60 -6.92 -3.55 0.03
C ILE A 60 -6.32 -4.94 -0.17
N ARG A 61 -6.70 -5.88 0.68
CA ARG A 61 -6.18 -7.25 0.57
C ARG A 61 -6.58 -7.88 -0.75
N HIS A 62 -7.79 -7.63 -1.21
CA HIS A 62 -8.24 -8.13 -2.50
C HIS A 62 -7.36 -7.57 -3.61
N ASN A 63 -7.12 -6.28 -3.60
CA ASN A 63 -6.29 -5.63 -4.63
C ASN A 63 -4.86 -6.17 -4.61
N LEU A 64 -4.33 -6.40 -3.42
CA LEU A 64 -2.98 -6.94 -3.27
C LEU A 64 -2.90 -8.38 -3.75
N SER A 65 -3.96 -9.15 -3.50
CA SER A 65 -4.01 -10.57 -3.86
C SER A 65 -3.96 -10.80 -5.36
N LEU A 66 -4.24 -9.77 -6.15
CA LEU A 66 -4.15 -9.89 -7.61
C LEU A 66 -2.70 -10.05 -8.02
N HIS A 67 -1.80 -9.47 -7.22
CA HIS A 67 -0.35 -9.51 -7.43
C HIS A 67 0.15 -9.01 -8.79
N SER A 68 -0.72 -8.36 -9.56
CA SER A 68 -0.34 -7.86 -10.89
C SER A 68 0.79 -6.85 -10.79
N LYS A 69 0.62 -5.84 -9.96
CA LYS A 69 1.69 -4.85 -9.71
C LYS A 69 2.20 -4.84 -8.28
N PHE A 70 1.70 -5.72 -7.45
CA PHE A 70 2.10 -5.76 -6.04
C PHE A 70 2.74 -7.11 -5.76
N ILE A 71 3.79 -7.12 -4.95
CA ILE A 71 4.45 -8.36 -4.57
C ILE A 71 4.51 -8.39 -3.05
N ARG A 72 4.70 -9.57 -2.50
CA ARG A 72 4.76 -9.76 -1.05
C ARG A 72 6.15 -10.24 -0.71
N VAL A 73 6.74 -9.67 0.34
CA VAL A 73 8.08 -10.02 0.77
C VAL A 73 8.03 -10.62 2.15
N GLN A 74 8.83 -11.65 2.34
CA GLN A 74 9.03 -12.27 3.66
C GLN A 74 9.83 -11.26 4.51
N ASN A 75 10.06 -11.60 5.76
CA ASN A 75 10.85 -10.75 6.64
C ASN A 75 12.03 -11.55 7.13
N GLU A 76 13.04 -10.83 7.57
CA GLU A 76 14.29 -11.44 8.02
C GLU A 76 14.17 -12.01 9.43
N GLY A 77 13.47 -11.28 10.29
CA GLY A 77 13.29 -11.71 11.67
C GLY A 77 11.85 -11.56 12.14
N THR A 78 11.23 -10.44 11.79
CA THR A 78 9.84 -10.17 12.16
C THR A 78 8.90 -10.81 11.18
N GLY A 79 9.08 -12.11 11.00
CA GLY A 79 8.30 -12.90 10.05
C GLY A 79 6.81 -12.96 10.33
N LYS A 80 6.43 -12.51 11.52
CA LYS A 80 5.01 -12.42 11.90
C LYS A 80 4.30 -11.33 11.09
N SER A 81 5.07 -10.51 10.41
CA SER A 81 4.57 -9.47 9.51
C SER A 81 5.28 -9.64 8.18
N SER A 82 4.66 -9.20 7.11
CA SER A 82 5.24 -9.31 5.78
C SER A 82 5.06 -7.99 5.07
N TRP A 83 5.94 -7.73 4.12
CA TRP A 83 5.95 -6.47 3.39
C TRP A 83 5.15 -6.61 2.12
N TRP A 84 4.64 -5.49 1.65
CA TRP A 84 3.98 -5.40 0.39
C TRP A 84 4.65 -4.25 -0.31
N MET A 85 5.05 -4.46 -1.55
CA MET A 85 5.72 -3.43 -2.32
C MET A 85 5.35 -3.56 -3.78
N LEU A 86 5.78 -2.60 -4.58
CA LEU A 86 5.46 -2.59 -5.99
C LEU A 86 6.41 -3.55 -6.69
N ASN A 87 5.92 -4.24 -7.70
CA ASN A 87 6.78 -5.14 -8.49
C ASN A 87 7.83 -4.25 -9.20
N PRO A 88 9.14 -4.46 -8.93
CA PRO A 88 10.13 -3.56 -9.54
C PRO A 88 10.32 -3.71 -11.05
N GLU A 89 10.31 -4.94 -11.55
CA GLU A 89 10.50 -5.19 -12.98
C GLU A 89 9.19 -4.89 -13.71
N GLY A 90 8.12 -4.81 -12.95
CA GLY A 90 6.82 -4.44 -13.51
C GLY A 90 6.75 -2.97 -13.87
N GLY A 91 7.80 -2.22 -13.54
CA GLY A 91 7.86 -0.81 -13.86
C GLY A 91 6.83 0.02 -13.14
N LYS A 92 6.65 1.26 -13.57
CA LYS A 92 5.65 2.15 -12.94
C LYS A 92 5.27 3.38 -13.77
N SER A 93 6.18 3.82 -14.63
CA SER A 93 5.99 5.04 -15.43
C SER A 93 5.78 6.24 -14.49
N GLY A 94 6.55 6.26 -13.41
CA GLY A 94 6.45 7.35 -12.45
C GLY A 94 7.20 8.57 -12.92
N LYS A 95 6.90 9.71 -12.32
CA LYS A 95 7.54 10.98 -12.64
C LYS A 95 8.43 11.33 -11.45
N SER A 96 9.13 12.46 -11.56
CA SER A 96 10.11 12.96 -10.57
C SER A 96 11.40 12.14 -10.71
N PRO A 97 12.53 12.60 -10.13
CA PRO A 97 13.74 11.79 -10.36
C PRO A 97 13.70 10.42 -9.72
N ARG A 98 14.39 9.47 -10.34
CA ARG A 98 14.43 8.08 -9.88
C ARG A 98 15.73 7.46 -10.38
N ARG A 99 16.12 6.35 -9.77
CA ARG A 99 17.35 5.65 -10.16
C ARG A 99 17.15 4.98 -11.52
N ARG A 100 18.24 4.84 -12.27
CA ARG A 100 18.24 4.21 -13.61
C ARG A 100 17.22 4.86 -14.55
N ALA A 101 17.35 6.17 -14.72
CA ALA A 101 16.50 6.95 -15.61
C ALA A 101 17.40 7.57 -16.68
N ALA A 102 16.79 8.17 -17.69
CA ALA A 102 17.50 8.84 -18.78
C ALA A 102 16.60 10.00 -19.18
N SER A 103 17.15 10.97 -19.88
CA SER A 103 16.39 12.13 -20.32
C SER A 103 15.44 11.74 -21.47
N MET A 104 14.36 12.49 -21.60
CA MET A 104 13.34 12.23 -22.63
C MET A 104 13.03 13.56 -23.32
N ASP A 105 14.08 14.35 -23.53
CA ASP A 105 13.95 15.65 -24.17
C ASP A 105 13.97 15.50 -25.68
N ASN A 106 13.68 16.58 -26.39
CA ASN A 106 13.61 16.56 -27.85
C ASN A 106 14.20 17.86 -28.38
N ASN A 107 14.85 17.80 -29.54
CA ASN A 107 15.45 18.98 -30.15
C ASN A 107 14.51 19.53 -31.20
N SER A 108 14.40 20.85 -31.27
CA SER A 108 13.46 21.51 -32.17
C SER A 108 14.14 22.23 -33.33
N LYS A 109 13.42 22.33 -34.44
CA LYS A 109 13.89 23.04 -35.64
C LYS A 109 12.92 24.20 -35.89
N PHE A 110 13.12 25.30 -35.20
CA PHE A 110 12.22 26.45 -35.28
C PHE A 110 12.26 27.14 -36.64
N ALA A 111 11.10 27.24 -37.28
CA ALA A 111 10.99 27.91 -38.58
C ALA A 111 10.56 29.36 -38.38
N LYS A 112 11.49 30.29 -38.53
CA LYS A 112 11.17 31.71 -38.37
C LYS A 112 10.66 32.31 -39.68
N SER A 113 9.43 32.77 -39.66
CA SER A 113 8.83 33.43 -40.83
C SER A 113 9.53 34.77 -41.06
N ARG A 114 9.63 35.17 -42.32
CA ARG A 114 10.32 36.42 -42.69
C ARG A 114 9.78 36.90 -44.03
N GLY A 115 9.98 38.17 -44.33
CA GLY A 115 9.50 38.75 -45.58
C GLY A 115 10.27 40.02 -45.85
N ARG A 116 9.85 40.78 -46.87
CA ARG A 116 10.52 42.05 -47.22
C ARG A 116 9.51 43.15 -47.50
N ALA A 117 8.36 43.06 -46.85
CA ALA A 117 7.29 44.03 -47.04
C ALA A 117 7.68 45.35 -46.36
N ALA A 118 7.17 46.45 -46.89
CA ALA A 118 7.42 47.79 -46.34
C ALA A 118 6.09 48.53 -46.17
N LYS A 119 5.01 47.77 -46.33
CA LYS A 119 3.64 48.25 -46.22
C LYS A 119 2.91 46.98 -45.85
N GLY A 1 -11.06 17.09 -23.41
CA GLY A 1 -11.90 17.09 -22.20
C GLY A 1 -11.38 18.07 -21.19
N PRO A 2 -11.97 18.17 -19.98
CA PRO A 2 -11.43 19.13 -19.01
C PRO A 2 -10.10 18.64 -18.43
N LEU A 3 -9.33 19.57 -17.86
CA LEU A 3 -8.05 19.25 -17.24
C LEU A 3 -7.88 20.23 -16.09
N GLY A 4 -7.36 19.75 -14.96
CA GLY A 4 -7.15 20.62 -13.81
C GLY A 4 -7.47 19.89 -12.53
N SER A 5 -7.57 20.64 -11.44
CA SER A 5 -7.86 20.11 -10.09
C SER A 5 -6.87 19.02 -9.66
N ALA A 6 -7.34 18.02 -8.92
CA ALA A 6 -6.48 16.95 -8.41
C ALA A 6 -7.06 15.62 -8.86
N TRP A 7 -6.66 14.54 -8.22
CA TRP A 7 -7.10 13.20 -8.58
C TRP A 7 -8.60 12.97 -8.55
N GLY A 8 -9.30 13.71 -7.70
CA GLY A 8 -10.73 13.50 -7.52
C GLY A 8 -10.98 12.29 -6.66
N ASN A 9 -10.83 11.10 -7.24
CA ASN A 9 -11.02 9.83 -6.53
C ASN A 9 -10.10 8.76 -7.12
N LEU A 10 -8.96 8.55 -6.48
CA LEU A 10 -8.02 7.52 -6.94
C LEU A 10 -8.54 6.13 -6.62
N SER A 11 -8.20 5.19 -7.47
CA SER A 11 -8.60 3.79 -7.27
C SER A 11 -7.86 3.22 -6.07
N TYR A 12 -8.39 2.14 -5.50
CA TYR A 12 -7.77 1.49 -4.34
C TYR A 12 -6.31 1.14 -4.61
N ALA A 13 -6.05 0.52 -5.76
CA ALA A 13 -4.69 0.13 -6.12
C ALA A 13 -3.74 1.33 -6.13
N ASP A 14 -4.21 2.47 -6.63
CA ASP A 14 -3.40 3.67 -6.70
C ASP A 14 -3.03 4.18 -5.31
N LEU A 15 -4.00 4.16 -4.41
CA LEU A 15 -3.76 4.63 -3.04
C LEU A 15 -2.83 3.69 -2.29
N ILE A 16 -2.97 2.39 -2.51
CA ILE A 16 -2.07 1.39 -1.91
C ILE A 16 -0.66 1.68 -2.43
N THR A 17 -0.55 1.90 -3.73
CA THR A 17 0.72 2.20 -4.37
C THR A 17 1.34 3.48 -3.80
N LYS A 18 0.56 4.54 -3.68
CA LYS A 18 1.10 5.80 -3.15
C LYS A 18 1.65 5.65 -1.75
N ALA A 19 1.05 4.82 -0.93
CA ALA A 19 1.56 4.57 0.41
C ALA A 19 2.96 3.97 0.32
N ILE A 20 3.13 3.01 -0.57
CA ILE A 20 4.41 2.32 -0.74
C ILE A 20 5.45 3.29 -1.30
N GLU A 21 5.05 4.12 -2.25
CA GLU A 21 5.96 5.11 -2.84
C GLU A 21 6.37 6.16 -1.81
N SER A 22 5.49 6.42 -0.86
CA SER A 22 5.74 7.41 0.19
C SER A 22 6.74 6.89 1.21
N SER A 23 6.81 5.56 1.35
CA SER A 23 7.72 4.97 2.31
C SER A 23 9.18 5.14 1.88
N ALA A 24 10.07 5.23 2.85
CA ALA A 24 11.49 5.38 2.56
C ALA A 24 12.05 4.09 1.93
N GLU A 25 11.60 2.95 2.42
CA GLU A 25 12.12 1.65 1.96
C GLU A 25 11.44 1.13 0.69
N LYS A 26 10.43 1.84 0.20
CA LYS A 26 9.62 1.44 -0.96
C LYS A 26 8.93 0.11 -0.73
N ARG A 27 8.55 -0.12 0.51
CA ARG A 27 7.80 -1.31 0.91
C ARG A 27 7.12 -0.94 2.21
N LEU A 28 5.93 -1.46 2.43
CA LEU A 28 5.17 -1.20 3.65
C LEU A 28 4.46 -2.47 4.08
N THR A 29 4.13 -2.58 5.35
CA THR A 29 3.35 -3.72 5.82
C THR A 29 1.88 -3.30 5.69
N LEU A 30 0.96 -4.24 5.80
CA LEU A 30 -0.47 -3.91 5.65
C LEU A 30 -0.90 -2.83 6.65
N SER A 31 -0.42 -2.91 7.87
CA SER A 31 -0.77 -1.94 8.92
C SER A 31 -0.36 -0.52 8.55
N GLN A 32 0.78 -0.39 7.88
CA GLN A 32 1.29 0.90 7.49
C GLN A 32 0.46 1.51 6.36
N ILE A 33 -0.01 0.67 5.45
CA ILE A 33 -0.84 1.14 4.36
C ILE A 33 -2.14 1.65 4.97
N TYR A 34 -2.63 1.00 6.01
CA TYR A 34 -3.83 1.45 6.69
C TYR A 34 -3.62 2.84 7.29
N GLU A 35 -2.56 3.03 8.06
CA GLU A 35 -2.34 4.32 8.72
C GLU A 35 -2.15 5.45 7.72
N TRP A 36 -1.47 5.15 6.62
CA TRP A 36 -1.23 6.14 5.58
C TRP A 36 -2.55 6.57 4.97
N MET A 37 -3.46 5.63 4.76
CA MET A 37 -4.76 5.94 4.17
C MET A 37 -5.63 6.77 5.11
N VAL A 38 -5.65 6.44 6.40
CA VAL A 38 -6.44 7.20 7.36
C VAL A 38 -5.91 8.64 7.44
N LYS A 39 -4.59 8.78 7.41
CA LYS A 39 -3.96 10.09 7.52
C LYS A 39 -4.10 10.93 6.25
N SER A 40 -3.89 10.32 5.10
CA SER A 40 -3.85 11.05 3.82
C SER A 40 -5.15 11.13 3.03
N VAL A 41 -6.14 10.31 3.36
CA VAL A 41 -7.39 10.30 2.58
C VAL A 41 -8.61 10.51 3.49
N PRO A 42 -9.36 11.61 3.30
CA PRO A 42 -10.54 11.81 4.15
C PRO A 42 -11.55 10.67 4.08
N TYR A 43 -11.67 10.04 2.91
CA TYR A 43 -12.59 8.92 2.73
C TYR A 43 -12.29 7.78 3.69
N PHE A 44 -11.02 7.40 3.79
CA PHE A 44 -10.65 6.29 4.64
C PHE A 44 -10.71 6.65 6.11
N LYS A 45 -10.52 7.92 6.42
CA LYS A 45 -10.65 8.42 7.79
C LYS A 45 -12.10 8.28 8.22
N ASP A 46 -13.01 8.65 7.33
CA ASP A 46 -14.45 8.59 7.57
C ASP A 46 -14.91 7.14 7.77
N LYS A 47 -14.26 6.23 7.07
CA LYS A 47 -14.63 4.82 7.10
C LYS A 47 -13.92 4.05 8.21
N GLY A 48 -13.27 4.77 9.11
CA GLY A 48 -12.50 4.16 10.20
C GLY A 48 -13.31 3.55 11.34
N ASP A 49 -14.59 3.30 11.14
CA ASP A 49 -15.45 2.69 12.16
C ASP A 49 -15.02 1.24 12.42
N SER A 50 -15.24 0.78 13.65
CA SER A 50 -14.85 -0.56 14.08
C SER A 50 -15.44 -1.68 13.21
N ASN A 51 -16.73 -1.62 12.90
CA ASN A 51 -17.34 -2.68 12.08
C ASN A 51 -16.92 -2.52 10.63
N SER A 52 -16.84 -1.28 10.16
CA SER A 52 -16.45 -0.97 8.80
C SER A 52 -15.04 -1.48 8.49
N SER A 53 -14.23 -1.66 9.53
CA SER A 53 -12.88 -2.17 9.38
C SER A 53 -12.86 -3.50 8.64
N ALA A 54 -13.95 -4.26 8.72
CA ALA A 54 -14.06 -5.55 8.03
C ALA A 54 -13.85 -5.37 6.52
N GLY A 55 -14.56 -4.42 5.92
CA GLY A 55 -14.45 -4.20 4.48
C GLY A 55 -13.25 -3.35 4.13
N TRP A 56 -12.86 -2.50 5.07
CA TRP A 56 -11.75 -1.57 4.91
C TRP A 56 -10.47 -2.33 4.54
N LYS A 57 -10.10 -3.31 5.36
CA LYS A 57 -8.90 -4.11 5.10
C LYS A 57 -9.12 -5.11 3.96
N ASN A 58 -10.35 -5.59 3.81
CA ASN A 58 -10.62 -6.61 2.80
C ASN A 58 -10.41 -6.10 1.38
N SER A 59 -10.87 -4.88 1.09
CA SER A 59 -10.71 -4.34 -0.26
C SER A 59 -9.23 -4.12 -0.60
N ILE A 60 -8.43 -3.73 0.37
CA ILE A 60 -6.99 -3.55 0.16
C ILE A 60 -6.37 -4.91 -0.11
N ARG A 61 -6.72 -5.89 0.70
CA ARG A 61 -6.17 -7.23 0.54
C ARG A 61 -6.58 -7.85 -0.79
N HIS A 62 -7.80 -7.60 -1.22
CA HIS A 62 -8.27 -8.09 -2.51
C HIS A 62 -7.41 -7.53 -3.64
N ASN A 63 -7.14 -6.23 -3.59
CA ASN A 63 -6.31 -5.58 -4.62
C ASN A 63 -4.88 -6.15 -4.61
N LEU A 64 -4.36 -6.44 -3.42
CA LEU A 64 -3.02 -7.01 -3.29
C LEU A 64 -2.97 -8.45 -3.78
N SER A 65 -4.10 -9.16 -3.67
CA SER A 65 -4.17 -10.57 -4.08
C SER A 65 -4.08 -10.72 -5.59
N LEU A 66 -4.30 -9.65 -6.33
CA LEU A 66 -4.18 -9.67 -7.79
C LEU A 66 -2.71 -9.84 -8.19
N HIS A 67 -1.82 -9.53 -7.25
CA HIS A 67 -0.35 -9.68 -7.31
C HIS A 67 0.47 -9.37 -8.59
N SER A 68 -0.14 -8.83 -9.63
CA SER A 68 0.60 -8.45 -10.83
C SER A 68 1.48 -7.22 -10.61
N LYS A 69 0.89 -6.18 -10.01
CA LYS A 69 1.63 -4.93 -9.76
C LYS A 69 2.20 -4.87 -8.35
N PHE A 70 1.64 -5.66 -7.46
CA PHE A 70 2.07 -5.68 -6.06
C PHE A 70 2.73 -7.01 -5.78
N ILE A 71 3.85 -6.99 -5.08
CA ILE A 71 4.58 -8.20 -4.76
C ILE A 71 4.73 -8.25 -3.23
N ARG A 72 5.06 -9.41 -2.69
CA ARG A 72 5.16 -9.60 -1.24
C ARG A 72 6.56 -10.05 -0.87
N VAL A 73 7.15 -9.41 0.13
CA VAL A 73 8.49 -9.75 0.58
C VAL A 73 8.41 -10.42 1.95
N GLN A 74 9.23 -11.44 2.13
CA GLN A 74 9.33 -12.14 3.39
C GLN A 74 10.11 -11.24 4.37
N ASN A 75 9.91 -11.49 5.65
CA ASN A 75 10.60 -10.78 6.71
C ASN A 75 11.43 -11.81 7.46
N GLU A 76 12.61 -11.41 7.93
CA GLU A 76 13.57 -12.29 8.66
C GLU A 76 12.95 -13.45 9.44
N GLY A 77 12.10 -13.13 10.42
CA GLY A 77 11.45 -14.14 11.22
C GLY A 77 9.94 -14.02 11.18
N THR A 78 9.42 -13.58 10.04
CA THR A 78 7.96 -13.37 9.80
C THR A 78 7.16 -12.82 11.01
N GLY A 79 7.75 -11.87 11.72
CA GLY A 79 7.16 -11.35 12.95
C GLY A 79 5.87 -10.53 12.89
N LYS A 80 5.98 -9.22 12.79
CA LYS A 80 4.79 -8.35 12.86
C LYS A 80 3.82 -8.48 11.69
N SER A 81 4.32 -8.41 10.47
CA SER A 81 3.49 -8.50 9.26
C SER A 81 4.43 -8.67 8.08
N SER A 82 3.92 -9.19 6.97
CA SER A 82 4.73 -9.34 5.76
C SER A 82 4.81 -7.99 5.04
N TRP A 83 5.83 -7.80 4.24
CA TRP A 83 5.98 -6.58 3.45
C TRP A 83 5.19 -6.71 2.16
N TRP A 84 4.70 -5.58 1.69
CA TRP A 84 4.04 -5.51 0.39
C TRP A 84 4.73 -4.34 -0.30
N MET A 85 5.03 -4.50 -1.58
CA MET A 85 5.70 -3.45 -2.32
C MET A 85 5.32 -3.55 -3.79
N LEU A 86 5.83 -2.63 -4.58
CA LEU A 86 5.52 -2.61 -6.02
C LEU A 86 6.49 -3.53 -6.72
N ASN A 87 6.07 -4.12 -7.83
CA ASN A 87 6.95 -4.95 -8.63
C ASN A 87 8.05 -4.02 -9.20
N PRO A 88 9.33 -4.32 -8.95
CA PRO A 88 10.39 -3.42 -9.45
C PRO A 88 10.48 -3.33 -10.97
N GLU A 89 10.15 -4.42 -11.64
CA GLU A 89 10.15 -4.51 -13.09
C GLU A 89 8.78 -4.12 -13.65
N GLY A 90 7.90 -3.69 -12.75
CA GLY A 90 6.54 -3.31 -13.12
C GLY A 90 6.42 -1.90 -13.67
N GLY A 91 7.34 -1.53 -14.54
CA GLY A 91 7.37 -0.20 -15.12
C GLY A 91 8.80 0.16 -15.45
N LYS A 92 9.07 1.44 -15.66
CA LYS A 92 10.46 1.88 -15.92
C LYS A 92 11.22 1.67 -14.61
N SER A 93 12.52 1.45 -14.70
CA SER A 93 13.35 1.20 -13.53
C SER A 93 13.23 2.32 -12.49
N GLY A 94 13.07 1.90 -11.23
CA GLY A 94 12.95 2.84 -10.13
C GLY A 94 14.27 2.97 -9.39
N LYS A 95 14.22 3.35 -8.12
CA LYS A 95 15.42 3.48 -7.30
C LYS A 95 15.22 2.86 -5.93
N SER A 96 16.11 1.96 -5.57
CA SER A 96 16.06 1.26 -4.29
C SER A 96 16.58 2.16 -3.18
N PRO A 97 16.17 1.91 -1.91
CA PRO A 97 16.74 2.77 -0.88
C PRO A 97 18.23 2.50 -0.65
N ARG A 98 19.01 3.56 -0.51
CA ARG A 98 20.44 3.41 -0.23
C ARG A 98 20.57 3.21 1.28
N ARG A 99 21.04 2.04 1.70
CA ARG A 99 21.15 1.72 3.12
C ARG A 99 22.59 1.42 3.47
N ARG A 100 22.90 1.36 4.75
CA ARG A 100 24.23 1.00 5.24
C ARG A 100 24.06 -0.26 6.08
N ALA A 101 24.13 -1.41 5.44
CA ALA A 101 23.99 -2.69 6.11
C ALA A 101 25.36 -3.12 6.63
N ALA A 102 25.37 -4.12 7.50
CA ALA A 102 26.61 -4.68 8.03
C ALA A 102 26.35 -6.17 8.24
N SER A 103 27.39 -6.99 8.10
CA SER A 103 27.27 -8.43 8.30
C SER A 103 27.46 -8.74 9.77
N MET A 104 26.39 -8.58 10.54
CA MET A 104 26.40 -8.80 11.98
C MET A 104 25.26 -9.74 12.33
N ASP A 105 25.25 -10.19 13.59
CA ASP A 105 24.23 -11.12 14.11
C ASP A 105 24.20 -12.38 13.23
N ASN A 106 23.00 -12.92 13.00
CA ASN A 106 22.82 -14.09 12.12
C ASN A 106 23.72 -15.29 12.46
N ASN A 107 23.99 -15.47 13.75
CA ASN A 107 24.85 -16.55 14.22
C ASN A 107 24.26 -17.93 13.89
N SER A 108 22.93 -17.96 13.76
CA SER A 108 22.16 -19.16 13.41
C SER A 108 22.28 -20.31 14.42
N LYS A 109 21.54 -21.38 14.15
CA LYS A 109 21.52 -22.57 15.01
C LYS A 109 21.08 -23.77 14.16
N PHE A 110 22.03 -24.42 13.50
CA PHE A 110 21.70 -25.55 12.63
C PHE A 110 22.51 -26.79 13.00
N ALA A 111 21.89 -27.95 12.88
CA ALA A 111 22.53 -29.23 13.23
C ALA A 111 23.35 -29.76 12.05
N LYS A 112 24.15 -30.78 12.31
CA LYS A 112 24.95 -31.43 11.27
C LYS A 112 24.85 -32.93 11.50
N SER A 113 25.19 -33.72 10.49
CA SER A 113 25.12 -35.18 10.54
C SER A 113 23.67 -35.65 10.78
N ARG A 114 23.49 -36.90 11.18
CA ARG A 114 22.16 -37.45 11.44
C ARG A 114 22.31 -38.60 12.41
N GLY A 115 21.21 -38.98 13.06
CA GLY A 115 21.20 -40.10 13.98
C GLY A 115 20.18 -41.14 13.53
N ARG A 116 19.17 -41.35 14.37
CA ARG A 116 18.10 -42.36 14.15
C ARG A 116 18.73 -43.75 14.20
N ALA A 117 18.06 -44.73 13.61
CA ALA A 117 18.52 -46.14 13.59
C ALA A 117 18.71 -46.72 15.00
N ALA A 118 17.92 -46.24 15.95
CA ALA A 118 17.99 -46.71 17.34
C ALA A 118 17.28 -48.06 17.51
N LYS A 119 16.64 -48.52 16.44
CA LYS A 119 15.85 -49.75 16.42
C LYS A 119 14.70 -49.61 17.43
N GLY A 1 -13.00 27.85 -13.23
CA GLY A 1 -11.84 28.31 -12.42
C GLY A 1 -10.57 27.63 -12.85
N PRO A 2 -9.43 27.86 -12.19
CA PRO A 2 -8.21 27.15 -12.63
C PRO A 2 -8.30 25.65 -12.32
N LEU A 3 -7.63 24.84 -13.12
CA LEU A 3 -7.66 23.39 -12.98
C LEU A 3 -6.31 22.86 -12.54
N GLY A 4 -5.80 23.43 -11.47
CA GLY A 4 -4.51 23.03 -10.92
C GLY A 4 -4.62 21.87 -9.94
N SER A 5 -5.81 21.29 -9.86
CA SER A 5 -6.08 20.17 -8.97
C SER A 5 -5.60 18.87 -9.61
N ALA A 6 -5.26 17.89 -8.79
CA ALA A 6 -4.80 16.59 -9.29
C ALA A 6 -5.44 15.49 -8.44
N TRP A 7 -5.55 14.30 -9.02
CA TRP A 7 -6.11 13.12 -8.36
C TRP A 7 -7.45 13.31 -7.64
N GLY A 8 -8.46 13.79 -8.37
CA GLY A 8 -9.77 13.99 -7.77
C GLY A 8 -10.51 12.71 -7.42
N ASN A 9 -10.01 11.57 -7.87
CA ASN A 9 -10.60 10.28 -7.62
C ASN A 9 -9.51 9.28 -7.97
N LEU A 10 -9.12 8.49 -6.98
CA LEU A 10 -8.14 7.42 -7.16
C LEU A 10 -8.71 6.11 -6.65
N SER A 11 -8.34 5.02 -7.31
CA SER A 11 -8.82 3.69 -6.96
C SER A 11 -8.01 3.14 -5.79
N TYR A 12 -8.47 2.03 -5.22
CA TYR A 12 -7.76 1.40 -4.11
C TYR A 12 -6.30 1.10 -4.48
N ALA A 13 -6.09 0.53 -5.66
CA ALA A 13 -4.74 0.17 -6.11
C ALA A 13 -3.81 1.39 -6.11
N ASP A 14 -4.31 2.53 -6.55
CA ASP A 14 -3.52 3.75 -6.63
C ASP A 14 -3.12 4.23 -5.25
N LEU A 15 -4.04 4.12 -4.30
CA LEU A 15 -3.79 4.58 -2.94
C LEU A 15 -2.81 3.64 -2.23
N ILE A 16 -2.95 2.35 -2.45
CA ILE A 16 -2.02 1.36 -1.87
C ILE A 16 -0.64 1.65 -2.42
N THR A 17 -0.56 1.87 -3.73
CA THR A 17 0.69 2.19 -4.38
C THR A 17 1.29 3.48 -3.84
N LYS A 18 0.48 4.52 -3.69
CA LYS A 18 0.98 5.80 -3.17
C LYS A 18 1.55 5.63 -1.78
N ALA A 19 0.98 4.74 -0.99
CA ALA A 19 1.50 4.50 0.35
C ALA A 19 2.91 3.91 0.27
N ILE A 20 3.08 2.94 -0.60
CA ILE A 20 4.37 2.26 -0.75
C ILE A 20 5.42 3.25 -1.26
N GLU A 21 5.03 4.09 -2.21
CA GLU A 21 5.93 5.11 -2.75
C GLU A 21 6.31 6.15 -1.73
N SER A 22 5.38 6.39 -0.82
CA SER A 22 5.59 7.36 0.26
C SER A 22 6.63 6.86 1.26
N SER A 23 6.77 5.55 1.36
CA SER A 23 7.78 4.96 2.24
C SER A 23 9.15 5.12 1.59
N ALA A 24 10.17 5.36 2.39
CA ALA A 24 11.52 5.57 1.85
C ALA A 24 12.07 4.27 1.28
N GLU A 25 11.79 3.17 1.96
CA GLU A 25 12.30 1.85 1.57
C GLU A 25 11.48 1.21 0.45
N LYS A 26 10.41 1.88 0.04
CA LYS A 26 9.49 1.38 -0.99
C LYS A 26 8.86 0.04 -0.63
N ARG A 27 8.57 -0.18 0.65
CA ARG A 27 7.89 -1.39 1.10
C ARG A 27 7.16 -1.07 2.40
N LEU A 28 5.90 -1.49 2.49
CA LEU A 28 5.09 -1.24 3.69
C LEU A 28 4.33 -2.49 4.11
N THR A 29 4.08 -2.63 5.40
CA THR A 29 3.26 -3.74 5.89
C THR A 29 1.81 -3.30 5.76
N LEU A 30 0.87 -4.23 5.88
CA LEU A 30 -0.55 -3.88 5.75
C LEU A 30 -0.96 -2.79 6.73
N SER A 31 -0.47 -2.88 7.96
CA SER A 31 -0.80 -1.91 8.99
C SER A 31 -0.34 -0.51 8.64
N GLN A 32 0.81 -0.40 7.99
CA GLN A 32 1.32 0.91 7.60
C GLN A 32 0.54 1.48 6.41
N ILE A 33 0.13 0.62 5.48
CA ILE A 33 -0.68 1.07 4.35
C ILE A 33 -2.00 1.57 4.91
N TYR A 34 -2.51 0.88 5.92
CA TYR A 34 -3.75 1.31 6.57
C TYR A 34 -3.56 2.70 7.19
N GLU A 35 -2.51 2.91 7.97
CA GLU A 35 -2.34 4.22 8.60
C GLU A 35 -2.18 5.32 7.56
N TRP A 36 -1.49 5.02 6.48
CA TRP A 36 -1.25 5.99 5.43
C TRP A 36 -2.58 6.48 4.85
N MET A 37 -3.53 5.58 4.64
CA MET A 37 -4.81 5.99 4.07
C MET A 37 -5.59 6.87 5.05
N VAL A 38 -5.53 6.54 6.34
CA VAL A 38 -6.22 7.34 7.35
C VAL A 38 -5.57 8.73 7.46
N LYS A 39 -4.25 8.78 7.37
CA LYS A 39 -3.51 10.03 7.47
C LYS A 39 -3.63 10.90 6.23
N SER A 40 -3.69 10.29 5.06
CA SER A 40 -3.65 11.02 3.79
C SER A 40 -5.00 11.28 3.12
N VAL A 41 -6.00 10.44 3.35
CA VAL A 41 -7.29 10.59 2.68
C VAL A 41 -8.40 10.77 3.72
N PRO A 42 -9.09 11.92 3.70
CA PRO A 42 -10.12 12.08 4.74
C PRO A 42 -11.29 11.13 4.58
N TYR A 43 -11.55 10.66 3.36
CA TYR A 43 -12.59 9.68 3.11
C TYR A 43 -12.32 8.40 3.91
N PHE A 44 -11.08 7.95 3.89
CA PHE A 44 -10.73 6.70 4.56
C PHE A 44 -10.67 6.90 6.07
N LYS A 45 -10.38 8.11 6.51
CA LYS A 45 -10.42 8.42 7.95
C LYS A 45 -11.88 8.33 8.41
N ASP A 46 -12.78 8.90 7.64
CA ASP A 46 -14.21 8.91 7.95
C ASP A 46 -14.78 7.49 7.93
N LYS A 47 -14.25 6.67 7.05
CA LYS A 47 -14.73 5.30 6.88
C LYS A 47 -14.01 4.33 7.82
N GLY A 48 -13.40 4.89 8.86
CA GLY A 48 -12.72 4.08 9.85
C GLY A 48 -13.66 3.48 10.88
N ASP A 49 -14.96 3.70 10.70
CA ASP A 49 -16.00 3.15 11.58
C ASP A 49 -15.89 1.62 11.66
N SER A 50 -16.30 1.04 12.78
CA SER A 50 -16.17 -0.39 13.02
C SER A 50 -16.76 -1.27 11.90
N ASN A 51 -17.97 -0.98 11.45
CA ASN A 51 -18.58 -1.79 10.40
C ASN A 51 -17.88 -1.55 9.07
N SER A 52 -17.69 -0.28 8.73
CA SER A 52 -17.04 0.11 7.48
C SER A 52 -15.64 -0.50 7.37
N SER A 53 -14.96 -0.60 8.50
CA SER A 53 -13.61 -1.16 8.58
C SER A 53 -13.50 -2.55 7.97
N ALA A 54 -14.59 -3.31 7.96
CA ALA A 54 -14.58 -4.65 7.39
C ALA A 54 -14.24 -4.59 5.88
N GLY A 55 -14.93 -3.73 5.14
CA GLY A 55 -14.70 -3.62 3.70
C GLY A 55 -13.44 -2.85 3.39
N TRP A 56 -13.10 -1.95 4.29
CA TRP A 56 -11.91 -1.10 4.22
C TRP A 56 -10.65 -1.97 4.09
N LYS A 57 -10.49 -2.91 5.01
CA LYS A 57 -9.32 -3.80 5.02
C LYS A 57 -9.40 -4.83 3.89
N ASN A 58 -10.60 -5.32 3.63
CA ASN A 58 -10.81 -6.35 2.61
C ASN A 58 -10.39 -5.86 1.23
N SER A 59 -10.86 -4.69 0.82
CA SER A 59 -10.56 -4.18 -0.51
C SER A 59 -9.06 -4.02 -0.76
N ILE A 60 -8.31 -3.60 0.25
CA ILE A 60 -6.86 -3.47 0.10
C ILE A 60 -6.26 -4.85 -0.10
N ARG A 61 -6.71 -5.80 0.72
CA ARG A 61 -6.19 -7.16 0.66
C ARG A 61 -6.52 -7.82 -0.68
N HIS A 62 -7.69 -7.55 -1.21
CA HIS A 62 -8.09 -8.06 -2.52
C HIS A 62 -7.17 -7.50 -3.60
N ASN A 63 -6.96 -6.19 -3.60
CA ASN A 63 -6.12 -5.56 -4.62
C ASN A 63 -4.70 -6.11 -4.56
N LEU A 64 -4.21 -6.37 -3.35
CA LEU A 64 -2.87 -6.95 -3.18
C LEU A 64 -2.80 -8.39 -3.70
N SER A 65 -3.90 -9.13 -3.58
CA SER A 65 -3.91 -10.53 -4.02
C SER A 65 -3.87 -10.66 -5.54
N LEU A 66 -4.23 -9.60 -6.25
CA LEU A 66 -4.17 -9.61 -7.71
C LEU A 66 -2.72 -9.62 -8.18
N HIS A 67 -1.83 -9.19 -7.28
CA HIS A 67 -0.36 -9.19 -7.42
C HIS A 67 0.35 -8.79 -8.74
N SER A 68 -0.38 -8.27 -9.72
CA SER A 68 0.23 -7.84 -10.98
C SER A 68 1.19 -6.67 -10.79
N LYS A 69 0.84 -5.76 -9.89
CA LYS A 69 1.68 -4.59 -9.60
C LYS A 69 2.28 -4.64 -8.20
N PHE A 70 1.77 -5.54 -7.37
CA PHE A 70 2.21 -5.64 -5.98
C PHE A 70 2.91 -6.96 -5.76
N ILE A 71 4.08 -6.93 -5.15
CA ILE A 71 4.84 -8.13 -4.85
C ILE A 71 4.99 -8.18 -3.33
N ARG A 72 5.38 -9.35 -2.80
CA ARG A 72 5.43 -9.56 -1.36
C ARG A 72 6.82 -9.97 -0.92
N VAL A 73 7.31 -9.36 0.16
CA VAL A 73 8.63 -9.67 0.71
C VAL A 73 8.47 -10.27 2.08
N GLN A 74 9.30 -11.24 2.38
CA GLN A 74 9.35 -11.78 3.73
C GLN A 74 9.85 -10.65 4.62
N ASN A 75 9.50 -10.73 5.89
CA ASN A 75 9.92 -9.73 6.87
C ASN A 75 11.16 -10.27 7.56
N GLU A 76 11.84 -9.42 8.31
CA GLU A 76 13.06 -9.78 9.05
C GLU A 76 12.76 -10.92 10.01
N GLY A 77 11.52 -10.94 10.49
CA GLY A 77 11.04 -12.04 11.31
C GLY A 77 10.02 -11.62 12.35
N THR A 78 10.46 -10.88 13.35
CA THR A 78 9.60 -10.49 14.47
C THR A 78 8.69 -9.32 14.16
N GLY A 79 8.68 -8.97 12.89
CA GLY A 79 7.85 -7.88 12.39
C GLY A 79 6.38 -8.24 12.19
N LYS A 80 6.06 -9.52 12.41
CA LYS A 80 4.68 -10.06 12.40
C LYS A 80 3.82 -9.97 11.14
N SER A 81 4.23 -9.18 10.17
CA SER A 81 3.49 -9.07 8.90
C SER A 81 4.46 -8.95 7.74
N SER A 82 4.08 -9.49 6.60
CA SER A 82 4.89 -9.43 5.40
C SER A 82 4.90 -8.03 4.83
N TRP A 83 5.93 -7.71 4.08
CA TRP A 83 6.02 -6.42 3.39
C TRP A 83 5.27 -6.56 2.08
N TRP A 84 4.66 -5.48 1.66
CA TRP A 84 4.02 -5.41 0.36
C TRP A 84 4.70 -4.23 -0.32
N MET A 85 5.09 -4.42 -1.56
CA MET A 85 5.79 -3.38 -2.29
C MET A 85 5.40 -3.48 -3.75
N LEU A 86 5.86 -2.54 -4.55
CA LEU A 86 5.54 -2.55 -5.97
C LEU A 86 6.57 -3.41 -6.65
N ASN A 87 6.24 -3.95 -7.81
CA ASN A 87 7.25 -4.66 -8.60
C ASN A 87 8.28 -3.56 -8.97
N PRO A 88 9.59 -3.83 -8.75
CA PRO A 88 10.60 -2.78 -8.96
C PRO A 88 10.81 -2.32 -10.40
N GLU A 89 10.62 -3.24 -11.34
CA GLU A 89 10.79 -2.95 -12.77
C GLU A 89 9.72 -1.93 -13.16
N GLY A 90 8.62 -1.95 -12.42
CA GLY A 90 7.50 -1.07 -12.70
C GLY A 90 7.55 0.29 -12.04
N GLY A 91 8.70 0.75 -11.56
CA GLY A 91 8.77 2.07 -10.94
C GLY A 91 10.06 2.47 -10.24
N LYS A 92 11.00 3.04 -10.98
CA LYS A 92 12.27 3.48 -10.38
C LYS A 92 12.17 4.90 -9.78
N SER A 93 11.97 4.97 -8.48
CA SER A 93 11.89 6.24 -7.76
C SER A 93 12.29 5.93 -6.31
N GLY A 94 12.55 6.96 -5.50
CA GLY A 94 12.91 6.74 -4.11
C GLY A 94 12.97 8.02 -3.30
N LYS A 95 13.15 7.90 -1.99
CA LYS A 95 13.23 9.05 -1.07
C LYS A 95 14.18 8.63 0.04
N SER A 96 14.76 9.61 0.73
CA SER A 96 15.67 9.33 1.84
C SER A 96 14.91 8.92 3.09
N PRO A 97 15.54 8.16 4.01
CA PRO A 97 14.83 7.79 5.24
C PRO A 97 14.60 8.99 6.15
N ARG A 98 13.59 8.88 7.01
CA ARG A 98 13.21 9.96 7.91
C ARG A 98 12.52 9.37 9.13
N ARG A 99 12.69 10.01 10.28
CA ARG A 99 12.07 9.56 11.53
C ARG A 99 11.01 10.59 11.87
N ARG A 100 9.87 10.16 12.39
CA ARG A 100 8.74 11.06 12.64
C ARG A 100 8.39 11.15 14.12
N ALA A 101 9.41 11.37 14.94
CA ALA A 101 9.28 11.46 16.40
C ALA A 101 8.70 10.17 16.98
N ALA A 102 8.04 10.27 18.13
CA ALA A 102 7.42 9.14 18.82
C ALA A 102 6.34 9.75 19.72
N SER A 103 5.54 8.90 20.34
CA SER A 103 4.49 9.35 21.27
C SER A 103 5.10 9.77 22.60
N MET A 104 4.33 10.51 23.39
CA MET A 104 4.76 10.98 24.70
C MET A 104 3.64 10.61 25.66
N ASP A 105 3.79 10.96 26.94
CA ASP A 105 2.77 10.73 27.98
C ASP A 105 2.33 9.26 28.06
N ASN A 106 3.31 8.37 27.99
CA ASN A 106 3.04 6.94 28.04
C ASN A 106 2.91 6.41 29.47
N ASN A 107 1.82 5.69 29.71
CA ASN A 107 1.50 5.06 31.01
C ASN A 107 1.20 6.09 32.12
N SER A 108 0.75 5.60 33.27
CA SER A 108 0.38 6.47 34.39
C SER A 108 0.64 5.73 35.70
N LYS A 109 0.41 6.41 36.83
CA LYS A 109 0.66 5.85 38.16
C LYS A 109 -0.56 6.01 39.05
N PHE A 110 -1.54 5.13 38.89
CA PHE A 110 -2.76 5.19 39.70
C PHE A 110 -2.46 4.58 41.08
N ALA A 111 -3.34 4.84 42.04
CA ALA A 111 -3.22 4.28 43.38
C ALA A 111 -4.63 3.93 43.84
N LYS A 112 -4.76 3.05 44.82
CA LYS A 112 -6.08 2.65 45.34
C LYS A 112 -6.03 2.39 46.84
N SER A 113 -6.78 3.18 47.59
CA SER A 113 -6.85 3.01 49.04
C SER A 113 -7.72 1.81 49.39
N ARG A 114 -7.46 1.21 50.55
CA ARG A 114 -8.24 0.07 51.02
C ARG A 114 -8.19 0.07 52.54
N GLY A 115 -9.25 -0.44 53.17
CA GLY A 115 -9.33 -0.48 54.63
C GLY A 115 -10.76 -0.29 55.05
N ARG A 116 -10.99 -0.11 56.35
CA ARG A 116 -12.32 0.14 56.89
C ARG A 116 -12.09 0.89 58.19
N ALA A 117 -13.01 1.76 58.57
CA ALA A 117 -12.92 2.49 59.83
C ALA A 117 -13.24 1.54 60.99
N ALA A 118 -12.93 1.97 62.20
CA ALA A 118 -13.16 1.20 63.41
C ALA A 118 -13.51 2.20 64.51
N LYS A 119 -13.61 1.73 65.74
CA LYS A 119 -13.90 2.57 66.91
C LYS A 119 -12.91 2.07 67.95
N GLY A 1 -11.02 30.58 -5.14
CA GLY A 1 -10.89 30.74 -6.60
C GLY A 1 -11.01 29.40 -7.30
N PRO A 2 -10.85 29.33 -8.62
CA PRO A 2 -10.95 28.03 -9.29
C PRO A 2 -9.71 27.17 -9.04
N LEU A 3 -9.84 25.88 -9.38
CA LEU A 3 -8.76 24.88 -9.26
C LEU A 3 -8.44 24.50 -7.79
N GLY A 4 -7.90 23.30 -7.60
CA GLY A 4 -7.54 22.82 -6.29
C GLY A 4 -6.37 21.87 -6.42
N SER A 5 -5.78 21.44 -5.30
CA SER A 5 -4.61 20.56 -5.35
C SER A 5 -4.86 19.24 -4.62
N ALA A 6 -5.51 18.31 -5.32
CA ALA A 6 -5.77 16.97 -4.78
C ALA A 6 -5.39 15.96 -5.87
N TRP A 7 -6.39 15.23 -6.35
CA TRP A 7 -6.26 14.27 -7.44
C TRP A 7 -7.69 14.22 -7.96
N GLY A 8 -7.94 13.53 -9.07
CA GLY A 8 -9.30 13.45 -9.60
C GLY A 8 -10.13 12.40 -8.91
N ASN A 9 -9.69 11.15 -9.01
CA ASN A 9 -10.35 10.01 -8.39
C ASN A 9 -9.30 8.93 -8.45
N LEU A 10 -8.87 8.45 -7.31
CA LEU A 10 -7.86 7.41 -7.22
C LEU A 10 -8.46 6.12 -6.68
N SER A 11 -8.15 5.02 -7.36
CA SER A 11 -8.65 3.70 -6.99
C SER A 11 -7.87 3.16 -5.81
N TYR A 12 -8.33 2.06 -5.23
CA TYR A 12 -7.63 1.44 -4.12
C TYR A 12 -6.20 1.11 -4.52
N ALA A 13 -6.01 0.51 -5.68
CA ALA A 13 -4.66 0.16 -6.15
C ALA A 13 -3.74 1.38 -6.20
N ASP A 14 -4.26 2.50 -6.68
CA ASP A 14 -3.46 3.72 -6.79
C ASP A 14 -3.04 4.19 -5.40
N LEU A 15 -3.98 4.20 -4.47
CA LEU A 15 -3.70 4.68 -3.12
C LEU A 15 -2.77 3.75 -2.36
N ILE A 16 -2.91 2.45 -2.55
CA ILE A 16 -2.01 1.47 -1.93
C ILE A 16 -0.61 1.72 -2.47
N THR A 17 -0.51 1.90 -3.77
CA THR A 17 0.78 2.18 -4.41
C THR A 17 1.37 3.47 -3.84
N LYS A 18 0.56 4.50 -3.71
CA LYS A 18 1.03 5.78 -3.16
C LYS A 18 1.55 5.62 -1.75
N ALA A 19 0.97 4.73 -0.96
CA ALA A 19 1.46 4.50 0.38
C ALA A 19 2.87 3.90 0.32
N ILE A 20 3.04 2.91 -0.55
CA ILE A 20 4.32 2.22 -0.67
C ILE A 20 5.37 3.20 -1.18
N GLU A 21 4.97 4.03 -2.13
CA GLU A 21 5.84 5.07 -2.69
C GLU A 21 6.28 6.07 -1.65
N SER A 22 5.35 6.38 -0.76
CA SER A 22 5.61 7.36 0.30
C SER A 22 6.65 6.84 1.29
N SER A 23 6.75 5.53 1.42
CA SER A 23 7.76 4.94 2.29
C SER A 23 9.13 5.10 1.65
N ALA A 24 10.15 5.40 2.44
CA ALA A 24 11.49 5.59 1.92
C ALA A 24 12.04 4.29 1.33
N GLU A 25 11.70 3.18 1.96
CA GLU A 25 12.18 1.86 1.56
C GLU A 25 11.38 1.25 0.39
N LYS A 26 10.33 1.95 -0.06
CA LYS A 26 9.43 1.45 -1.10
C LYS A 26 8.80 0.11 -0.73
N ARG A 27 8.55 -0.10 0.55
CA ARG A 27 7.89 -1.31 1.05
C ARG A 27 7.13 -0.91 2.30
N LEU A 28 5.93 -1.43 2.48
CA LEU A 28 5.13 -1.17 3.68
C LEU A 28 4.40 -2.43 4.09
N THR A 29 4.17 -2.64 5.37
CA THR A 29 3.40 -3.79 5.83
C THR A 29 1.93 -3.40 5.71
N LEU A 30 1.04 -4.37 5.83
CA LEU A 30 -0.39 -4.09 5.65
C LEU A 30 -0.93 -3.01 6.59
N SER A 31 -0.49 -3.01 7.85
CA SER A 31 -0.96 -2.02 8.82
C SER A 31 -0.53 -0.62 8.40
N GLN A 32 0.68 -0.49 7.89
CA GLN A 32 1.21 0.80 7.48
C GLN A 32 0.37 1.40 6.36
N ILE A 33 -0.06 0.57 5.43
CA ILE A 33 -0.87 1.04 4.30
C ILE A 33 -2.23 1.51 4.82
N TYR A 34 -2.77 0.83 5.81
CA TYR A 34 -4.04 1.25 6.40
C TYR A 34 -3.86 2.63 7.02
N GLU A 35 -2.83 2.78 7.83
CA GLU A 35 -2.56 4.04 8.52
C GLU A 35 -2.29 5.18 7.55
N TRP A 36 -1.62 4.87 6.45
CA TRP A 36 -1.33 5.88 5.45
C TRP A 36 -2.64 6.42 4.87
N MET A 37 -3.62 5.56 4.68
CA MET A 37 -4.90 6.01 4.13
C MET A 37 -5.68 6.85 5.14
N VAL A 38 -5.63 6.48 6.42
CA VAL A 38 -6.32 7.28 7.45
C VAL A 38 -5.65 8.66 7.53
N LYS A 39 -4.34 8.70 7.35
CA LYS A 39 -3.58 9.95 7.40
C LYS A 39 -3.74 10.81 6.14
N SER A 40 -3.69 10.19 4.97
CA SER A 40 -3.68 10.92 3.70
C SER A 40 -5.01 11.04 2.96
N VAL A 41 -6.02 10.29 3.35
CA VAL A 41 -7.33 10.33 2.67
C VAL A 41 -8.41 10.62 3.71
N PRO A 42 -9.11 11.76 3.60
CA PRO A 42 -10.09 12.03 4.65
C PRO A 42 -11.26 11.06 4.60
N TYR A 43 -11.53 10.49 3.44
CA TYR A 43 -12.60 9.50 3.30
C TYR A 43 -12.35 8.28 4.18
N PHE A 44 -11.11 7.82 4.26
CA PHE A 44 -10.81 6.63 5.06
C PHE A 44 -10.59 6.97 6.53
N LYS A 45 -10.44 8.25 6.82
CA LYS A 45 -10.42 8.69 8.21
C LYS A 45 -11.87 8.72 8.72
N ASP A 46 -12.76 9.19 7.86
CA ASP A 46 -14.20 9.22 8.18
C ASP A 46 -14.73 7.81 8.33
N LYS A 47 -14.18 6.90 7.53
CA LYS A 47 -14.57 5.48 7.57
C LYS A 47 -13.58 4.74 8.47
N GLY A 48 -12.96 5.48 9.38
CA GLY A 48 -11.98 4.92 10.30
C GLY A 48 -12.63 4.23 11.48
N ASP A 49 -13.95 4.32 11.56
CA ASP A 49 -14.74 3.66 12.60
C ASP A 49 -14.42 2.16 12.58
N SER A 50 -14.49 1.49 13.72
CA SER A 50 -14.09 0.09 13.83
C SER A 50 -14.85 -0.85 12.88
N ASN A 51 -16.15 -0.68 12.77
CA ASN A 51 -16.96 -1.54 11.89
C ASN A 51 -16.72 -1.19 10.43
N SER A 52 -16.78 0.10 10.12
CA SER A 52 -16.60 0.59 8.74
C SER A 52 -15.20 0.28 8.21
N SER A 53 -14.23 0.23 9.12
CA SER A 53 -12.85 -0.07 8.78
C SER A 53 -12.72 -1.40 8.05
N ALA A 54 -13.48 -2.39 8.45
CA ALA A 54 -13.36 -3.72 7.88
C ALA A 54 -13.54 -3.69 6.36
N GLY A 55 -14.49 -2.91 5.87
CA GLY A 55 -14.76 -2.88 4.45
C GLY A 55 -13.58 -2.42 3.61
N TRP A 56 -13.04 -1.25 3.89
CA TRP A 56 -11.95 -0.73 3.07
C TRP A 56 -10.61 -1.41 3.33
N LYS A 57 -10.37 -1.84 4.55
CA LYS A 57 -9.14 -2.57 4.89
C LYS A 57 -9.12 -3.92 4.17
N ASN A 58 -10.27 -4.59 4.09
CA ASN A 58 -10.33 -5.84 3.35
C ASN A 58 -10.18 -5.58 1.86
N SER A 59 -10.67 -4.44 1.37
CA SER A 59 -10.52 -4.08 -0.04
C SER A 59 -9.04 -3.93 -0.41
N ILE A 60 -8.26 -3.33 0.48
CA ILE A 60 -6.81 -3.19 0.26
C ILE A 60 -6.19 -4.57 0.15
N ARG A 61 -6.57 -5.46 1.06
CA ARG A 61 -6.03 -6.81 1.09
C ARG A 61 -6.39 -7.56 -0.20
N HIS A 62 -7.60 -7.34 -0.70
CA HIS A 62 -8.03 -7.95 -1.96
C HIS A 62 -7.22 -7.40 -3.14
N ASN A 63 -7.01 -6.08 -3.18
CA ASN A 63 -6.26 -5.45 -4.26
C ASN A 63 -4.81 -5.95 -4.27
N LEU A 64 -4.24 -6.14 -3.07
CA LEU A 64 -2.88 -6.66 -2.95
C LEU A 64 -2.83 -8.10 -3.45
N SER A 65 -3.89 -8.85 -3.20
CA SER A 65 -3.98 -10.26 -3.59
C SER A 65 -4.02 -10.45 -5.11
N LEU A 66 -4.24 -9.39 -5.87
CA LEU A 66 -4.23 -9.48 -7.33
C LEU A 66 -2.79 -9.64 -7.81
N HIS A 67 -1.85 -9.12 -7.02
CA HIS A 67 -0.40 -9.20 -7.27
C HIS A 67 0.10 -8.66 -8.62
N SER A 68 -0.75 -7.97 -9.37
CA SER A 68 -0.36 -7.45 -10.69
C SER A 68 0.78 -6.44 -10.60
N LYS A 69 0.63 -5.43 -9.74
CA LYS A 69 1.69 -4.45 -9.51
C LYS A 69 2.27 -4.55 -8.12
N PHE A 70 1.74 -5.47 -7.32
CA PHE A 70 2.17 -5.61 -5.93
C PHE A 70 2.83 -6.95 -5.73
N ILE A 71 3.94 -6.96 -5.01
CA ILE A 71 4.65 -8.19 -4.71
C ILE A 71 4.79 -8.23 -3.19
N ARG A 72 5.07 -9.40 -2.66
CA ARG A 72 5.19 -9.59 -1.22
C ARG A 72 6.61 -10.02 -0.93
N VAL A 73 7.27 -9.32 -0.02
CA VAL A 73 8.66 -9.57 0.30
C VAL A 73 8.79 -9.97 1.77
N GLN A 74 9.70 -10.87 2.06
CA GLN A 74 9.91 -11.33 3.43
C GLN A 74 10.43 -10.18 4.28
N ASN A 75 10.27 -10.32 5.58
CA ASN A 75 10.76 -9.33 6.53
C ASN A 75 11.99 -9.94 7.20
N GLU A 76 12.65 -9.17 8.05
CA GLU A 76 13.86 -9.61 8.75
C GLU A 76 13.60 -10.76 9.72
N GLY A 77 12.35 -10.92 10.09
CA GLY A 77 11.92 -11.99 10.98
C GLY A 77 11.40 -11.44 12.28
N THR A 78 11.95 -10.30 12.70
CA THR A 78 11.52 -9.63 13.92
C THR A 78 10.22 -8.89 13.71
N GLY A 79 9.83 -8.92 12.47
CA GLY A 79 8.59 -8.34 11.98
C GLY A 79 7.85 -9.46 11.29
N LYS A 80 6.89 -10.05 11.98
CA LYS A 80 6.16 -11.19 11.42
C LYS A 80 5.20 -10.79 10.30
N SER A 81 4.92 -9.50 10.21
CA SER A 81 4.08 -8.97 9.14
C SER A 81 4.92 -8.87 7.86
N SER A 82 4.44 -9.48 6.78
CA SER A 82 5.16 -9.44 5.51
C SER A 82 5.15 -8.03 4.92
N TRP A 83 6.13 -7.73 4.07
CA TRP A 83 6.23 -6.45 3.44
C TRP A 83 5.47 -6.54 2.13
N TRP A 84 4.84 -5.46 1.72
CA TRP A 84 4.19 -5.40 0.43
C TRP A 84 4.88 -4.25 -0.29
N MET A 85 5.25 -4.47 -1.54
CA MET A 85 5.98 -3.47 -2.29
C MET A 85 5.59 -3.52 -3.76
N LEU A 86 6.08 -2.57 -4.53
CA LEU A 86 5.72 -2.48 -5.94
C LEU A 86 6.62 -3.38 -6.77
N ASN A 87 6.05 -4.01 -7.79
CA ASN A 87 6.82 -4.85 -8.71
C ASN A 87 7.81 -3.95 -9.47
N PRO A 88 9.12 -4.18 -9.33
CA PRO A 88 10.10 -3.30 -10.00
C PRO A 88 10.18 -3.43 -11.52
N GLU A 89 10.00 -4.63 -12.01
CA GLU A 89 10.04 -4.92 -13.45
C GLU A 89 8.83 -4.25 -14.09
N GLY A 90 7.79 -4.08 -13.29
CA GLY A 90 6.57 -3.44 -13.75
C GLY A 90 6.65 -1.93 -13.69
N GLY A 91 7.85 -1.41 -13.83
CA GLY A 91 8.08 0.03 -13.76
C GLY A 91 8.41 0.50 -12.36
N LYS A 92 9.50 1.25 -12.24
CA LYS A 92 9.95 1.77 -10.94
C LYS A 92 10.25 3.26 -10.97
N SER A 93 10.51 3.78 -12.16
CA SER A 93 10.76 5.21 -12.33
C SER A 93 9.43 5.96 -12.35
N GLY A 94 9.39 7.16 -11.81
CA GLY A 94 8.16 7.93 -11.79
C GLY A 94 8.38 9.29 -11.19
N LYS A 95 7.32 10.03 -10.94
CA LYS A 95 7.38 11.36 -10.33
C LYS A 95 6.12 11.54 -9.49
N SER A 96 6.27 12.14 -8.32
CA SER A 96 5.15 12.32 -7.39
C SER A 96 5.18 13.72 -6.78
N PRO A 97 4.02 14.25 -6.35
CA PRO A 97 4.04 15.61 -5.78
C PRO A 97 4.69 15.70 -4.41
N ARG A 98 5.56 16.69 -4.24
CA ARG A 98 6.31 16.91 -2.99
C ARG A 98 5.50 17.57 -1.86
N ARG A 99 4.33 17.03 -1.58
CA ARG A 99 3.49 17.53 -0.48
C ARG A 99 4.13 17.07 0.83
N ARG A 100 3.80 17.74 1.93
CA ARG A 100 4.38 17.42 3.25
C ARG A 100 3.27 17.08 4.24
N ALA A 101 3.64 16.43 5.33
CA ALA A 101 2.74 16.10 6.43
C ALA A 101 3.60 16.30 7.67
N ALA A 102 2.99 16.57 8.82
CA ALA A 102 3.74 16.82 10.05
C ALA A 102 2.92 16.53 11.32
N SER A 103 2.34 15.34 11.42
CA SER A 103 1.53 14.99 12.60
C SER A 103 1.59 13.51 12.94
N MET A 104 1.43 13.21 14.22
CA MET A 104 1.44 11.85 14.74
C MET A 104 0.32 11.83 15.77
N ASP A 105 -0.09 10.66 16.22
CA ASP A 105 -1.18 10.55 17.19
C ASP A 105 -0.93 9.32 18.07
N ASN A 106 -0.98 9.50 19.38
CA ASN A 106 -0.76 8.41 20.33
C ASN A 106 -1.37 8.75 21.70
N ASN A 107 -2.68 8.74 21.80
CA ASN A 107 -3.34 9.04 23.07
C ASN A 107 -3.13 7.91 24.07
N SER A 108 -2.99 8.27 25.35
CA SER A 108 -2.81 7.30 26.43
C SER A 108 -3.98 6.32 26.47
N LYS A 109 -3.68 5.05 26.73
CA LYS A 109 -4.72 4.00 26.72
C LYS A 109 -5.48 3.83 28.03
N PHE A 110 -4.91 4.33 29.13
CA PHE A 110 -5.54 4.29 30.46
C PHE A 110 -6.25 2.97 30.84
N ALA A 111 -5.46 1.95 31.15
CA ALA A 111 -6.02 0.67 31.59
C ALA A 111 -6.63 0.87 32.99
N LYS A 112 -7.59 0.01 33.34
CA LYS A 112 -8.27 0.12 34.65
C LYS A 112 -8.27 -1.26 35.30
N SER A 113 -7.90 -1.32 36.57
CA SER A 113 -7.87 -2.58 37.32
C SER A 113 -7.93 -2.27 38.80
N ARG A 114 -8.37 -3.23 39.61
CA ARG A 114 -8.45 -3.09 41.07
C ARG A 114 -8.22 -4.48 41.64
N GLY A 115 -7.91 -4.56 42.92
CA GLY A 115 -7.70 -5.83 43.60
C GLY A 115 -8.19 -5.70 45.02
N ARG A 116 -8.16 -6.79 45.78
CA ARG A 116 -8.62 -6.74 47.18
C ARG A 116 -7.42 -6.48 48.08
N ALA A 117 -7.67 -5.84 49.22
CA ALA A 117 -6.60 -5.54 50.19
C ALA A 117 -6.81 -6.37 51.46
N ALA A 118 -7.96 -7.01 51.56
CA ALA A 118 -8.28 -7.85 52.70
C ALA A 118 -7.56 -9.19 52.50
N LYS A 119 -7.37 -9.92 53.59
CA LYS A 119 -6.74 -11.24 53.52
C LYS A 119 -7.82 -12.25 53.17
N GLY A 1 -7.20 29.86 -12.49
CA GLY A 1 -6.87 29.31 -11.15
C GLY A 1 -6.70 27.82 -11.20
N PRO A 2 -6.47 27.14 -10.07
CA PRO A 2 -6.33 25.68 -10.15
C PRO A 2 -7.68 25.01 -10.43
N LEU A 3 -7.64 23.77 -10.88
CA LEU A 3 -8.85 23.00 -11.13
C LEU A 3 -8.78 21.79 -10.22
N GLY A 4 -9.73 21.69 -9.31
CA GLY A 4 -9.73 20.62 -8.32
C GLY A 4 -8.87 21.02 -7.13
N SER A 5 -9.03 20.32 -6.02
CA SER A 5 -8.28 20.63 -4.79
C SER A 5 -7.44 19.47 -4.30
N ALA A 6 -7.58 18.31 -4.93
CA ALA A 6 -6.87 17.11 -4.54
C ALA A 6 -6.94 16.14 -5.71
N TRP A 7 -6.61 14.88 -5.43
CA TRP A 7 -6.64 13.83 -6.42
C TRP A 7 -8.03 13.59 -6.95
N GLY A 8 -8.10 13.24 -8.22
CA GLY A 8 -9.36 12.93 -8.87
C GLY A 8 -9.85 11.53 -8.59
N ASN A 9 -10.22 11.28 -7.33
CA ASN A 9 -10.76 9.98 -6.88
C ASN A 9 -9.87 8.79 -7.24
N LEU A 10 -8.63 8.80 -6.77
CA LEU A 10 -7.70 7.70 -7.00
C LEU A 10 -8.28 6.41 -6.42
N SER A 11 -8.12 5.32 -7.15
CA SER A 11 -8.69 4.03 -6.78
C SER A 11 -7.85 3.33 -5.72
N TYR A 12 -8.36 2.21 -5.20
CA TYR A 12 -7.66 1.45 -4.17
C TYR A 12 -6.22 1.15 -4.55
N ALA A 13 -6.01 0.60 -5.73
CA ALA A 13 -4.66 0.22 -6.17
C ALA A 13 -3.73 1.44 -6.19
N ASP A 14 -4.24 2.58 -6.64
CA ASP A 14 -3.45 3.79 -6.71
C ASP A 14 -3.04 4.26 -5.33
N LEU A 15 -3.97 4.20 -4.39
CA LEU A 15 -3.72 4.65 -3.02
C LEU A 15 -2.76 3.71 -2.30
N ILE A 16 -2.90 2.42 -2.51
CA ILE A 16 -1.98 1.44 -1.90
C ILE A 16 -0.58 1.70 -2.46
N THR A 17 -0.49 1.91 -3.76
CA THR A 17 0.78 2.19 -4.40
C THR A 17 1.36 3.50 -3.87
N LYS A 18 0.52 4.52 -3.74
CA LYS A 18 0.96 5.82 -3.23
C LYS A 18 1.57 5.68 -1.86
N ALA A 19 0.98 4.82 -1.03
CA ALA A 19 1.50 4.56 0.30
C ALA A 19 2.90 3.94 0.25
N ILE A 20 3.05 2.95 -0.62
CA ILE A 20 4.33 2.24 -0.73
C ILE A 20 5.41 3.19 -1.24
N GLU A 21 5.05 4.03 -2.20
CA GLU A 21 5.98 5.02 -2.75
C GLU A 21 6.34 6.07 -1.73
N SER A 22 5.40 6.35 -0.86
CA SER A 22 5.57 7.35 0.20
C SER A 22 6.59 6.85 1.22
N SER A 23 6.72 5.55 1.34
CA SER A 23 7.70 4.98 2.27
C SER A 23 9.09 5.11 1.66
N ALA A 24 10.09 5.39 2.48
CA ALA A 24 11.46 5.52 2.00
C ALA A 24 11.99 4.16 1.51
N GLU A 25 11.54 3.11 2.18
CA GLU A 25 11.98 1.74 1.87
C GLU A 25 11.28 1.13 0.66
N LYS A 26 10.30 1.86 0.11
CA LYS A 26 9.46 1.38 -1.00
C LYS A 26 8.77 0.06 -0.68
N ARG A 27 8.42 -0.12 0.59
CA ARG A 27 7.71 -1.31 1.05
C ARG A 27 6.98 -0.90 2.31
N LEU A 28 5.79 -1.45 2.53
CA LEU A 28 5.02 -1.17 3.74
C LEU A 28 4.31 -2.44 4.17
N THR A 29 4.06 -2.60 5.45
CA THR A 29 3.28 -3.73 5.95
C THR A 29 1.81 -3.35 5.77
N LEU A 30 0.91 -4.30 5.91
CA LEU A 30 -0.53 -4.03 5.72
C LEU A 30 -1.03 -2.95 6.67
N SER A 31 -0.56 -2.97 7.91
CA SER A 31 -0.97 -1.99 8.91
C SER A 31 -0.58 -0.58 8.48
N GLN A 32 0.65 -0.45 8.00
CA GLN A 32 1.18 0.84 7.58
C GLN A 32 0.40 1.43 6.41
N ILE A 33 -0.08 0.59 5.51
CA ILE A 33 -0.87 1.07 4.38
C ILE A 33 -2.19 1.62 4.92
N TYR A 34 -2.76 0.98 5.93
CA TYR A 34 -3.99 1.49 6.54
C TYR A 34 -3.72 2.86 7.14
N GLU A 35 -2.64 2.95 7.91
CA GLU A 35 -2.26 4.20 8.57
C GLU A 35 -2.07 5.32 7.56
N TRP A 36 -1.42 5.01 6.44
CA TRP A 36 -1.18 6.00 5.41
C TRP A 36 -2.50 6.50 4.83
N MET A 37 -3.44 5.60 4.60
CA MET A 37 -4.73 6.02 4.04
C MET A 37 -5.53 6.86 5.03
N VAL A 38 -5.42 6.56 6.32
CA VAL A 38 -6.11 7.38 7.34
C VAL A 38 -5.51 8.78 7.34
N LYS A 39 -4.19 8.88 7.17
CA LYS A 39 -3.51 10.16 7.17
C LYS A 39 -3.71 10.96 5.88
N SER A 40 -3.74 10.27 4.74
CA SER A 40 -3.80 10.95 3.44
C SER A 40 -5.19 11.07 2.81
N VAL A 41 -6.17 10.31 3.29
CA VAL A 41 -7.51 10.35 2.70
C VAL A 41 -8.57 10.50 3.81
N PRO A 42 -9.35 11.60 3.79
CA PRO A 42 -10.32 11.75 4.88
C PRO A 42 -11.44 10.71 4.82
N TYR A 43 -11.72 10.20 3.64
CA TYR A 43 -12.74 9.15 3.48
C TYR A 43 -12.38 7.96 4.35
N PHE A 44 -11.14 7.50 4.22
CA PHE A 44 -10.70 6.32 4.97
C PHE A 44 -10.60 6.58 6.45
N LYS A 45 -10.21 7.81 6.82
CA LYS A 45 -10.18 8.19 8.23
C LYS A 45 -11.58 8.02 8.81
N ASP A 46 -12.57 8.48 8.08
CA ASP A 46 -13.96 8.45 8.53
C ASP A 46 -14.60 7.06 8.38
N LYS A 47 -13.83 6.09 7.88
CA LYS A 47 -14.30 4.70 7.78
C LYS A 47 -13.57 3.86 8.81
N GLY A 48 -12.88 4.50 9.74
CA GLY A 48 -12.11 3.79 10.76
C GLY A 48 -12.92 3.16 11.88
N ASP A 49 -14.17 2.80 11.62
CA ASP A 49 -15.02 2.17 12.63
C ASP A 49 -14.60 0.70 12.79
N SER A 50 -14.83 0.16 13.97
CA SER A 50 -14.45 -1.21 14.31
C SER A 50 -15.06 -2.24 13.36
N ASN A 51 -16.34 -2.08 13.02
CA ASN A 51 -16.99 -3.02 12.11
C ASN A 51 -16.51 -2.80 10.67
N SER A 52 -16.19 -1.56 10.35
CA SER A 52 -15.76 -1.19 9.00
C SER A 52 -14.37 -1.73 8.74
N SER A 53 -13.64 -2.07 9.80
CA SER A 53 -12.31 -2.66 9.69
C SER A 53 -12.36 -3.92 8.81
N ALA A 54 -13.49 -4.63 8.87
CA ALA A 54 -13.68 -5.83 8.06
C ALA A 54 -13.51 -5.53 6.56
N GLY A 55 -14.15 -4.47 6.07
CA GLY A 55 -14.06 -4.13 4.66
C GLY A 55 -12.78 -3.39 4.33
N TRP A 56 -12.28 -2.65 5.30
CA TRP A 56 -11.05 -1.86 5.18
C TRP A 56 -9.89 -2.77 4.76
N LYS A 57 -9.68 -3.82 5.54
CA LYS A 57 -8.58 -4.74 5.28
C LYS A 57 -8.84 -5.60 4.07
N ASN A 58 -10.09 -6.02 3.86
CA ASN A 58 -10.40 -6.92 2.76
C ASN A 58 -10.20 -6.26 1.40
N SER A 59 -10.61 -5.01 1.25
CA SER A 59 -10.51 -4.34 -0.03
C SER A 59 -9.06 -4.12 -0.45
N ILE A 60 -8.22 -3.74 0.51
CA ILE A 60 -6.80 -3.53 0.22
C ILE A 60 -6.16 -4.88 -0.07
N ARG A 61 -6.49 -5.90 0.72
CA ARG A 61 -5.92 -7.23 0.52
C ARG A 61 -6.31 -7.79 -0.83
N HIS A 62 -7.55 -7.56 -1.27
CA HIS A 62 -7.99 -8.01 -2.58
C HIS A 62 -7.17 -7.34 -3.67
N ASN A 63 -7.00 -6.03 -3.57
CA ASN A 63 -6.23 -5.28 -4.58
C ASN A 63 -4.76 -5.72 -4.60
N LEU A 64 -4.21 -6.00 -3.43
CA LEU A 64 -2.83 -6.50 -3.34
C LEU A 64 -2.72 -7.86 -4.00
N SER A 65 -3.75 -8.68 -3.80
CA SER A 65 -3.78 -10.04 -4.33
C SER A 65 -3.91 -10.10 -5.86
N LEU A 66 -4.22 -8.98 -6.49
CA LEU A 66 -4.28 -8.94 -7.96
C LEU A 66 -2.87 -9.09 -8.50
N HIS A 67 -1.90 -8.68 -7.68
CA HIS A 67 -0.47 -8.81 -7.95
C HIS A 67 0.05 -8.26 -9.28
N SER A 68 -0.73 -7.39 -9.93
CA SER A 68 -0.29 -6.78 -11.19
C SER A 68 1.00 -5.99 -10.96
N LYS A 69 0.97 -5.07 -10.00
CA LYS A 69 2.18 -4.34 -9.62
C LYS A 69 2.65 -4.71 -8.22
N PHE A 70 1.75 -5.22 -7.40
CA PHE A 70 2.08 -5.53 -6.01
C PHE A 70 2.76 -6.88 -5.85
N ILE A 71 3.81 -6.92 -5.06
CA ILE A 71 4.49 -8.16 -4.75
C ILE A 71 4.58 -8.23 -3.23
N ARG A 72 4.90 -9.40 -2.69
CA ARG A 72 5.00 -9.60 -1.24
C ARG A 72 6.43 -10.04 -0.95
N VAL A 73 7.05 -9.43 0.04
CA VAL A 73 8.44 -9.71 0.38
C VAL A 73 8.57 -10.11 1.85
N GLN A 74 9.48 -11.03 2.14
CA GLN A 74 9.73 -11.46 3.52
C GLN A 74 10.41 -10.32 4.27
N ASN A 75 10.48 -10.41 5.59
CA ASN A 75 11.11 -9.40 6.40
C ASN A 75 12.31 -9.98 7.13
N GLU A 76 13.09 -9.09 7.71
CA GLU A 76 14.35 -9.38 8.39
C GLU A 76 14.21 -10.17 9.69
N GLY A 77 12.97 -10.31 10.14
CA GLY A 77 12.66 -11.00 11.38
C GLY A 77 12.05 -10.02 12.35
N THR A 78 12.61 -8.81 12.38
CA THR A 78 12.16 -7.76 13.28
C THR A 78 10.94 -7.03 12.78
N GLY A 79 10.59 -7.39 11.57
CA GLY A 79 9.45 -6.80 10.88
C GLY A 79 8.18 -7.56 11.24
N LYS A 80 8.35 -8.86 11.47
CA LYS A 80 7.30 -9.83 11.84
C LYS A 80 6.16 -10.05 10.83
N SER A 81 5.65 -8.99 10.23
CA SER A 81 4.59 -9.08 9.23
C SER A 81 5.20 -9.09 7.85
N SER A 82 4.46 -9.61 6.87
CA SER A 82 4.95 -9.63 5.50
C SER A 82 4.92 -8.21 4.94
N TRP A 83 5.90 -7.90 4.12
CA TRP A 83 6.01 -6.60 3.49
C TRP A 83 5.26 -6.66 2.19
N TRP A 84 4.66 -5.56 1.78
CA TRP A 84 4.00 -5.47 0.50
C TRP A 84 4.69 -4.33 -0.21
N MET A 85 5.06 -4.52 -1.46
CA MET A 85 5.80 -3.52 -2.19
C MET A 85 5.51 -3.59 -3.66
N LEU A 86 6.07 -2.65 -4.42
CA LEU A 86 5.85 -2.59 -5.86
C LEU A 86 6.95 -3.41 -6.53
N ASN A 87 6.61 -4.07 -7.63
CA ASN A 87 7.59 -4.88 -8.36
C ASN A 87 8.76 -4.01 -8.86
N PRO A 88 10.01 -4.32 -8.45
CA PRO A 88 11.20 -3.56 -8.86
C PRO A 88 11.46 -3.51 -10.36
N GLU A 89 10.93 -4.50 -11.08
CA GLU A 89 11.12 -4.56 -12.54
C GLU A 89 10.45 -3.40 -13.28
N GLY A 90 9.56 -2.68 -12.60
CA GLY A 90 8.83 -1.60 -13.24
C GLY A 90 9.72 -0.46 -13.67
N GLY A 91 9.40 0.11 -14.82
CA GLY A 91 10.18 1.21 -15.37
C GLY A 91 10.81 0.86 -16.70
N LYS A 92 10.66 -0.39 -17.12
CA LYS A 92 11.17 -0.81 -18.44
C LYS A 92 10.55 0.09 -19.49
N SER A 93 11.38 0.57 -20.40
CA SER A 93 10.99 1.49 -21.49
C SER A 93 10.38 2.83 -21.06
N GLY A 94 10.33 3.11 -19.75
CA GLY A 94 9.77 4.36 -19.26
C GLY A 94 10.68 5.07 -18.29
N LYS A 95 11.95 4.69 -18.27
CA LYS A 95 12.93 5.27 -17.35
C LYS A 95 14.23 5.57 -18.09
N SER A 96 14.26 6.69 -18.80
CA SER A 96 15.42 7.07 -19.58
C SER A 96 16.58 7.55 -18.68
N PRO A 97 17.84 7.33 -19.09
CA PRO A 97 18.94 7.80 -18.26
C PRO A 97 19.12 9.32 -18.32
N ARG A 98 19.70 9.89 -17.28
CA ARG A 98 19.95 11.34 -17.24
C ARG A 98 21.40 11.62 -17.57
N ARG A 99 21.65 12.75 -18.22
CA ARG A 99 23.01 13.18 -18.57
C ARG A 99 23.67 13.73 -17.33
N ARG A 100 24.98 13.94 -17.40
CA ARG A 100 25.77 14.53 -16.32
C ARG A 100 26.55 15.65 -16.99
N ALA A 101 26.80 16.73 -16.27
CA ALA A 101 27.55 17.87 -16.81
C ALA A 101 28.19 18.64 -15.65
N ALA A 102 29.48 18.41 -15.42
CA ALA A 102 30.23 19.10 -14.38
C ALA A 102 31.71 18.86 -14.71
N SER A 103 32.53 19.88 -14.50
CA SER A 103 33.98 19.85 -14.75
C SER A 103 34.31 19.71 -16.24
N MET A 104 35.60 19.75 -16.54
CA MET A 104 36.13 19.72 -17.92
C MET A 104 35.54 20.87 -18.74
N ASP A 105 35.28 21.97 -18.04
CA ASP A 105 34.72 23.18 -18.64
C ASP A 105 35.82 23.93 -19.38
N ASN A 106 36.12 23.49 -20.59
CA ASN A 106 37.19 24.08 -21.40
C ASN A 106 36.63 24.54 -22.74
N ASN A 107 37.31 25.51 -23.35
CA ASN A 107 36.89 26.06 -24.63
C ASN A 107 38.14 26.47 -25.40
N SER A 108 37.98 26.84 -26.66
CA SER A 108 39.10 27.29 -27.48
C SER A 108 38.61 28.38 -28.41
N LYS A 109 39.48 29.31 -28.75
CA LYS A 109 39.12 30.43 -29.62
C LYS A 109 40.29 30.71 -30.57
N PHE A 110 40.24 30.08 -31.72
CA PHE A 110 41.32 30.20 -32.70
C PHE A 110 41.37 31.59 -33.32
N ALA A 111 42.55 31.96 -33.80
CA ALA A 111 42.78 33.27 -34.42
C ALA A 111 43.25 33.05 -35.85
N LYS A 112 43.28 34.11 -36.63
CA LYS A 112 43.70 34.04 -38.03
C LYS A 112 44.24 35.41 -38.41
N SER A 113 44.83 35.53 -39.59
CA SER A 113 45.41 36.79 -40.05
C SER A 113 44.36 37.90 -40.08
N ARG A 114 44.80 39.10 -39.71
CA ARG A 114 43.91 40.27 -39.68
C ARG A 114 43.56 40.68 -41.11
N GLY A 115 42.32 41.12 -41.29
CA GLY A 115 41.88 41.61 -42.58
C GLY A 115 42.15 43.11 -42.68
N ARG A 116 41.26 43.83 -43.35
CA ARG A 116 41.39 45.28 -43.48
C ARG A 116 41.51 45.96 -42.11
N ALA A 117 42.25 47.06 -42.08
CA ALA A 117 42.48 47.81 -40.85
C ALA A 117 42.64 49.27 -41.27
N ALA A 118 42.66 50.16 -40.28
CA ALA A 118 42.89 51.58 -40.52
C ALA A 118 44.40 51.81 -40.60
N LYS A 119 44.79 53.06 -40.80
CA LYS A 119 46.20 53.46 -40.86
C LYS A 119 46.20 54.77 -40.12
N GLY A 1 -18.40 18.16 -17.71
CA GLY A 1 -17.76 17.32 -16.68
C GLY A 1 -16.81 18.13 -15.84
N PRO A 2 -16.08 17.52 -14.89
CA PRO A 2 -15.14 18.35 -14.11
C PRO A 2 -13.96 18.79 -14.95
N LEU A 3 -13.32 19.88 -14.54
CA LEU A 3 -12.12 20.39 -15.22
C LEU A 3 -11.16 20.73 -14.11
N GLY A 4 -9.87 20.47 -14.31
CA GLY A 4 -8.89 20.72 -13.27
C GLY A 4 -9.19 19.82 -12.09
N SER A 5 -9.39 20.42 -10.92
CA SER A 5 -9.74 19.71 -9.68
C SER A 5 -8.64 18.74 -9.24
N ALA A 6 -9.02 17.77 -8.42
CA ALA A 6 -8.10 16.76 -7.91
C ALA A 6 -7.95 15.62 -8.92
N TRP A 7 -7.41 14.51 -8.45
CA TRP A 7 -7.17 13.31 -9.28
C TRP A 7 -8.45 12.58 -9.74
N GLY A 8 -9.61 13.19 -9.57
CA GLY A 8 -10.86 12.56 -9.96
C GLY A 8 -11.29 11.47 -8.99
N ASN A 9 -10.74 10.28 -9.17
CA ASN A 9 -11.04 9.13 -8.33
C ASN A 9 -9.87 8.15 -8.28
N LEU A 10 -8.94 8.36 -7.35
CA LEU A 10 -7.81 7.44 -7.20
C LEU A 10 -8.38 6.11 -6.70
N SER A 11 -8.03 5.02 -7.36
CA SER A 11 -8.54 3.70 -7.02
C SER A 11 -7.85 3.17 -5.77
N TYR A 12 -8.42 2.11 -5.19
CA TYR A 12 -7.79 1.49 -4.02
C TYR A 12 -6.35 1.11 -4.36
N ALA A 13 -6.14 0.52 -5.53
CA ALA A 13 -4.81 0.11 -5.95
C ALA A 13 -3.84 1.30 -6.02
N ASP A 14 -4.31 2.44 -6.49
CA ASP A 14 -3.46 3.62 -6.61
C ASP A 14 -3.08 4.11 -5.23
N LEU A 15 -4.01 4.08 -4.30
CA LEU A 15 -3.75 4.53 -2.93
C LEU A 15 -2.77 3.59 -2.23
N ILE A 16 -2.92 2.29 -2.46
CA ILE A 16 -1.99 1.29 -1.89
C ILE A 16 -0.60 1.60 -2.45
N THR A 17 -0.53 1.84 -3.74
CA THR A 17 0.73 2.17 -4.40
C THR A 17 1.34 3.44 -3.84
N LYS A 18 0.54 4.49 -3.70
CA LYS A 18 1.05 5.76 -3.18
C LYS A 18 1.56 5.64 -1.76
N ALA A 19 0.98 4.75 -0.97
CA ALA A 19 1.47 4.49 0.37
C ALA A 19 2.89 3.92 0.30
N ILE A 20 3.08 2.95 -0.58
CA ILE A 20 4.38 2.29 -0.73
C ILE A 20 5.39 3.31 -1.25
N GLU A 21 4.96 4.15 -2.17
CA GLU A 21 5.82 5.19 -2.74
C GLU A 21 6.25 6.20 -1.67
N SER A 22 5.39 6.43 -0.70
CA SER A 22 5.66 7.40 0.35
C SER A 22 6.67 6.88 1.36
N SER A 23 6.77 5.56 1.47
CA SER A 23 7.70 4.95 2.42
C SER A 23 9.14 5.13 1.95
N ALA A 24 10.06 5.27 2.89
CA ALA A 24 11.46 5.49 2.55
C ALA A 24 12.08 4.22 1.97
N GLU A 25 11.59 3.08 2.39
CA GLU A 25 12.11 1.80 1.94
C GLU A 25 11.40 1.26 0.70
N LYS A 26 10.39 1.98 0.24
CA LYS A 26 9.54 1.55 -0.90
C LYS A 26 8.90 0.19 -0.66
N ARG A 27 8.52 -0.06 0.60
CA ARG A 27 7.82 -1.28 1.00
C ARG A 27 7.10 -0.98 2.31
N LEU A 28 5.89 -1.50 2.49
CA LEU A 28 5.12 -1.27 3.72
C LEU A 28 4.41 -2.55 4.15
N THR A 29 4.06 -2.63 5.42
CA THR A 29 3.25 -3.75 5.93
C THR A 29 1.81 -3.31 5.81
N LEU A 30 0.87 -4.25 5.92
CA LEU A 30 -0.56 -3.92 5.78
C LEU A 30 -1.03 -2.85 6.77
N SER A 31 -0.57 -2.92 8.01
CA SER A 31 -0.96 -1.94 9.02
C SER A 31 -0.52 -0.54 8.67
N GLN A 32 0.64 -0.42 8.05
CA GLN A 32 1.19 0.87 7.67
C GLN A 32 0.42 1.47 6.50
N ILE A 33 -0.02 0.63 5.58
CA ILE A 33 -0.81 1.09 4.44
C ILE A 33 -2.14 1.62 4.96
N TYR A 34 -2.70 0.97 5.99
CA TYR A 34 -3.96 1.45 6.56
C TYR A 34 -3.77 2.86 7.11
N GLU A 35 -2.76 3.05 7.94
CA GLU A 35 -2.50 4.36 8.56
C GLU A 35 -2.21 5.43 7.53
N TRP A 36 -1.54 5.07 6.44
CA TRP A 36 -1.24 6.04 5.41
C TRP A 36 -2.54 6.55 4.81
N MET A 37 -3.49 5.67 4.56
CA MET A 37 -4.77 6.09 3.98
C MET A 37 -5.56 6.94 4.96
N VAL A 38 -5.53 6.58 6.25
CA VAL A 38 -6.24 7.36 7.28
C VAL A 38 -5.69 8.79 7.32
N LYS A 39 -4.38 8.95 7.17
CA LYS A 39 -3.76 10.27 7.21
C LYS A 39 -3.87 11.04 5.89
N SER A 40 -3.72 10.35 4.77
CA SER A 40 -3.69 10.99 3.46
C SER A 40 -5.04 11.21 2.79
N VAL A 41 -6.05 10.41 3.12
CA VAL A 41 -7.34 10.50 2.45
C VAL A 41 -8.45 10.85 3.45
N PRO A 42 -9.19 11.95 3.22
CA PRO A 42 -10.21 12.29 4.21
C PRO A 42 -11.34 11.26 4.27
N TYR A 43 -11.56 10.54 3.18
CA TYR A 43 -12.56 9.47 3.15
C TYR A 43 -12.20 8.42 4.19
N PHE A 44 -10.95 8.00 4.21
CA PHE A 44 -10.52 6.95 5.12
C PHE A 44 -10.31 7.46 6.53
N LYS A 45 -10.11 8.76 6.68
CA LYS A 45 -10.06 9.37 8.00
C LYS A 45 -11.44 9.24 8.63
N ASP A 46 -12.46 9.51 7.84
CA ASP A 46 -13.86 9.40 8.30
C ASP A 46 -14.25 7.94 8.52
N LYS A 47 -13.70 7.06 7.70
CA LYS A 47 -14.03 5.63 7.76
C LYS A 47 -13.07 4.86 8.68
N GLY A 48 -12.50 5.54 9.66
CA GLY A 48 -11.62 4.90 10.62
C GLY A 48 -12.39 4.20 11.72
N ASP A 49 -13.56 3.67 11.38
CA ASP A 49 -14.45 3.00 12.34
C ASP A 49 -14.07 1.52 12.52
N SER A 50 -14.33 1.00 13.71
CA SER A 50 -14.02 -0.38 14.07
C SER A 50 -14.68 -1.40 13.14
N ASN A 51 -15.94 -1.21 12.80
CA ASN A 51 -16.63 -2.17 11.93
C ASN A 51 -16.13 -2.01 10.49
N SER A 52 -15.88 -0.78 10.09
CA SER A 52 -15.35 -0.46 8.76
C SER A 52 -14.02 -1.18 8.52
N SER A 53 -13.29 -1.46 9.60
CA SER A 53 -12.01 -2.16 9.50
C SER A 53 -12.15 -3.49 8.74
N ALA A 54 -13.30 -4.14 8.85
CA ALA A 54 -13.53 -5.40 8.15
C ALA A 54 -13.48 -5.21 6.62
N GLY A 55 -14.11 -4.16 6.13
CA GLY A 55 -14.13 -3.90 4.69
C GLY A 55 -12.80 -3.31 4.23
N TRP A 56 -12.18 -2.55 5.11
CA TRP A 56 -10.89 -1.93 4.88
C TRP A 56 -9.84 -2.97 4.50
N LYS A 57 -9.67 -3.95 5.38
CA LYS A 57 -8.63 -4.95 5.20
C LYS A 57 -8.96 -5.87 4.04
N ASN A 58 -10.24 -6.10 3.77
CA ASN A 58 -10.64 -6.95 2.66
C ASN A 58 -10.31 -6.28 1.33
N SER A 59 -10.74 -5.04 1.16
CA SER A 59 -10.55 -4.33 -0.11
C SER A 59 -9.09 -4.15 -0.48
N ILE A 60 -8.26 -3.78 0.49
CA ILE A 60 -6.84 -3.61 0.22
C ILE A 60 -6.23 -4.98 -0.15
N ARG A 61 -6.64 -6.03 0.56
CA ARG A 61 -6.14 -7.38 0.27
C ARG A 61 -6.57 -7.85 -1.11
N HIS A 62 -7.74 -7.43 -1.58
CA HIS A 62 -8.23 -7.84 -2.89
C HIS A 62 -7.25 -7.41 -3.99
N ASN A 63 -6.85 -6.15 -3.99
CA ASN A 63 -5.93 -5.67 -5.03
C ASN A 63 -4.55 -6.30 -4.90
N LEU A 64 -4.12 -6.56 -3.66
CA LEU A 64 -2.82 -7.20 -3.46
C LEU A 64 -2.84 -8.63 -4.00
N SER A 65 -4.00 -9.29 -3.91
CA SER A 65 -4.15 -10.66 -4.37
C SER A 65 -4.07 -10.78 -5.89
N LEU A 66 -4.32 -9.68 -6.60
CA LEU A 66 -4.24 -9.68 -8.06
C LEU A 66 -2.77 -9.70 -8.51
N HIS A 67 -1.90 -9.27 -7.59
CA HIS A 67 -0.43 -9.22 -7.76
C HIS A 67 0.13 -8.76 -9.12
N SER A 68 -0.63 -7.98 -9.89
CA SER A 68 -0.17 -7.52 -11.19
C SER A 68 1.01 -6.57 -11.04
N LYS A 69 0.89 -5.60 -10.14
CA LYS A 69 1.99 -4.67 -9.85
C LYS A 69 2.53 -4.78 -8.44
N PHE A 70 1.82 -5.48 -7.57
CA PHE A 70 2.22 -5.62 -6.17
C PHE A 70 2.93 -6.94 -5.97
N ILE A 71 4.01 -6.93 -5.21
CA ILE A 71 4.76 -8.15 -4.90
C ILE A 71 4.85 -8.25 -3.39
N ARG A 72 5.16 -9.44 -2.88
CA ARG A 72 5.22 -9.69 -1.44
C ARG A 72 6.61 -10.09 -1.02
N VAL A 73 7.23 -9.28 -0.17
CA VAL A 73 8.57 -9.59 0.34
C VAL A 73 8.43 -10.33 1.66
N GLN A 74 9.29 -11.30 1.84
CA GLN A 74 9.37 -12.01 3.10
C GLN A 74 10.01 -11.04 4.10
N ASN A 75 9.87 -11.33 5.38
CA ASN A 75 10.42 -10.48 6.43
C ASN A 75 11.59 -11.20 7.11
N GLU A 76 12.07 -10.66 8.22
CA GLU A 76 13.19 -11.24 9.00
C GLU A 76 12.99 -12.70 9.44
N GLY A 77 11.76 -13.18 9.32
CA GLY A 77 11.43 -14.56 9.64
C GLY A 77 10.24 -14.60 10.54
N THR A 78 10.49 -14.43 11.84
CA THR A 78 9.42 -14.46 12.85
C THR A 78 8.66 -13.13 12.89
N GLY A 79 8.88 -12.31 11.87
CA GLY A 79 8.21 -11.03 11.77
C GLY A 79 6.72 -11.15 11.46
N LYS A 80 6.34 -12.30 10.87
CA LYS A 80 4.96 -12.66 10.50
C LYS A 80 4.26 -11.77 9.47
N SER A 81 4.25 -10.46 9.68
CA SER A 81 3.64 -9.53 8.73
C SER A 81 4.54 -9.48 7.51
N SER A 82 3.98 -9.71 6.34
CA SER A 82 4.78 -9.64 5.11
C SER A 82 4.83 -8.19 4.63
N TRP A 83 5.83 -7.88 3.83
CA TRP A 83 5.95 -6.56 3.23
C TRP A 83 5.24 -6.61 1.91
N TRP A 84 4.66 -5.50 1.53
CA TRP A 84 4.01 -5.37 0.24
C TRP A 84 4.67 -4.19 -0.43
N MET A 85 5.09 -4.38 -1.66
CA MET A 85 5.77 -3.34 -2.42
C MET A 85 5.44 -3.46 -3.89
N LEU A 86 5.97 -2.53 -4.68
CA LEU A 86 5.71 -2.51 -6.11
C LEU A 86 6.78 -3.35 -6.80
N ASN A 87 6.45 -3.96 -7.92
CA ASN A 87 7.44 -4.73 -8.68
C ASN A 87 8.52 -3.74 -9.18
N PRO A 88 9.82 -4.01 -8.89
CA PRO A 88 10.90 -3.08 -9.27
C PRO A 88 11.19 -2.96 -10.77
N GLU A 89 10.97 -4.04 -11.48
CA GLU A 89 11.15 -4.05 -12.94
C GLU A 89 9.99 -3.27 -13.53
N GLY A 90 8.89 -3.28 -12.80
CA GLY A 90 7.68 -2.56 -13.20
C GLY A 90 7.65 -1.12 -12.74
N GLY A 91 8.78 -0.59 -12.30
CA GLY A 91 8.85 0.80 -11.87
C GLY A 91 9.82 1.03 -10.72
N LYS A 92 10.50 2.16 -10.76
CA LYS A 92 11.49 2.52 -9.73
C LYS A 92 11.20 3.97 -9.37
N SER A 93 11.55 4.38 -8.16
CA SER A 93 11.23 5.72 -7.69
C SER A 93 12.28 6.21 -6.70
N GLY A 94 12.48 7.51 -6.64
CA GLY A 94 13.50 8.10 -5.78
C GLY A 94 13.06 8.25 -4.34
N LYS A 95 14.00 8.62 -3.47
CA LYS A 95 13.72 8.80 -2.04
C LYS A 95 14.71 9.78 -1.45
N SER A 96 14.39 10.28 -0.27
CA SER A 96 15.25 11.22 0.46
C SER A 96 15.07 10.88 1.94
N PRO A 97 16.05 11.24 2.80
CA PRO A 97 15.83 10.90 4.21
C PRO A 97 14.73 11.76 4.85
N ARG A 98 14.00 11.17 5.79
CA ARG A 98 12.91 11.86 6.50
C ARG A 98 12.92 11.42 7.96
N ARG A 99 12.19 12.13 8.80
CA ARG A 99 12.08 11.78 10.22
C ARG A 99 11.24 10.51 10.29
N ARG A 100 11.59 9.60 11.20
CA ARG A 100 10.87 8.34 11.36
C ARG A 100 10.13 8.36 12.69
N ALA A 101 9.13 7.50 12.82
CA ALA A 101 8.35 7.37 14.05
C ALA A 101 8.20 5.88 14.34
N ALA A 102 9.11 5.33 15.13
CA ALA A 102 9.07 3.92 15.49
C ALA A 102 7.90 3.70 16.45
N SER A 103 7.29 2.53 16.40
CA SER A 103 6.17 2.19 17.27
C SER A 103 6.13 0.68 17.43
N MET A 104 5.45 0.23 18.47
CA MET A 104 5.28 -1.20 18.84
C MET A 104 6.56 -1.86 19.38
N ASP A 105 6.41 -2.49 20.54
CA ASP A 105 7.51 -3.20 21.19
C ASP A 105 7.48 -4.68 20.77
N ASN A 106 8.53 -5.42 21.09
CA ASN A 106 8.61 -6.84 20.76
C ASN A 106 7.56 -7.61 21.58
N ASN A 107 6.65 -8.30 20.90
CA ASN A 107 5.55 -8.97 21.60
C ASN A 107 5.95 -10.25 22.35
N SER A 108 6.10 -10.14 23.67
CA SER A 108 6.44 -11.29 24.51
C SER A 108 5.40 -11.52 25.62
N LYS A 109 4.41 -12.36 25.33
CA LYS A 109 3.38 -12.72 26.32
C LYS A 109 3.05 -14.20 26.18
N PHE A 110 3.87 -15.02 26.79
CA PHE A 110 3.74 -16.48 26.68
C PHE A 110 2.65 -17.04 27.59
N ALA A 111 2.11 -18.18 27.19
CA ALA A 111 1.13 -18.92 27.97
C ALA A 111 1.42 -20.39 27.66
N LYS A 112 1.29 -21.25 28.66
CA LYS A 112 1.60 -22.68 28.49
C LYS A 112 0.95 -23.43 29.65
N SER A 113 0.69 -24.72 29.44
CA SER A 113 0.08 -25.57 30.48
C SER A 113 0.45 -27.03 30.30
N ARG A 114 0.25 -27.54 29.08
CA ARG A 114 0.51 -28.96 28.73
C ARG A 114 -0.36 -29.88 29.59
N GLY A 115 0.06 -31.13 29.77
CA GLY A 115 -0.70 -32.09 30.55
C GLY A 115 0.19 -33.29 30.79
N ARG A 116 -0.32 -34.31 31.48
CA ARG A 116 0.48 -35.50 31.79
C ARG A 116 0.52 -36.54 30.66
N ALA A 117 -0.34 -36.34 29.65
CA ALA A 117 -0.49 -37.28 28.53
C ALA A 117 -0.90 -38.66 29.06
N ALA A 118 -0.65 -39.71 28.28
CA ALA A 118 -0.97 -41.08 28.67
C ALA A 118 -0.02 -42.00 27.91
N LYS A 119 0.16 -41.66 26.64
CA LYS A 119 1.10 -42.30 25.72
C LYS A 119 1.35 -41.13 24.78
N GLY A 1 1.86 19.92 -16.04
CA GLY A 1 2.29 21.32 -15.82
C GLY A 1 1.89 21.81 -14.47
N PRO A 2 2.15 23.08 -14.13
CA PRO A 2 1.73 23.59 -12.81
C PRO A 2 0.23 23.85 -12.76
N LEU A 3 -0.27 24.15 -11.57
CA LEU A 3 -1.69 24.52 -11.34
C LEU A 3 -2.70 23.50 -11.89
N GLY A 4 -2.49 22.24 -11.54
CA GLY A 4 -3.40 21.19 -11.95
C GLY A 4 -3.60 20.17 -10.84
N SER A 5 -4.83 19.71 -10.67
CA SER A 5 -5.16 18.75 -9.62
C SER A 5 -4.64 17.35 -9.94
N ALA A 6 -4.51 17.06 -11.24
CA ALA A 6 -3.98 15.81 -11.80
C ALA A 6 -4.78 14.51 -11.55
N TRP A 7 -5.50 14.45 -10.46
CA TRP A 7 -6.28 13.28 -10.09
C TRP A 7 -7.48 13.66 -9.22
N GLY A 8 -8.26 12.67 -8.83
CA GLY A 8 -9.40 12.88 -7.95
C GLY A 8 -9.94 11.54 -7.49
N ASN A 9 -10.53 10.80 -8.41
CA ASN A 9 -11.08 9.47 -8.12
C ASN A 9 -9.97 8.41 -8.11
N LEU A 10 -9.06 8.52 -7.16
CA LEU A 10 -7.97 7.57 -7.01
C LEU A 10 -8.54 6.24 -6.53
N SER A 11 -8.17 5.16 -7.18
CA SER A 11 -8.67 3.83 -6.84
C SER A 11 -7.85 3.23 -5.69
N TYR A 12 -8.32 2.13 -5.13
CA TYR A 12 -7.59 1.46 -4.05
C TYR A 12 -6.17 1.17 -4.49
N ALA A 13 -5.99 0.62 -5.68
CA ALA A 13 -4.67 0.28 -6.19
C ALA A 13 -3.74 1.50 -6.23
N ASP A 14 -4.27 2.65 -6.61
CA ASP A 14 -3.47 3.86 -6.71
C ASP A 14 -3.04 4.33 -5.32
N LEU A 15 -3.93 4.24 -4.36
CA LEU A 15 -3.66 4.68 -3.00
C LEU A 15 -2.72 3.74 -2.26
N ILE A 16 -2.89 2.43 -2.48
CA ILE A 16 -2.00 1.44 -1.88
C ILE A 16 -0.61 1.69 -2.44
N THR A 17 -0.54 1.91 -3.75
CA THR A 17 0.73 2.20 -4.38
C THR A 17 1.34 3.47 -3.80
N LYS A 18 0.55 4.54 -3.71
CA LYS A 18 1.06 5.80 -3.18
C LYS A 18 1.66 5.66 -1.80
N ALA A 19 1.06 4.84 -0.96
CA ALA A 19 1.59 4.60 0.38
C ALA A 19 3.00 3.98 0.29
N ILE A 20 3.14 3.01 -0.60
CA ILE A 20 4.42 2.31 -0.77
C ILE A 20 5.47 3.25 -1.35
N GLU A 21 5.10 4.08 -2.31
CA GLU A 21 6.03 5.03 -2.92
C GLU A 21 6.47 6.08 -1.93
N SER A 22 5.58 6.35 -0.99
CA SER A 22 5.80 7.36 0.06
C SER A 22 6.77 6.84 1.11
N SER A 23 6.85 5.53 1.27
CA SER A 23 7.76 4.93 2.24
C SER A 23 9.20 5.08 1.74
N ALA A 24 10.14 5.20 2.65
CA ALA A 24 11.54 5.34 2.25
C ALA A 24 12.06 4.03 1.63
N GLU A 25 11.67 2.92 2.22
CA GLU A 25 12.12 1.59 1.80
C GLU A 25 11.38 1.04 0.58
N LYS A 26 10.38 1.78 0.10
CA LYS A 26 9.53 1.36 -1.02
C LYS A 26 8.83 0.04 -0.75
N ARG A 27 8.48 -0.18 0.51
CA ARG A 27 7.75 -1.37 0.95
C ARG A 27 7.03 -0.95 2.21
N LEU A 28 5.86 -1.51 2.46
CA LEU A 28 5.10 -1.22 3.67
C LEU A 28 4.39 -2.48 4.13
N THR A 29 4.07 -2.55 5.41
CA THR A 29 3.30 -3.67 5.95
C THR A 29 1.84 -3.26 5.84
N LEU A 30 0.92 -4.21 5.97
CA LEU A 30 -0.51 -3.92 5.82
C LEU A 30 -1.00 -2.83 6.76
N SER A 31 -0.53 -2.84 8.00
CA SER A 31 -0.97 -1.85 8.98
C SER A 31 -0.59 -0.44 8.52
N GLN A 32 0.64 -0.29 8.06
CA GLN A 32 1.15 1.00 7.62
C GLN A 32 0.36 1.55 6.43
N ILE A 33 -0.08 0.68 5.53
CA ILE A 33 -0.87 1.11 4.39
C ILE A 33 -2.22 1.64 4.90
N TYR A 34 -2.79 0.99 5.91
CA TYR A 34 -4.04 1.47 6.48
C TYR A 34 -3.82 2.84 7.10
N GLU A 35 -2.77 2.96 7.91
CA GLU A 35 -2.47 4.20 8.62
C GLU A 35 -2.26 5.35 7.63
N TRP A 36 -1.58 5.06 6.53
CA TRP A 36 -1.35 6.07 5.51
C TRP A 36 -2.68 6.53 4.94
N MET A 37 -3.60 5.60 4.66
CA MET A 37 -4.90 5.98 4.09
C MET A 37 -5.76 6.76 5.08
N VAL A 38 -5.73 6.39 6.35
CA VAL A 38 -6.53 7.09 7.36
C VAL A 38 -6.04 8.54 7.49
N LYS A 39 -4.72 8.73 7.43
CA LYS A 39 -4.15 10.06 7.56
C LYS A 39 -4.20 10.91 6.27
N SER A 40 -4.02 10.26 5.14
CA SER A 40 -3.96 10.95 3.84
C SER A 40 -5.33 11.17 3.20
N VAL A 41 -6.27 10.26 3.42
CA VAL A 41 -7.57 10.33 2.76
C VAL A 41 -8.70 10.38 3.81
N PRO A 42 -9.48 11.47 3.83
CA PRO A 42 -10.51 11.55 4.87
C PRO A 42 -11.62 10.50 4.71
N TYR A 43 -11.77 9.97 3.51
CA TYR A 43 -12.75 8.91 3.26
C TYR A 43 -12.45 7.69 4.13
N PHE A 44 -11.19 7.32 4.27
CA PHE A 44 -10.85 6.14 5.06
C PHE A 44 -10.74 6.46 6.53
N LYS A 45 -10.66 7.75 6.85
CA LYS A 45 -10.73 8.19 8.25
C LYS A 45 -12.17 8.01 8.72
N ASP A 46 -13.11 8.38 7.86
CA ASP A 46 -14.54 8.24 8.16
C ASP A 46 -14.91 6.76 8.29
N LYS A 47 -14.25 5.93 7.49
CA LYS A 47 -14.50 4.49 7.52
C LYS A 47 -13.56 3.83 8.53
N GLY A 48 -13.10 4.61 9.50
CA GLY A 48 -12.23 4.11 10.55
C GLY A 48 -13.01 3.35 11.61
N ASP A 49 -14.33 3.39 11.52
CA ASP A 49 -15.21 2.64 12.43
C ASP A 49 -14.81 1.17 12.37
N SER A 50 -14.84 0.48 13.51
CA SER A 50 -14.34 -0.90 13.58
C SER A 50 -14.98 -1.85 12.57
N ASN A 51 -16.28 -1.73 12.35
CA ASN A 51 -16.97 -2.60 11.40
C ASN A 51 -16.63 -2.23 9.96
N SER A 52 -16.73 -0.94 9.64
CA SER A 52 -16.44 -0.48 8.28
C SER A 52 -14.98 -0.69 7.92
N SER A 53 -14.11 -0.65 8.92
CA SER A 53 -12.69 -0.87 8.74
C SER A 53 -12.45 -2.24 8.13
N ALA A 54 -13.23 -3.23 8.57
CA ALA A 54 -13.09 -4.60 8.07
C ALA A 54 -13.27 -4.63 6.55
N GLY A 55 -14.23 -3.88 6.07
CA GLY A 55 -14.51 -3.84 4.63
C GLY A 55 -13.35 -3.29 3.81
N TRP A 56 -12.85 -2.11 4.15
CA TRP A 56 -11.79 -1.53 3.32
C TRP A 56 -10.41 -2.16 3.54
N LYS A 57 -10.10 -2.65 4.73
CA LYS A 57 -8.83 -3.36 4.94
C LYS A 57 -8.84 -4.64 4.09
N ASN A 58 -9.99 -5.28 3.96
CA ASN A 58 -10.09 -6.46 3.12
C ASN A 58 -9.99 -6.08 1.65
N SER A 59 -10.51 -4.92 1.29
CA SER A 59 -10.43 -4.45 -0.10
C SER A 59 -8.98 -4.22 -0.51
N ILE A 60 -8.17 -3.72 0.42
CA ILE A 60 -6.74 -3.54 0.16
C ILE A 60 -6.11 -4.92 0.02
N ARG A 61 -6.46 -5.83 0.91
CA ARG A 61 -5.90 -7.17 0.89
C ARG A 61 -6.21 -7.88 -0.43
N HIS A 62 -7.41 -7.69 -0.95
CA HIS A 62 -7.79 -8.24 -2.23
C HIS A 62 -6.93 -7.66 -3.36
N ASN A 63 -6.75 -6.34 -3.36
CA ASN A 63 -5.95 -5.70 -4.40
C ASN A 63 -4.51 -6.22 -4.37
N LEU A 64 -4.01 -6.48 -3.17
CA LEU A 64 -2.66 -7.01 -2.99
C LEU A 64 -2.55 -8.48 -3.40
N SER A 65 -3.56 -9.29 -3.10
CA SER A 65 -3.52 -10.72 -3.41
C SER A 65 -3.57 -11.00 -4.91
N LEU A 66 -4.08 -10.04 -5.68
CA LEU A 66 -4.12 -10.18 -7.13
C LEU A 66 -2.73 -10.02 -7.73
N HIS A 67 -1.80 -9.52 -6.91
CA HIS A 67 -0.37 -9.33 -7.23
C HIS A 67 0.03 -8.86 -8.65
N SER A 68 -0.86 -8.16 -9.34
CA SER A 68 -0.57 -7.68 -10.69
C SER A 68 0.45 -6.54 -10.70
N LYS A 69 0.39 -5.66 -9.70
CA LYS A 69 1.40 -4.60 -9.55
C LYS A 69 2.18 -4.78 -8.25
N PHE A 70 1.57 -5.43 -7.27
CA PHE A 70 2.17 -5.57 -5.95
C PHE A 70 2.80 -6.93 -5.80
N ILE A 71 3.88 -7.00 -5.03
CA ILE A 71 4.55 -8.25 -4.73
C ILE A 71 4.67 -8.31 -3.22
N ARG A 72 4.95 -9.49 -2.67
CA ARG A 72 5.05 -9.66 -1.22
C ARG A 72 6.45 -10.11 -0.86
N VAL A 73 7.05 -9.46 0.12
CA VAL A 73 8.40 -9.80 0.55
C VAL A 73 8.36 -10.59 1.84
N GLN A 74 9.22 -11.58 1.91
CA GLN A 74 9.43 -12.35 3.12
C GLN A 74 10.18 -11.44 4.11
N ASN A 75 10.39 -11.94 5.31
CA ASN A 75 11.12 -11.22 6.33
C ASN A 75 12.07 -12.24 6.93
N GLU A 76 12.94 -11.77 7.80
CA GLU A 76 14.05 -12.54 8.35
C GLU A 76 13.73 -13.86 9.06
N GLY A 77 12.51 -14.01 9.55
CA GLY A 77 12.15 -15.26 10.22
C GLY A 77 10.67 -15.57 10.31
N THR A 78 9.90 -14.70 10.96
CA THR A 78 8.48 -14.93 11.12
C THR A 78 7.83 -13.59 11.44
N GLY A 79 7.00 -13.18 10.52
CA GLY A 79 6.24 -11.95 10.64
C GLY A 79 4.97 -12.06 9.85
N LYS A 80 3.85 -12.09 10.56
CA LYS A 80 2.52 -12.17 9.91
C LYS A 80 2.27 -10.90 9.12
N SER A 81 2.86 -9.81 9.59
CA SER A 81 2.77 -8.53 8.90
C SER A 81 3.90 -8.47 7.87
N SER A 82 3.75 -9.25 6.80
CA SER A 82 4.77 -9.29 5.76
C SER A 82 4.75 -7.98 4.99
N TRP A 83 5.82 -7.74 4.23
CA TRP A 83 5.94 -6.51 3.46
C TRP A 83 5.21 -6.66 2.15
N TRP A 84 4.70 -5.56 1.65
CA TRP A 84 4.06 -5.49 0.37
C TRP A 84 4.75 -4.32 -0.32
N MET A 85 5.15 -4.52 -1.57
CA MET A 85 5.85 -3.49 -2.31
C MET A 85 5.46 -3.55 -3.77
N LEU A 86 5.95 -2.62 -4.55
CA LEU A 86 5.63 -2.57 -5.97
C LEU A 86 6.57 -3.50 -6.72
N ASN A 87 6.08 -4.15 -7.76
CA ASN A 87 6.92 -5.00 -8.59
C ASN A 87 7.95 -4.08 -9.28
N PRO A 88 9.26 -4.32 -9.08
CA PRO A 88 10.27 -3.44 -9.69
C PRO A 88 10.38 -3.54 -11.21
N GLU A 89 10.16 -4.74 -11.73
CA GLU A 89 10.20 -5.00 -13.17
C GLU A 89 8.90 -4.54 -13.81
N GLY A 90 7.92 -4.25 -12.97
CA GLY A 90 6.61 -3.85 -13.46
C GLY A 90 6.60 -2.43 -14.00
N GLY A 91 5.59 -2.13 -14.81
CA GLY A 91 5.45 -0.81 -15.39
C GLY A 91 5.11 0.29 -14.40
N LYS A 92 4.70 1.43 -14.92
CA LYS A 92 4.38 2.62 -14.11
C LYS A 92 3.46 2.34 -12.91
N SER A 93 3.64 3.15 -11.89
CA SER A 93 2.85 3.06 -10.67
C SER A 93 1.39 3.42 -10.94
N GLY A 94 0.50 2.86 -10.12
CA GLY A 94 -0.93 3.11 -10.26
C GLY A 94 -1.58 2.23 -11.32
N LYS A 95 -2.90 2.27 -11.39
CA LYS A 95 -3.67 1.49 -12.36
C LYS A 95 -4.89 2.30 -12.80
N SER A 96 -4.63 3.34 -13.58
CA SER A 96 -5.69 4.22 -14.10
C SER A 96 -5.96 4.02 -15.60
N PRO A 97 -6.78 3.00 -15.98
CA PRO A 97 -7.04 2.82 -17.41
C PRO A 97 -8.04 3.83 -17.97
N ARG A 98 -8.17 3.86 -19.28
CA ARG A 98 -9.13 4.75 -19.96
C ARG A 98 -9.97 3.85 -20.85
N ARG A 99 -11.09 4.38 -21.34
CA ARG A 99 -12.03 3.66 -22.23
C ARG A 99 -12.62 2.41 -21.56
N ARG A 100 -12.64 2.43 -20.25
CA ARG A 100 -13.22 1.33 -19.47
C ARG A 100 -14.74 1.45 -19.57
N ALA A 101 -15.41 0.33 -19.72
CA ALA A 101 -16.85 0.25 -19.74
C ALA A 101 -17.19 -0.94 -18.84
N ALA A 102 -18.45 -1.08 -18.45
CA ALA A 102 -18.88 -2.18 -17.58
C ALA A 102 -20.32 -2.56 -17.93
N SER A 103 -20.68 -2.42 -19.19
CA SER A 103 -22.02 -2.72 -19.66
C SER A 103 -22.15 -4.20 -20.00
N MET A 104 -23.38 -4.67 -20.09
CA MET A 104 -23.68 -6.06 -20.42
C MET A 104 -24.84 -5.99 -21.41
N ASP A 105 -24.94 -6.94 -22.32
CA ASP A 105 -25.98 -6.93 -23.35
C ASP A 105 -26.34 -8.38 -23.70
N ASN A 106 -27.45 -8.58 -24.39
CA ASN A 106 -27.96 -9.91 -24.74
C ASN A 106 -27.75 -10.27 -26.22
N ASN A 107 -26.81 -11.17 -26.48
CA ASN A 107 -26.54 -11.60 -27.86
C ASN A 107 -27.44 -12.77 -28.28
N SER A 108 -28.71 -12.48 -28.51
CA SER A 108 -29.66 -13.49 -28.99
C SER A 108 -30.22 -13.03 -30.32
N LYS A 109 -30.54 -13.96 -31.21
CA LYS A 109 -31.06 -13.63 -32.55
C LYS A 109 -32.20 -14.59 -32.91
N PHE A 110 -32.13 -15.24 -34.07
CA PHE A 110 -33.18 -16.16 -34.50
C PHE A 110 -32.62 -17.55 -34.71
N ALA A 111 -33.47 -18.56 -34.60
CA ALA A 111 -33.08 -19.95 -34.80
C ALA A 111 -34.20 -20.64 -35.57
N LYS A 112 -33.85 -21.62 -36.39
CA LYS A 112 -34.82 -22.37 -37.18
C LYS A 112 -34.13 -23.64 -37.62
N SER A 113 -34.89 -24.70 -37.84
CA SER A 113 -34.32 -25.97 -38.29
C SER A 113 -34.25 -26.01 -39.82
N ARG A 114 -35.40 -25.70 -40.44
CA ARG A 114 -35.61 -25.73 -41.90
C ARG A 114 -35.47 -27.14 -42.52
N GLY A 115 -36.50 -27.56 -43.24
CA GLY A 115 -36.46 -28.87 -43.88
C GLY A 115 -35.40 -28.93 -44.97
N ARG A 116 -35.03 -30.14 -45.35
CA ARG A 116 -34.05 -30.35 -46.42
C ARG A 116 -34.70 -29.94 -47.75
N ALA A 117 -33.88 -29.50 -48.68
CA ALA A 117 -34.36 -29.11 -50.00
C ALA A 117 -33.59 -29.98 -51.00
N ALA A 118 -34.31 -30.60 -51.92
CA ALA A 118 -33.71 -31.43 -52.95
C ALA A 118 -33.52 -30.57 -54.20
N LYS A 119 -33.07 -31.18 -55.28
CA LYS A 119 -32.84 -30.49 -56.54
C LYS A 119 -33.06 -31.52 -57.64
N GLY A 1 -12.11 17.72 -16.90
CA GLY A 1 -13.14 16.67 -17.05
C GLY A 1 -14.27 16.88 -16.08
N PRO A 2 -15.12 15.87 -15.80
CA PRO A 2 -16.18 16.06 -14.79
C PRO A 2 -15.64 16.12 -13.38
N LEU A 3 -14.41 15.70 -13.32
CA LEU A 3 -13.59 15.69 -12.12
C LEU A 3 -12.29 16.35 -12.54
N GLY A 4 -11.56 16.87 -11.57
CA GLY A 4 -10.32 17.56 -11.80
C GLY A 4 -9.89 18.06 -10.44
N SER A 5 -9.05 19.09 -10.40
CA SER A 5 -8.60 19.69 -9.13
C SER A 5 -7.97 18.67 -8.19
N ALA A 6 -6.79 18.20 -8.58
CA ALA A 6 -6.00 17.21 -7.87
C ALA A 6 -6.67 15.84 -7.90
N TRP A 7 -6.32 15.04 -6.92
CA TRP A 7 -6.75 13.64 -6.86
C TRP A 7 -8.14 13.40 -6.29
N GLY A 8 -9.15 13.90 -6.97
CA GLY A 8 -10.52 13.67 -6.55
C GLY A 8 -11.02 12.26 -6.86
N ASN A 9 -10.29 11.51 -7.67
CA ASN A 9 -10.68 10.15 -8.06
C ASN A 9 -9.46 9.26 -8.25
N LEU A 10 -9.13 8.48 -7.22
CA LEU A 10 -8.04 7.51 -7.29
C LEU A 10 -8.57 6.15 -6.85
N SER A 11 -8.12 5.11 -7.51
CA SER A 11 -8.54 3.75 -7.22
C SER A 11 -7.81 3.22 -6.00
N TYR A 12 -8.28 2.12 -5.45
CA TYR A 12 -7.61 1.48 -4.31
C TYR A 12 -6.15 1.21 -4.66
N ALA A 13 -5.92 0.69 -5.86
CA ALA A 13 -4.57 0.35 -6.30
C ALA A 13 -3.64 1.58 -6.28
N ASP A 14 -4.15 2.72 -6.71
CA ASP A 14 -3.35 3.94 -6.77
C ASP A 14 -2.97 4.40 -5.38
N LEU A 15 -3.90 4.28 -4.45
CA LEU A 15 -3.68 4.70 -3.06
C LEU A 15 -2.73 3.75 -2.32
N ILE A 16 -2.90 2.45 -2.55
CA ILE A 16 -2.00 1.45 -1.96
C ILE A 16 -0.60 1.72 -2.50
N THR A 17 -0.50 1.97 -3.80
CA THR A 17 0.78 2.26 -4.42
C THR A 17 1.38 3.54 -3.86
N LYS A 18 0.58 4.59 -3.71
CA LYS A 18 1.08 5.85 -3.16
C LYS A 18 1.65 5.66 -1.78
N ALA A 19 1.03 4.80 -0.98
CA ALA A 19 1.53 4.53 0.36
C ALA A 19 2.94 3.94 0.29
N ILE A 20 3.11 2.98 -0.60
CA ILE A 20 4.39 2.29 -0.75
C ILE A 20 5.45 3.26 -1.28
N GLU A 21 5.05 4.11 -2.21
CA GLU A 21 5.97 5.09 -2.79
C GLU A 21 6.39 6.12 -1.77
N SER A 22 5.48 6.42 -0.86
CA SER A 22 5.73 7.41 0.19
C SER A 22 6.74 6.86 1.20
N SER A 23 6.79 5.55 1.33
CA SER A 23 7.71 4.93 2.27
C SER A 23 9.16 5.07 1.79
N ALA A 24 10.05 5.36 2.72
CA ALA A 24 11.46 5.54 2.41
C ALA A 24 12.09 4.26 1.86
N GLU A 25 11.55 3.11 2.25
CA GLU A 25 12.09 1.82 1.84
C GLU A 25 11.39 1.24 0.62
N LYS A 26 10.41 1.96 0.09
CA LYS A 26 9.58 1.51 -1.05
C LYS A 26 8.89 0.17 -0.75
N ARG A 27 8.56 -0.05 0.50
CA ARG A 27 7.84 -1.24 0.95
C ARG A 27 7.15 -0.87 2.24
N LEU A 28 5.95 -1.40 2.45
CA LEU A 28 5.20 -1.14 3.68
C LEU A 28 4.55 -2.42 4.16
N THR A 29 4.22 -2.47 5.43
CA THR A 29 3.50 -3.62 5.97
C THR A 29 2.02 -3.34 5.76
N LEU A 30 1.17 -4.36 5.88
CA LEU A 30 -0.26 -4.17 5.67
C LEU A 30 -0.83 -3.09 6.61
N SER A 31 -0.39 -3.10 7.85
CA SER A 31 -0.86 -2.14 8.84
C SER A 31 -0.45 -0.72 8.47
N GLN A 32 0.73 -0.54 7.91
CA GLN A 32 1.21 0.78 7.54
C GLN A 32 0.40 1.38 6.40
N ILE A 33 -0.02 0.54 5.46
CA ILE A 33 -0.82 1.00 4.32
C ILE A 33 -2.17 1.48 4.85
N TYR A 34 -2.69 0.80 5.86
CA TYR A 34 -3.96 1.23 6.47
C TYR A 34 -3.83 2.62 7.06
N GLU A 35 -2.84 2.81 7.91
CA GLU A 35 -2.68 4.10 8.59
C GLU A 35 -2.36 5.21 7.60
N TRP A 36 -1.66 4.90 6.52
CA TRP A 36 -1.37 5.89 5.50
C TRP A 36 -2.69 6.38 4.90
N MET A 37 -3.64 5.48 4.69
CA MET A 37 -4.93 5.88 4.11
C MET A 37 -5.75 6.69 5.10
N VAL A 38 -5.70 6.37 6.38
CA VAL A 38 -6.43 7.14 7.39
C VAL A 38 -5.82 8.55 7.45
N LYS A 39 -4.51 8.64 7.33
CA LYS A 39 -3.81 9.92 7.40
C LYS A 39 -3.95 10.78 6.13
N SER A 40 -3.95 10.14 4.98
CA SER A 40 -3.96 10.86 3.69
C SER A 40 -5.31 10.97 2.98
N VAL A 41 -6.24 10.06 3.24
CA VAL A 41 -7.52 10.06 2.52
C VAL A 41 -8.69 10.33 3.48
N PRO A 42 -9.40 11.47 3.31
CA PRO A 42 -10.53 11.73 4.22
C PRO A 42 -11.57 10.62 4.24
N TYR A 43 -11.77 9.96 3.11
CA TYR A 43 -12.73 8.86 3.02
C TYR A 43 -12.42 7.74 4.01
N PHE A 44 -11.18 7.28 4.06
CA PHE A 44 -10.84 6.17 4.94
C PHE A 44 -10.66 6.64 6.37
N LYS A 45 -10.45 7.94 6.55
CA LYS A 45 -10.42 8.52 7.88
C LYS A 45 -11.84 8.50 8.46
N ASP A 46 -12.81 8.85 7.64
CA ASP A 46 -14.23 8.85 8.03
C ASP A 46 -14.69 7.43 8.31
N LYS A 47 -14.15 6.49 7.54
CA LYS A 47 -14.50 5.07 7.71
C LYS A 47 -13.54 4.43 8.71
N GLY A 48 -13.00 5.25 9.61
CA GLY A 48 -12.13 4.75 10.67
C GLY A 48 -12.94 4.15 11.80
N ASP A 49 -14.26 4.22 11.67
CA ASP A 49 -15.19 3.64 12.65
C ASP A 49 -14.90 2.16 12.87
N SER A 50 -15.13 1.68 14.09
CA SER A 50 -14.82 0.31 14.46
C SER A 50 -15.37 -0.75 13.50
N ASN A 51 -16.64 -0.64 13.11
CA ASN A 51 -17.24 -1.63 12.22
C ASN A 51 -16.84 -1.41 10.76
N SER A 52 -16.87 -0.15 10.34
CA SER A 52 -16.59 0.19 8.94
C SER A 52 -15.14 -0.06 8.54
N SER A 53 -14.23 0.12 9.48
CA SER A 53 -12.81 -0.06 9.20
C SER A 53 -12.48 -1.46 8.72
N ALA A 54 -13.17 -2.46 9.25
CA ALA A 54 -12.92 -3.84 8.87
C ALA A 54 -13.12 -4.03 7.36
N GLY A 55 -14.14 -3.40 6.81
CA GLY A 55 -14.46 -3.55 5.40
C GLY A 55 -13.37 -3.06 4.46
N TRP A 56 -12.95 -1.81 4.59
CA TRP A 56 -11.95 -1.27 3.66
C TRP A 56 -10.56 -1.84 3.89
N LYS A 57 -10.24 -2.17 5.13
CA LYS A 57 -8.95 -2.80 5.44
C LYS A 57 -8.88 -4.17 4.78
N ASN A 58 -9.98 -4.91 4.78
CA ASN A 58 -10.01 -6.20 4.10
C ASN A 58 -9.96 -6.01 2.58
N SER A 59 -10.56 -4.95 2.07
CA SER A 59 -10.56 -4.68 0.63
C SER A 59 -9.14 -4.49 0.09
N ILE A 60 -8.31 -3.76 0.84
CA ILE A 60 -6.91 -3.56 0.44
C ILE A 60 -6.22 -4.91 0.35
N ARG A 61 -6.50 -5.78 1.31
CA ARG A 61 -5.89 -7.09 1.37
C ARG A 61 -6.29 -7.91 0.14
N HIS A 62 -7.52 -7.76 -0.31
CA HIS A 62 -7.97 -8.44 -1.53
C HIS A 62 -7.20 -7.89 -2.74
N ASN A 63 -7.06 -6.58 -2.84
CA ASN A 63 -6.35 -5.98 -3.98
C ASN A 63 -4.90 -6.45 -4.03
N LEU A 64 -4.28 -6.55 -2.86
CA LEU A 64 -2.90 -7.01 -2.76
C LEU A 64 -2.77 -8.47 -3.15
N SER A 65 -3.82 -9.25 -2.91
CA SER A 65 -3.81 -10.68 -3.23
C SER A 65 -3.84 -10.93 -4.73
N LEU A 66 -4.26 -9.94 -5.51
CA LEU A 66 -4.30 -10.07 -6.97
C LEU A 66 -2.88 -9.99 -7.55
N HIS A 67 -1.98 -9.45 -6.73
CA HIS A 67 -0.53 -9.33 -7.00
C HIS A 67 -0.05 -8.94 -8.42
N SER A 68 -0.89 -8.25 -9.18
CA SER A 68 -0.52 -7.85 -10.55
C SER A 68 0.54 -6.75 -10.56
N LYS A 69 0.40 -5.78 -9.66
CA LYS A 69 1.37 -4.69 -9.53
C LYS A 69 2.13 -4.80 -8.22
N PHE A 70 1.46 -5.39 -7.23
CA PHE A 70 2.02 -5.52 -5.89
C PHE A 70 2.66 -6.87 -5.73
N ILE A 71 3.74 -6.92 -4.99
CA ILE A 71 4.41 -8.18 -4.70
C ILE A 71 4.51 -8.26 -3.19
N ARG A 72 4.71 -9.46 -2.66
CA ARG A 72 4.78 -9.66 -1.22
C ARG A 72 6.13 -10.26 -0.90
N VAL A 73 6.81 -9.67 0.06
CA VAL A 73 8.12 -10.16 0.48
C VAL A 73 7.97 -10.82 1.84
N GLN A 74 8.68 -11.91 2.03
CA GLN A 74 8.75 -12.52 3.34
C GLN A 74 9.47 -11.49 4.20
N ASN A 75 9.12 -11.45 5.47
CA ASN A 75 9.73 -10.48 6.38
C ASN A 75 10.93 -11.16 7.04
N GLU A 76 11.67 -10.42 7.84
CA GLU A 76 12.87 -10.93 8.51
C GLU A 76 12.60 -12.06 9.49
N GLY A 77 11.35 -12.15 9.94
CA GLY A 77 10.93 -13.21 10.82
C GLY A 77 9.48 -13.09 11.28
N THR A 78 9.21 -12.10 12.11
CA THR A 78 7.87 -11.86 12.67
C THR A 78 6.92 -11.18 11.69
N GLY A 79 6.93 -11.71 10.49
CA GLY A 79 6.16 -11.17 9.37
C GLY A 79 4.67 -11.41 9.36
N LYS A 80 4.01 -11.29 10.52
CA LYS A 80 2.56 -11.51 10.59
C LYS A 80 1.81 -10.52 9.70
N SER A 81 2.35 -9.32 9.55
CA SER A 81 1.75 -8.31 8.68
C SER A 81 2.29 -8.36 7.24
N SER A 82 3.40 -9.09 7.07
CA SER A 82 4.14 -9.22 5.78
C SER A 82 4.62 -7.89 5.18
N TRP A 83 5.48 -7.96 4.17
CA TRP A 83 5.91 -6.77 3.43
C TRP A 83 5.12 -6.77 2.15
N TRP A 84 4.69 -5.60 1.72
CA TRP A 84 4.01 -5.44 0.45
C TRP A 84 4.71 -4.28 -0.25
N MET A 85 5.01 -4.45 -1.52
CA MET A 85 5.72 -3.43 -2.27
C MET A 85 5.37 -3.53 -3.74
N LEU A 86 5.90 -2.63 -4.54
CA LEU A 86 5.61 -2.62 -5.96
C LEU A 86 6.60 -3.54 -6.66
N ASN A 87 6.19 -4.13 -7.78
CA ASN A 87 7.11 -4.97 -8.55
C ASN A 87 8.24 -4.08 -9.08
N PRO A 88 9.52 -4.42 -8.77
CA PRO A 88 10.63 -3.56 -9.20
C PRO A 88 10.84 -3.46 -10.71
N GLU A 89 10.59 -4.55 -11.42
CA GLU A 89 10.76 -4.61 -12.87
C GLU A 89 9.73 -3.72 -13.54
N GLY A 90 8.65 -3.45 -12.82
CA GLY A 90 7.57 -2.62 -13.33
C GLY A 90 7.75 -1.16 -12.96
N GLY A 91 8.97 -0.69 -12.83
CA GLY A 91 9.20 0.69 -12.46
C GLY A 91 10.67 0.99 -12.21
N LYS A 92 10.94 1.85 -11.24
CA LYS A 92 12.31 2.20 -10.87
C LYS A 92 12.48 1.92 -9.38
N SER A 93 13.24 0.89 -9.05
CA SER A 93 13.44 0.47 -7.66
C SER A 93 14.92 0.42 -7.30
N GLY A 94 15.67 1.43 -7.74
CA GLY A 94 17.10 1.48 -7.50
C GLY A 94 17.50 1.92 -6.10
N LYS A 95 17.00 1.23 -5.07
CA LYS A 95 17.32 1.57 -3.69
C LYS A 95 17.33 0.31 -2.83
N SER A 96 18.40 0.11 -2.08
CA SER A 96 18.56 -1.07 -1.22
C SER A 96 18.46 -0.73 0.28
N PRO A 97 17.26 -0.86 0.88
CA PRO A 97 17.15 -0.58 2.31
C PRO A 97 17.70 -1.73 3.18
N ARG A 98 17.75 -1.49 4.50
CA ARG A 98 18.18 -2.49 5.49
C ARG A 98 19.55 -3.14 5.23
N ARG A 99 20.55 -2.30 5.02
CA ARG A 99 21.92 -2.77 4.80
C ARG A 99 22.53 -3.12 6.17
N ARG A 100 23.48 -4.05 6.17
CA ARG A 100 24.23 -4.45 7.39
C ARG A 100 23.34 -4.89 8.57
N ALA A 101 22.31 -5.68 8.30
CA ALA A 101 21.45 -6.22 9.35
C ALA A 101 21.24 -7.71 9.10
N ALA A 102 21.28 -8.51 10.15
CA ALA A 102 21.11 -9.95 10.06
C ALA A 102 19.67 -10.33 10.37
N SER A 103 19.29 -11.56 10.02
CA SER A 103 17.95 -12.08 10.29
C SER A 103 18.15 -13.54 10.66
N MET A 104 17.23 -14.13 11.40
CA MET A 104 17.37 -15.52 11.86
C MET A 104 16.01 -16.20 11.98
N ASP A 105 15.44 -16.57 10.85
CA ASP A 105 14.15 -17.26 10.80
C ASP A 105 14.18 -18.11 9.53
N ASN A 106 13.50 -19.25 9.53
CA ASN A 106 13.45 -20.12 8.36
C ASN A 106 12.06 -20.74 8.21
N ASN A 107 11.08 -20.20 8.92
CA ASN A 107 9.73 -20.75 8.87
C ASN A 107 8.92 -20.06 7.78
N SER A 108 8.06 -20.82 7.13
CA SER A 108 7.21 -20.27 6.07
C SER A 108 5.92 -21.08 6.03
N LYS A 109 4.90 -20.53 5.37
CA LYS A 109 3.62 -21.22 5.21
C LYS A 109 3.04 -20.88 3.86
N PHE A 110 3.18 -21.79 2.91
CA PHE A 110 2.67 -21.58 1.57
C PHE A 110 1.14 -21.71 1.58
N ALA A 111 0.48 -21.11 0.60
CA ALA A 111 -0.98 -21.17 0.48
C ALA A 111 -1.28 -21.28 -1.02
N LYS A 112 -2.42 -21.88 -1.35
CA LYS A 112 -2.80 -22.08 -2.75
C LYS A 112 -4.25 -21.69 -2.94
N SER A 113 -4.58 -21.12 -4.10
CA SER A 113 -5.95 -20.74 -4.44
C SER A 113 -6.03 -20.68 -5.96
N ARG A 114 -7.24 -20.81 -6.50
CA ARG A 114 -7.48 -20.74 -7.94
C ARG A 114 -8.98 -20.54 -8.08
N GLY A 115 -9.42 -19.80 -9.09
CA GLY A 115 -10.85 -19.62 -9.34
C GLY A 115 -11.28 -18.21 -9.65
N ARG A 116 -11.48 -17.91 -10.93
CA ARG A 116 -12.00 -16.61 -11.39
C ARG A 116 -12.45 -16.84 -12.80
N ALA A 117 -13.31 -15.95 -13.30
CA ALA A 117 -13.83 -16.01 -14.67
C ALA A 117 -14.60 -17.31 -14.95
N ALA A 118 -14.88 -17.56 -16.22
CA ALA A 118 -15.62 -18.75 -16.66
C ALA A 118 -15.28 -19.00 -18.13
N LYS A 119 -15.09 -17.89 -18.84
CA LYS A 119 -14.67 -17.86 -20.23
C LYS A 119 -13.67 -16.73 -20.20
N GLY A 1 -11.23 13.08 -20.01
CA GLY A 1 -10.19 14.12 -20.12
C GLY A 1 -9.31 14.13 -18.89
N PRO A 2 -8.39 15.10 -18.74
CA PRO A 2 -7.57 15.13 -17.52
C PRO A 2 -8.39 15.59 -16.32
N LEU A 3 -7.82 15.45 -15.13
CA LEU A 3 -8.47 15.84 -13.89
C LEU A 3 -7.44 16.60 -13.09
N GLY A 4 -7.91 17.44 -12.17
CA GLY A 4 -7.02 18.24 -11.36
C GLY A 4 -7.65 18.51 -10.01
N SER A 5 -7.17 19.54 -9.32
CA SER A 5 -7.66 19.99 -7.99
C SER A 5 -7.49 18.99 -6.84
N ALA A 6 -6.96 17.83 -7.14
CA ALA A 6 -6.67 16.80 -6.15
C ALA A 6 -5.68 15.87 -6.84
N TRP A 7 -5.39 14.74 -6.23
CA TRP A 7 -4.42 13.80 -6.77
C TRP A 7 -4.87 13.09 -8.05
N GLY A 8 -6.16 13.12 -8.36
CA GLY A 8 -6.70 12.46 -9.51
C GLY A 8 -7.73 11.51 -8.97
N ASN A 9 -8.28 10.72 -9.85
CA ASN A 9 -9.27 9.69 -9.51
C ASN A 9 -8.56 8.41 -9.06
N LEU A 10 -7.74 8.53 -8.03
CA LEU A 10 -6.97 7.41 -7.50
C LEU A 10 -7.89 6.34 -6.94
N SER A 11 -7.76 5.13 -7.49
CA SER A 11 -8.53 3.98 -7.05
C SER A 11 -7.77 3.33 -5.89
N TYR A 12 -8.30 2.23 -5.37
CA TYR A 12 -7.65 1.53 -4.26
C TYR A 12 -6.21 1.18 -4.61
N ALA A 13 -5.99 0.60 -5.77
CA ALA A 13 -4.65 0.19 -6.19
C ALA A 13 -3.69 1.39 -6.21
N ASP A 14 -4.15 2.51 -6.71
CA ASP A 14 -3.31 3.69 -6.82
C ASP A 14 -2.96 4.24 -5.44
N LEU A 15 -3.93 4.26 -4.54
CA LEU A 15 -3.71 4.70 -3.16
C LEU A 15 -2.77 3.76 -2.39
N ILE A 16 -2.92 2.46 -2.59
CA ILE A 16 -2.04 1.47 -1.95
C ILE A 16 -0.62 1.72 -2.47
N THR A 17 -0.51 1.92 -3.77
CA THR A 17 0.78 2.21 -4.38
C THR A 17 1.35 3.51 -3.83
N LYS A 18 0.53 4.54 -3.71
CA LYS A 18 0.97 5.82 -3.18
C LYS A 18 1.57 5.66 -1.80
N ALA A 19 0.97 4.81 -0.98
CA ALA A 19 1.49 4.56 0.36
C ALA A 19 2.89 3.96 0.28
N ILE A 20 3.05 2.95 -0.56
CA ILE A 20 4.32 2.24 -0.68
C ILE A 20 5.40 3.19 -1.21
N GLU A 21 5.04 4.03 -2.17
CA GLU A 21 5.96 5.00 -2.74
C GLU A 21 6.35 6.06 -1.74
N SER A 22 5.41 6.38 -0.86
CA SER A 22 5.64 7.40 0.17
C SER A 22 6.69 6.91 1.16
N SER A 23 6.77 5.60 1.33
CA SER A 23 7.78 5.02 2.20
C SER A 23 9.13 5.13 1.47
N ALA A 24 10.16 5.61 2.17
CA ALA A 24 11.47 5.76 1.55
C ALA A 24 12.04 4.40 1.15
N GLU A 25 11.66 3.37 1.89
CA GLU A 25 12.14 2.01 1.67
C GLU A 25 11.36 1.28 0.56
N LYS A 26 10.35 1.94 0.01
CA LYS A 26 9.48 1.38 -1.04
C LYS A 26 8.82 0.07 -0.67
N ARG A 27 8.51 -0.09 0.61
CA ARG A 27 7.81 -1.28 1.11
C ARG A 27 7.09 -0.90 2.39
N LEU A 28 5.86 -1.38 2.54
CA LEU A 28 5.06 -1.10 3.74
C LEU A 28 4.37 -2.38 4.17
N THR A 29 4.09 -2.50 5.46
CA THR A 29 3.36 -3.65 5.96
C THR A 29 1.89 -3.32 5.76
N LEU A 30 1.00 -4.30 5.89
CA LEU A 30 -0.42 -4.04 5.65
C LEU A 30 -0.99 -2.98 6.59
N SER A 31 -0.54 -2.99 7.85
CA SER A 31 -1.03 -2.03 8.81
C SER A 31 -0.60 -0.62 8.39
N GLN A 32 0.61 -0.50 7.88
CA GLN A 32 1.15 0.80 7.49
C GLN A 32 0.38 1.39 6.32
N ILE A 33 -0.05 0.53 5.39
CA ILE A 33 -0.86 0.99 4.26
C ILE A 33 -2.18 1.52 4.82
N TYR A 34 -2.73 0.84 5.82
CA TYR A 34 -3.96 1.33 6.45
C TYR A 34 -3.71 2.68 7.11
N GLU A 35 -2.63 2.78 7.88
CA GLU A 35 -2.30 4.00 8.61
C GLU A 35 -2.12 5.16 7.63
N TRP A 36 -1.47 4.89 6.50
CA TRP A 36 -1.25 5.91 5.50
C TRP A 36 -2.59 6.40 4.94
N MET A 37 -3.52 5.48 4.69
CA MET A 37 -4.82 5.88 4.16
C MET A 37 -5.62 6.69 5.18
N VAL A 38 -5.56 6.32 6.45
CA VAL A 38 -6.28 7.06 7.49
C VAL A 38 -5.68 8.48 7.60
N LYS A 39 -4.38 8.59 7.44
CA LYS A 39 -3.70 9.89 7.52
C LYS A 39 -3.83 10.76 6.28
N SER A 40 -3.73 10.15 5.10
CA SER A 40 -3.73 10.89 3.83
C SER A 40 -5.10 11.08 3.18
N VAL A 41 -6.05 10.19 3.45
CA VAL A 41 -7.36 10.28 2.78
C VAL A 41 -8.45 10.49 3.83
N PRO A 42 -9.19 11.61 3.74
CA PRO A 42 -10.19 11.83 4.78
C PRO A 42 -11.34 10.82 4.73
N TYR A 43 -11.57 10.23 3.56
CA TYR A 43 -12.59 9.20 3.43
C TYR A 43 -12.31 8.01 4.33
N PHE A 44 -11.05 7.57 4.41
CA PHE A 44 -10.73 6.41 5.23
C PHE A 44 -10.54 6.79 6.68
N LYS A 45 -10.37 8.08 6.94
CA LYS A 45 -10.36 8.58 8.31
C LYS A 45 -11.80 8.53 8.84
N ASP A 46 -12.73 8.92 7.99
CA ASP A 46 -14.17 8.90 8.32
C ASP A 46 -14.63 7.47 8.52
N LYS A 47 -14.04 6.57 7.74
CA LYS A 47 -14.36 5.14 7.80
C LYS A 47 -13.38 4.46 8.75
N GLY A 48 -12.86 5.23 9.68
CA GLY A 48 -11.92 4.71 10.67
C GLY A 48 -12.60 3.87 11.73
N ASP A 49 -13.93 3.94 11.79
CA ASP A 49 -14.73 3.12 12.71
C ASP A 49 -14.40 1.65 12.47
N SER A 50 -14.43 0.84 13.52
CA SER A 50 -14.04 -0.57 13.43
C SER A 50 -14.80 -1.36 12.37
N ASN A 51 -16.10 -1.14 12.23
CA ASN A 51 -16.89 -1.91 11.27
C ASN A 51 -16.60 -1.46 9.84
N SER A 52 -16.49 -0.16 9.64
CA SER A 52 -16.18 0.41 8.33
C SER A 52 -14.77 0.01 7.93
N SER A 53 -13.89 -0.06 8.92
CA SER A 53 -12.51 -0.47 8.72
C SER A 53 -12.44 -1.85 8.15
N ALA A 54 -13.29 -2.75 8.64
CA ALA A 54 -13.28 -4.12 8.17
C ALA A 54 -13.46 -4.15 6.65
N GLY A 55 -14.37 -3.32 6.14
CA GLY A 55 -14.63 -3.29 4.71
C GLY A 55 -13.47 -2.79 3.86
N TRP A 56 -12.96 -1.61 4.14
CA TRP A 56 -11.90 -1.07 3.27
C TRP A 56 -10.54 -1.76 3.45
N LYS A 57 -10.24 -2.24 4.64
CA LYS A 57 -8.99 -2.99 4.86
C LYS A 57 -9.06 -4.33 4.13
N ASN A 58 -10.25 -4.91 4.02
CA ASN A 58 -10.42 -6.13 3.22
C ASN A 58 -10.26 -5.78 1.73
N SER A 59 -10.75 -4.62 1.33
CA SER A 59 -10.61 -4.19 -0.07
C SER A 59 -9.14 -4.04 -0.48
N ILE A 60 -8.31 -3.57 0.44
CA ILE A 60 -6.87 -3.46 0.18
C ILE A 60 -6.30 -4.86 0.01
N ARG A 61 -6.71 -5.79 0.88
CA ARG A 61 -6.22 -7.17 0.79
C ARG A 61 -6.60 -7.78 -0.55
N HIS A 62 -7.80 -7.51 -1.01
CA HIS A 62 -8.25 -8.02 -2.31
C HIS A 62 -7.35 -7.48 -3.42
N ASN A 63 -7.07 -6.19 -3.40
CA ASN A 63 -6.22 -5.58 -4.43
C ASN A 63 -4.81 -6.16 -4.40
N LEU A 64 -4.30 -6.43 -3.21
CA LEU A 64 -2.96 -7.02 -3.06
C LEU A 64 -2.94 -8.47 -3.54
N SER A 65 -4.08 -9.14 -3.45
CA SER A 65 -4.18 -10.54 -3.85
C SER A 65 -4.11 -10.69 -5.38
N LEU A 66 -4.41 -9.62 -6.10
CA LEU A 66 -4.34 -9.64 -7.56
C LEU A 66 -2.87 -9.79 -7.97
N HIS A 67 -1.98 -9.26 -7.14
CA HIS A 67 -0.52 -9.37 -7.30
C HIS A 67 0.10 -8.91 -8.63
N SER A 68 -0.68 -8.23 -9.46
CA SER A 68 -0.18 -7.76 -10.76
C SER A 68 1.00 -6.79 -10.62
N LYS A 69 0.80 -5.69 -9.90
CA LYS A 69 1.87 -4.72 -9.68
C LYS A 69 2.31 -4.68 -8.22
N PHE A 70 1.71 -5.52 -7.41
CA PHE A 70 2.03 -5.61 -5.99
C PHE A 70 2.69 -6.95 -5.75
N ILE A 71 3.78 -6.97 -5.00
CA ILE A 71 4.46 -8.21 -4.69
C ILE A 71 4.62 -8.28 -3.18
N ARG A 72 4.82 -9.47 -2.66
CA ARG A 72 5.01 -9.67 -1.22
C ARG A 72 6.47 -10.05 -1.00
N VAL A 73 7.14 -9.32 -0.14
CA VAL A 73 8.56 -9.53 0.12
C VAL A 73 8.75 -9.90 1.60
N GLN A 74 9.71 -10.77 1.87
CA GLN A 74 9.96 -11.20 3.24
C GLN A 74 10.37 -10.00 4.08
N ASN A 75 10.14 -10.08 5.38
CA ASN A 75 10.47 -9.01 6.31
C ASN A 75 11.97 -9.07 6.60
N GLU A 76 12.49 -8.10 7.35
CA GLU A 76 13.92 -8.07 7.71
C GLU A 76 14.29 -9.32 8.51
N GLY A 77 13.30 -9.87 9.19
CA GLY A 77 13.45 -11.11 9.92
C GLY A 77 12.06 -11.68 10.06
N THR A 78 11.65 -11.88 11.29
CA THR A 78 10.32 -12.44 11.61
C THR A 78 9.62 -11.45 12.55
N GLY A 79 9.42 -10.25 12.04
CA GLY A 79 8.77 -9.21 12.81
C GLY A 79 7.26 -9.33 12.79
N LYS A 80 6.63 -8.18 12.67
CA LYS A 80 5.17 -8.08 12.80
C LYS A 80 4.38 -8.51 11.57
N SER A 81 4.91 -8.31 10.38
CA SER A 81 4.21 -8.66 9.14
C SER A 81 5.18 -8.75 7.99
N SER A 82 4.76 -9.37 6.90
CA SER A 82 5.56 -9.40 5.67
C SER A 82 5.44 -8.02 5.05
N TRP A 83 6.32 -7.72 4.10
CA TRP A 83 6.31 -6.44 3.43
C TRP A 83 5.48 -6.57 2.18
N TRP A 84 4.84 -5.49 1.79
CA TRP A 84 4.14 -5.43 0.53
C TRP A 84 4.82 -4.28 -0.19
N MET A 85 5.16 -4.50 -1.44
CA MET A 85 5.87 -3.49 -2.21
C MET A 85 5.44 -3.61 -3.66
N LEU A 86 5.91 -2.70 -4.48
CA LEU A 86 5.55 -2.70 -5.88
C LEU A 86 6.51 -3.62 -6.61
N ASN A 87 6.08 -4.18 -7.73
CA ASN A 87 6.98 -4.97 -8.57
C ASN A 87 8.05 -3.99 -9.06
N PRO A 88 9.34 -4.25 -8.77
CA PRO A 88 10.37 -3.26 -9.10
C PRO A 88 10.60 -3.03 -10.59
N GLU A 89 10.51 -4.07 -11.39
CA GLU A 89 10.73 -3.96 -12.82
C GLU A 89 9.52 -3.30 -13.47
N GLY A 90 8.41 -3.31 -12.75
CA GLY A 90 7.19 -2.68 -13.20
C GLY A 90 7.13 -1.21 -12.84
N GLY A 91 8.28 -0.56 -12.75
CA GLY A 91 8.32 0.84 -12.40
C GLY A 91 9.73 1.37 -12.25
N LYS A 92 9.86 2.58 -11.74
CA LYS A 92 11.17 3.19 -11.52
C LYS A 92 11.67 2.79 -10.13
N SER A 93 12.17 1.56 -10.02
CA SER A 93 12.65 1.02 -8.74
C SER A 93 13.73 1.88 -8.09
N GLY A 94 14.65 2.40 -8.91
CA GLY A 94 15.70 3.26 -8.39
C GLY A 94 16.86 2.48 -7.79
N LYS A 95 17.74 3.17 -7.08
CA LYS A 95 18.91 2.54 -6.46
C LYS A 95 19.10 3.19 -5.10
N SER A 96 19.41 2.40 -4.08
CA SER A 96 19.65 2.92 -2.73
C SER A 96 20.55 1.93 -1.99
N PRO A 97 21.46 2.41 -1.13
CA PRO A 97 22.26 1.41 -0.39
C PRO A 97 21.43 0.69 0.67
N ARG A 98 21.73 -0.60 0.87
CA ARG A 98 21.00 -1.40 1.85
C ARG A 98 21.91 -1.76 3.02
N ARG A 99 21.31 -2.25 4.09
CA ARG A 99 22.01 -2.61 5.32
C ARG A 99 21.28 -3.85 5.81
N ARG A 100 21.70 -4.40 6.94
CA ARG A 100 21.00 -5.55 7.55
C ARG A 100 21.14 -5.37 9.05
N ALA A 101 20.15 -5.80 9.80
CA ALA A 101 20.14 -5.65 11.26
C ALA A 101 19.33 -6.79 11.91
N ALA A 102 19.52 -8.00 11.40
CA ALA A 102 18.79 -9.16 11.90
C ALA A 102 19.70 -10.38 11.87
N SER A 103 19.35 -11.38 12.67
CA SER A 103 20.11 -12.64 12.77
C SER A 103 19.20 -13.70 13.38
N MET A 104 18.52 -13.29 14.45
CA MET A 104 17.57 -14.12 15.21
C MET A 104 18.22 -15.32 15.89
N ASP A 105 17.44 -15.99 16.73
CA ASP A 105 17.87 -17.19 17.44
C ASP A 105 16.95 -18.29 16.94
N ASN A 106 17.55 -19.31 16.34
CA ASN A 106 16.80 -20.40 15.74
C ASN A 106 17.38 -21.72 16.24
N ASN A 107 17.04 -22.08 17.47
CA ASN A 107 17.52 -23.31 18.08
C ASN A 107 17.21 -24.54 17.21
N SER A 108 18.22 -25.39 17.04
CA SER A 108 18.09 -26.57 16.21
C SER A 108 17.05 -27.55 16.78
N LYS A 109 16.38 -28.26 15.88
CA LYS A 109 15.36 -29.25 16.29
C LYS A 109 15.42 -30.49 15.41
N PHE A 110 15.40 -30.27 14.10
CA PHE A 110 15.46 -31.34 13.09
C PHE A 110 14.35 -32.39 13.35
N ALA A 111 14.57 -33.63 12.97
CA ALA A 111 13.61 -34.71 13.17
C ALA A 111 14.41 -36.00 13.40
N LYS A 112 13.92 -36.88 14.25
CA LYS A 112 14.62 -38.13 14.53
C LYS A 112 14.27 -39.19 13.49
N SER A 113 15.24 -39.51 12.64
CA SER A 113 15.05 -40.53 11.62
C SER A 113 15.27 -41.90 12.26
N ARG A 114 15.04 -42.97 11.51
CA ARG A 114 15.18 -44.32 12.03
C ARG A 114 15.55 -45.28 10.91
N GLY A 115 16.10 -46.42 11.29
CA GLY A 115 16.44 -47.47 10.33
C GLY A 115 15.38 -48.55 10.39
N ARG A 116 15.72 -49.75 9.93
CA ARG A 116 14.81 -50.93 9.95
C ARG A 116 13.48 -50.67 9.23
N ALA A 117 13.57 -50.15 8.02
CA ALA A 117 12.37 -49.94 7.20
C ALA A 117 11.89 -51.33 6.77
N ALA A 118 10.60 -51.45 6.48
CA ALA A 118 10.00 -52.71 6.08
C ALA A 118 8.83 -52.37 5.15
N LYS A 119 8.28 -53.39 4.50
CA LYS A 119 7.14 -53.22 3.62
C LYS A 119 5.87 -53.37 4.47
N GLY A 1 -21.79 22.66 -12.85
CA GLY A 1 -21.26 23.48 -11.74
C GLY A 1 -19.76 23.50 -11.77
N PRO A 2 -19.08 24.17 -10.83
CA PRO A 2 -17.61 24.17 -10.85
C PRO A 2 -17.03 22.83 -10.43
N LEU A 3 -15.78 22.58 -10.79
CA LEU A 3 -15.08 21.35 -10.43
C LEU A 3 -13.61 21.72 -10.22
N GLY A 4 -13.01 21.22 -9.15
CA GLY A 4 -11.62 21.53 -8.86
C GLY A 4 -10.96 20.52 -7.94
N SER A 5 -11.28 19.24 -8.10
CA SER A 5 -10.68 18.21 -7.25
C SER A 5 -9.28 17.88 -7.78
N ALA A 6 -8.31 17.77 -6.87
CA ALA A 6 -6.91 17.59 -7.25
C ALA A 6 -6.57 16.29 -7.99
N TRP A 7 -7.19 15.22 -7.55
CA TRP A 7 -6.94 13.89 -8.12
C TRP A 7 -8.22 13.13 -8.39
N GLY A 8 -9.35 13.84 -8.35
CA GLY A 8 -10.65 13.22 -8.50
C GLY A 8 -10.92 12.24 -7.38
N ASN A 9 -10.73 10.97 -7.69
CA ASN A 9 -10.95 9.87 -6.75
C ASN A 9 -10.00 8.73 -7.10
N LEU A 10 -8.90 8.64 -6.36
CA LEU A 10 -7.92 7.58 -6.59
C LEU A 10 -8.49 6.23 -6.17
N SER A 11 -8.21 5.21 -6.96
CA SER A 11 -8.70 3.86 -6.69
C SER A 11 -7.88 3.21 -5.58
N TYR A 12 -8.36 2.09 -5.06
CA TYR A 12 -7.63 1.38 -4.00
C TYR A 12 -6.21 1.07 -4.45
N ALA A 13 -6.05 0.54 -5.66
CA ALA A 13 -4.72 0.20 -6.16
C ALA A 13 -3.78 1.42 -6.16
N ASP A 14 -4.31 2.57 -6.55
CA ASP A 14 -3.52 3.79 -6.62
C ASP A 14 -3.09 4.20 -5.22
N LEU A 15 -4.01 4.16 -4.27
CA LEU A 15 -3.73 4.57 -2.89
C LEU A 15 -2.74 3.63 -2.22
N ILE A 16 -2.88 2.33 -2.46
CA ILE A 16 -1.95 1.34 -1.91
C ILE A 16 -0.57 1.64 -2.46
N THR A 17 -0.50 1.89 -3.75
CA THR A 17 0.76 2.22 -4.39
C THR A 17 1.33 3.52 -3.83
N LYS A 18 0.52 4.55 -3.69
CA LYS A 18 0.99 5.83 -3.17
C LYS A 18 1.58 5.66 -1.79
N ALA A 19 0.98 4.81 -0.98
CA ALA A 19 1.49 4.55 0.36
C ALA A 19 2.90 3.96 0.28
N ILE A 20 3.08 3.00 -0.60
CA ILE A 20 4.36 2.31 -0.72
C ILE A 20 5.41 3.29 -1.25
N GLU A 21 5.05 4.13 -2.21
CA GLU A 21 5.99 5.11 -2.76
C GLU A 21 6.35 6.17 -1.75
N SER A 22 5.41 6.46 -0.86
CA SER A 22 5.63 7.46 0.19
C SER A 22 6.64 6.96 1.20
N SER A 23 6.72 5.65 1.38
CA SER A 23 7.68 5.08 2.32
C SER A 23 9.09 5.23 1.77
N ALA A 24 10.06 5.47 2.65
CA ALA A 24 11.43 5.65 2.21
C ALA A 24 11.96 4.37 1.55
N GLU A 25 11.62 3.23 2.16
CA GLU A 25 12.11 1.93 1.71
C GLU A 25 11.36 1.34 0.51
N LYS A 26 10.32 2.02 0.06
CA LYS A 26 9.45 1.54 -1.03
C LYS A 26 8.83 0.18 -0.73
N ARG A 27 8.45 -0.02 0.53
CA ARG A 27 7.77 -1.24 0.99
C ARG A 27 7.03 -0.83 2.24
N LEU A 28 5.84 -1.39 2.45
CA LEU A 28 5.06 -1.12 3.65
C LEU A 28 4.34 -2.40 4.07
N THR A 29 4.13 -2.59 5.36
CA THR A 29 3.36 -3.74 5.83
C THR A 29 1.89 -3.38 5.69
N LEU A 30 0.99 -4.35 5.79
CA LEU A 30 -0.44 -4.07 5.63
C LEU A 30 -0.93 -3.01 6.62
N SER A 31 -0.46 -3.07 7.86
CA SER A 31 -0.88 -2.11 8.88
C SER A 31 -0.48 -0.69 8.52
N GLN A 32 0.72 -0.55 7.96
CA GLN A 32 1.24 0.75 7.59
C GLN A 32 0.46 1.36 6.43
N ILE A 33 0.03 0.52 5.50
CA ILE A 33 -0.76 0.98 4.36
C ILE A 33 -2.10 1.50 4.88
N TYR A 34 -2.66 0.81 5.89
CA TYR A 34 -3.90 1.27 6.49
C TYR A 34 -3.68 2.64 7.10
N GLU A 35 -2.65 2.80 7.90
CA GLU A 35 -2.38 4.07 8.54
C GLU A 35 -2.18 5.19 7.52
N TRP A 36 -1.49 4.89 6.43
CA TRP A 36 -1.23 5.90 5.42
C TRP A 36 -2.54 6.42 4.86
N MET A 37 -3.51 5.56 4.59
CA MET A 37 -4.78 6.03 4.02
C MET A 37 -5.56 6.86 5.02
N VAL A 38 -5.50 6.50 6.30
CA VAL A 38 -6.19 7.27 7.35
C VAL A 38 -5.58 8.68 7.47
N LYS A 39 -4.27 8.77 7.36
CA LYS A 39 -3.60 10.07 7.47
C LYS A 39 -3.67 10.89 6.17
N SER A 40 -3.64 10.22 5.03
CA SER A 40 -3.60 10.88 3.72
C SER A 40 -4.96 11.23 3.10
N VAL A 41 -5.96 10.38 3.32
CA VAL A 41 -7.27 10.59 2.68
C VAL A 41 -8.36 10.77 3.73
N PRO A 42 -9.03 11.94 3.75
CA PRO A 42 -10.04 12.13 4.79
C PRO A 42 -11.24 11.19 4.63
N TYR A 43 -11.51 10.74 3.42
CA TYR A 43 -12.60 9.80 3.18
C TYR A 43 -12.36 8.50 3.94
N PHE A 44 -11.14 7.99 3.89
CA PHE A 44 -10.84 6.73 4.55
C PHE A 44 -10.69 6.93 6.06
N LYS A 45 -10.33 8.13 6.46
CA LYS A 45 -10.26 8.48 7.88
C LYS A 45 -11.67 8.44 8.48
N ASP A 46 -12.60 9.03 7.74
CA ASP A 46 -14.01 9.09 8.13
C ASP A 46 -14.61 7.69 8.21
N LYS A 47 -14.15 6.80 7.34
CA LYS A 47 -14.69 5.43 7.27
C LYS A 47 -13.89 4.47 8.16
N GLY A 48 -13.21 5.01 9.15
CA GLY A 48 -12.37 4.19 10.03
C GLY A 48 -13.08 3.43 11.13
N ASP A 49 -14.40 3.40 11.12
CA ASP A 49 -15.19 2.69 12.14
C ASP A 49 -14.81 1.21 12.23
N SER A 50 -14.94 0.65 13.42
CA SER A 50 -14.60 -0.74 13.65
C SER A 50 -15.35 -1.71 12.73
N ASN A 51 -16.63 -1.45 12.51
CA ASN A 51 -17.41 -2.32 11.61
C ASN A 51 -17.04 -2.08 10.15
N SER A 52 -16.85 -0.81 9.80
CA SER A 52 -16.52 -0.44 8.43
C SER A 52 -15.17 -1.00 8.02
N SER A 53 -14.30 -1.20 9.01
CA SER A 53 -12.97 -1.75 8.81
C SER A 53 -13.00 -3.08 8.06
N ALA A 54 -14.08 -3.83 8.22
CA ALA A 54 -14.21 -5.12 7.54
C ALA A 54 -14.03 -4.98 6.02
N GLY A 55 -14.74 -4.04 5.41
CA GLY A 55 -14.63 -3.85 3.96
C GLY A 55 -13.41 -3.03 3.59
N TRP A 56 -13.06 -2.11 4.47
CA TRP A 56 -11.91 -1.20 4.33
C TRP A 56 -10.63 -2.02 4.13
N LYS A 57 -10.38 -2.94 5.05
CA LYS A 57 -9.17 -3.78 5.04
C LYS A 57 -9.24 -4.84 3.95
N ASN A 58 -10.42 -5.40 3.72
CA ASN A 58 -10.56 -6.48 2.72
C ASN A 58 -10.30 -5.99 1.31
N SER A 59 -10.75 -4.78 0.98
CA SER A 59 -10.55 -4.26 -0.37
C SER A 59 -9.07 -4.08 -0.69
N ILE A 60 -8.29 -3.65 0.30
CA ILE A 60 -6.84 -3.49 0.10
C ILE A 60 -6.23 -4.86 -0.11
N ARG A 61 -6.62 -5.83 0.71
CA ARG A 61 -6.07 -7.17 0.62
C ARG A 61 -6.42 -7.80 -0.73
N HIS A 62 -7.63 -7.59 -1.21
CA HIS A 62 -8.03 -8.10 -2.52
C HIS A 62 -7.16 -7.51 -3.61
N ASN A 63 -6.97 -6.20 -3.58
CA ASN A 63 -6.16 -5.51 -4.61
C ASN A 63 -4.72 -6.01 -4.58
N LEU A 64 -4.19 -6.28 -3.40
CA LEU A 64 -2.82 -6.81 -3.27
C LEU A 64 -2.75 -8.22 -3.83
N SER A 65 -3.80 -9.01 -3.62
CA SER A 65 -3.83 -10.41 -4.04
C SER A 65 -3.90 -10.59 -5.55
N LEU A 66 -4.24 -9.52 -6.27
CA LEU A 66 -4.25 -9.57 -7.74
C LEU A 66 -2.82 -9.81 -8.22
N HIS A 67 -1.86 -9.35 -7.42
CA HIS A 67 -0.42 -9.55 -7.60
C HIS A 67 0.22 -9.15 -8.95
N SER A 68 -0.54 -8.58 -9.85
CA SER A 68 -0.02 -8.17 -11.15
C SER A 68 1.13 -7.18 -10.98
N LYS A 69 0.90 -6.17 -10.13
CA LYS A 69 1.94 -5.18 -9.83
C LYS A 69 2.42 -5.16 -8.38
N PHE A 70 1.65 -5.77 -7.48
CA PHE A 70 1.97 -5.76 -6.05
C PHE A 70 2.61 -7.07 -5.69
N ILE A 71 3.70 -7.01 -4.93
CA ILE A 71 4.44 -8.22 -4.58
C ILE A 71 4.57 -8.30 -3.07
N ARG A 72 4.78 -9.50 -2.57
CA ARG A 72 4.88 -9.75 -1.14
C ARG A 72 6.33 -10.08 -0.80
N VAL A 73 6.83 -9.52 0.29
CA VAL A 73 8.19 -9.73 0.74
C VAL A 73 8.15 -10.21 2.18
N GLN A 74 8.99 -11.17 2.49
CA GLN A 74 9.07 -11.75 3.82
C GLN A 74 10.03 -10.93 4.68
N ASN A 75 9.98 -11.12 5.98
CA ASN A 75 10.85 -10.43 6.92
C ASN A 75 11.40 -11.47 7.88
N GLU A 76 12.46 -11.11 8.60
CA GLU A 76 13.11 -12.02 9.54
C GLU A 76 12.27 -12.15 10.80
N GLY A 77 11.67 -11.04 11.21
CA GLY A 77 10.81 -11.02 12.37
C GLY A 77 10.21 -9.64 12.39
N THR A 78 10.40 -8.98 13.52
CA THR A 78 9.88 -7.63 13.84
C THR A 78 8.40 -7.31 13.51
N GLY A 79 7.62 -8.35 13.22
CA GLY A 79 6.22 -8.18 12.91
C GLY A 79 5.73 -9.33 12.07
N LYS A 80 4.59 -9.90 12.43
CA LYS A 80 4.02 -11.02 11.67
C LYS A 80 3.39 -10.57 10.36
N SER A 81 3.24 -9.27 10.19
CA SER A 81 2.70 -8.71 8.96
C SER A 81 3.81 -8.66 7.90
N SER A 82 3.58 -9.31 6.77
CA SER A 82 4.55 -9.32 5.69
C SER A 82 4.65 -7.95 5.03
N TRP A 83 5.73 -7.72 4.29
CA TRP A 83 5.95 -6.48 3.58
C TRP A 83 5.21 -6.59 2.27
N TRP A 84 4.75 -5.47 1.75
CA TRP A 84 4.12 -5.41 0.44
C TRP A 84 4.79 -4.26 -0.29
N MET A 85 5.15 -4.48 -1.54
CA MET A 85 5.82 -3.45 -2.33
C MET A 85 5.47 -3.56 -3.79
N LEU A 86 5.98 -2.63 -4.59
CA LEU A 86 5.71 -2.61 -6.03
C LEU A 86 6.79 -3.43 -6.71
N ASN A 87 6.42 -4.17 -7.74
CA ASN A 87 7.37 -5.02 -8.46
C ASN A 87 8.59 -4.20 -8.94
N PRO A 88 9.83 -4.58 -8.52
CA PRO A 88 10.96 -3.76 -8.93
C PRO A 88 11.34 -3.82 -10.41
N GLU A 89 11.28 -5.00 -11.01
CA GLU A 89 11.61 -5.11 -12.42
C GLU A 89 10.38 -4.74 -13.25
N GLY A 90 9.22 -4.83 -12.60
CA GLY A 90 7.96 -4.46 -13.23
C GLY A 90 7.60 -3.03 -12.85
N GLY A 91 8.63 -2.21 -12.66
CA GLY A 91 8.41 -0.85 -12.24
C GLY A 91 9.71 -0.07 -12.14
N LYS A 92 9.78 0.81 -11.16
CA LYS A 92 10.96 1.65 -10.94
C LYS A 92 11.56 1.43 -9.56
N SER A 93 11.00 0.48 -8.82
CA SER A 93 11.46 0.17 -7.47
C SER A 93 12.81 -0.54 -7.53
N GLY A 94 13.56 -0.51 -6.44
CA GLY A 94 14.85 -1.20 -6.38
C GLY A 94 15.99 -0.41 -7.01
N LYS A 95 15.79 0.11 -8.22
CA LYS A 95 16.80 0.90 -8.94
C LYS A 95 18.17 0.22 -8.98
N SER A 96 18.16 -1.09 -9.16
CA SER A 96 19.39 -1.89 -9.15
C SER A 96 19.47 -2.67 -10.47
N PRO A 97 20.67 -3.15 -10.85
CA PRO A 97 20.74 -3.91 -12.10
C PRO A 97 19.94 -5.21 -12.03
N ARG A 98 19.48 -5.69 -13.18
CA ARG A 98 18.64 -6.88 -13.26
C ARG A 98 19.39 -7.99 -13.97
N ARG A 99 19.32 -9.19 -13.42
CA ARG A 99 20.04 -10.35 -13.96
C ARG A 99 19.07 -11.17 -14.82
N ARG A 100 19.58 -11.78 -15.88
CA ARG A 100 18.78 -12.62 -16.79
C ARG A 100 19.70 -13.70 -17.33
N ALA A 101 19.12 -14.66 -18.05
CA ALA A 101 19.87 -15.73 -18.70
C ALA A 101 19.09 -16.04 -19.97
N ALA A 102 19.74 -16.63 -20.96
CA ALA A 102 19.09 -16.96 -22.25
C ALA A 102 19.70 -18.23 -22.84
N SER A 103 20.08 -19.15 -21.98
CA SER A 103 20.72 -20.40 -22.40
C SER A 103 19.71 -21.40 -22.97
N MET A 104 19.43 -21.28 -24.28
CA MET A 104 18.48 -22.15 -24.96
C MET A 104 18.86 -22.31 -26.44
N ASP A 105 20.14 -22.38 -26.72
CA ASP A 105 20.62 -22.50 -28.09
C ASP A 105 20.21 -23.85 -28.68
N ASN A 106 20.00 -23.87 -29.98
CA ASN A 106 19.55 -25.08 -30.67
C ASN A 106 20.08 -25.15 -32.10
N ASN A 107 20.87 -24.16 -32.48
CA ASN A 107 21.36 -24.01 -33.86
C ASN A 107 22.48 -24.98 -34.25
N SER A 108 22.93 -25.80 -33.31
CA SER A 108 23.98 -26.79 -33.57
C SER A 108 23.55 -27.85 -34.61
N LYS A 109 22.27 -27.88 -34.93
CA LYS A 109 21.71 -28.81 -35.92
C LYS A 109 21.93 -28.28 -37.35
N PHE A 110 23.18 -27.92 -37.65
CA PHE A 110 23.54 -27.35 -38.94
C PHE A 110 23.55 -28.39 -40.05
N ALA A 111 22.55 -28.38 -40.90
CA ALA A 111 22.46 -29.31 -42.02
C ALA A 111 21.73 -28.63 -43.18
N LYS A 112 21.90 -29.17 -44.38
CA LYS A 112 21.22 -28.68 -45.59
C LYS A 112 20.91 -29.87 -46.47
N SER A 113 19.64 -30.15 -46.70
CA SER A 113 19.25 -31.27 -47.57
C SER A 113 19.70 -31.03 -49.02
N ARG A 114 19.65 -29.76 -49.43
CA ARG A 114 20.06 -29.29 -50.77
C ARG A 114 19.20 -29.88 -51.91
N GLY A 115 19.22 -29.22 -53.06
CA GLY A 115 18.52 -29.73 -54.23
C GLY A 115 19.45 -30.66 -54.98
N ARG A 116 18.95 -31.27 -56.04
CA ARG A 116 19.75 -32.16 -56.89
C ARG A 116 19.83 -31.52 -58.27
N ALA A 117 20.95 -31.66 -58.93
CA ALA A 117 21.12 -31.08 -60.27
C ALA A 117 20.42 -31.99 -61.27
N ALA A 118 19.71 -31.39 -62.22
CA ALA A 118 19.05 -32.15 -63.28
C ALA A 118 19.96 -32.20 -64.51
N LYS A 119 20.88 -31.24 -64.59
CA LYS A 119 21.79 -31.05 -65.72
C LYS A 119 20.94 -30.75 -66.96
N GLY A 1 -10.84 30.87 -7.91
CA GLY A 1 -11.61 30.03 -8.85
C GLY A 1 -11.55 28.58 -8.44
N PRO A 2 -12.04 27.64 -9.26
CA PRO A 2 -11.94 26.23 -8.84
C PRO A 2 -10.48 25.78 -8.85
N LEU A 3 -10.17 24.79 -8.02
CA LEU A 3 -8.80 24.29 -7.91
C LEU A 3 -8.81 22.81 -7.56
N GLY A 4 -7.98 22.02 -8.23
CA GLY A 4 -7.83 20.62 -7.89
C GLY A 4 -6.79 20.52 -6.82
N SER A 5 -7.19 20.78 -5.58
CA SER A 5 -6.28 20.77 -4.43
C SER A 5 -5.98 19.35 -3.96
N ALA A 6 -6.67 18.39 -4.55
CA ALA A 6 -6.51 17.00 -4.21
C ALA A 6 -6.87 16.19 -5.46
N TRP A 7 -6.64 14.88 -5.39
CA TRP A 7 -6.94 13.99 -6.49
C TRP A 7 -8.43 13.83 -6.65
N GLY A 8 -8.82 13.24 -7.77
CA GLY A 8 -10.23 12.94 -8.02
C GLY A 8 -10.63 11.60 -7.43
N ASN A 9 -10.60 10.56 -8.26
CA ASN A 9 -11.04 9.22 -7.84
C ASN A 9 -9.97 8.14 -7.97
N LEU A 10 -8.99 8.13 -7.07
CA LEU A 10 -7.99 7.09 -7.04
C LEU A 10 -8.62 5.79 -6.56
N SER A 11 -8.28 4.69 -7.22
CA SER A 11 -8.78 3.38 -6.83
C SER A 11 -7.94 2.87 -5.68
N TYR A 12 -8.34 1.76 -5.08
CA TYR A 12 -7.59 1.17 -3.99
C TYR A 12 -6.15 0.92 -4.41
N ALA A 13 -5.95 0.36 -5.59
CA ALA A 13 -4.61 0.05 -6.07
C ALA A 13 -3.72 1.30 -6.10
N ASP A 14 -4.26 2.42 -6.55
CA ASP A 14 -3.48 3.66 -6.65
C ASP A 14 -3.10 4.18 -5.28
N LEU A 15 -4.03 4.13 -4.35
CA LEU A 15 -3.77 4.56 -2.98
C LEU A 15 -2.76 3.66 -2.29
N ILE A 16 -2.88 2.36 -2.47
CA ILE A 16 -1.92 1.40 -1.87
C ILE A 16 -0.55 1.68 -2.46
N THR A 17 -0.51 1.90 -3.76
CA THR A 17 0.74 2.21 -4.44
C THR A 17 1.35 3.49 -3.88
N LYS A 18 0.55 4.54 -3.72
CA LYS A 18 1.06 5.79 -3.18
C LYS A 18 1.61 5.62 -1.77
N ALA A 19 0.99 4.75 -0.98
CA ALA A 19 1.47 4.50 0.37
C ALA A 19 2.89 3.92 0.30
N ILE A 20 3.08 2.97 -0.61
CA ILE A 20 4.38 2.31 -0.76
C ILE A 20 5.40 3.33 -1.29
N GLU A 21 4.98 4.17 -2.22
CA GLU A 21 5.87 5.19 -2.79
C GLU A 21 6.26 6.23 -1.73
N SER A 22 5.40 6.45 -0.76
CA SER A 22 5.66 7.45 0.28
C SER A 22 6.63 6.92 1.32
N SER A 23 6.69 5.60 1.44
CA SER A 23 7.57 4.99 2.43
C SER A 23 9.03 5.15 2.06
N ALA A 24 9.87 5.34 3.07
CA ALA A 24 11.31 5.52 2.87
C ALA A 24 11.97 4.26 2.31
N GLU A 25 11.35 3.12 2.56
CA GLU A 25 11.91 1.83 2.13
C GLU A 25 11.27 1.28 0.87
N LYS A 26 10.28 2.00 0.34
CA LYS A 26 9.52 1.58 -0.84
C LYS A 26 8.84 0.22 -0.63
N ARG A 27 8.43 -0.04 0.60
CA ARG A 27 7.72 -1.26 0.98
C ARG A 27 6.97 -0.95 2.25
N LEU A 28 5.80 -1.53 2.44
CA LEU A 28 5.00 -1.31 3.65
C LEU A 28 4.29 -2.59 4.07
N THR A 29 3.94 -2.68 5.34
CA THR A 29 3.16 -3.79 5.86
C THR A 29 1.70 -3.35 5.79
N LEU A 30 0.77 -4.27 5.95
CA LEU A 30 -0.66 -3.93 5.85
C LEU A 30 -1.09 -2.84 6.83
N SER A 31 -0.59 -2.89 8.06
CA SER A 31 -0.94 -1.88 9.06
C SER A 31 -0.48 -0.49 8.66
N GLN A 32 0.68 -0.43 8.02
CA GLN A 32 1.25 0.84 7.58
C GLN A 32 0.45 1.43 6.43
N ILE A 33 -0.03 0.58 5.55
CA ILE A 33 -0.85 1.02 4.42
C ILE A 33 -2.14 1.62 4.97
N TYR A 34 -2.68 0.99 6.02
CA TYR A 34 -3.89 1.52 6.65
C TYR A 34 -3.62 2.92 7.20
N GLU A 35 -2.56 3.06 7.99
CA GLU A 35 -2.23 4.35 8.60
C GLU A 35 -2.02 5.42 7.54
N TRP A 36 -1.40 5.07 6.42
CA TRP A 36 -1.16 6.04 5.38
C TRP A 36 -2.49 6.53 4.83
N MET A 37 -3.47 5.65 4.62
CA MET A 37 -4.75 6.09 4.05
C MET A 37 -5.52 6.94 5.07
N VAL A 38 -5.42 6.62 6.35
CA VAL A 38 -6.09 7.41 7.39
C VAL A 38 -5.47 8.81 7.45
N LYS A 39 -4.16 8.90 7.24
CA LYS A 39 -3.48 10.21 7.25
C LYS A 39 -3.65 11.00 5.95
N SER A 40 -3.61 10.30 4.83
CA SER A 40 -3.64 10.93 3.51
C SER A 40 -5.03 11.23 2.95
N VAL A 41 -5.99 10.37 3.24
CA VAL A 41 -7.33 10.53 2.66
C VAL A 41 -8.37 10.72 3.75
N PRO A 42 -9.05 11.88 3.77
CA PRO A 42 -10.04 12.06 4.84
C PRO A 42 -11.24 11.13 4.70
N TYR A 43 -11.50 10.64 3.49
CA TYR A 43 -12.56 9.65 3.28
C TYR A 43 -12.27 8.39 4.07
N PHE A 44 -11.06 7.87 3.96
CA PHE A 44 -10.72 6.63 4.65
C PHE A 44 -10.59 6.86 6.15
N LYS A 45 -10.21 8.07 6.53
CA LYS A 45 -10.15 8.43 7.95
C LYS A 45 -11.54 8.35 8.57
N ASP A 46 -12.53 8.89 7.86
CA ASP A 46 -13.92 8.87 8.30
C ASP A 46 -14.49 7.45 8.33
N LYS A 47 -14.05 6.64 7.37
CA LYS A 47 -14.57 5.28 7.24
C LYS A 47 -13.85 4.27 8.13
N GLY A 48 -13.12 4.76 9.12
CA GLY A 48 -12.39 3.88 10.02
C GLY A 48 -13.25 3.23 11.10
N ASP A 49 -14.56 3.40 11.01
CA ASP A 49 -15.49 2.85 12.01
C ASP A 49 -15.48 1.30 12.04
N SER A 50 -15.97 0.76 13.15
CA SER A 50 -15.93 -0.67 13.45
C SER A 50 -16.44 -1.61 12.34
N ASN A 51 -17.65 -1.39 11.84
CA ASN A 51 -18.17 -2.28 10.81
C ASN A 51 -17.55 -1.95 9.45
N SER A 52 -17.24 -0.68 9.23
CA SER A 52 -16.64 -0.24 7.97
C SER A 52 -15.26 -0.87 7.81
N SER A 53 -14.59 -1.12 8.92
CA SER A 53 -13.27 -1.74 8.94
C SER A 53 -13.25 -3.09 8.21
N ALA A 54 -14.38 -3.78 8.16
CA ALA A 54 -14.45 -5.06 7.47
C ALA A 54 -14.13 -4.91 5.97
N GLY A 55 -14.73 -3.92 5.32
CA GLY A 55 -14.52 -3.71 3.90
C GLY A 55 -13.22 -2.98 3.64
N TRP A 56 -12.84 -2.16 4.61
CA TRP A 56 -11.63 -1.36 4.58
C TRP A 56 -10.40 -2.25 4.33
N LYS A 57 -10.20 -3.22 5.23
CA LYS A 57 -9.06 -4.12 5.15
C LYS A 57 -9.20 -5.15 4.02
N ASN A 58 -10.42 -5.55 3.72
CA ASN A 58 -10.64 -6.58 2.70
C ASN A 58 -10.25 -6.08 1.32
N SER A 59 -10.74 -4.91 0.93
CA SER A 59 -10.47 -4.38 -0.40
C SER A 59 -8.98 -4.18 -0.68
N ILE A 60 -8.24 -3.73 0.33
CA ILE A 60 -6.80 -3.55 0.19
C ILE A 60 -6.14 -4.92 0.04
N ARG A 61 -6.50 -5.86 0.90
CA ARG A 61 -5.92 -7.19 0.86
C ARG A 61 -6.23 -7.91 -0.45
N HIS A 62 -7.43 -7.71 -0.96
CA HIS A 62 -7.83 -8.32 -2.23
C HIS A 62 -6.92 -7.81 -3.34
N ASN A 63 -6.77 -6.49 -3.44
CA ASN A 63 -5.96 -5.88 -4.50
C ASN A 63 -4.51 -6.36 -4.42
N LEU A 64 -3.99 -6.47 -3.20
CA LEU A 64 -2.63 -6.95 -2.99
C LEU A 64 -2.47 -8.41 -3.41
N SER A 65 -3.50 -9.20 -3.18
CA SER A 65 -3.47 -10.64 -3.47
C SER A 65 -3.58 -10.95 -4.95
N LEU A 66 -3.87 -9.95 -5.77
CA LEU A 66 -3.90 -10.17 -7.22
C LEU A 66 -2.47 -10.23 -7.74
N HIS A 67 -1.57 -9.58 -7.01
CA HIS A 67 -0.13 -9.52 -7.31
C HIS A 67 0.22 -8.93 -8.70
N SER A 68 -0.75 -8.31 -9.36
CA SER A 68 -0.52 -7.75 -10.69
C SER A 68 0.51 -6.63 -10.68
N LYS A 69 0.37 -5.74 -9.71
CA LYS A 69 1.33 -4.63 -9.53
C LYS A 69 2.14 -4.80 -8.26
N PHE A 70 1.55 -5.45 -7.29
CA PHE A 70 2.17 -5.59 -5.97
C PHE A 70 2.86 -6.93 -5.83
N ILE A 71 3.96 -6.94 -5.11
CA ILE A 71 4.69 -8.17 -4.86
C ILE A 71 4.82 -8.27 -3.34
N ARG A 72 5.13 -9.45 -2.85
CA ARG A 72 5.17 -9.69 -1.40
C ARG A 72 6.57 -10.15 -1.03
N VAL A 73 7.11 -9.56 0.02
CA VAL A 73 8.46 -9.89 0.48
C VAL A 73 8.38 -10.45 1.89
N GLN A 74 9.21 -11.45 2.14
CA GLN A 74 9.32 -12.02 3.48
C GLN A 74 10.07 -10.98 4.32
N ASN A 75 10.12 -11.18 5.62
CA ASN A 75 10.80 -10.24 6.49
C ASN A 75 12.23 -10.68 6.70
N GLU A 76 13.11 -9.73 6.90
CA GLU A 76 14.55 -10.00 7.12
C GLU A 76 14.76 -10.80 8.40
N GLY A 77 13.82 -10.71 9.33
CA GLY A 77 13.87 -11.46 10.56
C GLY A 77 12.49 -11.65 11.11
N THR A 78 12.36 -11.33 12.38
CA THR A 78 11.14 -11.58 13.16
C THR A 78 10.01 -10.54 12.94
N GLY A 79 9.97 -9.97 11.74
CA GLY A 79 8.96 -8.96 11.44
C GLY A 79 7.56 -9.54 11.39
N LYS A 80 7.46 -10.80 10.95
CA LYS A 80 6.22 -11.59 10.81
C LYS A 80 5.15 -11.06 9.85
N SER A 81 4.94 -9.75 9.82
CA SER A 81 4.00 -9.15 8.89
C SER A 81 4.72 -8.92 7.58
N SER A 82 4.42 -9.75 6.59
CA SER A 82 5.06 -9.66 5.29
C SER A 82 4.94 -8.27 4.67
N TRP A 83 5.95 -7.91 3.89
CA TRP A 83 6.00 -6.63 3.21
C TRP A 83 5.23 -6.71 1.93
N TRP A 84 4.66 -5.59 1.53
CA TRP A 84 4.02 -5.46 0.25
C TRP A 84 4.72 -4.29 -0.42
N MET A 85 5.08 -4.43 -1.68
CA MET A 85 5.77 -3.37 -2.39
C MET A 85 5.43 -3.49 -3.86
N LEU A 86 5.89 -2.53 -4.65
CA LEU A 86 5.61 -2.53 -6.08
C LEU A 86 6.59 -3.42 -6.80
N ASN A 87 6.17 -4.02 -7.90
CA ASN A 87 7.06 -4.84 -8.71
C ASN A 87 8.15 -3.93 -9.32
N PRO A 88 9.45 -4.22 -9.05
CA PRO A 88 10.52 -3.35 -9.58
C PRO A 88 10.69 -3.38 -11.10
N GLU A 89 10.35 -4.49 -11.72
CA GLU A 89 10.43 -4.62 -13.17
C GLU A 89 9.34 -3.78 -13.80
N GLY A 90 8.32 -3.49 -13.01
CA GLY A 90 7.24 -2.61 -13.44
C GLY A 90 7.61 -1.16 -13.14
N GLY A 91 8.87 -0.82 -13.39
CA GLY A 91 9.39 0.51 -13.09
C GLY A 91 10.90 0.47 -13.13
N LYS A 92 11.54 0.84 -12.02
CA LYS A 92 12.99 0.79 -11.89
C LYS A 92 13.29 0.23 -10.51
N SER A 93 14.35 -0.55 -10.39
CA SER A 93 14.73 -1.14 -9.11
C SER A 93 15.61 -0.15 -8.32
N GLY A 94 15.50 -0.16 -7.01
CA GLY A 94 16.30 0.73 -6.18
C GLY A 94 16.24 0.32 -4.73
N LYS A 95 17.18 0.81 -3.93
CA LYS A 95 17.29 0.52 -2.48
C LYS A 95 17.36 -0.99 -2.15
N SER A 96 17.63 -1.81 -3.15
CA SER A 96 17.73 -3.25 -2.96
C SER A 96 19.19 -3.60 -2.64
N PRO A 97 19.43 -4.75 -1.97
CA PRO A 97 20.84 -5.09 -1.74
C PRO A 97 21.54 -5.49 -3.03
N ARG A 98 22.84 -5.23 -3.12
CA ARG A 98 23.63 -5.56 -4.30
C ARG A 98 24.95 -6.16 -3.84
N ARG A 99 25.61 -6.89 -4.74
CA ARG A 99 26.92 -7.53 -4.46
C ARG A 99 26.88 -8.47 -3.26
N ARG A 100 25.73 -9.09 -3.05
CA ARG A 100 25.55 -10.09 -2.01
C ARG A 100 25.47 -11.41 -2.76
N ALA A 101 26.12 -12.43 -2.24
CA ALA A 101 26.16 -13.75 -2.89
C ALA A 101 26.29 -14.84 -1.83
N ALA A 102 25.52 -14.71 -0.77
CA ALA A 102 25.55 -15.69 0.30
C ALA A 102 24.69 -16.88 -0.14
N SER A 103 25.04 -18.08 0.32
CA SER A 103 24.29 -19.28 -0.01
C SER A 103 24.32 -20.18 1.20
N MET A 104 23.31 -21.03 1.32
CA MET A 104 23.19 -21.95 2.43
C MET A 104 22.29 -23.06 1.90
N ASP A 105 22.36 -24.24 2.49
CA ASP A 105 21.55 -25.41 2.11
C ASP A 105 21.81 -25.88 0.66
N ASN A 106 21.04 -26.86 0.21
CA ASN A 106 21.21 -27.40 -1.12
C ASN A 106 20.72 -26.39 -2.17
N ASN A 107 21.44 -26.30 -3.28
CA ASN A 107 21.09 -25.35 -4.34
C ASN A 107 20.96 -26.04 -5.69
N SER A 108 19.78 -26.59 -5.94
CA SER A 108 19.51 -27.26 -7.22
C SER A 108 19.30 -26.23 -8.31
N LYS A 109 19.98 -26.43 -9.43
CA LYS A 109 19.92 -25.52 -10.58
C LYS A 109 20.28 -26.33 -11.84
N PHE A 110 19.39 -27.23 -12.22
CA PHE A 110 19.65 -28.09 -13.38
C PHE A 110 19.68 -27.25 -14.64
N ALA A 111 20.52 -27.65 -15.59
CA ALA A 111 20.71 -26.89 -16.81
C ALA A 111 19.58 -27.13 -17.83
N LYS A 112 19.24 -26.08 -18.56
CA LYS A 112 18.23 -26.19 -19.62
C LYS A 112 18.84 -26.93 -20.81
N SER A 113 18.05 -27.74 -21.48
CA SER A 113 18.52 -28.49 -22.64
C SER A 113 18.15 -27.78 -23.94
N ARG A 114 18.80 -28.16 -25.03
CA ARG A 114 18.48 -27.62 -26.35
C ARG A 114 17.60 -28.66 -27.06
N GLY A 115 16.87 -28.25 -28.08
CA GLY A 115 16.04 -29.18 -28.82
C GLY A 115 15.48 -28.51 -30.06
N ARG A 116 14.76 -29.28 -30.88
CA ARG A 116 14.17 -28.81 -32.16
C ARG A 116 15.25 -28.41 -33.18
N ALA A 117 14.80 -28.08 -34.39
CA ALA A 117 15.66 -27.69 -35.49
C ALA A 117 14.79 -26.83 -36.41
N ALA A 118 15.31 -26.49 -37.57
CA ALA A 118 14.57 -25.73 -38.57
C ALA A 118 13.59 -26.68 -39.28
N LYS A 119 12.92 -26.17 -40.31
CA LYS A 119 12.02 -26.98 -41.13
C LYS A 119 12.82 -27.71 -42.20
N GLY A 1 -13.88 24.08 -12.59
CA GLY A 1 -13.29 24.12 -11.24
C GLY A 1 -12.17 25.11 -11.17
N PRO A 2 -11.39 25.17 -10.08
CA PRO A 2 -10.27 26.10 -10.05
C PRO A 2 -9.14 25.60 -10.94
N LEU A 3 -8.15 26.44 -11.19
CA LEU A 3 -7.01 26.06 -12.03
C LEU A 3 -5.95 25.37 -11.19
N GLY A 4 -6.11 24.06 -11.03
CA GLY A 4 -5.14 23.26 -10.30
C GLY A 4 -5.26 21.82 -10.71
N SER A 5 -4.19 21.05 -10.51
CA SER A 5 -4.19 19.64 -10.87
C SER A 5 -4.97 18.83 -9.82
N ALA A 6 -5.73 17.85 -10.28
CA ALA A 6 -6.51 16.98 -9.41
C ALA A 6 -6.50 15.61 -10.05
N TRP A 7 -6.94 14.60 -9.33
CA TRP A 7 -6.96 13.25 -9.86
C TRP A 7 -8.33 12.88 -10.40
N GLY A 8 -8.36 11.87 -11.27
CA GLY A 8 -9.60 11.32 -11.77
C GLY A 8 -10.12 10.22 -10.86
N ASN A 9 -10.19 10.53 -9.57
CA ASN A 9 -10.61 9.60 -8.51
C ASN A 9 -9.70 8.35 -8.36
N LEU A 10 -8.79 8.40 -7.41
CA LEU A 10 -7.86 7.28 -7.19
C LEU A 10 -8.59 6.01 -6.78
N SER A 11 -8.19 4.90 -7.38
CA SER A 11 -8.74 3.59 -7.02
C SER A 11 -7.96 3.07 -5.80
N TYR A 12 -8.46 1.99 -5.20
CA TYR A 12 -7.76 1.36 -4.07
C TYR A 12 -6.31 1.04 -4.43
N ALA A 13 -6.08 0.48 -5.61
CA ALA A 13 -4.73 0.10 -6.03
C ALA A 13 -3.79 1.32 -6.04
N ASP A 14 -4.29 2.46 -6.48
CA ASP A 14 -3.48 3.67 -6.59
C ASP A 14 -3.11 4.19 -5.21
N LEU A 15 -4.04 4.10 -4.29
CA LEU A 15 -3.80 4.54 -2.91
C LEU A 15 -2.79 3.63 -2.22
N ILE A 16 -2.92 2.33 -2.44
CA ILE A 16 -1.98 1.36 -1.88
C ILE A 16 -0.59 1.67 -2.46
N THR A 17 -0.54 1.89 -3.75
CA THR A 17 0.73 2.20 -4.41
C THR A 17 1.32 3.47 -3.85
N LYS A 18 0.52 4.51 -3.69
CA LYS A 18 1.01 5.79 -3.18
C LYS A 18 1.63 5.63 -1.80
N ALA A 19 1.04 4.82 -0.95
CA ALA A 19 1.56 4.58 0.38
C ALA A 19 2.97 3.97 0.28
N ILE A 20 3.14 3.02 -0.62
CA ILE A 20 4.43 2.33 -0.79
C ILE A 20 5.48 3.29 -1.35
N GLU A 21 5.09 4.12 -2.31
CA GLU A 21 6.02 5.08 -2.92
C GLU A 21 6.43 6.14 -1.91
N SER A 22 5.53 6.42 -0.99
CA SER A 22 5.75 7.43 0.05
C SER A 22 6.75 6.89 1.06
N SER A 23 6.86 5.59 1.18
CA SER A 23 7.78 5.01 2.13
C SER A 23 9.21 5.09 1.57
N ALA A 24 10.15 5.48 2.40
CA ALA A 24 11.54 5.63 1.95
C ALA A 24 12.12 4.27 1.52
N GLU A 25 11.72 3.22 2.21
CA GLU A 25 12.20 1.86 1.90
C GLU A 25 11.46 1.22 0.72
N LYS A 26 10.46 1.92 0.18
CA LYS A 26 9.63 1.45 -0.94
C LYS A 26 8.93 0.13 -0.64
N ARG A 27 8.51 -0.04 0.60
CA ARG A 27 7.77 -1.23 1.05
C ARG A 27 7.03 -0.87 2.32
N LEU A 28 5.81 -1.39 2.47
CA LEU A 28 5.00 -1.15 3.67
C LEU A 28 4.27 -2.43 4.08
N THR A 29 3.93 -2.55 5.34
CA THR A 29 3.17 -3.69 5.84
C THR A 29 1.70 -3.35 5.71
N LEU A 30 0.81 -4.32 5.87
CA LEU A 30 -0.63 -4.02 5.74
C LEU A 30 -1.09 -2.96 6.73
N SER A 31 -0.57 -3.00 7.95
CA SER A 31 -0.94 -2.02 8.98
C SER A 31 -0.51 -0.61 8.58
N GLN A 32 0.68 -0.49 7.99
CA GLN A 32 1.20 0.81 7.59
C GLN A 32 0.35 1.42 6.47
N ILE A 33 -0.10 0.57 5.56
CA ILE A 33 -0.92 1.03 4.45
C ILE A 33 -2.23 1.57 4.99
N TYR A 34 -2.79 0.91 6.01
CA TYR A 34 -4.01 1.42 6.62
C TYR A 34 -3.76 2.78 7.22
N GLU A 35 -2.69 2.91 7.99
CA GLU A 35 -2.37 4.18 8.63
C GLU A 35 -2.18 5.29 7.60
N TRP A 36 -1.49 4.98 6.50
CA TRP A 36 -1.25 5.96 5.46
C TRP A 36 -2.55 6.48 4.89
N MET A 37 -3.52 5.60 4.66
CA MET A 37 -4.79 6.04 4.08
C MET A 37 -5.60 6.87 5.08
N VAL A 38 -5.55 6.51 6.35
CA VAL A 38 -6.27 7.27 7.40
C VAL A 38 -5.68 8.68 7.48
N LYS A 39 -4.37 8.80 7.46
CA LYS A 39 -3.73 10.10 7.58
C LYS A 39 -3.80 10.93 6.30
N SER A 40 -3.61 10.30 5.15
CA SER A 40 -3.54 11.02 3.88
C SER A 40 -4.85 11.20 3.12
N VAL A 41 -5.91 10.51 3.53
CA VAL A 41 -7.21 10.62 2.87
C VAL A 41 -8.32 10.81 3.90
N PRO A 42 -8.99 11.98 3.89
CA PRO A 42 -10.02 12.16 4.92
C PRO A 42 -11.20 11.20 4.78
N TYR A 43 -11.40 10.66 3.57
CA TYR A 43 -12.44 9.66 3.34
C TYR A 43 -12.18 8.41 4.18
N PHE A 44 -10.94 7.97 4.24
CA PHE A 44 -10.62 6.75 4.99
C PHE A 44 -10.48 7.02 6.47
N LYS A 45 -10.22 8.26 6.83
CA LYS A 45 -10.26 8.63 8.25
C LYS A 45 -11.69 8.48 8.73
N ASP A 46 -12.63 8.93 7.90
CA ASP A 46 -14.04 8.90 8.25
C ASP A 46 -14.58 7.47 8.26
N LYS A 47 -14.05 6.63 7.38
CA LYS A 47 -14.49 5.24 7.27
C LYS A 47 -13.73 4.33 8.23
N GLY A 48 -13.14 4.91 9.26
CA GLY A 48 -12.38 4.16 10.25
C GLY A 48 -13.23 3.37 11.22
N ASP A 49 -14.55 3.35 10.99
CA ASP A 49 -15.49 2.64 11.84
C ASP A 49 -15.13 1.15 11.99
N SER A 50 -15.35 0.63 13.19
CA SER A 50 -14.94 -0.74 13.54
C SER A 50 -15.62 -1.83 12.69
N ASN A 51 -16.89 -1.65 12.32
CA ASN A 51 -17.55 -2.66 11.48
C ASN A 51 -17.08 -2.48 10.04
N SER A 52 -16.86 -1.24 9.63
CA SER A 52 -16.37 -0.92 8.29
C SER A 52 -14.96 -1.48 8.09
N SER A 53 -14.24 -1.70 9.18
CA SER A 53 -12.89 -2.29 9.13
C SER A 53 -12.87 -3.60 8.35
N ALA A 54 -13.96 -4.35 8.40
CA ALA A 54 -14.06 -5.63 7.68
C ALA A 54 -13.86 -5.42 6.17
N GLY A 55 -14.57 -4.44 5.59
CA GLY A 55 -14.44 -4.19 4.16
C GLY A 55 -13.19 -3.40 3.82
N TRP A 56 -12.75 -2.57 4.76
CA TRP A 56 -11.53 -1.74 4.65
C TRP A 56 -10.35 -2.63 4.26
N LYS A 57 -10.10 -3.66 5.06
CA LYS A 57 -8.97 -4.53 4.82
C LYS A 57 -9.21 -5.50 3.67
N ASN A 58 -10.45 -5.92 3.46
CA ASN A 58 -10.74 -6.89 2.41
C ASN A 58 -10.53 -6.31 1.02
N SER A 59 -10.91 -5.07 0.82
CA SER A 59 -10.73 -4.43 -0.49
C SER A 59 -9.25 -4.22 -0.81
N ILE A 60 -8.47 -3.86 0.19
CA ILE A 60 -7.02 -3.71 0.00
C ILE A 60 -6.42 -5.09 -0.31
N ARG A 61 -6.87 -6.12 0.40
CA ARG A 61 -6.36 -7.48 0.19
C ARG A 61 -6.69 -7.98 -1.20
N HIS A 62 -7.86 -7.64 -1.71
CA HIS A 62 -8.25 -8.05 -3.07
C HIS A 62 -7.27 -7.45 -4.07
N ASN A 63 -7.03 -6.15 -3.98
CA ASN A 63 -6.12 -5.47 -4.90
C ASN A 63 -4.68 -6.02 -4.80
N LEU A 64 -4.23 -6.34 -3.59
CA LEU A 64 -2.89 -6.92 -3.40
C LEU A 64 -2.81 -8.34 -3.97
N SER A 65 -3.87 -9.10 -3.83
CA SER A 65 -3.91 -10.49 -4.29
C SER A 65 -3.79 -10.64 -5.80
N LEU A 66 -3.96 -9.55 -6.54
CA LEU A 66 -3.80 -9.58 -7.99
C LEU A 66 -2.35 -9.78 -8.35
N HIS A 67 -1.46 -9.31 -7.49
CA HIS A 67 0.02 -9.43 -7.64
C HIS A 67 0.64 -8.88 -8.93
N SER A 68 -0.15 -8.18 -9.73
CA SER A 68 0.35 -7.61 -10.98
C SER A 68 1.30 -6.44 -10.72
N LYS A 69 0.88 -5.55 -9.83
CA LYS A 69 1.69 -4.38 -9.47
C LYS A 69 2.35 -4.53 -8.12
N PHE A 70 1.83 -5.42 -7.31
CA PHE A 70 2.31 -5.60 -5.94
C PHE A 70 2.94 -6.95 -5.77
N ILE A 71 3.98 -7.02 -4.97
CA ILE A 71 4.67 -8.26 -4.66
C ILE A 71 4.74 -8.31 -3.15
N ARG A 72 5.04 -9.49 -2.60
CA ARG A 72 5.09 -9.68 -1.13
C ARG A 72 6.52 -10.07 -0.76
N VAL A 73 7.04 -9.51 0.33
CA VAL A 73 8.43 -9.77 0.76
C VAL A 73 8.49 -10.25 2.21
N GLN A 74 9.41 -11.17 2.46
CA GLN A 74 9.70 -11.64 3.80
C GLN A 74 10.51 -10.55 4.48
N ASN A 75 10.75 -10.71 5.77
CA ASN A 75 11.57 -9.80 6.54
C ASN A 75 12.85 -10.51 6.84
N GLU A 76 13.89 -9.72 7.00
CA GLU A 76 15.21 -10.24 7.32
C GLU A 76 15.30 -10.41 8.85
N GLY A 77 14.84 -9.40 9.56
CA GLY A 77 14.82 -9.43 11.02
C GLY A 77 13.52 -9.94 11.59
N THR A 78 13.22 -11.20 11.32
CA THR A 78 12.03 -11.90 11.81
C THR A 78 10.77 -11.06 12.04
N GLY A 79 10.24 -10.53 10.94
CA GLY A 79 9.12 -9.64 10.98
C GLY A 79 7.87 -10.31 10.50
N LYS A 80 7.05 -10.68 11.47
CA LYS A 80 5.76 -11.34 11.26
C LYS A 80 4.85 -10.66 10.22
N SER A 81 4.85 -9.34 10.18
CA SER A 81 4.03 -8.61 9.23
C SER A 81 4.77 -8.52 7.91
N SER A 82 4.36 -9.33 6.94
CA SER A 82 5.00 -9.34 5.62
C SER A 82 4.93 -7.97 4.93
N TRP A 83 5.95 -7.69 4.14
CA TRP A 83 5.99 -6.45 3.37
C TRP A 83 5.20 -6.63 2.11
N TRP A 84 4.65 -5.53 1.62
CA TRP A 84 3.99 -5.46 0.35
C TRP A 84 4.65 -4.29 -0.33
N MET A 85 5.03 -4.46 -1.57
CA MET A 85 5.72 -3.41 -2.29
C MET A 85 5.44 -3.53 -3.76
N LEU A 86 5.87 -2.57 -4.55
CA LEU A 86 5.64 -2.59 -5.99
C LEU A 86 6.66 -3.52 -6.61
N ASN A 87 6.31 -4.13 -7.74
CA ASN A 87 7.26 -5.01 -8.42
C ASN A 87 8.43 -4.12 -8.90
N PRO A 88 9.69 -4.46 -8.49
CA PRO A 88 10.85 -3.62 -8.86
C PRO A 88 11.17 -3.55 -10.34
N GLU A 89 10.84 -4.60 -11.07
CA GLU A 89 11.07 -4.66 -12.52
C GLU A 89 10.19 -3.63 -13.24
N GLY A 90 9.19 -3.12 -12.53
CA GLY A 90 8.31 -2.12 -13.10
C GLY A 90 8.74 -0.71 -12.77
N GLY A 91 10.03 -0.48 -12.54
CA GLY A 91 10.51 0.84 -12.20
C GLY A 91 12.00 0.87 -11.90
N LYS A 92 12.49 2.03 -11.46
CA LYS A 92 13.91 2.17 -11.15
C LYS A 92 14.13 2.13 -9.64
N SER A 93 14.44 0.94 -9.13
CA SER A 93 14.75 0.76 -7.70
C SER A 93 15.96 1.62 -7.29
N GLY A 94 16.94 1.70 -8.17
CA GLY A 94 18.14 2.51 -7.90
C GLY A 94 19.21 1.78 -7.13
N LYS A 95 18.86 1.16 -6.00
CA LYS A 95 19.82 0.39 -5.20
C LYS A 95 19.13 -0.80 -4.56
N SER A 96 19.46 -1.99 -5.03
CA SER A 96 18.89 -3.21 -4.53
C SER A 96 19.73 -3.73 -3.36
N PRO A 97 19.14 -4.54 -2.45
CA PRO A 97 20.03 -5.12 -1.43
C PRO A 97 21.03 -6.08 -2.06
N ARG A 98 22.18 -6.24 -1.40
CA ARG A 98 23.23 -7.11 -1.93
C ARG A 98 22.76 -8.57 -1.84
N ARG A 99 23.01 -9.34 -2.88
CA ARG A 99 22.61 -10.76 -2.92
C ARG A 99 23.57 -11.48 -3.85
N ARG A 100 23.99 -12.69 -3.48
CA ARG A 100 24.87 -13.48 -4.33
C ARG A 100 24.04 -14.21 -5.37
N ALA A 101 24.68 -14.74 -6.41
CA ALA A 101 24.00 -15.47 -7.47
C ALA A 101 24.98 -16.54 -7.92
N ALA A 102 24.46 -17.48 -8.71
CA ALA A 102 25.25 -18.61 -9.25
C ALA A 102 25.80 -19.54 -8.17
N SER A 103 26.54 -20.55 -8.61
CA SER A 103 27.11 -21.57 -7.70
C SER A 103 28.61 -21.36 -7.56
N MET A 104 29.05 -20.12 -7.72
CA MET A 104 30.47 -19.77 -7.67
C MET A 104 30.58 -18.37 -7.06
N ASP A 105 31.62 -18.15 -6.27
CA ASP A 105 31.79 -16.85 -5.62
C ASP A 105 32.37 -15.84 -6.62
N ASN A 106 31.91 -14.61 -6.54
CA ASN A 106 32.32 -13.56 -7.46
C ASN A 106 33.53 -12.82 -6.86
N ASN A 107 34.66 -13.52 -6.87
CA ASN A 107 35.91 -13.03 -6.28
C ASN A 107 36.49 -11.80 -7.01
N SER A 108 36.07 -10.62 -6.57
CA SER A 108 36.53 -9.36 -7.16
C SER A 108 37.96 -9.07 -6.70
N LYS A 109 38.76 -8.51 -7.60
CA LYS A 109 40.19 -8.22 -7.34
C LYS A 109 40.45 -6.75 -7.13
N PHE A 110 39.55 -6.07 -6.43
CA PHE A 110 39.67 -4.63 -6.21
C PHE A 110 39.68 -4.25 -4.74
N ALA A 111 40.71 -3.52 -4.34
CA ALA A 111 40.87 -3.02 -2.99
C ALA A 111 41.50 -1.64 -3.10
N LYS A 112 41.42 -0.84 -2.03
CA LYS A 112 41.97 0.52 -2.02
C LYS A 112 42.45 0.84 -0.61
N SER A 113 43.36 1.79 -0.50
CA SER A 113 43.86 2.26 0.78
C SER A 113 43.45 3.71 0.92
N ARG A 114 43.71 4.33 2.07
CA ARG A 114 43.38 5.73 2.29
C ARG A 114 44.53 6.40 3.01
N GLY A 115 44.56 7.72 2.94
CA GLY A 115 45.55 8.49 3.68
C GLY A 115 44.92 9.03 4.95
N ARG A 116 45.46 10.11 5.48
CA ARG A 116 44.88 10.74 6.68
C ARG A 116 43.47 11.20 6.32
N ALA A 117 42.56 11.16 7.29
CA ALA A 117 41.19 11.58 7.09
C ALA A 117 40.71 12.30 8.34
N ALA A 118 39.74 13.19 8.19
CA ALA A 118 39.15 13.91 9.33
C ALA A 118 38.18 12.97 10.06
N LYS A 119 37.67 13.43 11.19
CA LYS A 119 36.69 12.68 11.96
C LYS A 119 35.31 13.18 11.56
N GLY A 1 -14.29 16.41 -24.54
CA GLY A 1 -14.26 17.82 -24.09
C GLY A 1 -13.25 18.01 -22.99
N PRO A 2 -13.15 19.21 -22.38
CA PRO A 2 -12.19 19.37 -21.29
C PRO A 2 -12.64 18.68 -20.01
N LEU A 3 -11.72 18.53 -19.07
CA LEU A 3 -12.00 17.92 -17.77
C LEU A 3 -11.21 18.79 -16.79
N GLY A 4 -11.62 18.82 -15.53
CA GLY A 4 -10.94 19.65 -14.55
C GLY A 4 -10.91 19.00 -13.18
N SER A 5 -10.56 19.80 -12.18
CA SER A 5 -10.41 19.37 -10.78
C SER A 5 -9.27 18.36 -10.60
N ALA A 6 -9.25 17.67 -9.47
CA ALA A 6 -8.18 16.72 -9.16
C ALA A 6 -8.67 15.29 -9.39
N TRP A 7 -8.03 14.34 -8.72
CA TRP A 7 -8.39 12.92 -8.86
C TRP A 7 -9.83 12.60 -8.48
N GLY A 8 -10.38 13.36 -7.56
CA GLY A 8 -11.71 13.09 -7.03
C GLY A 8 -11.66 11.91 -6.07
N ASN A 9 -11.61 10.71 -6.63
CA ASN A 9 -11.55 9.47 -5.86
C ASN A 9 -10.60 8.49 -6.53
N LEU A 10 -9.35 8.49 -6.10
CA LEU A 10 -8.36 7.56 -6.66
C LEU A 10 -8.73 6.13 -6.31
N SER A 11 -8.49 5.25 -7.27
CA SER A 11 -8.76 3.83 -7.09
C SER A 11 -7.95 3.28 -5.91
N TYR A 12 -8.45 2.23 -5.29
CA TYR A 12 -7.78 1.62 -4.14
C TYR A 12 -6.34 1.27 -4.47
N ALA A 13 -6.11 0.68 -5.65
CA ALA A 13 -4.76 0.28 -6.05
C ALA A 13 -3.81 1.48 -6.11
N ASP A 14 -4.30 2.63 -6.54
CA ASP A 14 -3.47 3.83 -6.65
C ASP A 14 -3.05 4.28 -5.25
N LEU A 15 -4.01 4.24 -4.32
CA LEU A 15 -3.74 4.66 -2.95
C LEU A 15 -2.79 3.69 -2.23
N ILE A 16 -2.95 2.40 -2.48
CA ILE A 16 -2.05 1.39 -1.91
C ILE A 16 -0.65 1.65 -2.44
N THR A 17 -0.54 1.87 -3.74
CA THR A 17 0.73 2.17 -4.37
C THR A 17 1.34 3.42 -3.79
N LYS A 18 0.57 4.49 -3.69
CA LYS A 18 1.07 5.77 -3.17
C LYS A 18 1.60 5.65 -1.76
N ALA A 19 1.04 4.76 -0.95
CA ALA A 19 1.55 4.55 0.39
C ALA A 19 2.96 3.98 0.33
N ILE A 20 3.16 3.03 -0.57
CA ILE A 20 4.45 2.36 -0.74
C ILE A 20 5.45 3.38 -1.31
N GLU A 21 4.99 4.22 -2.23
CA GLU A 21 5.84 5.26 -2.82
C GLU A 21 6.26 6.30 -1.78
N SER A 22 5.44 6.43 -0.76
CA SER A 22 5.69 7.39 0.32
C SER A 22 6.64 6.81 1.36
N SER A 23 6.82 5.51 1.34
CA SER A 23 7.75 4.87 2.26
C SER A 23 9.17 5.02 1.69
N ALA A 24 10.12 5.36 2.55
CA ALA A 24 11.51 5.50 2.10
C ALA A 24 12.05 4.15 1.66
N GLU A 25 11.56 3.11 2.32
CA GLU A 25 11.99 1.73 2.06
C GLU A 25 11.36 1.12 0.81
N LYS A 26 10.42 1.84 0.18
CA LYS A 26 9.67 1.36 -0.99
C LYS A 26 8.93 0.05 -0.71
N ARG A 27 8.56 -0.15 0.54
CA ARG A 27 7.82 -1.34 0.97
C ARG A 27 7.08 -0.96 2.24
N LEU A 28 5.92 -1.54 2.48
CA LEU A 28 5.16 -1.29 3.70
C LEU A 28 4.46 -2.57 4.12
N THR A 29 4.11 -2.67 5.38
CA THR A 29 3.32 -3.80 5.87
C THR A 29 1.87 -3.37 5.75
N LEU A 30 0.93 -4.30 5.87
CA LEU A 30 -0.49 -3.95 5.72
C LEU A 30 -0.95 -2.87 6.69
N SER A 31 -0.48 -2.96 7.93
CA SER A 31 -0.86 -2.00 8.96
C SER A 31 -0.42 -0.58 8.62
N GLN A 32 0.73 -0.45 7.98
CA GLN A 32 1.27 0.84 7.60
C GLN A 32 0.46 1.48 6.47
N ILE A 33 0.00 0.64 5.55
CA ILE A 33 -0.79 1.12 4.41
C ILE A 33 -2.11 1.67 4.95
N TYR A 34 -2.68 1.01 5.95
CA TYR A 34 -3.93 1.50 6.54
C TYR A 34 -3.73 2.89 7.12
N GLU A 35 -2.68 3.06 7.91
CA GLU A 35 -2.42 4.35 8.55
C GLU A 35 -2.16 5.46 7.53
N TRP A 36 -1.47 5.14 6.44
CA TRP A 36 -1.21 6.12 5.40
C TRP A 36 -2.55 6.59 4.84
N MET A 37 -3.46 5.67 4.60
CA MET A 37 -4.76 6.04 4.02
C MET A 37 -5.62 6.88 4.97
N VAL A 38 -5.59 6.58 6.27
CA VAL A 38 -6.36 7.38 7.24
C VAL A 38 -5.86 8.83 7.24
N LYS A 39 -4.55 9.00 7.12
CA LYS A 39 -3.95 10.34 7.18
C LYS A 39 -3.96 11.06 5.83
N SER A 40 -4.01 10.30 4.73
CA SER A 40 -3.97 10.88 3.38
C SER A 40 -5.34 11.11 2.74
N VAL A 41 -6.31 10.25 3.04
CA VAL A 41 -7.62 10.34 2.38
C VAL A 41 -8.76 10.56 3.38
N PRO A 42 -9.52 11.66 3.24
CA PRO A 42 -10.65 11.87 4.17
C PRO A 42 -11.66 10.72 4.16
N TYR A 43 -11.82 10.07 3.01
CA TYR A 43 -12.73 8.93 2.89
C TYR A 43 -12.35 7.82 3.86
N PHE A 44 -11.08 7.46 3.89
CA PHE A 44 -10.64 6.37 4.74
C PHE A 44 -10.62 6.78 6.20
N LYS A 45 -10.47 8.08 6.45
CA LYS A 45 -10.55 8.59 7.82
C LYS A 45 -11.97 8.36 8.34
N ASP A 46 -12.97 8.59 7.51
CA ASP A 46 -14.36 8.36 7.86
C ASP A 46 -14.64 6.88 8.10
N LYS A 47 -13.97 6.01 7.35
CA LYS A 47 -14.21 4.56 7.49
C LYS A 47 -13.52 3.96 8.71
N GLY A 48 -13.05 4.80 9.63
CA GLY A 48 -12.38 4.33 10.84
C GLY A 48 -13.27 3.73 11.91
N ASP A 49 -14.43 3.22 11.53
CA ASP A 49 -15.36 2.58 12.46
C ASP A 49 -14.90 1.15 12.76
N SER A 50 -15.18 0.69 13.97
CA SER A 50 -14.76 -0.64 14.43
C SER A 50 -15.24 -1.77 13.52
N ASN A 51 -16.49 -1.74 13.10
CA ASN A 51 -17.01 -2.82 12.25
C ASN A 51 -16.46 -2.68 10.83
N SER A 52 -16.28 -1.45 10.38
CA SER A 52 -15.75 -1.14 9.06
C SER A 52 -14.32 -1.64 8.90
N SER A 53 -13.64 -1.93 10.00
CA SER A 53 -12.29 -2.49 9.94
C SER A 53 -12.28 -3.79 9.11
N ALA A 54 -13.39 -4.53 9.15
CA ALA A 54 -13.51 -5.75 8.39
C ALA A 54 -13.44 -5.48 6.88
N GLY A 55 -14.09 -4.42 6.43
CA GLY A 55 -14.08 -4.08 5.01
C GLY A 55 -12.77 -3.42 4.62
N TRP A 56 -12.20 -2.69 5.55
CA TRP A 56 -10.93 -1.97 5.37
C TRP A 56 -9.84 -2.95 4.94
N LYS A 57 -9.61 -3.96 5.77
CA LYS A 57 -8.54 -4.93 5.52
C LYS A 57 -8.84 -5.80 4.33
N ASN A 58 -10.11 -6.12 4.10
CA ASN A 58 -10.44 -7.05 3.03
C ASN A 58 -10.33 -6.44 1.65
N SER A 59 -10.77 -5.21 1.49
CA SER A 59 -10.75 -4.56 0.17
C SER A 59 -9.33 -4.31 -0.31
N ILE A 60 -8.48 -3.82 0.58
CA ILE A 60 -7.09 -3.56 0.22
C ILE A 60 -6.42 -4.89 -0.13
N ARG A 61 -6.70 -5.92 0.65
CA ARG A 61 -6.11 -7.23 0.39
C ARG A 61 -6.59 -7.80 -0.94
N HIS A 62 -7.82 -7.51 -1.33
CA HIS A 62 -8.35 -7.99 -2.60
C HIS A 62 -7.51 -7.46 -3.76
N ASN A 63 -7.16 -6.17 -3.72
CA ASN A 63 -6.34 -5.58 -4.77
C ASN A 63 -4.92 -6.11 -4.76
N LEU A 64 -4.40 -6.39 -3.57
CA LEU A 64 -3.05 -6.96 -3.45
C LEU A 64 -3.02 -8.36 -4.02
N SER A 65 -4.15 -9.07 -3.89
CA SER A 65 -4.26 -10.45 -4.36
C SER A 65 -4.15 -10.60 -5.87
N LEU A 66 -4.24 -9.49 -6.61
CA LEU A 66 -4.09 -9.52 -8.06
C LEU A 66 -2.62 -9.76 -8.43
N HIS A 67 -1.73 -9.28 -7.57
CA HIS A 67 -0.26 -9.43 -7.71
C HIS A 67 0.38 -8.92 -9.02
N SER A 68 -0.39 -8.27 -9.88
CA SER A 68 0.12 -7.80 -11.16
C SER A 68 1.23 -6.75 -10.99
N LYS A 69 1.04 -5.82 -10.07
CA LYS A 69 2.09 -4.83 -9.76
C LYS A 69 2.60 -4.98 -8.34
N PHE A 70 1.76 -5.46 -7.43
CA PHE A 70 2.14 -5.61 -6.04
C PHE A 70 2.78 -6.97 -5.82
N ILE A 71 3.86 -7.00 -5.07
CA ILE A 71 4.53 -8.25 -4.74
C ILE A 71 4.60 -8.33 -3.21
N ARG A 72 4.84 -9.53 -2.71
CA ARG A 72 4.91 -9.76 -1.27
C ARG A 72 6.29 -10.28 -0.91
N VAL A 73 6.95 -9.63 0.03
CA VAL A 73 8.29 -10.03 0.45
C VAL A 73 8.24 -10.69 1.80
N GLN A 74 9.01 -11.76 1.94
CA GLN A 74 9.14 -12.44 3.22
C GLN A 74 10.16 -11.61 4.01
N ASN A 75 9.89 -11.37 5.28
CA ASN A 75 10.80 -10.61 6.10
C ASN A 75 11.88 -11.57 6.59
N GLU A 76 13.14 -11.21 6.40
CA GLU A 76 14.25 -12.07 6.82
C GLU A 76 14.48 -12.01 8.33
N GLY A 77 14.98 -10.89 8.83
CA GLY A 77 15.31 -10.78 10.25
C GLY A 77 14.13 -10.51 11.18
N THR A 78 13.09 -9.84 10.70
CA THR A 78 11.95 -9.49 11.53
C THR A 78 10.65 -9.99 10.94
N GLY A 79 10.38 -11.27 11.16
CA GLY A 79 9.19 -11.93 10.63
C GLY A 79 7.84 -11.54 11.24
N LYS A 80 7.50 -10.26 11.19
CA LYS A 80 6.23 -9.78 11.72
C LYS A 80 5.60 -8.91 10.64
N SER A 81 4.53 -9.46 10.11
CA SER A 81 3.74 -8.90 9.01
C SER A 81 4.54 -8.77 7.70
N SER A 82 4.19 -9.58 6.71
CA SER A 82 4.90 -9.57 5.44
C SER A 82 4.87 -8.21 4.76
N TRP A 83 5.90 -7.94 3.98
CA TRP A 83 6.02 -6.67 3.28
C TRP A 83 5.23 -6.74 2.00
N TRP A 84 4.67 -5.63 1.61
CA TRP A 84 4.00 -5.49 0.33
C TRP A 84 4.71 -4.33 -0.33
N MET A 85 5.04 -4.48 -1.59
CA MET A 85 5.76 -3.45 -2.31
C MET A 85 5.45 -3.53 -3.79
N LEU A 86 5.95 -2.58 -4.54
CA LEU A 86 5.73 -2.55 -5.98
C LEU A 86 6.82 -3.43 -6.58
N ASN A 87 6.53 -4.13 -7.67
CA ASN A 87 7.53 -4.97 -8.33
C ASN A 87 8.72 -4.06 -8.70
N PRO A 88 9.97 -4.45 -8.33
CA PRO A 88 11.14 -3.58 -8.57
C PRO A 88 11.55 -3.34 -10.03
N GLU A 89 11.31 -4.31 -10.88
CA GLU A 89 11.62 -4.21 -12.32
C GLU A 89 10.74 -3.10 -12.90
N GLY A 90 9.60 -2.90 -12.26
CA GLY A 90 8.66 -1.86 -12.67
C GLY A 90 8.62 -0.77 -11.61
N GLY A 91 9.69 -0.66 -10.83
CA GLY A 91 9.77 0.27 -9.72
C GLY A 91 10.05 1.72 -10.11
N LYS A 92 9.18 2.27 -10.93
CA LYS A 92 9.29 3.66 -11.35
C LYS A 92 8.67 4.51 -10.24
N SER A 93 9.01 5.79 -10.22
CA SER A 93 8.50 6.74 -9.21
C SER A 93 8.98 6.37 -7.79
N GLY A 94 8.26 6.82 -6.77
CA GLY A 94 8.68 6.59 -5.39
C GLY A 94 9.61 7.68 -4.89
N LYS A 95 9.55 7.99 -3.60
CA LYS A 95 10.40 9.03 -3.00
C LYS A 95 10.79 8.54 -1.62
N SER A 96 11.70 9.27 -0.97
CA SER A 96 12.15 8.91 0.38
C SER A 96 11.94 10.01 1.42
N PRO A 97 10.68 10.36 1.72
CA PRO A 97 10.52 11.44 2.71
C PRO A 97 10.75 10.98 4.16
N ARG A 98 11.20 11.90 5.00
CA ARG A 98 11.40 11.60 6.42
C ARG A 98 10.04 11.35 7.06
N ARG A 99 9.97 10.39 7.96
CA ARG A 99 8.73 10.06 8.68
C ARG A 99 9.05 10.25 10.16
N ARG A 100 8.05 10.48 10.99
CA ARG A 100 8.28 10.61 12.44
C ARG A 100 8.24 9.20 13.02
N ALA A 101 9.28 8.83 13.75
CA ALA A 101 9.35 7.51 14.38
C ALA A 101 8.50 7.51 15.66
N ALA A 102 8.20 6.32 16.15
CA ALA A 102 7.45 6.14 17.38
C ALA A 102 8.08 4.93 18.07
N SER A 103 8.04 4.90 19.39
CA SER A 103 8.63 3.83 20.17
C SER A 103 7.56 2.82 20.56
N MET A 104 7.99 1.70 21.12
CA MET A 104 7.10 0.66 21.61
C MET A 104 7.66 0.33 22.98
N ASP A 105 6.81 0.00 23.93
CA ASP A 105 7.25 -0.31 25.29
C ASP A 105 7.84 -1.71 25.37
N ASN A 106 8.61 -1.97 26.42
CA ASN A 106 9.27 -3.26 26.61
C ASN A 106 8.73 -3.92 27.87
N ASN A 107 8.55 -5.23 27.82
CA ASN A 107 8.02 -5.97 28.97
C ASN A 107 9.05 -6.09 30.08
N SER A 108 8.66 -5.70 31.28
CA SER A 108 9.54 -5.82 32.45
C SER A 108 9.63 -7.28 32.87
N LYS A 109 10.80 -7.71 33.33
CA LYS A 109 11.02 -9.08 33.80
C LYS A 109 11.62 -9.06 35.20
N PHE A 110 10.75 -8.98 36.20
CA PHE A 110 11.18 -8.93 37.59
C PHE A 110 11.72 -10.30 38.02
N ALA A 111 12.64 -10.30 38.97
CA ALA A 111 13.25 -11.53 39.46
C ALA A 111 12.64 -11.93 40.81
N LYS A 112 12.61 -13.23 41.07
CA LYS A 112 12.12 -13.73 42.36
C LYS A 112 13.17 -13.47 43.42
N SER A 113 12.74 -13.36 44.68
CA SER A 113 13.66 -13.08 45.79
C SER A 113 13.38 -14.01 46.96
N ARG A 114 14.30 -14.07 47.91
CA ARG A 114 14.13 -14.90 49.11
C ARG A 114 14.61 -14.08 50.30
N GLY A 115 13.82 -14.03 51.36
CA GLY A 115 14.22 -13.30 52.56
C GLY A 115 13.71 -13.88 53.86
N ARG A 116 12.97 -14.98 53.79
CA ARG A 116 12.38 -15.60 54.99
C ARG A 116 13.39 -16.28 55.91
N ALA A 117 14.67 -16.26 55.52
CA ALA A 117 15.71 -16.89 56.30
C ALA A 117 16.19 -15.98 57.43
N ALA A 118 16.00 -14.67 57.27
CA ALA A 118 16.51 -13.65 58.20
C ALA A 118 18.03 -13.80 58.36
N LYS A 119 18.68 -14.12 57.23
CA LYS A 119 20.11 -14.30 57.11
C LYS A 119 20.39 -13.81 55.71
#